data_5VI8
#
_entry.id   5VI8
#
_cell.length_a   133.012
_cell.length_b   161.633
_cell.length_c   139.211
_cell.angle_alpha   90.00
_cell.angle_beta   107.72
_cell.angle_gamma   90.00
#
_symmetry.space_group_name_H-M   'P 1 21 1'
#
loop_
_entity.id
_entity.type
_entity.pdbx_description
1 polymer 'RNA polymerase-binding protein RbpA'
2 polymer 'DNA-directed RNA polymerase subunit alpha'
3 polymer 'DNA-directed RNA polymerase subunit beta'
4 polymer "DNA-directed RNA polymerase subunit beta'"
5 polymer 'DNA-directed RNA polymerase subunit omega'
6 polymer 'RNA polymerase sigma factor SigA'
7 polymer 'DNA (31-MER)'
8 polymer 'DNA (26-MER)'
9 polymer 'DNA-directed RNA polymerase subunit alpha'
10 non-polymer 'SULFATE ION'
11 non-polymer 1,2-ETHANEDIOL
12 non-polymer 'ZINC ION'
13 non-polymer 'MAGNESIUM ION'
14 water water
#
loop_
_entity_poly.entity_id
_entity_poly.type
_entity_poly.pdbx_seq_one_letter_code
_entity_poly.pdbx_strand_id
1 'polypeptide(L)'
;MADRVLRGSRLGAVSYETDRNHDLAPRQVARYRTDNGEEFDVPFADDAEIPGTWLCRNGLEGTLIEGDVPEPKKVKPPRT
HWDMLLERRSVEELEELLKERLDLIKAKRRGTGS
;
J
2 'polypeptide(L)'
;MLISQRPTLSEETVAENRSRFVIEPLEPGFGYTLGNSLRRTLLSSIPGAAVTSIRIDGVLHEFTTVPGVKEDVTDIILNL
KGLVVSSDDDEPVTMYLRKQGPGVVTAGDIVPPAGVTVHNPDMHIATLNDKGKLEVELVVERGRGYVPAVQNKASGAEIG
RIPVDSIYSPVLKVTYKVEATRVEQRTDFDKLIIDVETKNSISPRDALASAGGTLVELFGLARELNADSEHIEIGPSPAE
ADHIASFALPIDDLDLTVRSYNCLKREGVHTVGELVARTESDLLDIRNFGQKSIDEVKIKLHQLGLSLKDSPATFDPSEV
AGYDAATGTWTSDAGYDLDDNQDYAETEQL
;
A,B
3 'polypeptide(L)'
;MLEGCILAVSSQSKSNAITNNSVPGAPNRVSFAKLREPLEVPGLLDVQTDSFEWLVGSDRWRQAAIDRGEENPVGGLEEV
LAELSPIEDFSGSMSLSFSDPRFDEVKASVDECKDKDMTYAAPLFVTAEFINNNTGEIKSQTVFMGDFPMMTEKGTFIIN
GTERVVVSQLVRSPGVYFDETIDKSTEKTLHSVKVIPGRGAWLEFDVDKRDTVGVRIDRKRRQPVTVLLKALGWTNEQIV
ERFGFSEIMMGTLEKDTTSGTDEALLDIYRKLRPGEPPTKESAQTLLENLFFKEKRYDLARVGRYKVNKKLGLNAGKPIT
SSTLTEEDVVATIEYLVRLHEGQTSMTVPGGVEVPVEVDDIDHFGNRRLRTVGELIQNQIRVGLSRMERVVRERMTTQDV
EAITPQTLINIRPVVAAIKEFFGTSQLSQFMDQNNPLSGLTHKRRLSALGPGGLSRERAGLEVRDVHPSHYGRMCPIETP
EGPNIGLIGSLSVYARVNPFGFIETPYRKVENGVVTDQIDYLTADEEDRHVVAQANSPTDENGRFTEDRVMVRKKGGEVE
FVSADQVDYMDVSPRQMVSVATAMIPFLEHDDANRALMGANMQRQAVPLVRSEAPLVGTGMELRAAIDAGDVVVADKTGV
IEEVSADYITVMADDGTRQSYRLRKFARSNHGTCANQRPIVDAGQRVEAGQVIADGPCTQNGEMALGKNLLVAIMPWEGH
NYEDAIILSNRLVEEDVLTSIHIEEHEIDARDTKLGAEEITRDIPNVSDEVLADLDERGIVRIGAEVRDGDILVGKVTPK
GETELTPEERLLRAIFGEKAREVRDTSLKVPHGESGKVIGIRVFSREDDDELPAGVNELVRVYVAQKRKISDGDKLAGRH
GNKGVIGKILPVEDMPFLPDGTPVDIILNTHGVPRRMNIGQILETHLGWVAKAGWNIDVAAGVPDWASKLPEELYSAPAD
STVATPVFDGAQEGELAGLLGSTLPNRDGEVMVDADGKSTLFDGRSGEPFPYPVTVGYMYILKLHHLVDDKIHARSTGPY
SMITQQPLGGKAQFGGQRFGEMECWAMQAYGAAYTLQELLTIKSDDTVGRVKVYEAIVKGENIPEPGIPESFKVLLKELQ
SLCLNVEVLSSDGAAIEMRDGDDEDLERAAANLGINLSRNESASVEDLA
;
C
4 'polypeptide(L)'
;MLDVNFFDELRIGLATADDIRNWSYGEVKKPETINYRTLKPEKDGLFCEKIFGPTRDWECYCGKYKRVRFKGIICERCGV
EVTRAKVRRERMGHIELAAPVTHIWYFKGVPSRLGYLLDLAPKDLEKIIYFAAYVITSVDDEMRHNELSTLEAEMAVEKK
AVEDQRDADLEARAQKLEADLAELEAEGAKSDVRRKVRDSGEREMRQLRDRAQRELDRLDEIWNTFTKLAPKQLIVDEVL
YRELQDRYGEYFTGAMGAESIKKLIENFDIDAEAESLREVIRSGKGQKKLRALKRLKVVAAFQQSGNSPMGMVLDAVPVI
PPELRPMVQLDGGRFATSDLNDLYRRVINRNNRLKRLIDLGAPEIIVNNEKRMLQESVDALFDNGRRGRPVTGPGNRPLK
SLSDLLKGKQGRFRQNLLGKRVDYSGRSVIVVGPQLKLHQCGLPKLMALELFKPFVMKRLVDLNHAQNIKSAKRMVERQR
PQVWDVLEEVIAEHPVLLNRAPTLHRLGIQAFEPQLVEGKAIQLHPLVCEAFNADFDGDQMAVHLPLSAEAQAEARILML
SSNNILSPASGKPLAMPRLDMVTGLYYLTTLVEGATGEYQAATKDAPEQGVYSSPAEAIMAMDRGALSVRAKIKVRLTEL
RPPTDLEAQLFENGWKPGDAWTAETTLGRVMFNELLPKSYPFVNEQMHKKVQARIINDLAERFPMIVVAQTVDKLKDAGF
YWATRSGVTVSMADVLVPPQKQEILERHEAEADAIERKYQRGALNHTERNESLVKIWQDATEEVGKALEEFYPADNPIIT
IVKSGATGNLTQTRTLAGMKGLVTNPKGEFIPRPIKSSFREGLTVLEYFINTHGARKGLADTALRTADSGYLTRRLVDVS
QDVIVREHDCETERGINVTLAERGPDGTLIRDAHVETSAFARTLATDAVDANGNVIIERGHDLGDPAIDALLAAGITTVK
VRSVLTCTSATGVCAMCYGRSMATGKLVDIGEAVGIVAAQSIGEPGTQLTMRTFHQGGVTGGADIVGGLPRVQELFEARV
PRNKAPIADVAGRVRLEESDKFFKITIVPDDGGEEVVYDKLSKRQRLRVITHEDGTEGVLSDGDHVEVGDQLMEGAADPH
EVLRVQGPREVQIHLVKEVQEVYRAQGVSIHDKHIEVIVRQMLRRVTIIDSGSTEFLPGSLTERAEFEAENRRVVAEGGE
PAAGRPVLMGITKASLATDSWLSAASFQETTRVLTDAAINCRSDKLNGLKENVIIGKLIPAGTGISRYRNIQVQPTEEAR
AAAYTIPSYEDQYYSPDFGQATGAAVPLDDYGYSDYR
;
D
5 'polypeptide(L)'
;MSTPHADAQLNAADDLGIDSSAASAYDTPLGITNPPIDELLSRASSKYALVIYAAKRARQINDYYNQLGDGILEYVGPLV
EPGLQEKPLSIALREIHGDLLEHTEGE
;
E
6 'polypeptide(L)'
;MAATKASPATEEPVKRTATKTPAKKAPAKRAAKSAAAKAGGKAPAKKAPAKRAAKGTAAKPEDGVTDDLEVTDDLEAEPG
EDLDVEDTDLELDDLDSDDDTAVEDEEEEADAATPAVATAKAADDDIDEPSEKDKASGDFVWDEEESEALRQARKDAELT
ASADSVRAYLKQIGKVALLNAEEEVELAKRIEAGLYATQKLAELAEKGEKLPVQQRRDMQWICRDGDRAKNHLLEANLRL
VVSLAKRYTGRGMAFLDLIQEGNLGLIRAVEKFDYTKGYKFSTYATWWIRQAITRAMADQARTIRIPVHMVEVINKLGRI
QRELLQDLGREPTPEELAKEMDITPEKVLEIQQYAREPISLDQTIGDEGDSQLGDFIEDSEAVVAVDAVSFTLLQDQLQS
VLETLSEREAGVVRLRFGLTDGQPRTLDEIGQVYGVTRERIRQIESKTMSKLRHPSRSQVLRDYLD
;
F
7 'polydeoxyribonucleotide'
;(DG)(DC)(DT)(DT)(DG)(DA)(DC)(DA)(DA)(DA)(DA)(DG)(DT)(DG)(DT)(DT)(DA)(DA)(DA)(DT)
(DT)(DG)(DT)(DG)(DC)(DT)(DA)(DT)(DA)(DC)(DT)
;
O
8 'polydeoxyribonucleotide'
;(DA)(DG)(DC)(DA)(DC)(DA)(DA)(DT)(DT)(DT)(DA)(DA)(DC)(DA)(DC)(DT)(DT)(DT)(DT)(DG)
(DT)(DC)(DA)(DA)(DG)(DC)
;
P
9 'polypeptide(L)'
;IDDLDLTVRSYNCLKREGVHTVGELVARTESDLLDIRNFGQKSIDEVKIKLHQLGLSLKDSPATFDPSEVAGYDAATGTW
TSDAGYDLDDNQDYAETEQL
;
T
#
# COMPACT_ATOMS: atom_id res chain seq x y z
N PRO A 26 -25.46 -37.71 31.80
CA PRO A 26 -25.61 -37.45 33.24
C PRO A 26 -26.42 -36.18 33.51
N ARG A 27 -27.57 -36.04 32.86
CA ARG A 27 -28.33 -34.81 32.89
C ARG A 27 -29.82 -35.09 32.93
N GLN A 28 -30.55 -34.21 33.62
CA GLN A 28 -32.00 -34.25 33.69
C GLN A 28 -32.56 -32.96 33.10
N VAL A 29 -33.64 -33.08 32.34
CA VAL A 29 -34.21 -31.97 31.57
C VAL A 29 -35.46 -31.47 32.28
N ALA A 30 -35.48 -30.18 32.59
CA ALA A 30 -36.64 -29.53 33.17
C ALA A 30 -37.26 -28.58 32.15
N ARG A 31 -38.58 -28.45 32.21
CA ARG A 31 -39.33 -27.58 31.31
C ARG A 31 -39.98 -26.44 32.09
N TYR A 32 -39.87 -25.24 31.56
CA TYR A 32 -40.45 -24.05 32.15
C TYR A 32 -41.46 -23.42 31.19
N ARG A 33 -42.37 -22.64 31.75
CA ARG A 33 -43.41 -21.97 30.98
C ARG A 33 -43.42 -20.49 31.35
N THR A 34 -43.13 -19.64 30.39
CA THR A 34 -43.19 -18.20 30.60
C THR A 34 -44.65 -17.74 30.65
N ASP A 35 -44.84 -16.54 31.22
CA ASP A 35 -46.20 -16.01 31.39
C ASP A 35 -46.96 -15.93 30.07
N ASN A 36 -46.28 -15.88 28.93
CA ASN A 36 -46.93 -15.72 27.64
C ASN A 36 -47.19 -17.03 26.92
N GLY A 37 -46.85 -18.16 27.52
CA GLY A 37 -47.24 -19.47 27.02
C GLY A 37 -46.13 -20.29 26.40
N GLU A 38 -44.98 -19.70 26.09
CA GLU A 38 -43.90 -20.46 25.48
C GLU A 38 -43.26 -21.39 26.52
N GLU A 39 -42.76 -22.52 26.03
CA GLU A 39 -42.16 -23.54 26.88
C GLU A 39 -40.75 -23.84 26.38
N PHE A 40 -39.84 -24.08 27.33
CA PHE A 40 -38.42 -24.18 27.03
C PHE A 40 -37.81 -25.37 27.78
N ASP A 41 -36.91 -26.08 27.10
CA ASP A 41 -36.22 -27.24 27.66
C ASP A 41 -34.83 -26.83 28.13
N VAL A 42 -34.57 -27.01 29.42
CA VAL A 42 -33.25 -26.67 29.99
C VAL A 42 -32.59 -27.92 30.54
N PRO A 43 -31.54 -28.44 29.89
CA PRO A 43 -30.83 -29.60 30.46
C PRO A 43 -30.02 -29.21 31.69
N PHE A 44 -30.15 -30.01 32.74
CA PHE A 44 -29.38 -29.84 33.97
C PHE A 44 -28.71 -31.15 34.33
N ALA A 45 -27.73 -31.07 35.22
CA ALA A 45 -27.14 -32.28 35.79
C ALA A 45 -28.14 -32.93 36.72
N ASP A 46 -28.26 -34.26 36.62
CA ASP A 46 -29.23 -34.97 37.45
C ASP A 46 -28.95 -34.79 38.93
N ASP A 47 -27.68 -34.79 39.32
CA ASP A 47 -27.33 -34.69 40.73
C ASP A 47 -27.72 -33.35 41.32
N ALA A 48 -27.82 -32.31 40.50
CA ALA A 48 -28.07 -30.96 41.00
C ALA A 48 -29.54 -30.72 41.30
N GLU A 49 -29.80 -29.78 42.21
CA GLU A 49 -31.16 -29.41 42.58
C GLU A 49 -31.73 -28.43 41.56
N ILE A 50 -32.87 -28.79 40.98
CA ILE A 50 -33.49 -28.01 39.91
C ILE A 50 -34.20 -26.79 40.50
N PRO A 51 -34.21 -25.66 39.82
CA PRO A 51 -34.92 -24.48 40.34
C PRO A 51 -36.40 -24.52 39.95
N GLY A 52 -37.14 -23.56 40.50
CA GLY A 52 -38.56 -23.44 40.22
C GLY A 52 -38.86 -22.38 39.17
N THR A 53 -37.90 -21.49 38.96
CA THR A 53 -38.01 -20.45 37.95
C THR A 53 -36.66 -20.28 37.28
N TRP A 54 -36.68 -20.05 35.98
CA TRP A 54 -35.46 -19.97 35.19
C TRP A 54 -35.58 -18.83 34.19
N LEU A 55 -34.61 -17.92 34.20
CA LEU A 55 -34.52 -16.93 33.14
C LEU A 55 -34.38 -17.66 31.81
N CYS A 56 -35.22 -17.31 30.85
CA CYS A 56 -35.38 -18.12 29.65
C CYS A 56 -34.84 -17.39 28.43
N ARG A 57 -34.47 -18.20 27.43
CA ARG A 57 -34.02 -17.67 26.14
C ARG A 57 -34.98 -16.63 25.61
N ASN A 58 -36.26 -16.74 25.98
CA ASN A 58 -37.31 -15.82 25.55
C ASN A 58 -37.16 -14.44 26.18
N GLY A 59 -36.45 -14.33 27.30
CA GLY A 59 -36.29 -13.07 28.00
C GLY A 59 -37.21 -12.88 29.19
N LEU A 60 -37.99 -13.91 29.56
CA LEU A 60 -38.94 -13.81 30.65
C LEU A 60 -38.69 -14.92 31.66
N GLU A 61 -39.16 -14.69 32.87
CA GLU A 61 -39.15 -15.75 33.87
C GLU A 61 -40.17 -16.81 33.52
N GLY A 62 -39.93 -18.03 34.00
CA GLY A 62 -40.84 -19.13 33.73
C GLY A 62 -40.87 -20.07 34.91
N THR A 63 -41.93 -20.87 34.95
CA THR A 63 -42.21 -21.73 36.10
C THR A 63 -42.09 -23.18 35.71
N LEU A 64 -41.47 -23.97 36.60
CA LEU A 64 -41.32 -25.39 36.34
C LEU A 64 -42.68 -26.08 36.39
N ILE A 65 -42.93 -26.97 35.42
CA ILE A 65 -44.19 -27.69 35.36
C ILE A 65 -44.20 -28.92 36.25
N GLU A 66 -43.09 -29.21 36.92
CA GLU A 66 -43.02 -30.32 37.87
C GLU A 66 -43.59 -29.87 39.21
N GLY A 67 -43.39 -30.68 40.26
CA GLY A 67 -44.09 -30.50 41.52
C GLY A 67 -43.98 -29.14 42.19
N ASP A 68 -42.76 -28.68 42.46
CA ASP A 68 -42.55 -27.40 43.13
C ASP A 68 -41.39 -26.65 42.47
N VAL A 69 -41.58 -25.39 42.06
CA VAL A 69 -42.71 -24.51 42.38
C VAL A 69 -42.94 -24.29 43.89
N PRO A 70 -41.85 -24.03 44.64
CA PRO A 70 -41.99 -23.78 46.09
C PRO A 70 -42.39 -22.37 46.53
N GLU A 71 -41.96 -21.32 45.82
CA GLU A 71 -41.74 -20.08 46.56
C GLU A 71 -42.32 -18.86 45.87
N PRO A 72 -42.69 -17.84 46.66
CA PRO A 72 -43.09 -16.55 46.07
C PRO A 72 -41.92 -15.73 45.54
N LYS A 73 -40.71 -15.89 46.06
CA LYS A 73 -39.51 -15.10 45.75
C LYS A 73 -39.37 -13.84 46.61
N LYS A 74 -40.29 -13.57 47.55
CA LYS A 74 -40.24 -12.42 48.46
C LYS A 74 -40.35 -11.09 47.69
N VAL A 75 -41.56 -10.84 47.22
CA VAL A 75 -41.87 -9.58 46.54
C VAL A 75 -42.21 -8.51 47.58
N LYS A 76 -41.50 -7.37 47.52
CA LYS A 76 -41.88 -6.17 48.24
C LYS A 76 -42.39 -5.13 47.24
N PRO A 77 -43.57 -4.56 47.45
CA PRO A 77 -44.13 -3.68 46.42
C PRO A 77 -43.27 -2.44 46.24
N PRO A 78 -43.23 -1.90 45.02
CA PRO A 78 -42.45 -0.69 44.78
C PRO A 78 -43.13 0.55 45.36
N ARG A 79 -42.34 1.62 45.46
CA ARG A 79 -42.84 2.89 45.98
C ARG A 79 -43.71 3.58 44.94
N THR A 80 -44.80 4.20 45.41
CA THR A 80 -45.79 4.81 44.53
C THR A 80 -45.99 6.27 44.89
N HIS A 81 -46.52 7.02 43.92
CA HIS A 81 -46.78 8.44 44.13
C HIS A 81 -47.64 8.66 45.37
N TRP A 82 -48.69 7.86 45.53
CA TRP A 82 -49.53 7.96 46.72
C TRP A 82 -48.69 7.87 47.99
N ASP A 83 -47.76 6.90 48.03
CA ASP A 83 -46.90 6.76 49.20
C ASP A 83 -46.18 8.06 49.52
N MET A 84 -45.63 8.72 48.49
CA MET A 84 -44.87 9.94 48.70
C MET A 84 -45.77 11.09 49.13
N LEU A 85 -47.03 11.09 48.71
CA LEU A 85 -47.96 12.12 49.17
C LEU A 85 -48.41 11.89 50.59
N LEU A 86 -48.64 10.62 50.96
CA LEU A 86 -49.11 10.32 52.31
C LEU A 86 -48.11 10.76 53.36
N GLU A 87 -46.81 10.61 53.09
CA GLU A 87 -45.80 10.89 54.10
C GLU A 87 -45.66 12.39 54.39
N ARG A 88 -46.30 13.26 53.61
CA ARG A 88 -46.35 14.68 53.92
C ARG A 88 -47.75 15.11 54.35
N ARG A 89 -48.74 15.01 53.47
CA ARG A 89 -50.12 15.31 53.84
C ARG A 89 -50.72 14.18 54.66
N SER A 90 -51.22 14.51 55.84
CA SER A 90 -52.03 13.57 56.60
C SER A 90 -53.41 13.47 55.96
N VAL A 91 -54.04 12.30 56.14
CA VAL A 91 -55.29 12.02 55.43
C VAL A 91 -56.34 13.10 55.68
N GLU A 92 -56.34 13.70 56.87
CA GLU A 92 -57.31 14.75 57.15
C GLU A 92 -57.12 15.93 56.21
N GLU A 93 -55.91 16.48 56.15
CA GLU A 93 -55.62 17.56 55.22
C GLU A 93 -56.07 17.20 53.81
N LEU A 94 -55.85 15.95 53.41
CA LEU A 94 -56.32 15.49 52.10
C LEU A 94 -57.83 15.58 52.00
N GLU A 95 -58.53 15.26 53.09
CA GLU A 95 -59.99 15.26 53.05
C GLU A 95 -60.54 16.68 52.88
N GLU A 96 -60.05 17.62 53.69
CA GLU A 96 -60.51 19.00 53.56
C GLU A 96 -60.20 19.54 52.16
N LEU A 97 -59.05 19.18 51.61
CA LEU A 97 -58.71 19.62 50.26
C LEU A 97 -59.73 19.08 49.26
N LEU A 98 -60.05 17.79 49.34
CA LEU A 98 -61.10 17.25 48.50
C LEU A 98 -62.44 17.91 48.79
N LYS A 99 -62.66 18.33 50.03
CA LYS A 99 -63.85 19.11 50.35
C LYS A 99 -63.85 20.43 49.58
N GLU A 100 -62.75 21.17 49.65
CA GLU A 100 -62.63 22.41 48.88
C GLU A 100 -62.92 22.16 47.41
N ARG A 101 -62.43 21.04 46.87
CA ARG A 101 -62.50 20.78 45.44
C ARG A 101 -63.91 20.40 45.00
N LEU A 102 -64.62 19.58 45.79
CA LEU A 102 -65.98 19.18 45.41
C LEU A 102 -66.95 20.33 45.60
N ASP A 103 -66.90 21.01 46.75
CA ASP A 103 -67.75 22.17 46.95
C ASP A 103 -67.59 23.18 45.82
N LEU A 104 -66.42 23.19 45.17
CA LEU A 104 -66.23 24.03 43.99
C LEU A 104 -66.89 23.43 42.75
N ILE A 105 -66.95 22.10 42.67
CA ILE A 105 -67.62 21.48 41.52
C ILE A 105 -69.14 21.62 41.64
N LYS A 106 -69.68 21.57 42.86
CA LYS A 106 -71.13 21.70 43.02
C LYS A 106 -71.62 23.08 42.61
N ALA A 107 -70.78 24.10 42.73
CA ALA A 107 -71.13 25.44 42.28
C ALA A 107 -70.77 25.54 40.80
N LYS A 108 -71.79 25.70 39.96
CA LYS A 108 -71.62 25.54 38.52
C LYS A 108 -71.78 26.85 37.77
N MET B 1 57.06 -26.21 -38.47
CA MET B 1 57.51 -24.88 -38.09
C MET B 1 57.54 -24.74 -36.57
N LEU B 2 57.82 -25.83 -35.87
CA LEU B 2 58.01 -25.75 -34.43
C LEU B 2 59.16 -24.80 -34.11
N ILE B 3 58.88 -23.81 -33.28
CA ILE B 3 59.92 -22.95 -32.73
C ILE B 3 59.98 -23.25 -31.24
N SER B 4 61.02 -23.96 -30.82
CA SER B 4 61.23 -24.24 -29.40
C SER B 4 62.51 -23.55 -28.95
N GLN B 5 62.34 -22.42 -28.25
CA GLN B 5 63.31 -21.92 -27.30
C GLN B 5 62.54 -21.80 -25.99
N ARG B 6 62.84 -22.68 -25.05
CA ARG B 6 61.93 -22.87 -23.93
C ARG B 6 61.67 -21.54 -23.22
N PRO B 7 60.47 -21.35 -22.69
CA PRO B 7 60.11 -20.06 -22.10
C PRO B 7 61.15 -19.61 -21.10
N THR B 8 61.40 -18.30 -21.08
CA THR B 8 62.39 -17.69 -20.20
C THR B 8 61.68 -16.69 -19.30
N LEU B 9 61.81 -16.87 -17.99
CA LEU B 9 61.22 -15.99 -16.99
C LEU B 9 62.35 -15.27 -16.26
N SER B 10 62.50 -13.98 -16.53
CA SER B 10 63.55 -13.16 -15.92
C SER B 10 62.92 -12.10 -15.04
N GLU B 11 63.50 -11.91 -13.86
CA GLU B 11 62.96 -10.98 -12.88
C GLU B 11 63.30 -9.54 -13.25
N GLU B 12 62.98 -8.62 -12.36
CA GLU B 12 63.28 -7.20 -12.53
C GLU B 12 63.15 -6.53 -11.17
N THR B 13 63.33 -5.22 -11.17
CA THR B 13 63.10 -4.41 -9.98
C THR B 13 62.56 -3.06 -10.41
N VAL B 14 61.57 -2.57 -9.67
CA VAL B 14 60.95 -1.27 -9.93
C VAL B 14 61.00 -0.47 -8.64
N ALA B 15 60.32 -0.97 -7.61
CA ALA B 15 60.49 -0.48 -6.24
C ALA B 15 60.81 -1.68 -5.36
N GLU B 16 60.89 -1.47 -4.05
CA GLU B 16 61.17 -2.60 -3.17
C GLU B 16 59.94 -3.46 -2.95
N ASN B 17 58.75 -2.85 -2.90
CA ASN B 17 57.54 -3.62 -2.68
C ASN B 17 57.05 -4.33 -3.93
N ARG B 18 57.37 -3.82 -5.11
CA ARG B 18 56.93 -4.42 -6.36
C ARG B 18 58.11 -4.63 -7.30
N SER B 19 57.98 -5.60 -8.19
CA SER B 19 58.97 -5.85 -9.22
C SER B 19 58.28 -6.43 -10.45
N ARG B 20 58.76 -6.04 -11.63
CA ARG B 20 58.24 -6.59 -12.87
C ARG B 20 58.81 -7.98 -13.12
N PHE B 21 58.02 -8.80 -13.79
CA PHE B 21 58.43 -10.13 -14.21
C PHE B 21 58.10 -10.29 -15.68
N VAL B 22 58.99 -10.98 -16.41
CA VAL B 22 58.86 -11.11 -17.86
C VAL B 22 59.11 -12.56 -18.25
N ILE B 23 58.31 -13.05 -19.21
CA ILE B 23 58.39 -14.42 -19.68
C ILE B 23 58.36 -14.40 -21.20
N GLU B 24 59.41 -14.90 -21.83
CA GLU B 24 59.48 -15.02 -23.29
C GLU B 24 60.26 -16.26 -23.69
N PRO B 25 59.95 -16.83 -24.86
CA PRO B 25 58.79 -16.46 -25.68
C PRO B 25 57.58 -17.35 -25.39
N LEU B 26 56.47 -17.08 -26.08
CA LEU B 26 55.27 -17.89 -25.93
C LEU B 26 54.50 -17.86 -27.24
N GLU B 27 53.78 -18.96 -27.50
CA GLU B 27 53.02 -19.06 -28.74
C GLU B 27 52.05 -17.88 -28.86
N PRO B 28 51.66 -17.52 -30.08
CA PRO B 28 50.78 -16.36 -30.26
C PRO B 28 49.49 -16.53 -29.46
N GLY B 29 49.00 -15.42 -28.92
CA GLY B 29 47.76 -15.42 -28.15
C GLY B 29 47.84 -16.16 -26.83
N PHE B 30 48.78 -15.79 -25.98
CA PHE B 30 49.01 -16.49 -24.72
C PHE B 30 49.02 -15.52 -23.53
N GLY B 31 49.92 -14.54 -23.56
CA GLY B 31 50.20 -13.75 -22.37
C GLY B 31 48.96 -13.28 -21.64
N TYR B 32 47.94 -12.83 -22.38
CA TYR B 32 46.68 -12.44 -21.76
C TYR B 32 46.15 -13.56 -20.87
N THR B 33 45.81 -14.69 -21.48
CA THR B 33 45.31 -15.82 -20.71
C THR B 33 46.29 -16.22 -19.61
N LEU B 34 47.59 -16.19 -19.92
CA LEU B 34 48.58 -16.59 -18.93
C LEU B 34 48.80 -15.50 -17.88
N GLY B 35 48.75 -14.23 -18.27
CA GLY B 35 48.88 -13.16 -17.30
C GLY B 35 47.72 -13.13 -16.32
N ASN B 36 46.49 -13.08 -16.85
CA ASN B 36 45.33 -13.05 -15.97
C ASN B 36 45.25 -14.30 -15.10
N SER B 37 45.74 -15.43 -15.60
CA SER B 37 45.73 -16.64 -14.79
C SER B 37 46.60 -16.48 -13.55
N LEU B 38 47.68 -15.68 -13.64
CA LEU B 38 48.48 -15.38 -12.46
C LEU B 38 47.84 -14.28 -11.62
N ARG B 39 47.33 -13.22 -12.26
CA ARG B 39 46.74 -12.12 -11.51
C ARG B 39 45.56 -12.59 -10.67
N ARG B 40 44.63 -13.35 -11.28
CA ARG B 40 43.52 -13.92 -10.53
C ARG B 40 44.03 -14.65 -9.29
N THR B 41 45.09 -15.45 -9.46
CA THR B 41 45.60 -16.24 -8.34
C THR B 41 46.38 -15.38 -7.35
N LEU B 42 47.04 -14.33 -7.82
CA LEU B 42 47.79 -13.46 -6.93
C LEU B 42 46.86 -12.68 -6.01
N LEU B 43 45.85 -12.02 -6.58
CA LEU B 43 44.95 -11.19 -5.78
C LEU B 43 44.12 -11.99 -4.79
N SER B 44 44.21 -13.32 -4.80
CA SER B 44 43.37 -14.14 -3.93
C SER B 44 44.19 -15.02 -3.00
N SER B 45 44.94 -15.99 -3.52
CA SER B 45 45.36 -17.16 -2.75
C SER B 45 46.72 -17.00 -2.05
N ILE B 46 47.34 -15.83 -2.07
CA ILE B 46 48.59 -15.67 -1.34
C ILE B 46 48.29 -15.61 0.16
N PRO B 47 48.93 -16.45 0.98
CA PRO B 47 48.54 -16.55 2.39
C PRO B 47 49.00 -15.36 3.24
N GLY B 48 48.39 -15.26 4.43
CA GLY B 48 48.66 -14.21 5.41
C GLY B 48 48.54 -14.77 6.84
N ALA B 49 49.07 -14.09 7.87
CA ALA B 49 49.38 -12.65 7.94
C ALA B 49 48.17 -11.71 8.02
N ALA B 50 47.23 -12.01 8.92
CA ALA B 50 46.14 -11.08 9.22
C ALA B 50 45.72 -11.20 10.69
N VAL B 51 45.06 -10.15 11.18
CA VAL B 51 44.63 -10.05 12.57
C VAL B 51 43.16 -10.43 12.66
N THR B 52 42.83 -11.37 13.54
CA THR B 52 41.46 -11.89 13.65
C THR B 52 40.62 -11.05 14.60
N SER B 53 40.87 -11.16 15.90
CA SER B 53 40.09 -10.47 16.92
C SER B 53 40.98 -9.51 17.70
N ILE B 54 40.35 -8.77 18.61
CA ILE B 54 41.04 -7.83 19.47
C ILE B 54 40.27 -7.73 20.78
N ARG B 55 40.98 -7.43 21.86
CA ARG B 55 40.37 -7.25 23.16
C ARG B 55 40.89 -5.95 23.76
N ILE B 56 39.96 -5.11 24.23
CA ILE B 56 40.29 -3.85 24.89
C ILE B 56 39.69 -3.91 26.29
N ASP B 57 40.54 -3.73 27.30
CA ASP B 57 40.12 -3.87 28.69
C ASP B 57 38.83 -3.10 28.98
N GLY B 58 38.87 -1.78 28.81
CA GLY B 58 37.73 -0.95 29.18
C GLY B 58 36.43 -1.35 28.51
N VAL B 59 36.49 -1.67 27.23
CA VAL B 59 35.29 -1.81 26.41
C VAL B 59 34.85 -3.28 26.35
N LEU B 60 33.54 -3.50 26.47
CA LEU B 60 32.95 -4.81 26.25
C LEU B 60 32.44 -5.01 24.83
N HIS B 61 32.40 -3.96 24.00
CA HIS B 61 31.91 -4.12 22.64
C HIS B 61 32.44 -2.96 21.79
N GLU B 62 32.06 -2.98 20.51
CA GLU B 62 32.65 -2.16 19.47
C GLU B 62 32.14 -0.72 19.46
N PHE B 63 30.96 -0.47 20.03
CA PHE B 63 30.21 0.76 19.79
C PHE B 63 30.36 1.82 20.88
N THR B 64 31.29 1.66 21.82
CA THR B 64 31.50 2.67 22.84
C THR B 64 32.73 3.53 22.52
N THR B 65 33.03 4.48 23.41
CA THR B 65 34.26 5.27 23.37
C THR B 65 35.21 4.80 24.47
N VAL B 66 36.39 5.42 24.48
CA VAL B 66 37.35 5.21 25.57
C VAL B 66 37.73 6.58 26.13
N PRO B 67 37.88 6.71 27.45
CA PRO B 67 38.15 8.03 28.02
C PRO B 67 39.45 8.62 27.49
N GLY B 68 39.38 9.85 27.00
CA GLY B 68 40.54 10.58 26.54
C GLY B 68 41.00 10.25 25.13
N VAL B 69 40.59 9.11 24.58
CA VAL B 69 40.97 8.76 23.21
C VAL B 69 40.13 9.58 22.24
N LYS B 70 40.77 10.07 21.18
CA LYS B 70 40.06 10.88 20.20
C LYS B 70 39.15 10.03 19.31
N GLU B 71 39.58 8.82 18.98
CA GLU B 71 38.83 7.94 18.10
C GLU B 71 37.92 7.02 18.90
N ASP B 72 36.69 6.84 18.42
CA ASP B 72 35.82 5.83 19.02
C ASP B 72 36.32 4.45 18.64
N VAL B 73 35.91 3.45 19.43
CA VAL B 73 36.42 2.09 19.24
C VAL B 73 36.16 1.59 17.82
N THR B 74 35.04 1.99 17.22
CA THR B 74 34.74 1.50 15.88
C THR B 74 35.63 2.18 14.84
N ASP B 75 35.90 3.48 15.00
CA ASP B 75 36.83 4.16 14.10
C ASP B 75 38.26 3.72 14.34
N ILE B 76 38.54 3.10 15.49
CA ILE B 76 39.86 2.54 15.73
C ILE B 76 40.00 1.17 15.07
N ILE B 77 38.95 0.34 15.15
CA ILE B 77 38.95 -0.93 14.43
C ILE B 77 39.19 -0.70 12.95
N LEU B 78 38.55 0.31 12.37
CA LEU B 78 38.79 0.65 10.98
C LEU B 78 40.27 0.90 10.72
N ASN B 79 40.90 1.70 11.57
CA ASN B 79 42.33 1.97 11.42
C ASN B 79 43.13 0.67 11.48
N LEU B 80 42.89 -0.15 12.51
CA LEU B 80 43.62 -1.40 12.63
C LEU B 80 43.42 -2.32 11.43
N LYS B 81 42.40 -2.06 10.60
CA LYS B 81 42.26 -2.81 9.37
C LYS B 81 43.49 -2.66 8.48
N GLY B 82 44.04 -1.44 8.40
CA GLY B 82 45.19 -1.18 7.57
C GLY B 82 46.48 -1.82 8.05
N LEU B 83 46.46 -2.49 9.19
CA LEU B 83 47.63 -3.23 9.63
C LEU B 83 48.02 -4.26 8.59
N VAL B 84 49.29 -4.22 8.18
CA VAL B 84 49.87 -5.27 7.36
C VAL B 84 50.86 -6.01 8.26
N VAL B 85 50.52 -7.22 8.64
CA VAL B 85 51.37 -8.03 9.52
C VAL B 85 51.80 -9.27 8.75
N SER B 86 52.69 -10.03 9.37
CA SER B 86 53.15 -11.31 8.83
C SER B 86 53.53 -12.19 10.00
N SER B 87 53.23 -13.48 9.88
CA SER B 87 53.48 -14.41 10.97
C SER B 87 53.93 -15.75 10.43
N ASP B 88 54.95 -16.32 11.08
CA ASP B 88 55.29 -17.71 10.81
C ASP B 88 54.16 -18.64 11.19
N ASP B 89 53.20 -18.15 11.98
CA ASP B 89 52.15 -19.01 12.51
C ASP B 89 52.85 -20.20 13.16
N ASP B 90 52.33 -21.43 13.09
CA ASP B 90 50.91 -21.69 12.91
C ASP B 90 50.22 -21.43 14.25
N GLU B 91 48.92 -21.70 14.32
CA GLU B 91 48.15 -21.54 15.55
C GLU B 91 48.04 -20.06 15.91
N PRO B 92 47.01 -19.67 16.64
CA PRO B 92 46.82 -18.24 16.94
C PRO B 92 47.79 -17.75 17.99
N VAL B 93 48.20 -16.49 17.85
CA VAL B 93 49.13 -15.84 18.77
C VAL B 93 48.64 -14.42 19.00
N THR B 94 48.64 -13.99 20.26
CA THR B 94 48.17 -12.66 20.61
C THR B 94 49.33 -11.68 20.65
N MET B 95 49.09 -10.50 20.08
CA MET B 95 49.97 -9.36 20.24
C MET B 95 49.51 -8.52 21.43
N TYR B 96 50.21 -7.43 21.71
CA TYR B 96 49.85 -6.59 22.84
C TYR B 96 50.21 -5.14 22.55
N LEU B 97 49.36 -4.23 23.01
CA LEU B 97 49.60 -2.79 22.90
C LEU B 97 49.12 -2.10 24.17
N ARG B 98 49.99 -1.29 24.77
CA ARG B 98 49.65 -0.47 25.92
C ARG B 98 50.33 0.87 25.80
N LYS B 99 49.57 1.96 25.91
CA LYS B 99 50.13 3.30 25.84
C LYS B 99 49.38 4.23 26.79
N GLN B 100 50.13 5.11 27.43
CA GLN B 100 49.62 6.01 28.47
C GLN B 100 50.07 7.43 28.17
N GLY B 101 49.39 8.40 28.79
CA GLY B 101 49.76 9.78 28.65
C GLY B 101 49.49 10.26 27.25
N PRO B 102 49.66 11.56 27.00
CA PRO B 102 49.41 12.06 25.64
C PRO B 102 50.40 11.47 24.67
N GLY B 103 50.16 11.72 23.39
CA GLY B 103 50.97 11.16 22.33
C GLY B 103 50.09 10.82 21.15
N VAL B 104 50.63 9.98 20.27
CA VAL B 104 49.85 9.34 19.21
C VAL B 104 50.27 7.88 19.16
N VAL B 105 49.29 6.98 19.20
CA VAL B 105 49.56 5.55 19.10
C VAL B 105 49.70 5.18 17.64
N THR B 106 50.63 4.26 17.34
CA THR B 106 50.83 3.75 16.00
C THR B 106 51.17 2.27 16.08
N ALA B 107 51.32 1.64 14.91
CA ALA B 107 51.61 0.21 14.88
C ALA B 107 52.97 -0.10 15.49
N GLY B 108 53.91 0.84 15.45
CA GLY B 108 55.17 0.63 16.13
C GLY B 108 55.00 0.35 17.61
N ASP B 109 54.02 1.00 18.24
CA ASP B 109 53.73 0.78 19.65
C ASP B 109 53.21 -0.62 19.94
N ILE B 110 52.86 -1.39 18.92
CA ILE B 110 52.45 -2.77 19.11
C ILE B 110 53.68 -3.62 19.32
N VAL B 111 53.71 -4.35 20.44
CA VAL B 111 54.81 -5.27 20.75
C VAL B 111 54.42 -6.65 20.22
N PRO B 112 55.03 -7.12 19.14
CA PRO B 112 54.69 -8.44 18.61
C PRO B 112 55.33 -9.54 19.42
N PRO B 113 54.72 -10.72 19.47
CA PRO B 113 55.37 -11.85 20.14
C PRO B 113 56.56 -12.35 19.32
N ALA B 114 57.22 -13.40 19.80
CA ALA B 114 58.35 -13.98 19.07
C ALA B 114 57.83 -14.76 17.88
N GLY B 115 58.29 -14.41 16.68
CA GLY B 115 57.86 -15.07 15.47
C GLY B 115 56.88 -14.30 14.61
N VAL B 116 56.60 -13.03 14.94
CA VAL B 116 55.74 -12.18 14.12
C VAL B 116 56.39 -10.81 14.02
N THR B 117 55.91 -10.02 13.05
CA THR B 117 56.47 -8.71 12.81
C THR B 117 55.41 -7.80 12.19
N VAL B 118 55.56 -6.50 12.44
CA VAL B 118 54.66 -5.47 11.92
C VAL B 118 55.44 -4.64 10.91
N HIS B 119 54.97 -4.63 9.67
CA HIS B 119 55.75 -4.12 8.54
C HIS B 119 55.46 -2.67 8.19
N ASN B 120 54.55 -2.00 8.89
CA ASN B 120 54.31 -0.57 8.71
C ASN B 120 54.04 0.07 10.06
N PRO B 121 55.03 0.11 10.93
CA PRO B 121 54.85 0.75 12.25
C PRO B 121 54.45 2.21 12.15
N ASP B 122 54.64 2.83 10.99
CA ASP B 122 54.31 4.24 10.80
C ASP B 122 52.82 4.52 10.89
N MET B 123 51.98 3.49 10.97
CA MET B 123 50.54 3.65 10.82
C MET B 123 49.88 4.25 12.06
N HIS B 124 48.99 5.21 11.85
CA HIS B 124 48.26 5.85 12.93
C HIS B 124 47.12 4.96 13.41
N ILE B 125 47.05 4.75 14.73
CA ILE B 125 45.93 4.03 15.33
C ILE B 125 44.99 5.02 16.00
N ALA B 126 45.41 5.56 17.15
CA ALA B 126 44.59 6.46 17.92
C ALA B 126 45.46 7.56 18.52
N THR B 127 44.85 8.73 18.74
CA THR B 127 45.52 9.86 19.38
C THR B 127 44.98 10.00 20.78
N LEU B 128 45.88 10.01 21.77
CA LEU B 128 45.53 10.02 23.18
C LEU B 128 45.93 11.35 23.81
N ASN B 129 45.20 11.73 24.86
CA ASN B 129 45.47 12.93 25.64
C ASN B 129 45.84 12.54 27.07
N ASP B 130 46.01 13.55 27.92
CA ASP B 130 46.52 13.33 29.27
C ASP B 130 45.74 12.24 30.00
N LYS B 131 44.43 12.18 29.79
CA LYS B 131 43.60 11.16 30.41
C LYS B 131 43.51 9.88 29.59
N GLY B 132 44.01 9.89 28.35
CA GLY B 132 43.87 8.72 27.50
C GLY B 132 44.80 7.59 27.91
N LYS B 133 44.24 6.38 28.02
CA LYS B 133 44.98 5.16 28.23
C LYS B 133 44.37 4.08 27.35
N LEU B 134 45.23 3.36 26.61
CA LEU B 134 44.76 2.34 25.66
C LEU B 134 45.50 1.04 25.94
N GLU B 135 44.78 0.02 26.38
CA GLU B 135 45.33 -1.31 26.61
C GLU B 135 44.53 -2.29 25.76
N VAL B 136 45.15 -2.83 24.71
CA VAL B 136 44.47 -3.68 23.74
C VAL B 136 45.41 -4.78 23.28
N GLU B 137 44.92 -6.01 23.27
CA GLU B 137 45.64 -7.14 22.71
C GLU B 137 45.00 -7.56 21.38
N LEU B 138 45.84 -8.02 20.46
CA LEU B 138 45.40 -8.39 19.12
C LEU B 138 45.86 -9.80 18.81
N VAL B 139 44.99 -10.57 18.17
CA VAL B 139 45.24 -11.97 17.85
C VAL B 139 45.51 -12.08 16.36
N VAL B 140 46.70 -12.57 16.00
CA VAL B 140 47.09 -12.77 14.62
C VAL B 140 46.95 -14.25 14.28
N GLU B 141 46.14 -14.56 13.28
CA GLU B 141 46.01 -15.90 12.76
C GLU B 141 46.55 -15.94 11.34
N ARG B 142 46.57 -17.12 10.74
CA ARG B 142 47.16 -17.30 9.43
C ARG B 142 46.15 -17.92 8.47
N GLY B 143 46.19 -17.48 7.23
CA GLY B 143 45.21 -17.93 6.26
C GLY B 143 45.41 -17.21 4.95
N ARG B 144 44.36 -17.17 4.13
CA ARG B 144 44.44 -16.57 2.81
C ARG B 144 43.10 -15.97 2.44
N GLY B 145 43.13 -14.93 1.61
CA GLY B 145 41.91 -14.32 1.11
C GLY B 145 41.33 -13.30 2.08
N TYR B 146 40.01 -13.21 2.08
CA TYR B 146 39.27 -12.34 2.98
C TYR B 146 38.26 -13.17 3.75
N VAL B 147 38.38 -13.19 5.07
CA VAL B 147 37.49 -13.93 5.95
C VAL B 147 36.71 -12.94 6.79
N PRO B 148 35.40 -12.85 6.67
CA PRO B 148 34.64 -11.88 7.47
C PRO B 148 34.73 -12.23 8.95
N ALA B 149 34.60 -11.20 9.78
CA ALA B 149 34.77 -11.39 11.21
C ALA B 149 33.90 -12.54 11.69
N VAL B 150 34.53 -13.48 12.40
CA VAL B 150 33.84 -14.65 12.92
C VAL B 150 33.22 -14.28 14.25
N GLN B 151 31.89 -14.33 14.30
CA GLN B 151 31.18 -13.92 15.51
C GLN B 151 31.44 -14.91 16.64
N ASN B 152 31.65 -14.39 17.84
CA ASN B 152 32.04 -15.23 18.96
C ASN B 152 30.91 -16.13 19.44
N LYS B 153 29.68 -15.95 18.94
CA LYS B 153 28.66 -16.96 19.17
C LYS B 153 28.94 -18.22 18.36
N ALA B 154 29.51 -18.07 17.16
CA ALA B 154 29.93 -19.22 16.38
C ALA B 154 31.23 -19.81 16.91
N SER B 155 32.22 -18.95 17.19
CA SER B 155 33.41 -19.39 17.89
C SER B 155 33.08 -19.58 19.38
N GLY B 156 34.09 -19.94 20.15
CA GLY B 156 33.90 -20.13 21.58
C GLY B 156 34.18 -18.92 22.43
N ALA B 157 34.26 -17.73 21.84
CA ALA B 157 34.71 -16.55 22.55
C ALA B 157 33.65 -16.06 23.54
N GLU B 158 34.10 -15.28 24.51
CA GLU B 158 33.26 -14.68 25.53
C GLU B 158 32.89 -13.25 25.16
N ILE B 159 32.10 -12.61 26.02
CA ILE B 159 31.51 -11.31 25.70
C ILE B 159 32.55 -10.24 25.40
N GLY B 160 33.78 -10.43 25.86
CA GLY B 160 34.77 -9.38 25.72
C GLY B 160 35.40 -9.27 24.35
N ARG B 161 35.51 -10.38 23.62
CA ARG B 161 36.29 -10.40 22.40
C ARG B 161 35.57 -9.65 21.27
N ILE B 162 36.31 -8.76 20.61
CA ILE B 162 35.80 -8.03 19.45
C ILE B 162 36.31 -8.73 18.19
N PRO B 163 35.46 -9.47 17.47
CA PRO B 163 35.88 -10.01 16.19
C PRO B 163 35.99 -8.92 15.13
N VAL B 164 36.94 -9.08 14.22
CA VAL B 164 37.19 -8.10 13.18
C VAL B 164 37.34 -8.82 11.84
N ASP B 165 36.93 -8.14 10.77
CA ASP B 165 37.19 -8.64 9.42
C ASP B 165 38.69 -8.76 9.21
N SER B 166 39.10 -9.86 8.57
CA SER B 166 40.50 -10.16 8.33
C SER B 166 40.78 -10.22 6.84
N ILE B 167 41.77 -9.45 6.40
CA ILE B 167 42.26 -9.50 5.02
C ILE B 167 43.66 -10.08 5.06
N TYR B 168 43.82 -11.33 4.59
CA TYR B 168 45.16 -11.89 4.37
C TYR B 168 45.41 -11.76 2.87
N SER B 169 46.14 -10.71 2.48
CA SER B 169 46.46 -10.48 1.08
C SER B 169 47.82 -9.79 0.97
N PRO B 170 48.91 -10.55 0.98
CA PRO B 170 50.23 -9.92 0.78
C PRO B 170 50.28 -8.99 -0.42
N VAL B 171 49.59 -9.33 -1.51
CA VAL B 171 49.66 -8.57 -2.76
C VAL B 171 48.75 -7.37 -2.71
N LEU B 172 49.17 -6.30 -3.38
CA LEU B 172 48.48 -5.01 -3.32
C LEU B 172 47.79 -4.71 -4.65
N LYS B 173 48.54 -4.51 -5.73
CA LYS B 173 47.98 -4.19 -7.03
C LYS B 173 48.78 -4.92 -8.10
N VAL B 174 48.07 -5.48 -9.09
CA VAL B 174 48.69 -6.32 -10.11
C VAL B 174 48.09 -6.00 -11.48
N THR B 175 48.95 -5.97 -12.49
CA THR B 175 48.55 -5.74 -13.87
C THR B 175 49.45 -6.57 -14.77
N TYR B 176 49.26 -6.43 -16.09
CA TYR B 176 50.14 -7.08 -17.06
C TYR B 176 49.94 -6.43 -18.42
N LYS B 177 50.62 -6.99 -19.42
CA LYS B 177 50.60 -6.50 -20.79
C LYS B 177 51.45 -7.44 -21.62
N VAL B 178 51.26 -7.40 -22.93
CA VAL B 178 51.96 -8.29 -23.85
C VAL B 178 52.39 -7.52 -25.09
N GLU B 179 53.44 -8.02 -25.72
CA GLU B 179 53.94 -7.50 -26.99
C GLU B 179 54.28 -8.68 -27.88
N ALA B 180 53.73 -8.71 -29.08
CA ALA B 180 53.99 -9.81 -29.99
C ALA B 180 55.50 -9.93 -30.23
N THR B 181 56.03 -11.12 -29.97
CA THR B 181 57.46 -11.37 -30.09
C THR B 181 58.27 -10.40 -29.24
N GLN B 185 54.55 -8.37 -37.50
CA GLN B 185 55.18 -9.09 -38.60
C GLN B 185 54.93 -10.60 -38.48
N ARG B 186 54.98 -11.30 -39.61
CA ARG B 186 54.84 -12.74 -39.59
C ARG B 186 55.98 -13.36 -38.79
N THR B 187 55.70 -14.53 -38.19
CA THR B 187 56.54 -15.25 -37.26
C THR B 187 56.36 -14.74 -35.84
N ASP B 188 55.51 -13.74 -35.62
CA ASP B 188 55.33 -13.15 -34.31
C ASP B 188 55.04 -14.21 -33.25
N PHE B 189 55.67 -14.04 -32.09
CA PHE B 189 55.42 -14.78 -30.87
C PHE B 189 54.83 -13.81 -29.83
N ASP B 190 54.67 -14.28 -28.61
CA ASP B 190 54.16 -13.43 -27.53
C ASP B 190 55.09 -13.48 -26.33
N LYS B 191 55.40 -12.29 -25.80
CA LYS B 191 56.13 -12.14 -24.54
C LYS B 191 55.32 -11.23 -23.64
N LEU B 192 54.98 -11.71 -22.46
CA LEU B 192 54.18 -10.95 -21.50
C LEU B 192 55.06 -10.49 -20.34
N ILE B 193 54.78 -9.29 -19.85
CA ILE B 193 55.35 -8.78 -18.61
C ILE B 193 54.22 -8.64 -17.60
N ILE B 194 54.47 -9.07 -16.37
CA ILE B 194 53.51 -8.93 -15.28
C ILE B 194 54.12 -8.00 -14.25
N ASP B 195 53.29 -7.07 -13.74
CA ASP B 195 53.71 -6.10 -12.73
C ASP B 195 53.08 -6.52 -11.41
N VAL B 196 53.90 -7.00 -10.49
CA VAL B 196 53.44 -7.51 -9.19
C VAL B 196 53.89 -6.54 -8.11
N GLU B 197 52.95 -6.11 -7.29
CA GLU B 197 53.24 -5.29 -6.11
C GLU B 197 52.69 -5.99 -4.88
N THR B 198 53.41 -5.84 -3.77
CA THR B 198 53.05 -6.47 -2.51
C THR B 198 52.98 -5.41 -1.42
N LYS B 199 52.41 -5.81 -0.28
CA LYS B 199 52.20 -4.90 0.84
C LYS B 199 53.42 -4.78 1.74
N ASN B 200 54.54 -5.43 1.40
CA ASN B 200 55.77 -5.53 2.18
C ASN B 200 55.76 -6.72 3.12
N SER B 201 54.64 -7.44 3.26
CA SER B 201 54.67 -8.68 4.04
C SER B 201 55.44 -9.76 3.33
N ILE B 202 55.51 -9.71 1.99
CA ILE B 202 56.35 -10.58 1.19
C ILE B 202 56.81 -9.80 -0.03
N SER B 203 57.86 -10.31 -0.69
CA SER B 203 58.42 -9.73 -1.91
C SER B 203 57.65 -10.22 -3.13
N PRO B 204 57.55 -9.39 -4.17
CA PRO B 204 56.89 -9.86 -5.41
C PRO B 204 57.43 -11.20 -5.89
N ARG B 205 58.72 -11.45 -5.67
CA ARG B 205 59.29 -12.74 -6.04
C ARG B 205 58.62 -13.89 -5.31
N ASP B 206 58.57 -13.81 -3.96
CA ASP B 206 58.03 -14.91 -3.19
C ASP B 206 56.55 -15.14 -3.46
N ALA B 207 55.80 -14.08 -3.75
CA ALA B 207 54.38 -14.24 -4.06
C ALA B 207 54.18 -14.93 -5.40
N LEU B 208 54.83 -14.42 -6.45
CA LEU B 208 54.74 -15.07 -7.75
C LEU B 208 55.19 -16.53 -7.65
N ALA B 209 56.20 -16.79 -6.83
CA ALA B 209 56.55 -18.18 -6.54
C ALA B 209 55.39 -18.91 -5.89
N SER B 210 54.72 -18.27 -4.93
CA SER B 210 53.53 -18.86 -4.31
C SER B 210 52.46 -19.16 -5.36
N ALA B 211 52.16 -18.17 -6.20
CA ALA B 211 51.12 -18.36 -7.23
C ALA B 211 51.46 -19.55 -8.12
N GLY B 212 52.66 -19.54 -8.72
CA GLY B 212 53.05 -20.66 -9.54
C GLY B 212 52.99 -21.98 -8.79
N GLY B 213 53.62 -22.04 -7.62
CA GLY B 213 53.51 -23.24 -6.80
C GLY B 213 52.07 -23.65 -6.56
N THR B 214 51.23 -22.69 -6.17
CA THR B 214 49.80 -22.97 -6.03
C THR B 214 49.16 -23.25 -7.38
N LEU B 215 49.63 -22.59 -8.44
CA LEU B 215 49.06 -22.79 -9.77
C LEU B 215 49.56 -24.07 -10.41
N VAL B 216 50.82 -24.44 -10.16
CA VAL B 216 51.35 -25.69 -10.69
C VAL B 216 50.59 -26.88 -10.13
N GLU B 217 50.51 -26.97 -8.80
CA GLU B 217 49.90 -28.12 -8.14
C GLU B 217 48.47 -28.35 -8.64
N LEU B 218 47.81 -27.31 -9.14
CA LEU B 218 46.41 -27.42 -9.50
C LEU B 218 46.23 -28.14 -10.84
N PHE B 219 47.03 -27.79 -11.84
CA PHE B 219 46.91 -28.46 -13.13
C PHE B 219 47.32 -29.93 -13.00
N GLY B 220 46.44 -30.81 -13.44
CA GLY B 220 46.70 -32.24 -13.34
C GLY B 220 45.95 -33.02 -14.40
N LEU B 221 46.49 -34.20 -14.71
CA LEU B 221 45.92 -35.05 -15.75
C LEU B 221 46.68 -36.37 -15.85
N MET C 1 49.69 -22.99 5.59
CA MET C 1 49.79 -22.55 4.21
C MET C 1 48.52 -22.88 3.44
N LEU C 2 48.48 -24.07 2.83
CA LEU C 2 47.31 -24.47 2.05
C LEU C 2 47.06 -25.97 2.18
N ILE C 3 45.81 -26.31 2.48
CA ILE C 3 45.24 -27.63 2.19
C ILE C 3 43.75 -27.43 1.93
N SER C 4 43.22 -28.14 0.93
CA SER C 4 41.85 -27.94 0.53
C SER C 4 41.29 -29.21 -0.09
N GLN C 5 39.98 -29.38 0.00
CA GLN C 5 39.34 -30.61 -0.44
C GLN C 5 37.99 -30.39 -1.14
N ARG C 6 37.80 -31.06 -2.27
CA ARG C 6 38.90 -31.65 -3.02
C ARG C 6 38.59 -31.63 -4.51
N PRO C 7 39.58 -31.34 -5.34
CA PRO C 7 39.37 -31.37 -6.79
C PRO C 7 39.44 -32.78 -7.36
N THR C 8 38.70 -32.98 -8.46
CA THR C 8 38.73 -34.25 -9.19
C THR C 8 38.38 -33.97 -10.65
N LEU C 9 38.95 -34.78 -11.54
CA LEU C 9 38.85 -34.57 -12.99
C LEU C 9 38.17 -35.77 -13.62
N SER C 10 36.98 -35.56 -14.19
CA SER C 10 36.21 -36.61 -14.84
C SER C 10 35.88 -36.21 -16.26
N GLU C 11 35.53 -37.20 -17.08
CA GLU C 11 35.32 -36.97 -18.51
C GLU C 11 34.12 -37.75 -19.01
N GLU C 12 33.23 -37.06 -19.74
CA GLU C 12 32.12 -37.68 -20.45
C GLU C 12 32.49 -37.78 -21.93
N THR C 13 32.37 -38.97 -22.50
CA THR C 13 32.78 -39.20 -23.88
C THR C 13 31.57 -39.01 -24.80
N VAL C 14 31.60 -37.95 -25.61
CA VAL C 14 30.52 -37.67 -26.54
C VAL C 14 30.66 -38.50 -27.81
N ALA C 15 31.87 -38.60 -28.33
CA ALA C 15 32.15 -39.38 -29.54
C ALA C 15 33.63 -39.72 -29.55
N GLU C 16 33.99 -40.69 -30.39
CA GLU C 16 35.41 -41.04 -30.53
C GLU C 16 36.25 -39.80 -30.82
N ASN C 17 35.67 -38.81 -31.47
CA ASN C 17 36.34 -37.53 -31.66
C ASN C 17 36.21 -36.59 -30.46
N ARG C 18 35.07 -36.62 -29.77
CA ARG C 18 34.72 -35.60 -28.79
C ARG C 18 34.68 -36.16 -27.36
N SER C 19 34.97 -35.29 -26.40
CA SER C 19 34.84 -35.62 -24.99
C SER C 19 34.56 -34.36 -24.20
N ARG C 20 33.82 -34.52 -23.09
CA ARG C 20 33.56 -33.45 -22.15
C ARG C 20 34.29 -33.73 -20.84
N PHE C 21 34.88 -32.70 -20.26
CA PHE C 21 35.65 -32.82 -19.03
C PHE C 21 35.11 -31.85 -17.99
N VAL C 22 35.09 -32.29 -16.73
CA VAL C 22 34.56 -31.49 -15.62
C VAL C 22 35.46 -31.68 -14.42
N ILE C 23 35.73 -30.59 -13.71
CA ILE C 23 36.56 -30.60 -12.52
C ILE C 23 35.73 -30.10 -11.34
N GLU C 24 35.71 -30.88 -10.27
CA GLU C 24 34.89 -30.57 -9.10
C GLU C 24 35.51 -30.98 -7.78
N PRO C 25 35.27 -30.20 -6.72
CA PRO C 25 34.92 -28.78 -6.84
C PRO C 25 36.18 -27.93 -6.98
N LEU C 26 36.06 -26.73 -7.54
CA LEU C 26 37.14 -25.78 -7.46
C LEU C 26 36.89 -24.84 -6.28
N GLU C 27 37.82 -23.94 -6.04
CA GLU C 27 37.59 -22.88 -5.08
C GLU C 27 37.26 -21.60 -5.83
N PRO C 28 36.16 -20.91 -5.51
CA PRO C 28 35.85 -19.67 -6.23
C PRO C 28 37.02 -18.70 -6.10
N GLY C 29 37.40 -18.03 -7.19
CA GLY C 29 36.75 -18.10 -8.48
C GLY C 29 37.44 -18.96 -9.54
N PHE C 30 38.18 -19.98 -9.11
CA PHE C 30 39.17 -20.62 -9.97
C PHE C 30 38.60 -21.14 -11.29
N GLY C 31 37.29 -21.20 -11.45
CA GLY C 31 36.74 -21.57 -12.74
C GLY C 31 37.22 -20.68 -13.85
N TYR C 32 36.99 -19.37 -13.71
CA TYR C 32 37.38 -18.41 -14.75
C TYR C 32 38.90 -18.36 -14.91
N THR C 33 39.64 -18.55 -13.82
CA THR C 33 41.08 -18.32 -13.86
C THR C 33 41.78 -19.34 -14.76
N LEU C 34 41.59 -20.63 -14.46
CA LEU C 34 42.28 -21.67 -15.21
C LEU C 34 41.62 -21.91 -16.56
N GLY C 35 40.33 -22.22 -16.56
CA GLY C 35 39.65 -22.70 -17.76
C GLY C 35 39.92 -21.95 -19.05
N ASN C 36 40.05 -20.62 -19.00
CA ASN C 36 40.41 -19.91 -20.22
C ASN C 36 41.85 -20.21 -20.63
N SER C 37 42.72 -20.48 -19.66
CA SER C 37 44.08 -20.91 -19.99
C SER C 37 44.10 -22.32 -20.57
N LEU C 38 43.14 -23.16 -20.19
CA LEU C 38 43.09 -24.52 -20.72
C LEU C 38 42.64 -24.52 -22.17
N ARG C 39 41.56 -23.80 -22.48
CA ARG C 39 41.14 -23.68 -23.88
C ARG C 39 42.28 -23.25 -24.78
N ARG C 40 43.19 -22.41 -24.26
CA ARG C 40 44.32 -21.96 -25.06
C ARG C 40 45.36 -23.06 -25.22
N THR C 41 45.75 -23.70 -24.12
CA THR C 41 46.81 -24.70 -24.18
C THR C 41 46.45 -25.83 -25.14
N LEU C 42 45.19 -26.29 -25.11
CA LEU C 42 44.78 -27.34 -26.04
C LEU C 42 44.74 -26.82 -27.47
N LEU C 43 44.24 -25.60 -27.67
CA LEU C 43 44.05 -25.10 -29.02
C LEU C 43 45.37 -24.75 -29.69
N SER C 44 46.17 -23.88 -29.07
CA SER C 44 47.38 -23.38 -29.72
C SER C 44 48.68 -24.09 -29.33
N SER C 45 48.71 -24.91 -28.29
CA SER C 45 49.98 -25.35 -27.72
C SER C 45 50.43 -26.77 -28.08
N ILE C 46 49.62 -27.56 -28.79
CA ILE C 46 49.86 -28.99 -28.92
C ILE C 46 50.55 -29.27 -30.25
N PRO C 47 51.67 -29.98 -30.26
CA PRO C 47 52.39 -30.22 -31.52
C PRO C 47 51.62 -31.14 -32.47
N GLY C 48 51.58 -30.75 -33.74
CA GLY C 48 50.93 -31.56 -34.75
C GLY C 48 51.32 -31.08 -36.13
N ALA C 49 51.20 -31.99 -37.09
CA ALA C 49 51.62 -31.73 -38.47
C ALA C 49 50.40 -31.46 -39.35
N ALA C 50 50.52 -30.47 -40.22
CA ALA C 50 49.44 -30.09 -41.12
C ALA C 50 50.03 -29.62 -42.44
N VAL C 51 49.16 -29.53 -43.45
CA VAL C 51 49.58 -29.06 -44.76
C VAL C 51 49.87 -27.57 -44.72
N THR C 52 50.95 -27.16 -45.40
CA THR C 52 51.37 -25.76 -45.44
C THR C 52 51.01 -25.10 -46.76
N SER C 53 51.59 -25.58 -47.86
CA SER C 53 51.34 -25.04 -49.19
C SER C 53 51.08 -26.19 -50.15
N ILE C 54 50.39 -25.88 -51.24
CA ILE C 54 50.10 -26.87 -52.27
C ILE C 54 50.20 -26.22 -53.64
N ARG C 55 50.61 -27.02 -54.63
CA ARG C 55 50.61 -26.61 -56.03
C ARG C 55 50.01 -27.74 -56.85
N ILE C 56 49.08 -27.40 -57.75
CA ILE C 56 48.42 -28.36 -58.61
C ILE C 56 48.98 -28.20 -60.02
N ASP C 57 49.13 -29.32 -60.72
CA ASP C 57 49.49 -29.27 -62.13
C ASP C 57 48.31 -28.73 -62.93
N GLY C 58 48.58 -27.74 -63.78
CA GLY C 58 47.55 -27.13 -64.59
C GLY C 58 46.94 -25.86 -64.02
N VAL C 59 47.32 -25.46 -62.81
CA VAL C 59 46.84 -24.23 -62.20
C VAL C 59 48.04 -23.34 -61.95
N LEU C 60 48.15 -22.25 -62.73
CA LEU C 60 49.25 -21.31 -62.55
C LEU C 60 48.73 -19.88 -62.46
N HIS C 61 48.29 -19.34 -63.60
CA HIS C 61 47.70 -18.02 -63.66
C HIS C 61 46.17 -18.06 -63.68
N GLU C 62 45.58 -19.25 -63.70
CA GLU C 62 44.12 -19.36 -63.68
C GLU C 62 43.60 -18.97 -62.31
N PHE C 63 42.41 -18.35 -62.30
CA PHE C 63 41.87 -17.82 -61.06
C PHE C 63 41.29 -18.95 -60.22
N THR C 64 40.15 -19.52 -60.65
CA THR C 64 39.66 -20.76 -60.07
C THR C 64 39.04 -21.62 -61.16
N THR C 65 39.57 -22.82 -61.37
CA THR C 65 38.88 -23.90 -62.08
C THR C 65 39.86 -25.05 -62.26
N VAL C 66 39.32 -26.23 -62.49
CA VAL C 66 40.09 -27.45 -62.79
C VAL C 66 39.36 -28.32 -63.80
N PRO C 67 39.55 -28.12 -65.11
CA PRO C 67 38.86 -28.96 -66.09
C PRO C 67 39.00 -30.45 -65.79
N GLY C 68 37.88 -31.16 -65.86
CA GLY C 68 37.85 -32.58 -65.60
C GLY C 68 37.42 -32.97 -64.20
N VAL C 69 37.07 -32.01 -63.36
CA VAL C 69 36.65 -32.28 -61.99
C VAL C 69 35.53 -31.32 -61.62
N LYS C 70 34.49 -31.84 -60.95
CA LYS C 70 33.40 -30.98 -60.53
C LYS C 70 33.81 -30.05 -59.39
N GLU C 71 34.76 -30.48 -58.55
CA GLU C 71 35.29 -29.61 -57.51
C GLU C 71 36.19 -28.56 -58.14
N ASP C 72 36.01 -27.30 -57.74
CA ASP C 72 36.84 -26.22 -58.24
C ASP C 72 38.06 -26.04 -57.33
N VAL C 73 38.80 -24.95 -57.54
CA VAL C 73 40.03 -24.73 -56.77
C VAL C 73 39.71 -24.57 -55.29
N THR C 74 38.81 -23.65 -54.96
CA THR C 74 38.49 -23.38 -53.56
C THR C 74 37.94 -24.61 -52.86
N ASP C 75 37.00 -25.30 -53.50
CA ASP C 75 36.35 -26.43 -52.85
C ASP C 75 37.34 -27.53 -52.50
N ILE C 76 38.40 -27.69 -53.30
CA ILE C 76 39.37 -28.74 -53.04
C ILE C 76 40.33 -28.34 -51.93
N ILE C 77 40.72 -27.07 -51.87
CA ILE C 77 41.64 -26.62 -50.83
C ILE C 77 41.04 -26.87 -49.45
N LEU C 78 39.84 -26.33 -49.21
CA LEU C 78 39.15 -26.62 -47.96
C LEU C 78 38.82 -28.10 -47.85
N ASN C 79 38.62 -28.78 -48.98
CA ASN C 79 38.56 -30.23 -48.95
C ASN C 79 39.84 -30.82 -48.39
N LEU C 80 41.00 -30.25 -48.76
CA LEU C 80 42.28 -30.76 -48.29
C LEU C 80 42.62 -30.28 -46.90
N LYS C 81 42.13 -29.11 -46.48
CA LYS C 81 42.45 -28.62 -45.14
C LYS C 81 42.10 -29.65 -44.07
N GLY C 82 41.11 -30.50 -44.33
CA GLY C 82 40.74 -31.52 -43.38
C GLY C 82 41.64 -32.73 -43.33
N LEU C 83 42.69 -32.76 -44.16
CA LEU C 83 43.59 -33.91 -44.16
C LEU C 83 44.41 -33.91 -42.87
N VAL C 84 44.38 -35.04 -42.17
CA VAL C 84 45.06 -35.20 -40.89
C VAL C 84 46.10 -36.30 -41.03
N VAL C 85 47.38 -35.93 -40.96
CA VAL C 85 48.49 -36.86 -41.05
C VAL C 85 49.58 -36.40 -40.09
N SER C 86 50.10 -37.33 -39.29
CA SER C 86 51.17 -37.02 -38.34
C SER C 86 52.51 -37.28 -39.01
N SER C 87 53.33 -36.24 -39.11
CA SER C 87 54.62 -36.30 -39.79
C SER C 87 55.76 -36.27 -38.77
N ASP C 88 56.76 -37.11 -39.01
CA ASP C 88 57.91 -37.23 -38.13
C ASP C 88 59.11 -36.40 -38.57
N ASP C 89 58.97 -35.61 -39.63
CA ASP C 89 60.15 -35.03 -40.28
C ASP C 89 60.70 -33.83 -39.52
N ASP C 90 59.83 -32.97 -38.99
CA ASP C 90 60.21 -31.70 -38.37
C ASP C 90 60.53 -30.65 -39.43
N GLU C 91 60.75 -31.10 -40.66
CA GLU C 91 61.01 -30.21 -41.78
C GLU C 91 59.97 -30.44 -42.86
N PRO C 92 59.66 -29.43 -43.66
CA PRO C 92 58.63 -29.60 -44.69
C PRO C 92 58.97 -30.76 -45.62
N VAL C 93 58.00 -31.65 -45.79
CA VAL C 93 58.12 -32.80 -46.68
C VAL C 93 57.02 -32.70 -47.73
N THR C 94 57.35 -33.05 -48.96
CA THR C 94 56.39 -32.96 -50.07
C THR C 94 55.91 -34.37 -50.40
N MET C 95 54.64 -34.65 -50.09
CA MET C 95 53.98 -35.85 -50.56
C MET C 95 53.48 -35.60 -51.99
N TYR C 96 52.89 -36.63 -52.60
CA TYR C 96 52.42 -36.47 -53.96
C TYR C 96 51.13 -37.27 -54.18
N LEU C 97 50.17 -36.65 -54.84
CA LEU C 97 48.94 -37.30 -55.27
C LEU C 97 48.82 -37.14 -56.78
N ARG C 98 48.88 -38.25 -57.50
CA ARG C 98 48.75 -38.25 -58.95
C ARG C 98 47.74 -39.32 -59.35
N LYS C 99 46.69 -38.91 -60.04
CA LYS C 99 45.63 -39.83 -60.45
C LYS C 99 44.99 -39.35 -61.74
N GLN C 100 44.49 -40.29 -62.52
CA GLN C 100 43.88 -40.02 -63.81
C GLN C 100 42.65 -40.89 -63.98
N GLY C 101 42.00 -40.75 -65.13
CA GLY C 101 40.82 -41.53 -65.44
C GLY C 101 39.63 -41.09 -64.62
N PRO C 102 38.44 -41.58 -64.96
CA PRO C 102 37.26 -41.27 -64.15
C PRO C 102 37.33 -41.99 -62.82
N GLY C 103 37.01 -41.27 -61.76
CA GLY C 103 37.05 -41.84 -60.43
C GLY C 103 37.03 -40.76 -59.38
N VAL C 104 36.96 -41.21 -58.12
CA VAL C 104 36.93 -40.32 -56.96
C VAL C 104 38.24 -40.53 -56.20
N VAL C 105 38.99 -39.45 -56.03
CA VAL C 105 40.24 -39.51 -55.29
C VAL C 105 39.97 -39.46 -53.80
N THR C 106 40.83 -40.11 -53.02
CA THR C 106 40.73 -40.12 -51.57
C THR C 106 42.12 -39.99 -50.98
N ALA C 107 42.17 -39.74 -49.66
CA ALA C 107 43.44 -39.61 -48.97
C ALA C 107 44.25 -40.90 -48.99
N GLY C 108 43.67 -42.02 -49.44
CA GLY C 108 44.42 -43.25 -49.58
C GLY C 108 45.27 -43.32 -50.84
N ASP C 109 44.92 -42.56 -51.86
CA ASP C 109 45.68 -42.58 -53.11
C ASP C 109 47.00 -41.85 -52.98
N ILE C 110 47.07 -40.84 -52.11
CA ILE C 110 48.31 -40.11 -51.89
C ILE C 110 49.34 -41.02 -51.26
N VAL C 111 50.55 -41.03 -51.81
CA VAL C 111 51.63 -41.88 -51.33
C VAL C 111 52.43 -41.06 -50.32
N PRO C 112 52.32 -41.34 -49.02
CA PRO C 112 53.12 -40.60 -48.04
C PRO C 112 54.58 -41.02 -48.11
N PRO C 113 55.50 -40.06 -48.08
CA PRO C 113 56.90 -40.41 -47.88
C PRO C 113 57.09 -41.06 -46.52
N ALA C 114 58.21 -41.76 -46.37
CA ALA C 114 58.52 -42.41 -45.10
C ALA C 114 58.57 -41.38 -43.99
N GLY C 115 57.80 -41.63 -42.92
CA GLY C 115 57.75 -40.76 -41.78
C GLY C 115 56.47 -39.96 -41.63
N VAL C 116 55.64 -39.88 -42.67
CA VAL C 116 54.35 -39.21 -42.59
C VAL C 116 53.26 -40.26 -42.81
N THR C 117 52.26 -40.25 -41.93
CA THR C 117 51.22 -41.28 -41.92
C THR C 117 49.86 -40.61 -41.92
N VAL C 118 49.06 -40.91 -42.95
CA VAL C 118 47.74 -40.29 -43.10
C VAL C 118 46.73 -41.04 -42.23
N HIS C 119 45.98 -40.28 -41.43
CA HIS C 119 45.06 -40.85 -40.44
C HIS C 119 43.61 -40.92 -40.92
N ASN C 120 43.29 -40.40 -42.11
CA ASN C 120 41.91 -40.37 -42.59
C ASN C 120 41.89 -40.69 -44.09
N PRO C 121 42.16 -41.94 -44.45
CA PRO C 121 42.20 -42.29 -45.88
C PRO C 121 40.89 -42.09 -46.61
N ASP C 122 39.75 -42.40 -45.99
CA ASP C 122 38.47 -42.30 -46.67
C ASP C 122 38.13 -40.86 -47.06
N MET C 123 38.93 -39.89 -46.63
CA MET C 123 38.66 -38.50 -46.91
C MET C 123 38.49 -38.23 -48.40
N HIS C 124 37.45 -37.48 -48.74
CA HIS C 124 37.18 -37.10 -50.11
C HIS C 124 38.02 -35.88 -50.49
N ILE C 125 38.62 -35.93 -51.67
CA ILE C 125 39.42 -34.82 -52.20
C ILE C 125 38.76 -34.20 -53.43
N ALA C 126 38.60 -34.98 -54.51
CA ALA C 126 37.99 -34.46 -55.73
C ALA C 126 37.26 -35.57 -56.45
N THR C 127 36.30 -35.17 -57.29
CA THR C 127 35.60 -36.07 -58.19
C THR C 127 36.15 -35.85 -59.59
N LEU C 128 36.64 -36.92 -60.21
CA LEU C 128 37.27 -36.84 -61.52
C LEU C 128 36.22 -37.09 -62.60
N ASN C 129 36.04 -36.10 -63.48
CA ASN C 129 35.15 -36.26 -64.62
C ASN C 129 35.71 -37.31 -65.58
N ASP C 130 34.83 -37.83 -66.42
CA ASP C 130 35.20 -38.89 -67.34
C ASP C 130 36.45 -38.49 -68.14
N LYS C 131 37.44 -39.38 -68.13
CA LYS C 131 38.70 -39.15 -68.85
C LYS C 131 39.39 -37.87 -68.37
N GLY C 132 39.91 -37.95 -67.14
CA GLY C 132 40.62 -36.83 -66.57
C GLY C 132 41.70 -37.30 -65.62
N LYS C 133 42.67 -36.41 -65.38
CA LYS C 133 43.80 -36.70 -64.52
C LYS C 133 44.05 -35.50 -63.62
N LEU C 134 44.57 -35.77 -62.42
CA LEU C 134 44.85 -34.74 -61.43
C LEU C 134 46.23 -34.96 -60.84
N GLU C 135 47.01 -33.88 -60.74
CA GLU C 135 48.35 -33.94 -60.17
C GLU C 135 48.48 -32.80 -59.16
N VAL C 136 48.88 -33.16 -57.94
CA VAL C 136 48.97 -32.19 -56.84
C VAL C 136 50.17 -32.54 -55.97
N GLU C 137 50.92 -31.52 -55.58
CA GLU C 137 51.98 -31.65 -54.58
C GLU C 137 51.51 -31.04 -53.27
N LEU C 138 51.92 -31.65 -52.16
CA LEU C 138 51.50 -31.20 -50.84
C LEU C 138 52.72 -30.98 -49.96
N VAL C 139 52.81 -29.80 -49.35
CA VAL C 139 53.88 -29.45 -48.44
C VAL C 139 53.36 -29.63 -47.01
N VAL C 140 54.04 -30.45 -46.22
CA VAL C 140 53.61 -30.81 -44.88
C VAL C 140 54.77 -30.55 -43.92
N GLU C 141 54.58 -29.59 -43.01
CA GLU C 141 55.58 -29.29 -42.00
C GLU C 141 54.92 -29.25 -40.62
N ARG C 142 55.68 -29.64 -39.61
CA ARG C 142 55.17 -29.68 -38.24
C ARG C 142 54.90 -28.27 -37.73
N GLY C 143 54.10 -28.19 -36.68
CA GLY C 143 53.85 -26.90 -36.06
C GLY C 143 52.86 -27.03 -34.92
N ARG C 144 52.35 -25.88 -34.50
CA ARG C 144 51.39 -25.82 -33.40
C ARG C 144 50.44 -24.64 -33.63
N GLY C 145 49.24 -24.76 -33.05
CA GLY C 145 48.26 -23.70 -33.17
C GLY C 145 47.56 -23.71 -34.52
N TYR C 146 47.13 -22.51 -34.94
CA TYR C 146 46.53 -22.30 -36.25
C TYR C 146 47.27 -21.16 -36.92
N VAL C 147 48.01 -21.46 -37.99
CA VAL C 147 48.83 -20.50 -38.70
C VAL C 147 48.13 -20.16 -40.01
N PRO C 148 47.58 -18.96 -40.16
CA PRO C 148 46.94 -18.60 -41.42
C PRO C 148 47.91 -18.72 -42.59
N ALA C 149 47.34 -18.85 -43.79
CA ALA C 149 48.16 -19.04 -44.98
C ALA C 149 49.20 -17.94 -45.08
N VAL C 150 50.46 -18.34 -45.20
CA VAL C 150 51.58 -17.42 -45.20
C VAL C 150 52.00 -17.15 -46.63
N GLN C 151 51.90 -15.89 -47.05
CA GLN C 151 52.65 -15.40 -48.18
C GLN C 151 53.74 -14.51 -47.59
N ASN C 152 54.97 -15.01 -47.58
CA ASN C 152 56.10 -14.31 -46.97
C ASN C 152 57.24 -14.33 -47.97
N LYS C 153 57.61 -13.14 -48.46
CA LYS C 153 58.52 -12.96 -49.59
C LYS C 153 57.89 -12.93 -51.01
N ALA C 154 56.59 -13.18 -51.21
CA ALA C 154 55.64 -13.67 -50.22
C ALA C 154 55.28 -15.12 -50.52
N SER C 155 54.42 -15.33 -51.51
CA SER C 155 54.47 -16.57 -52.27
C SER C 155 55.57 -16.46 -53.31
N GLY C 156 55.70 -15.29 -53.91
CA GLY C 156 56.94 -14.90 -54.56
C GLY C 156 57.22 -15.67 -55.83
N ALA C 157 58.47 -16.15 -55.92
CA ALA C 157 58.95 -16.72 -57.17
C ALA C 157 58.08 -17.86 -57.65
N GLU C 158 57.70 -18.76 -56.74
CA GLU C 158 56.95 -19.94 -57.14
C GLU C 158 55.68 -19.54 -57.87
N ILE C 159 55.51 -20.08 -59.07
CA ILE C 159 54.32 -19.86 -59.89
C ILE C 159 53.43 -21.09 -59.78
N GLY C 160 52.17 -20.87 -59.44
CA GLY C 160 51.28 -21.96 -59.10
C GLY C 160 51.36 -22.41 -57.66
N ARG C 161 52.21 -21.78 -56.85
CA ARG C 161 52.30 -22.10 -55.43
C ARG C 161 51.11 -21.47 -54.72
N ILE C 162 50.32 -22.30 -54.05
CA ILE C 162 49.14 -21.84 -53.31
C ILE C 162 49.39 -22.09 -51.82
N PRO C 163 49.62 -21.06 -51.02
CA PRO C 163 49.65 -21.24 -49.57
C PRO C 163 48.24 -21.42 -49.02
N VAL C 164 48.13 -22.25 -48.00
CA VAL C 164 46.84 -22.63 -47.45
C VAL C 164 46.85 -22.41 -45.94
N ASP C 165 45.67 -22.09 -45.40
CA ASP C 165 45.52 -22.00 -43.96
C ASP C 165 45.78 -23.36 -43.33
N SER C 166 46.71 -23.40 -42.38
CA SER C 166 47.18 -24.65 -41.80
C SER C 166 46.58 -24.80 -40.41
N ILE C 167 45.81 -25.88 -40.20
CA ILE C 167 45.37 -26.24 -38.87
C ILE C 167 46.42 -27.20 -38.34
N TYR C 168 47.27 -26.70 -37.44
CA TYR C 168 48.39 -27.51 -36.97
C TYR C 168 47.98 -28.43 -35.84
N SER C 169 47.16 -27.95 -34.92
CA SER C 169 46.87 -28.70 -33.72
C SER C 169 45.78 -29.74 -33.95
N PRO C 170 45.81 -30.84 -33.20
CA PRO C 170 44.79 -31.89 -33.38
C PRO C 170 43.38 -31.44 -33.04
N VAL C 171 43.23 -30.54 -32.07
CA VAL C 171 41.91 -30.16 -31.56
C VAL C 171 41.37 -29.01 -32.41
N LEU C 172 40.25 -29.26 -33.10
CA LEU C 172 39.68 -28.27 -34.00
C LEU C 172 38.65 -27.36 -33.34
N LYS C 173 38.13 -27.72 -32.16
CA LYS C 173 37.20 -26.85 -31.45
C LYS C 173 37.28 -27.15 -29.96
N VAL C 174 37.18 -26.10 -29.15
CA VAL C 174 37.15 -26.24 -27.69
C VAL C 174 36.39 -25.06 -27.10
N THR C 175 35.68 -25.33 -25.99
CA THR C 175 34.92 -24.30 -25.30
C THR C 175 34.77 -24.74 -23.85
N TYR C 176 34.49 -23.76 -22.97
CA TYR C 176 34.39 -24.02 -21.54
C TYR C 176 33.23 -23.22 -20.96
N LYS C 177 32.76 -23.69 -19.80
CA LYS C 177 31.71 -22.99 -19.06
C LYS C 177 31.98 -23.18 -17.57
N VAL C 178 31.16 -22.53 -16.74
CA VAL C 178 31.36 -22.52 -15.29
C VAL C 178 30.00 -22.67 -14.60
N GLU C 179 29.93 -23.61 -13.67
CA GLU C 179 28.73 -23.87 -12.87
C GLU C 179 29.13 -24.02 -11.41
N ALA C 180 28.14 -24.01 -10.53
CA ALA C 180 28.38 -23.90 -9.09
C ALA C 180 27.85 -25.11 -8.34
N THR C 181 28.68 -25.63 -7.42
CA THR C 181 28.27 -26.59 -6.40
C THR C 181 28.61 -25.93 -5.07
N ARG C 182 28.08 -26.38 -3.94
CA ARG C 182 27.45 -27.69 -3.75
C ARG C 182 26.32 -27.60 -2.72
N VAL C 183 25.94 -28.74 -2.16
CA VAL C 183 24.79 -28.92 -1.27
C VAL C 183 24.88 -28.05 -0.02
N GLU C 184 25.92 -27.21 0.06
CA GLU C 184 26.17 -26.28 1.17
C GLU C 184 27.16 -26.80 2.21
N GLN C 185 27.66 -28.03 2.05
CA GLN C 185 28.99 -28.31 2.56
C GLN C 185 30.00 -27.39 1.89
N ARG C 186 30.00 -27.38 0.55
CA ARG C 186 30.66 -26.36 -0.25
C ARG C 186 29.56 -25.61 -1.00
N THR C 187 29.41 -24.33 -0.68
CA THR C 187 28.33 -23.50 -1.23
C THR C 187 28.92 -22.56 -2.27
N ASP C 188 28.37 -22.60 -3.48
CA ASP C 188 28.77 -21.70 -4.56
C ASP C 188 30.22 -21.95 -4.99
N PHE C 189 30.68 -23.19 -4.90
CA PHE C 189 31.96 -23.56 -5.46
C PHE C 189 31.86 -23.71 -6.98
N ASP C 190 33.01 -23.57 -7.64
CA ASP C 190 33.05 -23.56 -9.09
C ASP C 190 33.26 -24.95 -9.67
N LYS C 191 32.53 -25.25 -10.74
CA LYS C 191 32.70 -26.45 -11.53
C LYS C 191 32.94 -26.07 -12.97
N LEU C 192 34.04 -26.57 -13.55
CA LEU C 192 34.49 -26.19 -14.88
C LEU C 192 34.16 -27.29 -15.88
N ILE C 193 33.44 -26.94 -16.94
CA ILE C 193 33.06 -27.89 -17.99
C ILE C 193 33.79 -27.48 -19.27
N ILE C 194 34.61 -28.38 -19.79
CA ILE C 194 35.45 -28.11 -20.96
C ILE C 194 35.06 -29.09 -22.06
N ASP C 195 34.82 -28.56 -23.26
CA ASP C 195 34.28 -29.33 -24.38
C ASP C 195 35.32 -29.39 -25.48
N VAL C 196 35.83 -30.59 -25.76
CA VAL C 196 36.96 -30.79 -26.65
C VAL C 196 36.54 -31.73 -27.78
N GLU C 197 36.60 -31.23 -29.02
CA GLU C 197 36.41 -32.03 -30.22
C GLU C 197 37.78 -32.20 -30.88
N THR C 198 38.20 -33.45 -31.08
CA THR C 198 39.57 -33.75 -31.46
C THR C 198 39.64 -34.40 -32.84
N LYS C 199 40.77 -34.16 -33.51
CA LYS C 199 41.12 -34.86 -34.73
C LYS C 199 41.61 -36.27 -34.40
N ASN C 200 41.53 -37.16 -35.39
CA ASN C 200 41.82 -38.57 -35.16
C ASN C 200 43.27 -38.84 -34.77
N SER C 201 44.15 -37.84 -34.85
CA SER C 201 45.55 -38.04 -34.48
C SER C 201 45.68 -38.51 -33.03
N ILE C 202 45.09 -37.75 -32.10
CA ILE C 202 45.11 -38.09 -30.68
C ILE C 202 43.68 -38.03 -30.15
N SER C 203 43.46 -38.74 -29.05
CA SER C 203 42.18 -38.75 -28.38
C SER C 203 42.06 -37.53 -27.47
N PRO C 204 40.84 -37.22 -27.02
CA PRO C 204 40.70 -36.10 -26.06
C PRO C 204 41.56 -36.28 -24.82
N ARG C 205 41.56 -37.48 -24.23
CA ARG C 205 42.36 -37.71 -23.02
C ARG C 205 43.83 -37.45 -23.28
N ASP C 206 44.31 -37.82 -24.48
CA ASP C 206 45.70 -37.53 -24.81
C ASP C 206 45.95 -36.03 -24.92
N ALA C 207 45.01 -35.29 -25.52
CA ALA C 207 45.18 -33.86 -25.67
C ALA C 207 45.05 -33.12 -24.33
N LEU C 208 44.26 -33.66 -23.41
CA LEU C 208 44.15 -33.06 -22.08
C LEU C 208 45.47 -33.17 -21.32
N ALA C 209 45.98 -34.40 -21.18
CA ALA C 209 47.25 -34.60 -20.49
C ALA C 209 48.37 -33.81 -21.15
N SER C 210 48.36 -33.73 -22.48
CA SER C 210 49.35 -32.91 -23.18
C SER C 210 49.26 -31.46 -22.72
N ALA C 211 48.04 -30.92 -22.65
CA ALA C 211 47.87 -29.57 -22.12
C ALA C 211 48.30 -29.51 -20.65
N GLY C 212 47.94 -30.53 -19.88
CA GLY C 212 48.35 -30.54 -18.48
C GLY C 212 49.85 -30.40 -18.30
N GLY C 213 50.62 -31.21 -19.05
CA GLY C 213 52.07 -31.14 -18.91
C GLY C 213 52.65 -29.85 -19.45
N THR C 214 52.20 -29.43 -20.64
CA THR C 214 52.74 -28.19 -21.21
C THR C 214 52.40 -26.98 -20.34
N LEU C 215 51.27 -27.03 -19.64
CA LEU C 215 50.92 -25.92 -18.74
C LEU C 215 51.64 -26.02 -17.41
N VAL C 216 51.71 -27.22 -16.82
CA VAL C 216 52.34 -27.40 -15.52
C VAL C 216 53.78 -26.90 -15.56
N GLU C 217 54.63 -27.55 -16.37
CA GLU C 217 56.00 -27.10 -16.51
C GLU C 217 56.08 -25.63 -16.89
N LEU C 218 55.10 -25.16 -17.67
CA LEU C 218 55.05 -23.74 -18.03
C LEU C 218 55.12 -22.86 -16.78
N PHE C 219 54.31 -23.16 -15.78
CA PHE C 219 54.30 -22.41 -14.54
C PHE C 219 55.49 -22.74 -13.65
N GLY C 220 56.29 -23.75 -13.99
CA GLY C 220 57.50 -24.01 -13.23
C GLY C 220 58.47 -22.85 -13.25
N LEU C 221 58.39 -22.00 -14.29
CA LEU C 221 59.23 -20.82 -14.35
C LEU C 221 59.04 -19.96 -13.10
N ALA C 222 57.80 -19.84 -12.63
CA ALA C 222 57.54 -19.05 -11.42
C ALA C 222 57.89 -19.82 -10.16
N ARG C 223 57.48 -21.09 -10.07
CA ARG C 223 57.72 -21.86 -8.86
C ARG C 223 59.21 -21.96 -8.55
N GLU C 224 60.03 -22.05 -9.59
CA GLU C 224 61.48 -22.15 -9.38
C GLU C 224 62.02 -20.95 -8.62
N LEU C 225 61.34 -19.81 -8.71
CA LEU C 225 61.83 -18.59 -8.05
C LEU C 225 62.01 -18.81 -6.55
N ASN C 226 61.05 -19.46 -5.90
CA ASN C 226 61.21 -19.79 -4.49
C ASN C 226 60.87 -21.25 -4.19
N ALA C 227 59.61 -21.61 -4.34
CA ALA C 227 59.01 -22.88 -3.92
C ALA C 227 58.58 -22.83 -2.46
N ASP C 228 58.80 -21.72 -1.75
CA ASP C 228 58.42 -21.63 -0.35
C ASP C 228 56.91 -21.75 -0.18
N SER C 229 56.15 -20.85 -0.80
CA SER C 229 54.70 -20.89 -0.67
C SER C 229 54.12 -21.96 -1.58
N GLU C 230 53.05 -22.61 -1.12
CA GLU C 230 52.58 -23.83 -1.76
C GLU C 230 51.07 -23.95 -1.56
N HIS C 231 50.53 -25.12 -1.91
CA HIS C 231 49.11 -25.39 -1.78
C HIS C 231 48.89 -26.90 -1.63
N ILE C 232 47.63 -27.29 -1.59
CA ILE C 232 47.20 -28.64 -1.25
C ILE C 232 47.31 -29.59 -2.44
N GLU C 233 47.44 -30.88 -2.12
CA GLU C 233 47.44 -31.93 -3.12
C GLU C 233 46.36 -32.97 -2.82
N ASN D 21 33.07 28.63 1.46
CA ASN D 21 33.48 30.01 1.28
C ASN D 21 32.76 30.92 2.26
N SER D 22 33.50 31.86 2.84
CA SER D 22 33.04 32.79 3.88
C SER D 22 32.77 32.09 5.21
N VAL D 23 32.88 30.76 5.26
CA VAL D 23 32.77 30.00 6.50
C VAL D 23 34.18 29.71 7.01
N PRO D 24 34.48 29.98 8.29
CA PRO D 24 35.89 29.99 8.71
C PRO D 24 36.69 28.75 8.36
N GLY D 25 36.17 27.56 8.64
CA GLY D 25 36.89 26.34 8.37
C GLY D 25 36.61 25.70 7.04
N ALA D 26 35.92 26.41 6.14
CA ALA D 26 35.41 25.81 4.92
C ALA D 26 36.54 25.08 4.19
N PRO D 27 36.33 23.82 3.82
CA PRO D 27 37.35 23.12 3.01
C PRO D 27 37.44 23.76 1.64
N ASN D 28 38.53 23.45 0.94
CA ASN D 28 38.79 24.09 -0.34
C ASN D 28 38.16 23.26 -1.44
N ARG D 29 37.07 23.77 -2.02
CA ARG D 29 36.34 23.12 -3.10
C ARG D 29 36.18 24.14 -4.20
N VAL D 30 36.86 23.91 -5.33
CA VAL D 30 36.92 24.91 -6.39
C VAL D 30 35.61 24.94 -7.15
N SER D 31 35.19 26.14 -7.54
CA SER D 31 33.90 26.34 -8.19
C SER D 31 34.10 26.82 -9.62
N PHE D 32 33.24 26.33 -10.52
CA PHE D 32 33.17 26.81 -11.89
C PHE D 32 32.20 27.97 -12.06
N ALA D 33 31.54 28.39 -10.99
CA ALA D 33 30.59 29.48 -11.06
C ALA D 33 31.23 30.70 -11.70
N LYS D 34 30.57 31.25 -12.71
CA LYS D 34 31.01 32.47 -13.36
C LYS D 34 30.38 33.72 -12.77
N LEU D 35 29.53 33.57 -11.76
CA LEU D 35 28.90 34.68 -11.08
C LEU D 35 29.42 34.77 -9.65
N ARG D 36 28.94 35.77 -8.91
CA ARG D 36 29.31 35.97 -7.52
C ARG D 36 28.04 36.05 -6.69
N GLU D 37 27.99 35.32 -5.59
CA GLU D 37 26.81 35.38 -4.75
C GLU D 37 26.72 36.78 -4.14
N PRO D 38 25.74 37.59 -4.53
CA PRO D 38 25.55 38.88 -3.85
C PRO D 38 24.98 38.73 -2.46
N LEU D 39 24.36 37.59 -2.16
CA LEU D 39 23.64 37.39 -0.91
C LEU D 39 23.95 35.99 -0.40
N GLU D 40 24.48 35.90 0.82
CA GLU D 40 24.62 34.60 1.44
C GLU D 40 23.27 33.93 1.58
N VAL D 41 23.27 32.60 1.47
CA VAL D 41 22.03 31.87 1.75
C VAL D 41 21.57 32.23 3.16
N PRO D 42 20.30 32.58 3.36
CA PRO D 42 19.84 32.89 4.71
C PRO D 42 19.90 31.65 5.59
N GLY D 43 19.84 31.86 6.89
CA GLY D 43 19.75 30.70 7.76
C GLY D 43 18.49 29.95 7.39
N LEU D 44 18.65 28.70 6.95
CA LEU D 44 17.55 27.99 6.31
C LEU D 44 16.73 27.16 7.29
N LEU D 45 17.05 27.22 8.58
CA LEU D 45 16.16 26.76 9.63
C LEU D 45 15.28 27.88 10.17
N ASP D 46 15.39 29.07 9.58
CA ASP D 46 14.77 30.26 10.16
C ASP D 46 13.25 30.15 10.20
N VAL D 47 12.64 29.60 9.16
CA VAL D 47 11.19 29.59 9.07
C VAL D 47 10.57 29.00 10.33
N GLN D 48 11.26 28.06 10.97
CA GLN D 48 10.73 27.46 12.19
C GLN D 48 10.97 28.34 13.41
N THR D 49 12.17 28.91 13.54
CA THR D 49 12.51 29.64 14.76
C THR D 49 11.79 30.98 14.83
N ASP D 50 11.65 31.67 13.70
CA ASP D 50 10.96 32.96 13.71
C ASP D 50 9.49 32.80 14.07
N SER D 51 8.82 31.82 13.47
CA SER D 51 7.42 31.58 13.78
C SER D 51 7.21 31.34 15.27
N PHE D 52 8.10 30.57 15.89
CA PHE D 52 7.95 30.26 17.31
C PHE D 52 8.32 31.44 18.18
N GLU D 53 9.42 32.13 17.86
CA GLU D 53 9.81 33.29 18.65
C GLU D 53 8.74 34.38 18.60
N TRP D 54 7.96 34.44 17.52
CA TRP D 54 6.83 35.36 17.49
C TRP D 54 5.75 34.92 18.49
N LEU D 55 5.44 33.61 18.49
CA LEU D 55 4.41 33.11 19.40
C LEU D 55 4.77 33.39 20.85
N VAL D 56 5.99 33.02 21.26
CA VAL D 56 6.43 33.29 22.62
C VAL D 56 6.89 34.73 22.79
N GLY D 57 7.20 35.42 21.70
CA GLY D 57 7.53 36.84 21.76
C GLY D 57 8.68 37.18 22.69
N SER D 58 9.76 36.41 22.61
CA SER D 58 10.94 36.74 23.40
C SER D 58 11.61 37.99 22.86
N ASP D 59 12.44 38.62 23.70
CA ASP D 59 13.06 39.88 23.31
C ASP D 59 13.77 39.78 21.97
N ARG D 60 14.23 38.59 21.59
CA ARG D 60 14.84 38.43 20.28
C ARG D 60 13.87 38.81 19.18
N TRP D 61 12.59 38.49 19.34
CA TRP D 61 11.57 38.95 18.41
C TRP D 61 11.18 40.40 18.68
N ARG D 62 11.25 40.84 19.94
CA ARG D 62 10.91 42.22 20.26
C ARG D 62 11.79 43.20 19.49
N GLN D 63 13.10 43.09 19.67
CA GLN D 63 14.03 43.96 18.96
C GLN D 63 13.76 43.95 17.46
N ALA D 64 13.49 42.77 16.90
CA ALA D 64 13.27 42.66 15.46
C ALA D 64 12.14 43.58 15.01
N ALA D 65 10.97 43.45 15.63
CA ALA D 65 9.81 44.25 15.24
C ALA D 65 9.85 45.68 15.76
N ILE D 66 10.72 45.98 16.73
CA ILE D 66 10.90 47.37 17.17
C ILE D 66 11.81 48.12 16.21
N ASP D 67 12.96 47.54 15.86
CA ASP D 67 13.94 48.22 15.04
C ASP D 67 13.43 48.47 13.62
N ARG D 68 12.36 47.80 13.23
CA ARG D 68 11.67 48.06 11.98
C ARG D 68 10.20 47.74 12.16
N GLY D 69 9.36 48.38 11.33
CA GLY D 69 7.94 48.09 11.35
C GLY D 69 7.18 48.71 12.51
N GLU D 70 6.04 48.11 12.81
CA GLU D 70 5.09 48.69 13.76
C GLU D 70 5.70 48.83 15.15
N GLU D 71 5.19 49.80 15.91
CA GLU D 71 5.76 50.16 17.20
C GLU D 71 5.11 49.47 18.39
N ASN D 72 4.01 48.73 18.20
CA ASN D 72 3.35 48.02 19.28
C ASN D 72 3.35 46.54 18.97
N PRO D 73 4.50 45.87 19.09
CA PRO D 73 4.55 44.43 18.84
C PRO D 73 3.72 43.67 19.87
N VAL D 74 2.89 42.75 19.38
CA VAL D 74 2.04 41.92 20.22
C VAL D 74 2.41 40.46 19.95
N GLY D 75 2.97 39.79 20.95
CA GLY D 75 3.28 38.39 20.79
C GLY D 75 2.03 37.56 20.54
N GLY D 76 2.23 36.41 19.89
CA GLY D 76 1.11 35.54 19.62
C GLY D 76 0.32 35.19 20.87
N LEU D 77 1.03 34.89 21.96
CA LEU D 77 0.35 34.56 23.21
C LEU D 77 -0.46 35.74 23.71
N GLU D 78 0.16 36.92 23.80
CA GLU D 78 -0.57 38.12 24.20
C GLU D 78 -1.71 38.41 23.22
N GLU D 79 -1.47 38.15 21.93
CA GLU D 79 -2.48 38.45 20.92
C GLU D 79 -3.76 37.66 21.16
N VAL D 80 -3.64 36.36 21.47
CA VAL D 80 -4.81 35.57 21.79
C VAL D 80 -5.35 35.89 23.19
N LEU D 81 -4.50 36.44 24.07
CA LEU D 81 -4.95 36.83 25.40
C LEU D 81 -5.73 38.14 25.36
N ALA D 82 -5.40 39.03 24.42
CA ALA D 82 -6.21 40.24 24.26
C ALA D 82 -7.64 39.89 23.88
N GLU D 83 -7.82 38.85 23.05
CA GLU D 83 -9.15 38.46 22.61
C GLU D 83 -10.01 38.02 23.79
N LEU D 84 -9.41 37.35 24.78
CA LEU D 84 -10.17 36.86 25.92
C LEU D 84 -10.56 38.00 26.86
N SER D 85 -9.60 38.85 27.21
CA SER D 85 -9.83 39.91 28.18
C SER D 85 -10.79 40.97 27.67
N PRO D 86 -11.82 41.30 28.47
CA PRO D 86 -12.14 40.57 29.69
C PRO D 86 -13.21 39.50 29.46
N ILE D 87 -13.56 38.76 30.52
CA ILE D 87 -14.68 37.83 30.49
C ILE D 87 -15.82 38.47 31.27
N GLU D 88 -16.95 38.67 30.59
CA GLU D 88 -18.09 39.37 31.17
C GLU D 88 -19.36 38.64 30.79
N ASP D 89 -20.18 38.31 31.80
CA ASP D 89 -21.46 37.68 31.53
C ASP D 89 -22.42 38.71 30.95
N PHE D 90 -23.64 38.25 30.63
CA PHE D 90 -24.64 39.17 30.09
C PHE D 90 -24.89 40.33 31.04
N SER D 91 -24.74 40.11 32.35
CA SER D 91 -25.00 41.16 33.33
C SER D 91 -23.91 42.23 33.33
N GLY D 92 -22.68 41.87 33.00
CA GLY D 92 -21.56 42.79 33.10
C GLY D 92 -21.28 43.12 34.55
N SER D 93 -21.84 42.31 35.45
CA SER D 93 -21.64 42.56 36.87
C SER D 93 -20.26 42.10 37.32
N MET D 94 -19.72 41.07 36.70
CA MET D 94 -18.36 40.60 36.98
C MET D 94 -17.55 40.54 35.70
N SER D 95 -16.25 40.78 35.83
CA SER D 95 -15.33 40.76 34.70
C SER D 95 -14.06 40.03 35.12
N LEU D 96 -13.73 38.97 34.39
CA LEU D 96 -12.48 38.24 34.59
C LEU D 96 -11.51 38.64 33.49
N SER D 97 -10.40 39.27 33.88
CA SER D 97 -9.43 39.80 32.93
C SER D 97 -8.13 39.03 33.00
N PHE D 98 -7.50 38.86 31.84
CA PHE D 98 -6.22 38.16 31.70
C PHE D 98 -5.16 39.14 31.22
N SER D 99 -3.90 38.82 31.51
CA SER D 99 -2.78 39.65 31.03
C SER D 99 -1.46 39.07 31.51
N ASP D 100 -0.38 39.59 30.92
CA ASP D 100 1.01 39.36 31.30
C ASP D 100 1.38 37.88 31.38
N PRO D 101 1.55 37.21 30.24
CA PRO D 101 2.02 35.82 30.26
C PRO D 101 3.50 35.74 30.63
N ARG D 102 3.87 34.65 31.30
CA ARG D 102 5.22 34.47 31.82
C ARG D 102 5.63 33.01 31.72
N PHE D 103 6.89 32.78 31.35
CA PHE D 103 7.46 31.44 31.26
C PHE D 103 8.59 31.29 32.27
N ASP D 104 8.67 30.12 32.89
CA ASP D 104 9.81 29.80 33.73
C ASP D 104 10.89 29.12 32.90
N GLU D 105 12.04 28.85 33.51
CA GLU D 105 13.09 28.12 32.83
C GLU D 105 12.61 26.70 32.52
N VAL D 106 13.13 26.16 31.41
CA VAL D 106 12.67 24.86 30.95
C VAL D 106 12.85 23.82 32.05
N LYS D 107 11.83 22.96 32.21
CA LYS D 107 11.84 21.92 33.22
C LYS D 107 13.13 21.10 33.16
N ALA D 108 13.30 20.32 32.09
CA ALA D 108 14.47 19.49 31.91
C ALA D 108 15.08 19.75 30.54
N SER D 109 16.33 19.33 30.38
CA SER D 109 17.04 19.56 29.13
C SER D 109 16.54 18.59 28.05
N VAL D 110 16.79 18.98 26.80
CA VAL D 110 16.37 18.15 25.66
C VAL D 110 16.87 16.72 25.82
N ASP D 111 18.16 16.57 26.12
CA ASP D 111 18.72 15.24 26.29
C ASP D 111 17.99 14.48 27.40
N GLU D 112 17.66 15.16 28.49
CA GLU D 112 16.97 14.51 29.59
C GLU D 112 15.57 14.06 29.20
N CYS D 113 14.88 14.87 28.37
CA CYS D 113 13.51 14.54 27.99
C CYS D 113 13.49 13.33 27.05
N LYS D 114 14.35 13.32 26.03
CA LYS D 114 14.39 12.18 25.12
C LYS D 114 14.68 10.88 25.87
N ASP D 115 15.46 10.95 26.94
CA ASP D 115 15.75 9.76 27.73
C ASP D 115 14.55 9.34 28.57
N LYS D 116 13.92 10.30 29.26
CA LYS D 116 12.88 10.00 30.23
C LYS D 116 11.48 10.02 29.63
N ASP D 117 11.34 10.18 28.32
CA ASP D 117 10.05 10.09 27.64
C ASP D 117 9.11 11.21 28.08
N MET D 118 9.64 12.37 28.40
CA MET D 118 8.85 13.55 28.70
C MET D 118 8.91 14.52 27.52
N THR D 119 8.19 15.63 27.67
CA THR D 119 8.09 16.65 26.63
C THR D 119 8.79 17.92 27.09
N TYR D 120 9.56 18.52 26.19
CA TYR D 120 10.41 19.67 26.52
C TYR D 120 9.50 20.89 26.61
N ALA D 121 9.38 21.46 27.81
CA ALA D 121 8.31 22.42 28.07
C ALA D 121 8.72 23.38 29.18
N ALA D 122 8.28 24.63 29.03
CA ALA D 122 8.34 25.68 30.03
C ALA D 122 6.96 25.89 30.65
N PRO D 123 6.85 25.92 31.97
CA PRO D 123 5.55 26.26 32.59
C PRO D 123 5.19 27.71 32.31
N LEU D 124 3.90 27.94 32.01
CA LEU D 124 3.39 29.26 31.67
C LEU D 124 2.56 29.80 32.82
N PHE D 125 2.70 31.10 33.07
CA PHE D 125 2.00 31.76 34.17
C PHE D 125 1.30 33.02 33.67
N VAL D 126 0.13 33.30 34.27
CA VAL D 126 -0.74 34.38 33.84
C VAL D 126 -1.28 35.11 35.06
N THR D 127 -1.61 36.39 34.87
CA THR D 127 -2.23 37.20 35.90
C THR D 127 -3.71 37.34 35.60
N ALA D 128 -4.55 36.78 36.47
CA ALA D 128 -6.00 36.75 36.28
C ALA D 128 -6.66 37.70 37.27
N GLU D 129 -7.37 38.70 36.75
CA GLU D 129 -8.01 39.72 37.56
C GLU D 129 -9.52 39.57 37.45
N PHE D 130 -10.17 39.30 38.58
CA PHE D 130 -11.61 39.15 38.66
C PHE D 130 -12.21 40.35 39.40
N ILE D 131 -13.21 40.98 38.79
CA ILE D 131 -13.79 42.21 39.33
C ILE D 131 -15.29 42.04 39.48
N ASN D 132 -15.82 42.49 40.62
CA ASN D 132 -17.25 42.46 40.91
C ASN D 132 -17.77 43.89 40.78
N ASN D 133 -18.60 44.13 39.75
CA ASN D 133 -19.07 45.49 39.52
C ASN D 133 -20.03 45.96 40.61
N ASN D 134 -20.72 45.05 41.27
CA ASN D 134 -21.60 45.44 42.36
C ASN D 134 -20.80 45.88 43.59
N THR D 135 -19.83 45.05 44.01
CA THR D 135 -19.04 45.34 45.19
C THR D 135 -17.76 46.12 44.89
N GLY D 136 -17.41 46.28 43.62
CA GLY D 136 -16.22 47.03 43.25
C GLY D 136 -14.92 46.45 43.79
N GLU D 137 -14.97 45.22 44.27
CA GLU D 137 -13.77 44.55 44.76
C GLU D 137 -12.95 43.98 43.62
N ILE D 138 -11.64 43.84 43.87
CA ILE D 138 -10.72 43.26 42.92
C ILE D 138 -10.05 42.05 43.55
N LYS D 139 -9.88 40.98 42.77
CA LYS D 139 -9.12 39.82 43.20
C LYS D 139 -8.09 39.49 42.12
N SER D 140 -6.82 39.69 42.45
CA SER D 140 -5.73 39.39 41.54
C SER D 140 -5.05 38.11 41.98
N GLN D 141 -4.88 37.19 41.04
CA GLN D 141 -4.35 35.87 41.34
C GLN D 141 -3.44 35.42 40.21
N THR D 142 -2.28 34.88 40.56
CA THR D 142 -1.40 34.28 39.56
C THR D 142 -1.89 32.86 39.24
N VAL D 143 -1.91 32.54 37.96
CA VAL D 143 -2.51 31.29 37.48
C VAL D 143 -1.49 30.51 36.68
N PHE D 144 -1.54 29.19 36.83
CA PHE D 144 -0.66 28.26 36.12
C PHE D 144 -1.45 27.65 34.97
N MET D 145 -1.08 27.98 33.74
CA MET D 145 -1.79 27.46 32.58
C MET D 145 -1.37 26.03 32.25
N GLY D 146 -0.08 25.74 32.32
CA GLY D 146 0.41 24.40 32.05
C GLY D 146 1.81 24.46 31.49
N ASP D 147 2.36 23.28 31.26
CA ASP D 147 3.68 23.16 30.65
C ASP D 147 3.55 23.37 29.14
N PHE D 148 4.21 24.39 28.63
CA PHE D 148 4.03 24.81 27.24
C PHE D 148 5.22 24.33 26.42
N PRO D 149 5.05 23.33 25.55
CA PRO D 149 6.20 22.74 24.86
C PRO D 149 7.01 23.80 24.12
N MET D 150 8.32 23.79 24.33
CA MET D 150 9.22 24.75 23.70
C MET D 150 9.88 24.14 22.47
N MET D 151 10.60 24.99 21.74
CA MET D 151 11.24 24.60 20.49
C MET D 151 12.75 24.58 20.68
N THR D 152 13.38 23.50 20.25
CA THR D 152 14.82 23.35 20.35
C THR D 152 15.53 24.32 19.40
N GLU D 153 16.83 24.51 19.64
CA GLU D 153 17.65 25.26 18.70
C GLU D 153 17.49 24.74 17.28
N LYS D 154 17.25 23.45 17.12
CA LYS D 154 17.19 22.80 15.81
C LYS D 154 15.83 22.95 15.14
N GLY D 155 14.90 23.67 15.77
CA GLY D 155 13.58 23.89 15.22
C GLY D 155 12.58 22.78 15.46
N THR D 156 12.83 21.88 16.40
CA THR D 156 11.96 20.75 16.66
C THR D 156 11.34 20.86 18.05
N PHE D 157 10.48 19.89 18.35
CA PHE D 157 9.90 19.73 19.67
C PHE D 157 10.18 18.31 20.15
N ILE D 158 10.29 18.14 21.46
CA ILE D 158 10.34 16.83 22.08
C ILE D 158 8.99 16.60 22.74
N ILE D 159 8.21 15.70 22.18
CA ILE D 159 6.87 15.39 22.66
C ILE D 159 6.89 13.96 23.18
N ASN D 160 6.77 13.81 24.51
CA ASN D 160 6.82 12.50 25.14
C ASN D 160 8.10 11.74 24.78
N GLY D 161 9.19 12.48 24.58
CA GLY D 161 10.50 11.90 24.36
C GLY D 161 10.92 11.78 22.91
N THR D 162 9.98 11.89 21.97
CA THR D 162 10.28 11.75 20.56
C THR D 162 10.38 13.12 19.90
N GLU D 163 11.41 13.29 19.06
CA GLU D 163 11.63 14.55 18.38
C GLU D 163 10.66 14.68 17.21
N ARG D 164 9.91 15.78 17.19
CA ARG D 164 8.83 15.98 16.23
C ARG D 164 8.98 17.33 15.55
N VAL D 165 8.37 17.45 14.38
CA VAL D 165 8.43 18.65 13.56
C VAL D 165 7.01 19.10 13.23
N VAL D 166 6.79 20.40 13.28
CA VAL D 166 5.51 21.00 12.89
C VAL D 166 5.70 21.61 11.51
N VAL D 167 5.08 20.99 10.51
CA VAL D 167 5.17 21.47 9.13
C VAL D 167 4.21 22.63 8.94
N SER D 168 4.60 23.58 8.09
CA SER D 168 3.78 24.75 7.81
C SER D 168 2.76 24.42 6.73
N GLN D 169 1.54 24.91 6.92
CA GLN D 169 0.41 24.55 6.07
C GLN D 169 0.09 25.66 5.08
N LEU D 170 -0.33 25.27 3.88
CA LEU D 170 -0.77 26.19 2.85
C LEU D 170 -2.29 26.33 2.90
N VAL D 171 -2.78 27.56 2.88
CA VAL D 171 -4.20 27.85 3.07
C VAL D 171 -4.60 29.01 2.17
N ARG D 172 -5.90 29.20 2.01
CA ARG D 172 -6.44 30.33 1.27
C ARG D 172 -6.60 31.51 2.20
N SER D 173 -5.90 32.61 1.91
CA SER D 173 -5.94 33.77 2.79
C SER D 173 -7.34 34.37 2.80
N PRO D 174 -7.81 34.88 3.94
CA PRO D 174 -9.12 35.52 3.98
C PRO D 174 -9.19 36.72 3.04
N GLY D 175 -10.26 36.78 2.26
CA GLY D 175 -10.42 37.87 1.32
C GLY D 175 -11.58 37.58 0.39
N VAL D 176 -11.81 38.53 -0.51
CA VAL D 176 -12.88 38.45 -1.50
C VAL D 176 -12.26 38.07 -2.83
N TYR D 177 -12.58 36.87 -3.33
CA TYR D 177 -12.01 36.35 -4.56
C TYR D 177 -13.12 36.06 -5.56
N PHE D 178 -12.96 36.55 -6.78
CA PHE D 178 -13.97 36.41 -7.83
C PHE D 178 -13.49 35.40 -8.87
N ASP D 179 -14.44 34.62 -9.40
CA ASP D 179 -14.15 33.60 -10.40
C ASP D 179 -15.18 33.68 -11.51
N GLU D 180 -14.72 33.59 -12.76
CA GLU D 180 -15.59 33.64 -13.94
C GLU D 180 -15.65 32.25 -14.56
N THR D 181 -16.82 31.61 -14.48
CA THR D 181 -17.05 30.30 -15.07
C THR D 181 -18.13 30.42 -16.13
N ILE D 182 -17.84 29.95 -17.34
CA ILE D 182 -18.80 30.03 -18.42
C ILE D 182 -19.98 29.10 -18.15
N ASP D 183 -21.18 29.57 -18.50
CA ASP D 183 -22.39 28.82 -18.19
C ASP D 183 -22.35 27.45 -18.83
N LYS D 184 -22.64 26.41 -18.04
CA LYS D 184 -22.70 25.06 -18.57
C LYS D 184 -23.75 24.90 -19.65
N SER D 185 -24.77 25.76 -19.65
CA SER D 185 -25.86 25.67 -20.63
C SER D 185 -25.83 26.86 -21.58
N THR D 186 -26.22 28.05 -21.12
CA THR D 186 -26.34 29.19 -22.01
C THR D 186 -25.00 29.63 -22.59
N GLU D 187 -23.89 29.20 -22.01
CA GLU D 187 -22.55 29.62 -22.40
C GLU D 187 -22.28 31.08 -22.00
N LYS D 188 -23.26 31.78 -21.45
CA LYS D 188 -23.08 33.18 -21.06
C LYS D 188 -22.19 33.28 -19.83
N THR D 189 -21.61 34.47 -19.65
CA THR D 189 -20.67 34.71 -18.56
C THR D 189 -21.40 34.85 -17.23
N LEU D 190 -20.71 34.43 -16.15
CA LEU D 190 -21.29 34.50 -14.82
C LEU D 190 -20.20 34.69 -13.77
N HIS D 191 -20.50 35.52 -12.77
CA HIS D 191 -19.74 35.61 -11.51
C HIS D 191 -20.78 35.78 -10.41
N SER D 192 -20.85 34.90 -9.39
CA SER D 192 -19.80 34.02 -8.88
C SER D 192 -18.63 34.73 -8.17
N VAL D 193 -18.91 35.25 -6.98
CA VAL D 193 -17.91 35.75 -6.05
C VAL D 193 -18.05 35.02 -4.72
N LYS D 194 -16.96 34.97 -3.96
CA LYS D 194 -16.93 34.32 -2.66
C LYS D 194 -16.11 35.15 -1.68
N VAL D 195 -16.49 35.07 -0.41
CA VAL D 195 -15.80 35.77 0.68
C VAL D 195 -15.55 34.78 1.80
N ILE D 196 -14.28 34.51 2.09
CA ILE D 196 -13.88 33.50 3.06
C ILE D 196 -13.25 34.22 4.25
N PRO D 197 -13.85 34.12 5.45
CA PRO D 197 -13.28 34.80 6.62
C PRO D 197 -12.34 33.94 7.44
N GLY D 198 -11.87 34.46 8.56
CA GLY D 198 -11.18 33.62 9.53
C GLY D 198 -12.11 32.57 10.12
N ARG D 199 -13.28 33.00 10.57
CA ARG D 199 -14.30 32.09 11.08
C ARG D 199 -15.67 32.69 10.84
N GLY D 200 -16.67 31.81 10.82
CA GLY D 200 -18.05 32.21 10.56
C GLY D 200 -18.53 31.75 9.19
N ALA D 201 -19.85 31.83 9.02
CA ALA D 201 -20.47 31.40 7.78
C ALA D 201 -19.93 32.21 6.60
N TRP D 202 -19.88 31.57 5.44
CA TRP D 202 -19.38 32.18 4.22
C TRP D 202 -20.52 32.46 3.25
N LEU D 203 -20.36 33.52 2.46
CA LEU D 203 -21.38 33.96 1.52
C LEU D 203 -20.84 33.92 0.09
N GLU D 204 -21.75 33.72 -0.86
CA GLU D 204 -21.42 33.64 -2.26
C GLU D 204 -22.53 34.30 -3.07
N PHE D 205 -22.14 35.08 -4.08
CA PHE D 205 -23.11 35.79 -4.91
C PHE D 205 -23.22 35.15 -6.29
N VAL D 215 -28.20 36.52 -2.79
CA VAL D 215 -27.05 36.17 -1.95
C VAL D 215 -27.16 34.74 -1.44
N ARG D 216 -26.42 33.82 -2.07
CA ARG D 216 -26.38 32.46 -1.56
C ARG D 216 -25.53 32.43 -0.29
N ILE D 217 -26.14 32.02 0.82
CA ILE D 217 -25.53 32.15 2.13
C ILE D 217 -25.75 30.86 2.91
N ASP D 218 -24.75 30.46 3.69
CA ASP D 218 -24.85 29.26 4.53
C ASP D 218 -25.36 28.07 3.72
N ARG D 219 -24.92 28.00 2.45
CA ARG D 219 -25.31 26.91 1.56
C ARG D 219 -26.82 26.86 1.35
N LYS D 220 -27.45 28.04 1.27
CA LYS D 220 -28.88 28.16 1.00
C LYS D 220 -29.04 28.85 -0.34
N ARG D 221 -29.53 28.12 -1.34
CA ARG D 221 -29.72 28.65 -2.68
C ARG D 221 -31.03 29.44 -2.74
N ARG D 222 -31.40 29.91 -3.93
CA ARG D 222 -32.65 30.63 -4.15
C ARG D 222 -32.69 31.98 -3.44
N GLN D 223 -31.54 32.63 -3.28
CA GLN D 223 -31.46 33.90 -2.56
C GLN D 223 -31.04 35.02 -3.49
N PRO D 224 -31.91 36.00 -3.78
CA PRO D 224 -31.48 37.16 -4.57
C PRO D 224 -30.58 38.08 -3.75
N VAL D 225 -29.57 38.62 -4.41
CA VAL D 225 -28.64 39.53 -3.72
C VAL D 225 -29.32 40.83 -3.32
N THR D 226 -30.47 41.15 -3.92
CA THR D 226 -31.15 42.40 -3.61
C THR D 226 -31.95 42.30 -2.31
N VAL D 227 -32.51 41.14 -2.00
CA VAL D 227 -33.38 41.02 -0.83
C VAL D 227 -32.64 41.36 0.45
N LEU D 228 -31.33 41.09 0.51
CA LEU D 228 -30.56 41.39 1.70
C LEU D 228 -30.14 42.86 1.75
N LEU D 229 -29.77 43.44 0.61
CA LEU D 229 -29.42 44.85 0.58
C LEU D 229 -30.50 45.70 1.24
N LYS D 230 -31.77 45.30 1.11
CA LYS D 230 -32.85 45.95 1.82
C LYS D 230 -32.94 45.50 3.27
N ALA D 231 -32.40 44.32 3.60
CA ALA D 231 -32.49 43.83 4.97
C ALA D 231 -31.72 44.72 5.95
N LEU D 232 -30.72 45.45 5.46
CA LEU D 232 -30.00 46.38 6.31
C LEU D 232 -30.84 47.61 6.66
N GLY D 233 -31.92 47.87 5.92
CA GLY D 233 -32.72 49.06 6.08
C GLY D 233 -32.57 50.09 4.99
N TRP D 234 -31.78 49.82 3.96
CA TRP D 234 -31.66 50.75 2.83
C TRP D 234 -32.91 50.66 1.94
N THR D 235 -33.52 51.80 1.68
CA THR D 235 -34.70 51.89 0.84
C THR D 235 -34.33 51.73 -0.63
N ASN D 236 -35.34 51.41 -1.46
CA ASN D 236 -35.07 51.03 -2.85
C ASN D 236 -34.43 52.17 -3.63
N GLU D 237 -34.86 53.42 -3.40
CA GLU D 237 -34.26 54.54 -4.12
C GLU D 237 -32.74 54.52 -3.96
N GLN D 238 -32.26 54.16 -2.77
CA GLN D 238 -30.83 53.98 -2.58
C GLN D 238 -30.28 52.92 -3.53
N ILE D 239 -31.04 51.84 -3.73
CA ILE D 239 -30.63 50.85 -4.73
C ILE D 239 -30.53 51.50 -6.11
N VAL D 240 -31.59 52.19 -6.53
CA VAL D 240 -31.55 52.91 -7.80
C VAL D 240 -30.46 53.98 -7.77
N GLU D 241 -30.14 54.53 -6.60
CA GLU D 241 -29.09 55.52 -6.49
C GLU D 241 -27.70 54.86 -6.55
N ARG D 242 -27.50 53.80 -5.77
CA ARG D 242 -26.19 53.15 -5.72
C ARG D 242 -25.97 52.21 -6.90
N PHE D 243 -27.00 51.44 -7.28
CA PHE D 243 -26.87 50.52 -8.40
C PHE D 243 -26.44 51.28 -9.66
N GLY D 244 -27.21 52.28 -10.05
CA GLY D 244 -26.80 53.14 -11.15
C GLY D 244 -26.64 52.34 -12.43
N PHE D 245 -25.43 52.38 -12.99
CA PHE D 245 -25.15 51.78 -14.29
C PHE D 245 -25.45 50.29 -14.36
N SER D 246 -25.70 49.63 -13.22
CA SER D 246 -25.95 48.20 -13.23
C SER D 246 -27.39 47.94 -13.67
N GLU D 247 -27.54 47.22 -14.79
CA GLU D 247 -28.87 46.92 -15.31
C GLU D 247 -29.52 45.77 -14.54
N ILE D 248 -28.78 44.67 -14.35
CA ILE D 248 -29.30 43.56 -13.58
C ILE D 248 -29.46 43.92 -12.11
N MET D 249 -28.80 45.01 -11.67
CA MET D 249 -29.03 45.49 -10.31
C MET D 249 -30.44 46.02 -10.15
N MET D 250 -30.97 46.69 -11.18
CA MET D 250 -32.35 47.18 -11.14
C MET D 250 -33.34 46.07 -11.44
N GLY D 251 -33.03 45.20 -12.41
CA GLY D 251 -33.94 44.12 -12.76
C GLY D 251 -34.10 43.10 -11.66
N THR D 252 -33.09 42.95 -10.80
CA THR D 252 -33.22 42.03 -9.68
C THR D 252 -34.15 42.57 -8.61
N LEU D 253 -34.04 43.87 -8.31
CA LEU D 253 -35.02 44.50 -7.42
C LEU D 253 -36.37 44.64 -8.10
N GLU D 254 -36.39 44.80 -9.42
CA GLU D 254 -37.65 44.88 -10.15
C GLU D 254 -38.36 43.55 -10.16
N LYS D 255 -37.61 42.44 -10.25
CA LYS D 255 -38.20 41.11 -10.20
C LYS D 255 -38.52 40.68 -8.77
N ASP D 256 -37.70 41.07 -7.81
CA ASP D 256 -37.90 40.66 -6.42
C ASP D 256 -39.21 41.21 -5.88
N THR D 257 -39.97 40.34 -5.21
CA THR D 257 -41.29 40.69 -4.70
C THR D 257 -41.28 41.15 -3.25
N THR D 258 -40.12 41.22 -2.61
CA THR D 258 -40.04 41.60 -1.21
C THR D 258 -40.37 43.08 -1.05
N SER D 259 -41.37 43.39 -0.23
CA SER D 259 -41.80 44.76 0.03
C SER D 259 -41.52 45.09 1.50
N GLY D 260 -40.57 45.97 1.72
CA GLY D 260 -40.20 46.35 3.07
C GLY D 260 -38.90 45.71 3.52
N THR D 261 -38.20 46.39 4.43
CA THR D 261 -36.92 45.89 4.92
C THR D 261 -37.10 44.76 5.92
N ASP D 262 -38.15 44.83 6.74
CA ASP D 262 -38.39 43.79 7.74
C ASP D 262 -38.95 42.52 7.10
N GLU D 263 -39.72 42.65 6.01
CA GLU D 263 -40.23 41.47 5.33
C GLU D 263 -39.13 40.70 4.62
N ALA D 264 -38.10 41.39 4.15
CA ALA D 264 -36.97 40.70 3.53
C ALA D 264 -36.16 39.94 4.57
N LEU D 265 -35.98 40.53 5.75
CA LEU D 265 -35.33 39.81 6.84
C LEU D 265 -36.08 38.53 7.19
N LEU D 266 -37.39 38.51 6.96
CA LEU D 266 -38.20 37.32 7.24
C LEU D 266 -38.00 36.25 6.17
N ASP D 267 -37.89 36.66 4.90
CA ASP D 267 -37.55 35.69 3.86
C ASP D 267 -36.13 35.17 4.04
N ILE D 268 -35.26 35.97 4.68
CA ILE D 268 -33.93 35.50 5.02
C ILE D 268 -33.95 34.65 6.29
N TYR D 269 -34.91 34.91 7.19
CA TYR D 269 -34.92 34.22 8.48
C TYR D 269 -35.37 32.77 8.34
N ARG D 270 -36.38 32.51 7.50
CA ARG D 270 -36.88 31.15 7.36
C ARG D 270 -35.96 30.28 6.51
N LYS D 271 -35.18 30.87 5.61
CA LYS D 271 -34.21 30.10 4.85
C LYS D 271 -32.97 29.79 5.69
N LEU D 272 -32.58 30.71 6.57
CA LEU D 272 -31.40 30.50 7.40
C LEU D 272 -31.70 29.65 8.62
N ARG D 273 -32.84 29.88 9.27
CA ARG D 273 -33.24 29.17 10.49
C ARG D 273 -34.60 28.50 10.28
N PRO D 274 -34.68 27.52 9.39
CA PRO D 274 -35.95 26.81 9.18
C PRO D 274 -36.34 26.01 10.42
N GLY D 275 -37.63 26.07 10.75
CA GLY D 275 -38.17 25.35 11.89
C GLY D 275 -38.47 26.21 13.10
N GLU D 276 -37.97 27.43 13.15
CA GLU D 276 -38.14 28.31 14.30
C GLU D 276 -38.97 29.52 13.91
N PRO D 277 -40.15 29.72 14.50
CA PRO D 277 -40.89 30.96 14.25
C PRO D 277 -40.15 32.16 14.82
N PRO D 278 -39.97 33.21 14.05
CA PRO D 278 -39.08 34.29 14.44
C PRO D 278 -39.76 35.32 15.34
N THR D 279 -38.96 36.29 15.76
CA THR D 279 -39.41 37.44 16.54
C THR D 279 -38.68 38.67 16.02
N LYS D 280 -39.35 39.82 16.07
CA LYS D 280 -38.73 41.05 15.60
C LYS D 280 -37.40 41.30 16.30
N GLU D 281 -37.26 40.84 17.54
CA GLU D 281 -35.98 40.92 18.23
C GLU D 281 -34.98 39.95 17.61
N SER D 282 -35.43 38.75 17.25
CA SER D 282 -34.55 37.76 16.65
C SER D 282 -34.34 38.00 15.15
N ALA D 283 -35.33 38.56 14.46
CA ALA D 283 -35.19 38.80 13.03
C ALA D 283 -34.09 39.83 12.74
N GLN D 284 -34.01 40.87 13.56
CA GLN D 284 -33.02 41.92 13.33
C GLN D 284 -31.63 41.50 13.79
N THR D 285 -31.52 40.94 14.99
CA THR D 285 -30.21 40.58 15.52
C THR D 285 -29.56 39.45 14.74
N LEU D 286 -30.35 38.65 14.01
CA LEU D 286 -29.79 37.55 13.25
C LEU D 286 -28.71 38.03 12.28
N LEU D 287 -29.04 39.00 11.43
CA LEU D 287 -28.05 39.51 10.49
C LEU D 287 -26.93 40.26 11.20
N GLU D 288 -27.28 41.07 12.20
CA GLU D 288 -26.24 41.82 12.92
C GLU D 288 -25.26 40.88 13.61
N ASN D 289 -25.77 39.84 14.26
CA ASN D 289 -24.89 38.93 15.00
C ASN D 289 -24.07 38.05 14.09
N LEU D 290 -24.56 37.75 12.89
CA LEU D 290 -23.89 36.77 12.03
C LEU D 290 -22.53 37.27 11.57
N PHE D 291 -22.46 38.53 11.12
CA PHE D 291 -21.24 39.06 10.51
C PHE D 291 -20.70 40.26 11.28
N PHE D 292 -21.45 41.35 11.36
CA PHE D 292 -20.94 42.58 11.99
C PHE D 292 -20.40 42.32 13.39
N LYS D 293 -21.17 41.58 14.21
CA LYS D 293 -20.73 41.28 15.56
C LYS D 293 -19.38 40.57 15.54
N GLU D 294 -18.46 41.00 16.39
CA GLU D 294 -17.10 40.48 16.36
C GLU D 294 -17.02 39.07 16.91
N LYS D 295 -17.85 38.72 17.88
CA LYS D 295 -17.76 37.40 18.50
C LYS D 295 -18.05 36.29 17.49
N ARG D 296 -19.16 36.40 16.76
CA ARG D 296 -19.57 35.32 15.87
C ARG D 296 -18.77 35.33 14.57
N TYR D 297 -18.50 36.51 14.01
CA TYR D 297 -17.72 36.64 12.78
C TYR D 297 -16.34 37.16 13.14
N ASP D 298 -15.30 36.46 12.69
CA ASP D 298 -13.93 36.76 13.06
C ASP D 298 -13.25 37.52 11.91
N LEU D 299 -12.97 38.79 12.14
CA LEU D 299 -12.13 39.53 11.21
C LEU D 299 -10.70 38.99 11.33
N ALA D 300 -10.09 38.68 10.19
CA ALA D 300 -8.71 38.22 10.16
C ALA D 300 -7.79 39.39 9.82
N ARG D 301 -6.63 39.43 10.46
CA ARG D 301 -5.62 40.41 10.07
C ARG D 301 -5.26 40.23 8.60
N VAL D 302 -5.22 38.98 8.13
CA VAL D 302 -5.01 38.72 6.72
C VAL D 302 -6.21 39.22 5.90
N GLY D 303 -7.41 38.79 6.28
CA GLY D 303 -8.61 39.24 5.59
C GLY D 303 -8.82 40.74 5.72
N ARG D 304 -8.62 41.28 6.92
CA ARG D 304 -8.74 42.72 7.10
C ARG D 304 -7.81 43.47 6.17
N TYR D 305 -6.59 42.96 5.97
CA TYR D 305 -5.63 43.64 5.11
C TYR D 305 -5.90 43.37 3.64
N LYS D 306 -6.32 42.15 3.29
CA LYS D 306 -6.58 41.82 1.89
C LYS D 306 -7.60 42.77 1.28
N VAL D 307 -8.83 42.76 1.80
CA VAL D 307 -9.91 43.49 1.16
C VAL D 307 -9.82 44.99 1.41
N ASN D 308 -9.34 45.41 2.59
CA ASN D 308 -9.19 46.85 2.86
C ASN D 308 -8.44 47.54 1.73
N LYS D 309 -7.36 46.92 1.25
CA LYS D 309 -6.63 47.46 0.11
C LYS D 309 -7.31 47.11 -1.21
N LYS D 310 -7.80 45.88 -1.35
CA LYS D 310 -8.43 45.46 -2.60
C LYS D 310 -9.73 46.19 -2.86
N LEU D 311 -10.39 46.71 -1.82
CA LEU D 311 -11.65 47.44 -2.00
C LEU D 311 -11.55 48.84 -1.41
N THR D 323 -14.33 44.35 12.22
CA THR D 323 -14.90 43.19 11.54
C THR D 323 -15.49 43.60 10.20
N LEU D 324 -16.49 42.84 9.73
CA LEU D 324 -17.15 43.17 8.48
C LEU D 324 -18.03 44.40 8.67
N THR D 325 -17.91 45.36 7.74
CA THR D 325 -18.66 46.60 7.80
C THR D 325 -19.70 46.63 6.69
N GLU D 326 -20.83 47.28 6.97
CA GLU D 326 -21.85 47.48 5.93
C GLU D 326 -21.24 48.13 4.70
N GLU D 327 -20.30 49.07 4.92
CA GLU D 327 -19.55 49.64 3.80
C GLU D 327 -18.88 48.56 2.98
N ASP D 328 -18.42 47.49 3.63
CA ASP D 328 -17.68 46.44 2.93
C ASP D 328 -18.62 45.54 2.12
N VAL D 329 -19.81 45.26 2.63
CA VAL D 329 -20.75 44.39 1.91
C VAL D 329 -21.33 45.09 0.69
N VAL D 330 -21.36 46.42 0.69
CA VAL D 330 -21.80 47.13 -0.50
C VAL D 330 -20.70 47.12 -1.57
N ALA D 331 -19.47 47.43 -1.16
CA ALA D 331 -18.35 47.41 -2.11
C ALA D 331 -18.18 46.04 -2.74
N THR D 332 -18.53 44.97 -2.02
CA THR D 332 -18.52 43.63 -2.61
C THR D 332 -19.39 43.59 -3.86
N ILE D 333 -20.70 43.82 -3.68
CA ILE D 333 -21.62 43.79 -4.82
C ILE D 333 -21.22 44.79 -5.88
N GLU D 334 -20.67 45.94 -5.48
CA GLU D 334 -20.25 46.94 -6.45
C GLU D 334 -19.11 46.40 -7.31
N TYR D 335 -18.07 45.85 -6.66
CA TYR D 335 -16.97 45.22 -7.39
C TYR D 335 -17.51 44.20 -8.39
N LEU D 336 -18.50 43.41 -7.98
CA LEU D 336 -19.00 42.34 -8.84
C LEU D 336 -19.64 42.89 -10.11
N VAL D 337 -20.61 43.79 -9.96
CA VAL D 337 -21.32 44.32 -11.12
C VAL D 337 -20.36 44.97 -12.09
N ARG D 338 -19.30 45.59 -11.57
CA ARG D 338 -18.31 46.26 -12.41
C ARG D 338 -17.26 45.29 -12.96
N LEU D 339 -17.40 44.00 -12.65
CA LEU D 339 -16.61 42.94 -13.28
C LEU D 339 -17.33 42.38 -14.49
N HIS D 340 -18.53 41.81 -14.28
CA HIS D 340 -19.32 41.27 -15.38
C HIS D 340 -19.58 42.30 -16.47
N GLU D 341 -19.50 43.60 -16.15
CA GLU D 341 -19.68 44.63 -17.17
C GLU D 341 -18.46 44.79 -18.05
N GLY D 342 -17.26 44.54 -17.51
CA GLY D 342 -16.04 44.59 -18.28
C GLY D 342 -15.13 45.76 -18.01
N GLN D 343 -15.47 46.65 -17.08
CA GLN D 343 -14.59 47.78 -16.76
C GLN D 343 -13.48 47.31 -15.82
N THR D 344 -12.28 47.87 -16.03
CA THR D 344 -11.11 47.45 -15.27
C THR D 344 -10.87 48.30 -14.02
N SER D 345 -11.61 49.39 -13.84
CA SER D 345 -11.38 50.31 -12.72
C SER D 345 -12.70 50.57 -12.01
N MET D 346 -12.71 50.37 -10.70
CA MET D 346 -13.85 50.70 -9.85
C MET D 346 -13.43 51.76 -8.84
N THR D 347 -14.05 52.93 -8.91
CA THR D 347 -13.90 53.96 -7.89
C THR D 347 -15.12 53.87 -6.97
N VAL D 348 -14.89 53.51 -5.72
CA VAL D 348 -15.96 53.30 -4.75
C VAL D 348 -16.80 54.56 -4.65
N PRO D 349 -18.08 54.46 -4.29
CA PRO D 349 -18.85 55.67 -3.97
C PRO D 349 -18.36 56.29 -2.67
N GLY D 350 -17.25 57.02 -2.75
CA GLY D 350 -16.56 57.52 -1.59
C GLY D 350 -15.22 56.86 -1.32
N GLY D 351 -14.88 55.81 -2.06
CA GLY D 351 -13.62 55.09 -1.85
C GLY D 351 -12.56 55.46 -2.88
N VAL D 352 -11.52 54.63 -2.91
CA VAL D 352 -10.35 54.86 -3.76
C VAL D 352 -10.31 53.80 -4.85
N GLU D 353 -9.69 54.17 -5.99
CA GLU D 353 -9.72 53.34 -7.18
C GLU D 353 -8.79 52.14 -7.06
N VAL D 354 -9.26 51.00 -7.56
CA VAL D 354 -8.45 49.78 -7.64
C VAL D 354 -8.84 49.02 -8.90
N PRO D 355 -7.96 48.20 -9.46
CA PRO D 355 -8.34 47.41 -10.64
C PRO D 355 -9.45 46.42 -10.31
N VAL D 356 -10.39 46.30 -11.25
CA VAL D 356 -11.46 45.30 -11.15
C VAL D 356 -11.07 44.15 -12.07
N GLU D 357 -10.71 43.01 -11.48
CA GLU D 357 -10.17 41.90 -12.24
C GLU D 357 -10.40 40.61 -11.45
N VAL D 358 -10.32 39.49 -12.17
CA VAL D 358 -10.49 38.19 -11.51
C VAL D 358 -9.27 37.90 -10.64
N ASP D 359 -9.50 37.04 -9.64
CA ASP D 359 -8.46 36.65 -8.68
C ASP D 359 -8.13 35.19 -8.84
N ASP D 360 -6.87 34.84 -8.56
CA ASP D 360 -6.38 33.48 -8.71
C ASP D 360 -6.02 32.93 -7.34
N ILE D 361 -6.68 31.84 -6.94
CA ILE D 361 -6.44 31.26 -5.62
C ILE D 361 -5.08 30.59 -5.54
N ASP D 362 -4.51 30.19 -6.67
CA ASP D 362 -3.19 29.55 -6.68
C ASP D 362 -2.04 30.55 -6.70
N HIS D 363 -2.33 31.84 -6.91
CA HIS D 363 -1.29 32.86 -6.86
C HIS D 363 -0.86 33.08 -5.41
N PHE D 364 0.44 33.00 -5.16
CA PHE D 364 0.93 33.04 -3.78
C PHE D 364 0.59 34.35 -3.07
N GLY D 365 0.29 35.41 -3.81
CA GLY D 365 -0.22 36.61 -3.18
C GLY D 365 -1.48 36.34 -2.37
N ASN D 366 -2.30 35.39 -2.82
CA ASN D 366 -3.51 35.00 -2.12
C ASN D 366 -3.36 33.73 -1.28
N ARG D 367 -2.17 33.16 -1.19
CA ARG D 367 -2.00 31.85 -0.55
C ARG D 367 -0.90 31.91 0.51
N ARG D 368 -1.30 31.68 1.78
CA ARG D 368 -0.41 31.36 2.90
C ARG D 368 -0.88 30.00 3.39
N LEU D 369 -0.01 29.11 3.87
CA LEU D 369 1.21 29.34 4.66
C LEU D 369 0.94 29.92 6.06
N ARG D 370 0.33 29.08 6.89
CA ARG D 370 0.28 29.29 8.34
C ARG D 370 1.46 28.57 8.97
N THR D 371 2.36 29.34 9.60
CA THR D 371 3.60 28.77 10.13
C THR D 371 3.36 28.13 11.49
N VAL D 372 4.42 27.59 12.09
CA VAL D 372 4.28 26.79 13.30
C VAL D 372 3.72 27.62 14.44
N GLY D 373 4.26 28.83 14.63
CA GLY D 373 3.73 29.69 15.68
C GLY D 373 2.24 29.88 15.58
N GLU D 374 1.75 30.11 14.36
CA GLU D 374 0.31 30.32 14.17
C GLU D 374 -0.46 29.02 14.39
N LEU D 375 0.02 27.90 13.84
CA LEU D 375 -0.64 26.63 14.08
C LEU D 375 -0.76 26.35 15.57
N ILE D 376 0.18 26.82 16.38
CA ILE D 376 0.06 26.71 17.83
C ILE D 376 -0.94 27.72 18.36
N GLN D 377 -0.85 28.97 17.87
CA GLN D 377 -1.77 30.01 18.32
C GLN D 377 -3.23 29.58 18.15
N ASN D 378 -3.57 29.10 16.96
CA ASN D 378 -4.95 28.66 16.72
C ASN D 378 -5.38 27.59 17.70
N GLN D 379 -4.49 26.63 17.99
CA GLN D 379 -4.85 25.57 18.92
C GLN D 379 -4.96 26.10 20.34
N ILE D 380 -4.21 27.16 20.68
CA ILE D 380 -4.38 27.79 21.98
C ILE D 380 -5.71 28.54 22.03
N ARG D 381 -6.00 29.33 20.99
CA ARG D 381 -7.28 30.05 20.93
C ARG D 381 -8.44 29.10 21.21
N VAL D 382 -8.42 27.92 20.59
CA VAL D 382 -9.48 26.94 20.82
C VAL D 382 -9.53 26.54 22.29
N GLY D 383 -8.37 26.31 22.90
CA GLY D 383 -8.34 25.90 24.29
C GLY D 383 -8.91 26.94 25.22
N LEU D 384 -8.66 28.22 24.93
CA LEU D 384 -9.17 29.29 25.78
C LEU D 384 -10.69 29.43 25.64
N SER D 385 -11.19 29.41 24.40
CA SER D 385 -12.63 29.55 24.18
C SER D 385 -13.40 28.45 24.89
N ARG D 386 -12.84 27.23 24.93
CA ARG D 386 -13.48 26.15 25.66
C ARG D 386 -13.45 26.41 27.16
N MET D 387 -12.44 27.14 27.64
CA MET D 387 -12.37 27.50 29.05
C MET D 387 -13.27 28.68 29.37
N GLU D 388 -13.34 29.66 28.47
CA GLU D 388 -14.25 30.78 28.66
C GLU D 388 -15.67 30.30 28.92
N ARG D 389 -16.07 29.21 28.26
CA ARG D 389 -17.38 28.63 28.49
C ARG D 389 -17.57 28.24 29.96
N VAL D 390 -16.57 27.57 30.53
CA VAL D 390 -16.65 27.18 31.93
C VAL D 390 -16.45 28.37 32.84
N VAL D 391 -15.75 29.40 32.37
CA VAL D 391 -15.59 30.61 33.18
C VAL D 391 -16.90 31.39 33.23
N ARG D 392 -17.60 31.49 32.10
CA ARG D 392 -18.86 32.21 32.07
C ARG D 392 -19.92 31.51 32.92
N GLU D 393 -20.17 30.23 32.66
CA GLU D 393 -21.18 29.50 33.41
C GLU D 393 -20.81 29.39 34.87
N ARG D 394 -19.52 29.18 35.16
CA ARG D 394 -19.10 29.04 36.56
C ARG D 394 -19.57 30.22 37.39
N MET D 395 -19.47 31.43 36.85
CA MET D 395 -19.87 32.63 37.59
C MET D 395 -21.30 32.51 38.13
N THR D 396 -22.19 31.87 37.35
CA THR D 396 -23.61 31.90 37.69
C THR D 396 -23.91 31.07 38.93
N THR D 397 -23.47 29.81 38.94
CA THR D 397 -23.79 28.89 40.04
C THR D 397 -22.79 28.96 41.18
N GLN D 398 -21.68 29.66 41.02
CA GLN D 398 -20.75 29.88 42.12
C GLN D 398 -21.30 30.94 43.06
N ASP D 399 -21.17 30.70 44.36
CA ASP D 399 -21.56 31.71 45.34
C ASP D 399 -20.71 32.95 45.12
N VAL D 400 -21.36 34.09 44.91
CA VAL D 400 -20.63 35.31 44.56
C VAL D 400 -19.77 35.75 45.74
N GLU D 401 -18.70 36.47 45.43
CA GLU D 401 -17.75 36.92 46.44
C GLU D 401 -16.93 35.75 46.99
N ALA D 402 -17.36 34.53 46.68
CA ALA D 402 -16.55 33.34 46.88
C ALA D 402 -15.82 32.92 45.61
N ILE D 403 -16.06 33.61 44.51
CA ILE D 403 -15.40 33.31 43.23
C ILE D 403 -14.09 34.07 43.17
N THR D 404 -13.06 33.38 42.70
CA THR D 404 -11.73 33.92 42.50
C THR D 404 -11.30 33.59 41.08
N PRO D 405 -10.27 34.27 40.56
CA PRO D 405 -9.75 33.87 39.25
C PRO D 405 -9.51 32.38 39.12
N GLN D 406 -9.13 31.70 40.21
CA GLN D 406 -8.89 30.27 40.11
C GLN D 406 -10.19 29.48 40.06
N THR D 407 -11.14 29.79 40.96
CA THR D 407 -12.37 29.00 41.01
C THR D 407 -13.13 29.03 39.70
N LEU D 408 -13.01 30.13 38.94
CA LEU D 408 -13.62 30.19 37.62
C LEU D 408 -12.78 29.52 36.55
N ILE D 409 -11.48 29.32 36.79
CA ILE D 409 -10.55 28.84 35.78
C ILE D 409 -10.29 27.36 36.00
N ASN D 410 -10.54 26.55 34.96
CA ASN D 410 -10.17 25.14 34.93
C ASN D 410 -9.38 24.92 33.65
N ILE D 411 -8.10 24.54 33.79
CA ILE D 411 -7.17 24.58 32.67
C ILE D 411 -7.18 23.32 31.83
N ARG D 412 -8.01 22.33 32.16
CA ARG D 412 -8.04 21.08 31.39
C ARG D 412 -8.11 21.32 29.88
N PRO D 413 -9.05 22.12 29.36
CA PRO D 413 -9.15 22.25 27.90
C PRO D 413 -8.00 22.99 27.24
N VAL D 414 -7.26 23.82 27.98
CA VAL D 414 -6.19 24.60 27.37
C VAL D 414 -4.99 23.72 27.06
N VAL D 415 -4.53 22.94 28.04
CA VAL D 415 -3.39 22.06 27.82
C VAL D 415 -3.77 20.92 26.88
N ALA D 416 -5.01 20.43 26.98
CA ALA D 416 -5.46 19.38 26.08
C ALA D 416 -5.32 19.80 24.63
N ALA D 417 -5.65 21.05 24.31
CA ALA D 417 -5.49 21.54 22.95
C ALA D 417 -4.05 21.36 22.47
N ILE D 418 -3.09 21.74 23.30
CA ILE D 418 -1.67 21.61 22.93
C ILE D 418 -1.29 20.15 22.80
N LYS D 419 -1.51 19.37 23.86
CA LYS D 419 -1.14 17.96 23.85
C LYS D 419 -1.83 17.23 22.70
N GLU D 420 -3.12 17.49 22.50
CA GLU D 420 -3.86 16.86 21.41
C GLU D 420 -3.50 17.44 20.05
N PHE D 421 -2.81 18.58 19.99
CA PHE D 421 -2.30 19.08 18.72
C PHE D 421 -1.03 18.36 18.30
N PHE D 422 -0.06 18.23 19.21
CA PHE D 422 1.20 17.61 18.84
C PHE D 422 1.02 16.12 18.53
N GLY D 423 0.26 15.42 19.36
CA GLY D 423 -0.21 14.11 18.98
C GLY D 423 -1.48 14.18 18.16
N THR D 424 -1.62 13.26 17.22
CA THR D 424 -2.82 13.03 16.42
C THR D 424 -2.98 14.04 15.29
N SER D 425 -2.25 15.15 15.28
CA SER D 425 -2.37 16.13 14.20
C SER D 425 -1.43 15.76 13.06
N GLN D 426 -1.89 16.00 11.83
CA GLN D 426 -1.10 15.66 10.65
C GLN D 426 0.02 16.67 10.39
N LEU D 427 -0.09 17.89 10.90
CA LEU D 427 0.98 18.86 10.74
C LEU D 427 2.10 18.67 11.75
N SER D 428 1.86 17.90 12.81
CA SER D 428 2.88 17.56 13.79
C SER D 428 3.34 16.13 13.49
N GLN D 429 4.58 16.00 13.03
CA GLN D 429 5.09 14.73 12.52
C GLN D 429 6.38 14.35 13.25
N PHE D 430 6.62 13.05 13.33
CA PHE D 430 7.90 12.57 13.84
C PHE D 430 8.99 13.02 12.87
N MET D 431 10.00 13.73 13.39
CA MET D 431 11.05 14.25 12.53
C MET D 431 11.66 13.12 11.70
N ASP D 432 11.86 13.40 10.42
CA ASP D 432 12.42 12.40 9.51
C ASP D 432 13.93 12.56 9.52
N GLN D 433 14.62 11.64 10.18
CA GLN D 433 16.08 11.67 10.26
C GLN D 433 16.62 10.27 9.98
N ASN D 434 17.06 10.02 8.73
CA ASN D 434 18.16 9.10 8.49
C ASN D 434 19.45 9.81 8.12
N ASN D 435 19.38 11.08 7.74
CA ASN D 435 20.54 11.89 7.43
C ASN D 435 20.20 13.34 7.73
N PRO D 436 21.22 14.18 8.00
CA PRO D 436 20.95 15.60 8.22
C PRO D 436 20.05 16.23 7.15
N LEU D 437 20.23 15.85 5.89
CA LEU D 437 19.45 16.46 4.81
C LEU D 437 17.97 16.14 4.96
N SER D 438 17.63 14.90 5.25
CA SER D 438 16.22 14.54 5.46
C SER D 438 15.60 15.41 6.54
N GLY D 439 16.30 15.57 7.66
CA GLY D 439 15.79 16.42 8.72
C GLY D 439 15.65 17.87 8.30
N LEU D 440 16.62 18.38 7.55
CA LEU D 440 16.60 19.78 7.18
C LEU D 440 15.47 20.11 6.22
N THR D 441 15.10 19.17 5.34
CA THR D 441 13.99 19.41 4.42
C THR D 441 12.63 19.13 5.07
N HIS D 442 12.58 18.32 6.13
CA HIS D 442 11.31 18.10 6.81
C HIS D 442 10.77 19.41 7.38
N LYS D 443 11.57 20.07 8.21
CA LYS D 443 11.39 21.51 8.36
C LYS D 443 11.69 22.16 7.01
N ARG D 444 10.98 23.23 6.70
CA ARG D 444 10.95 23.89 5.39
C ARG D 444 9.93 23.25 4.47
N ARG D 445 9.32 22.14 4.86
CA ARG D 445 8.27 21.56 4.04
C ARG D 445 6.97 22.33 4.26
N LEU D 446 6.24 22.54 3.18
CA LEU D 446 4.93 23.18 3.22
C LEU D 446 3.95 22.29 2.49
N SER D 447 2.85 21.94 3.15
CA SER D 447 1.86 21.05 2.58
C SER D 447 0.48 21.68 2.70
N ALA D 448 -0.36 21.41 1.70
CA ALA D 448 -1.70 21.97 1.62
C ALA D 448 -2.74 21.14 2.35
N LEU D 449 -2.36 20.00 2.92
CA LEU D 449 -3.30 19.15 3.62
C LEU D 449 -3.37 19.52 5.10
N GLY D 450 -4.22 18.83 5.85
CA GLY D 450 -4.39 19.08 7.26
C GLY D 450 -5.67 19.84 7.58
N PRO D 451 -5.97 19.97 8.87
CA PRO D 451 -7.15 20.75 9.27
C PRO D 451 -6.99 22.22 8.90
N GLY D 452 -8.07 22.81 8.41
CA GLY D 452 -7.99 24.16 7.88
C GLY D 452 -7.56 24.23 6.43
N GLY D 453 -7.52 23.10 5.74
CA GLY D 453 -7.12 23.03 4.36
C GLY D 453 -7.81 21.87 3.67
N LEU D 454 -7.58 21.76 2.36
CA LEU D 454 -8.27 20.76 1.57
C LEU D 454 -7.77 19.35 1.89
N SER D 455 -8.65 18.38 1.67
CA SER D 455 -8.28 16.97 1.82
C SER D 455 -7.51 16.50 0.59
N ARG D 456 -6.68 15.47 0.80
CA ARG D 456 -5.83 14.98 -0.27
C ARG D 456 -6.64 14.46 -1.46
N GLU D 457 -7.83 13.91 -1.19
CA GLU D 457 -8.61 13.28 -2.26
C GLU D 457 -9.36 14.30 -3.11
N ARG D 458 -9.87 15.37 -2.49
CA ARG D 458 -10.77 16.27 -3.22
C ARG D 458 -10.02 17.22 -4.14
N ALA D 459 -8.91 17.78 -3.69
CA ALA D 459 -8.24 18.83 -4.46
C ALA D 459 -7.82 18.31 -5.83
N GLY D 460 -8.09 19.11 -6.86
CA GLY D 460 -7.73 18.75 -8.21
C GLY D 460 -6.29 19.09 -8.54
N LEU D 461 -5.92 18.81 -9.80
CA LEU D 461 -4.56 19.00 -10.26
C LEU D 461 -4.18 20.46 -10.50
N GLU D 462 -5.14 21.38 -10.39
CA GLU D 462 -4.81 22.79 -10.59
C GLU D 462 -3.93 23.32 -9.46
N VAL D 463 -4.16 22.84 -8.24
CA VAL D 463 -3.31 23.24 -7.13
C VAL D 463 -1.96 22.53 -7.17
N ARG D 464 -1.91 21.32 -7.74
CA ARG D 464 -0.66 20.59 -7.80
C ARG D 464 0.31 21.18 -8.82
N ASP D 465 -0.22 21.77 -9.89
CA ASP D 465 0.63 22.37 -10.90
C ASP D 465 1.42 23.53 -10.29
N VAL D 466 2.62 23.76 -10.82
CA VAL D 466 3.45 24.87 -10.36
C VAL D 466 2.93 26.15 -10.99
N HIS D 467 2.74 27.16 -10.16
CA HIS D 467 2.31 28.48 -10.60
C HIS D 467 3.52 29.33 -10.95
N PRO D 468 3.38 30.32 -11.83
CA PRO D 468 4.52 31.20 -12.13
C PRO D 468 5.03 31.94 -10.92
N SER D 469 4.20 32.16 -9.90
CA SER D 469 4.61 32.89 -8.71
C SER D 469 5.37 32.02 -7.71
N HIS D 470 5.47 30.72 -7.95
CA HIS D 470 6.31 29.87 -7.10
C HIS D 470 7.78 30.20 -7.25
N TYR D 471 8.16 30.93 -8.30
CA TYR D 471 9.56 31.18 -8.58
C TYR D 471 10.24 31.81 -7.37
N GLY D 472 11.38 31.24 -6.97
CA GLY D 472 12.15 31.75 -5.86
C GLY D 472 11.51 31.58 -4.50
N ARG D 473 10.30 31.00 -4.43
CA ARG D 473 9.61 30.79 -3.17
C ARG D 473 9.47 29.31 -2.83
N MET D 474 8.74 28.55 -3.65
CA MET D 474 8.56 27.11 -3.45
C MET D 474 9.23 26.37 -4.60
N CYS D 475 10.15 25.47 -4.27
CA CYS D 475 10.87 24.73 -5.29
C CYS D 475 9.91 23.88 -6.13
N PRO D 476 9.87 24.07 -7.45
CA PRO D 476 8.99 23.23 -8.27
C PRO D 476 9.49 21.80 -8.43
N ILE D 477 10.81 21.58 -8.37
CA ILE D 477 11.38 20.29 -8.72
C ILE D 477 11.25 19.25 -7.63
N GLU D 478 10.82 19.63 -6.43
CA GLU D 478 10.80 18.73 -5.29
C GLU D 478 9.38 18.54 -4.79
N THR D 479 8.88 17.32 -4.89
CA THR D 479 7.62 16.91 -4.28
C THR D 479 7.62 15.40 -4.20
N PRO D 480 6.63 14.81 -3.54
CA PRO D 480 6.54 13.34 -3.52
C PRO D 480 6.12 12.78 -4.87
N GLU D 481 6.55 11.54 -5.12
CA GLU D 481 6.11 10.82 -6.31
C GLU D 481 4.73 10.20 -6.13
N GLY D 482 4.34 9.91 -4.89
CA GLY D 482 3.06 9.29 -4.62
C GLY D 482 1.93 10.25 -4.92
N PRO D 483 0.70 9.89 -4.57
CA PRO D 483 -0.40 10.82 -4.86
C PRO D 483 -0.48 11.92 -3.81
N ASN D 484 0.68 12.42 -3.41
CA ASN D 484 0.83 13.73 -2.77
C ASN D 484 1.41 14.77 -3.72
N ILE D 485 1.65 14.41 -4.98
CA ILE D 485 2.39 15.28 -5.88
C ILE D 485 1.78 16.67 -5.90
N GLY D 486 2.62 17.69 -5.69
CA GLY D 486 2.19 19.07 -5.76
C GLY D 486 1.50 19.58 -4.51
N LEU D 487 1.00 18.69 -3.65
CA LEU D 487 0.43 19.13 -2.38
C LEU D 487 1.50 19.39 -1.33
N ILE D 488 2.62 18.68 -1.41
CA ILE D 488 3.75 18.89 -0.52
C ILE D 488 4.89 19.49 -1.33
N GLY D 489 5.53 20.52 -0.78
CA GLY D 489 6.67 21.14 -1.40
C GLY D 489 7.59 21.70 -0.34
N SER D 490 8.81 22.00 -0.76
CA SER D 490 9.84 22.54 0.13
C SER D 490 10.10 24.00 -0.19
N LEU D 491 10.26 24.81 0.86
CA LEU D 491 10.55 26.23 0.70
C LEU D 491 11.90 26.42 0.02
N SER D 492 11.98 27.45 -0.83
CA SER D 492 13.18 27.66 -1.64
C SER D 492 14.34 28.13 -0.76
N VAL D 493 15.49 28.31 -1.40
CA VAL D 493 16.72 28.57 -0.65
C VAL D 493 16.70 29.97 -0.05
N TYR D 494 16.39 30.97 -0.86
CA TYR D 494 16.39 32.36 -0.40
C TYR D 494 15.01 32.83 0.03
N ALA D 495 13.99 31.98 -0.08
CA ALA D 495 12.64 32.39 0.31
C ALA D 495 12.59 32.70 1.80
N ARG D 496 11.66 33.58 2.17
CA ARG D 496 11.53 34.06 3.53
C ARG D 496 10.05 34.34 3.79
N VAL D 497 9.60 34.04 5.01
CA VAL D 497 8.18 34.13 5.33
C VAL D 497 7.87 35.51 5.91
N ASN D 498 6.73 36.05 5.52
CA ASN D 498 6.25 37.36 5.94
C ASN D 498 5.49 37.27 7.25
N PRO D 499 5.51 38.33 8.08
CA PRO D 499 4.72 38.31 9.32
C PRO D 499 3.26 38.02 9.09
N PHE D 500 2.77 38.26 7.87
CA PHE D 500 1.37 37.96 7.53
C PHE D 500 1.19 36.57 6.93
N GLY D 501 2.26 35.84 6.66
CA GLY D 501 2.17 34.49 6.15
C GLY D 501 2.39 34.32 4.66
N PHE D 502 2.84 35.36 3.96
CA PHE D 502 3.13 35.27 2.54
C PHE D 502 4.63 35.15 2.33
N ILE D 503 5.03 34.30 1.40
CA ILE D 503 6.44 34.06 1.14
C ILE D 503 7.02 35.21 0.33
N GLU D 504 8.22 35.64 0.69
CA GLU D 504 8.93 36.68 -0.02
C GLU D 504 10.23 36.12 -0.61
N THR D 505 10.67 36.71 -1.72
CA THR D 505 11.92 36.28 -2.31
C THR D 505 12.86 37.48 -2.44
N PRO D 506 14.16 37.28 -2.21
CA PRO D 506 15.10 38.41 -2.30
C PRO D 506 15.34 38.82 -3.75
N TYR D 507 15.41 40.13 -3.96
CA TYR D 507 15.69 40.69 -5.27
C TYR D 507 16.66 41.85 -5.13
N ARG D 508 17.39 42.14 -6.21
CA ARG D 508 18.28 43.28 -6.30
C ARG D 508 17.70 44.25 -7.33
N LYS D 509 17.32 45.43 -6.86
CA LYS D 509 16.62 46.39 -7.72
C LYS D 509 17.59 47.05 -8.70
N VAL D 510 17.16 47.16 -9.95
CA VAL D 510 17.94 47.80 -11.01
C VAL D 510 17.32 49.16 -11.30
N GLU D 511 18.18 50.14 -11.55
CA GLU D 511 17.73 51.48 -11.92
C GLU D 511 18.57 51.98 -13.07
N ASN D 512 17.92 52.31 -14.18
CA ASN D 512 18.61 52.86 -15.36
C ASN D 512 19.73 51.93 -15.82
N GLY D 513 19.37 50.66 -16.03
CA GLY D 513 20.34 49.69 -16.50
C GLY D 513 21.51 49.46 -15.58
N VAL D 514 21.36 49.76 -14.29
CA VAL D 514 22.42 49.56 -13.30
C VAL D 514 21.80 48.83 -12.12
N VAL D 515 22.38 47.69 -11.77
CA VAL D 515 21.89 46.88 -10.65
C VAL D 515 22.60 47.35 -9.38
N THR D 516 21.83 47.80 -8.40
CA THR D 516 22.39 48.34 -7.16
C THR D 516 22.77 47.20 -6.22
N ASP D 517 23.34 47.58 -5.07
CA ASP D 517 23.50 46.63 -3.98
C ASP D 517 22.26 46.54 -3.10
N GLN D 518 21.26 47.40 -3.34
CA GLN D 518 20.00 47.31 -2.62
C GLN D 518 19.35 45.96 -2.85
N ILE D 519 19.03 45.27 -1.77
CA ILE D 519 18.35 43.98 -1.82
C ILE D 519 17.03 44.13 -1.10
N ASP D 520 15.93 43.95 -1.82
CA ASP D 520 14.59 44.16 -1.30
C ASP D 520 13.79 42.87 -1.39
N TYR D 521 13.23 42.45 -0.26
CA TYR D 521 12.41 41.24 -0.20
C TYR D 521 10.98 41.59 -0.58
N LEU D 522 10.48 40.97 -1.65
CA LEU D 522 9.17 41.28 -2.20
C LEU D 522 8.25 40.06 -2.10
N THR D 523 6.98 40.32 -1.83
CA THR D 523 5.97 39.28 -1.87
C THR D 523 5.53 39.03 -3.31
N ALA D 524 4.62 38.07 -3.49
CA ALA D 524 4.14 37.77 -4.83
C ALA D 524 3.35 38.92 -5.42
N ASP D 525 2.62 39.67 -4.59
CA ASP D 525 1.84 40.79 -5.09
C ASP D 525 2.74 41.86 -5.70
N GLU D 526 3.76 42.29 -4.96
CA GLU D 526 4.66 43.32 -5.46
C GLU D 526 5.62 42.82 -6.52
N GLU D 527 5.74 41.50 -6.70
CA GLU D 527 6.55 40.99 -7.80
C GLU D 527 5.82 41.10 -9.12
N ASP D 528 4.49 40.87 -9.12
CA ASP D 528 3.70 41.11 -10.32
C ASP D 528 3.73 42.57 -10.73
N ARG D 529 4.20 43.46 -9.85
CA ARG D 529 4.22 44.88 -10.14
C ARG D 529 5.36 45.26 -11.09
N HIS D 530 6.46 44.51 -11.06
CA HIS D 530 7.70 44.97 -11.67
C HIS D 530 8.22 43.94 -12.67
N VAL D 531 9.40 44.24 -13.21
CA VAL D 531 10.06 43.43 -14.23
C VAL D 531 11.34 42.88 -13.61
N VAL D 532 11.40 41.56 -13.45
CA VAL D 532 12.51 40.91 -12.75
C VAL D 532 13.56 40.51 -13.77
N ALA D 533 14.72 41.16 -13.72
CA ALA D 533 15.80 40.83 -14.63
C ALA D 533 16.36 39.44 -14.32
N GLN D 534 16.84 38.76 -15.36
CA GLN D 534 17.37 37.42 -15.18
C GLN D 534 18.64 37.46 -14.33
N ALA D 535 18.83 36.40 -13.55
CA ALA D 535 19.94 36.36 -12.61
C ALA D 535 21.28 36.56 -13.30
N ASN D 536 21.54 35.78 -14.35
CA ASN D 536 22.77 35.95 -15.13
C ASN D 536 22.45 36.77 -16.38
N SER D 537 22.89 38.02 -16.36
CA SER D 537 22.96 38.90 -17.51
C SER D 537 24.34 39.53 -17.42
N PRO D 538 25.04 39.70 -18.55
CA PRO D 538 26.45 40.12 -18.48
C PRO D 538 26.61 41.36 -17.61
N THR D 539 27.67 41.36 -16.80
CA THR D 539 27.96 42.47 -15.91
C THR D 539 29.04 43.36 -16.52
N ASP D 540 28.94 44.66 -16.27
CA ASP D 540 29.76 45.67 -16.92
C ASP D 540 30.59 46.42 -15.89
N GLU D 541 31.91 46.18 -15.89
CA GLU D 541 32.85 46.95 -15.09
C GLU D 541 32.41 47.08 -13.63
N ASN D 542 32.23 48.32 -13.18
CA ASN D 542 31.66 48.57 -11.86
C ASN D 542 30.23 48.03 -11.75
N GLY D 543 29.70 47.52 -12.85
CA GLY D 543 28.39 46.91 -12.96
C GLY D 543 27.38 47.81 -13.62
N ARG D 544 26.61 47.20 -14.51
CA ARG D 544 25.57 47.86 -15.32
C ARG D 544 25.19 46.85 -16.39
N PHE D 545 24.15 47.14 -17.17
CA PHE D 545 23.82 46.26 -18.28
C PHE D 545 24.91 46.30 -19.34
N THR D 546 25.45 45.13 -19.69
CA THR D 546 26.37 45.00 -20.81
C THR D 546 25.64 44.55 -22.07
N GLU D 547 25.05 43.35 -22.03
CA GLU D 547 24.27 42.86 -23.15
C GLU D 547 23.25 43.90 -23.59
N ASP D 548 23.07 44.04 -24.90
CA ASP D 548 22.20 45.07 -25.45
C ASP D 548 20.81 45.01 -24.82
N ARG D 549 20.27 43.81 -24.63
CA ARG D 549 18.94 43.62 -24.09
C ARG D 549 18.98 42.72 -22.86
N VAL D 550 17.90 42.75 -22.09
CA VAL D 550 17.85 42.11 -20.77
C VAL D 550 16.80 41.01 -20.79
N MET D 551 17.12 39.88 -20.15
CA MET D 551 16.13 38.85 -19.87
C MET D 551 15.28 39.28 -18.69
N VAL D 552 13.96 39.13 -18.81
CA VAL D 552 13.02 39.71 -17.85
C VAL D 552 11.82 38.79 -17.69
N ARG D 553 11.18 38.87 -16.53
CA ARG D 553 9.94 38.17 -16.25
C ARG D 553 8.84 39.20 -15.99
N LYS D 554 7.70 39.03 -16.66
CA LYS D 554 6.59 39.96 -16.54
C LYS D 554 5.62 39.49 -15.46
N LYS D 555 4.46 40.15 -15.37
CA LYS D 555 3.46 39.83 -14.38
C LYS D 555 2.52 38.70 -14.80
N GLY D 556 2.74 38.10 -15.97
CA GLY D 556 1.91 37.01 -16.44
C GLY D 556 1.74 35.88 -15.43
N GLY D 557 2.84 35.34 -14.93
CA GLY D 557 4.17 35.69 -15.39
C GLY D 557 4.41 35.25 -16.82
N GLU D 558 4.76 36.20 -17.69
CA GLU D 558 5.05 35.94 -19.09
C GLU D 558 6.42 36.50 -19.42
N VAL D 559 7.32 35.63 -19.89
CA VAL D 559 8.69 36.04 -20.16
C VAL D 559 8.73 36.95 -21.38
N GLU D 560 9.74 37.83 -21.41
CA GLU D 560 9.87 38.79 -22.49
C GLU D 560 11.33 39.20 -22.62
N PHE D 561 11.66 39.79 -23.76
CA PHE D 561 12.98 40.32 -24.03
C PHE D 561 12.86 41.82 -24.29
N VAL D 562 13.37 42.62 -23.36
CA VAL D 562 13.40 44.06 -23.49
C VAL D 562 14.81 44.53 -23.16
N SER D 563 15.14 45.74 -23.61
CA SER D 563 16.47 46.27 -23.35
C SER D 563 16.59 46.65 -21.87
N ALA D 564 17.77 47.14 -21.50
CA ALA D 564 18.08 47.45 -20.10
C ALA D 564 17.23 48.61 -19.61
N ASP D 565 16.46 49.21 -20.51
CA ASP D 565 15.75 50.44 -20.20
C ASP D 565 14.71 50.25 -19.10
N GLN D 566 13.82 49.27 -19.26
CA GLN D 566 12.58 49.21 -18.48
C GLN D 566 12.66 48.35 -17.23
N VAL D 567 13.83 47.82 -16.87
CA VAL D 567 13.89 46.90 -15.74
C VAL D 567 13.78 47.66 -14.42
N ASP D 568 13.34 46.95 -13.38
CA ASP D 568 13.34 47.44 -12.01
C ASP D 568 14.20 46.57 -11.10
N TYR D 569 13.88 45.29 -10.96
CA TYR D 569 14.62 44.38 -10.08
C TYR D 569 15.27 43.26 -10.87
N MET D 570 16.29 42.65 -10.27
CA MET D 570 16.97 41.49 -10.84
C MET D 570 17.06 40.38 -9.81
N ASP D 571 17.27 39.16 -10.30
CA ASP D 571 17.36 38.00 -9.42
C ASP D 571 18.67 38.02 -8.63
N VAL D 572 18.58 37.57 -7.38
CA VAL D 572 19.74 37.56 -6.50
C VAL D 572 20.78 36.55 -6.97
N SER D 573 20.35 35.48 -7.62
CA SER D 573 21.28 34.49 -8.15
C SER D 573 20.52 33.33 -8.77
N PRO D 574 21.18 32.49 -9.58
CA PRO D 574 20.53 31.27 -10.03
C PRO D 574 20.15 30.41 -8.84
N ARG D 575 19.25 29.46 -9.08
CA ARG D 575 18.77 28.53 -8.06
C ARG D 575 17.99 29.22 -6.96
N GLN D 576 17.42 30.41 -7.22
CA GLN D 576 16.41 30.95 -6.32
C GLN D 576 15.20 30.02 -6.26
N MET D 577 14.76 29.53 -7.41
CA MET D 577 13.62 28.63 -7.48
C MET D 577 13.91 27.30 -6.82
N VAL D 578 15.18 26.89 -6.77
CA VAL D 578 15.56 25.56 -6.32
C VAL D 578 15.50 25.49 -4.79
N SER D 579 15.30 24.28 -4.27
CA SER D 579 15.35 24.01 -2.85
C SER D 579 16.76 23.51 -2.48
N VAL D 580 16.94 23.18 -1.20
CA VAL D 580 18.27 22.80 -0.71
C VAL D 580 18.70 21.49 -1.35
N ALA D 581 17.88 20.45 -1.24
CA ALA D 581 18.25 19.16 -1.82
C ALA D 581 18.40 19.26 -3.33
N THR D 582 17.47 19.96 -4.00
CA THR D 582 17.59 20.16 -5.43
C THR D 582 18.89 20.87 -5.78
N ALA D 583 19.26 21.89 -5.01
CA ALA D 583 20.49 22.62 -5.26
C ALA D 583 21.73 21.78 -5.04
N MET D 584 21.58 20.55 -4.54
CA MET D 584 22.70 19.66 -4.27
C MET D 584 22.97 18.67 -5.39
N ILE D 585 22.25 18.75 -6.51
CA ILE D 585 22.41 17.82 -7.63
C ILE D 585 23.41 18.44 -8.61
N PRO D 586 24.62 17.91 -8.72
CA PRO D 586 25.57 18.44 -9.71
C PRO D 586 25.06 18.22 -11.12
N PHE D 587 25.20 19.24 -11.96
CA PHE D 587 24.68 19.20 -13.32
C PHE D 587 23.16 19.06 -13.34
N LEU D 588 22.49 19.73 -12.39
CA LEU D 588 21.03 19.70 -12.37
C LEU D 588 20.46 20.11 -13.72
N GLU D 589 21.02 21.15 -14.33
CA GLU D 589 20.47 21.70 -15.56
C GLU D 589 20.43 20.69 -16.70
N HIS D 590 21.12 19.56 -16.58
CA HIS D 590 21.17 18.57 -17.64
C HIS D 590 20.16 17.43 -17.45
N ASP D 591 19.42 17.40 -16.35
CA ASP D 591 18.55 16.29 -16.01
C ASP D 591 17.09 16.72 -16.08
N ASP D 592 16.26 15.91 -16.73
CA ASP D 592 14.84 16.21 -16.82
C ASP D 592 14.24 16.30 -15.42
N ALA D 593 13.24 17.19 -15.27
CA ALA D 593 12.63 17.41 -13.97
C ALA D 593 12.15 16.10 -13.34
N ASN D 594 11.75 15.14 -14.17
CA ASN D 594 11.32 13.84 -13.64
C ASN D 594 12.42 13.19 -12.82
N ARG D 595 13.59 12.96 -13.43
CA ARG D 595 14.67 12.28 -12.73
C ARG D 595 15.27 13.15 -11.65
N ALA D 596 15.19 14.48 -11.79
CA ALA D 596 15.68 15.36 -10.74
C ALA D 596 14.85 15.21 -9.47
N LEU D 597 13.53 15.25 -9.60
CA LEU D 597 12.66 15.02 -8.44
C LEU D 597 13.03 13.74 -7.72
N MET D 598 13.10 12.63 -8.46
CA MET D 598 13.57 11.38 -7.88
C MET D 598 14.92 11.55 -7.20
N GLY D 599 15.81 12.34 -7.82
CA GLY D 599 17.14 12.53 -7.25
C GLY D 599 17.10 13.25 -5.91
N ALA D 600 16.33 14.33 -5.81
CA ALA D 600 16.18 15.01 -4.54
C ALA D 600 15.61 14.07 -3.48
N ASN D 601 14.48 13.43 -3.79
CA ASN D 601 13.84 12.54 -2.83
C ASN D 601 14.80 11.49 -2.29
N MET D 602 15.67 10.97 -3.16
CA MET D 602 16.53 9.86 -2.75
C MET D 602 17.75 10.31 -1.95
N GLN D 603 18.17 11.57 -2.07
CA GLN D 603 19.22 12.06 -1.19
C GLN D 603 18.78 12.04 0.26
N ARG D 604 17.55 12.48 0.52
CA ARG D 604 16.99 12.40 1.87
C ARG D 604 16.67 10.97 2.28
N GLN D 605 16.83 10.02 1.36
CA GLN D 605 16.63 8.60 1.64
C GLN D 605 17.92 7.87 2.01
N ALA D 606 19.07 8.52 1.92
CA ALA D 606 20.32 7.80 2.15
C ALA D 606 20.51 7.52 3.63
N VAL D 607 21.57 6.78 3.94
CA VAL D 607 21.84 6.40 5.33
C VAL D 607 23.30 6.69 5.66
N PRO D 608 23.61 7.15 6.87
CA PRO D 608 24.99 7.49 7.20
C PRO D 608 25.87 6.25 7.20
N LEU D 609 26.99 6.34 6.48
CA LEU D 609 28.01 5.31 6.49
C LEU D 609 28.93 5.50 7.69
N VAL D 610 29.60 4.41 8.08
CA VAL D 610 30.60 4.49 9.14
C VAL D 610 31.68 5.50 8.77
N ARG D 611 32.17 5.45 7.53
CA ARG D 611 33.29 6.32 7.12
C ARG D 611 32.85 7.72 6.71
N SER D 612 31.75 7.86 5.98
CA SER D 612 31.26 9.18 5.60
C SER D 612 32.27 9.98 4.78
N GLU D 613 32.45 9.61 3.51
CA GLU D 613 33.30 10.36 2.58
C GLU D 613 32.47 11.40 1.83
N ALA D 614 33.06 12.59 1.60
CA ALA D 614 32.31 13.68 0.98
C ALA D 614 32.39 13.61 -0.54
N PRO D 615 31.44 14.23 -1.23
CA PRO D 615 31.34 14.05 -2.70
C PRO D 615 32.52 14.67 -3.42
N LEU D 616 33.10 13.90 -4.34
CA LEU D 616 34.25 14.36 -5.10
C LEU D 616 33.88 15.52 -6.03
N VAL D 617 32.74 15.41 -6.70
CA VAL D 617 32.19 16.49 -7.51
C VAL D 617 30.90 16.94 -6.84
N GLY D 618 30.94 18.13 -6.23
CA GLY D 618 29.80 18.65 -5.52
C GLY D 618 29.16 19.85 -6.19
N THR D 619 28.30 20.52 -5.43
CA THR D 619 27.70 21.78 -5.79
C THR D 619 27.95 22.76 -4.64
N GLY D 620 27.31 23.94 -4.67
CA GLY D 620 27.53 24.89 -3.59
C GLY D 620 27.09 24.36 -2.23
N MET D 621 25.88 23.80 -2.17
CA MET D 621 25.14 23.71 -0.91
C MET D 621 25.78 22.80 0.14
N GLU D 622 26.58 21.80 -0.26
CA GLU D 622 27.02 20.79 0.70
C GLU D 622 27.55 21.40 1.99
N LEU D 623 28.33 22.48 1.88
CA LEU D 623 28.87 23.13 3.06
C LEU D 623 27.76 23.65 3.97
N ARG D 624 26.92 24.53 3.44
CA ARG D 624 25.98 25.28 4.27
C ARG D 624 24.75 24.48 4.64
N ALA D 625 24.46 23.40 3.93
CA ALA D 625 23.33 22.55 4.29
C ALA D 625 23.64 21.69 5.51
N ALA D 626 24.91 21.34 5.72
CA ALA D 626 25.27 20.50 6.85
C ALA D 626 25.32 21.28 8.16
N ILE D 627 25.86 22.50 8.14
CA ILE D 627 25.92 23.29 9.36
C ILE D 627 24.53 23.72 9.79
N ASP D 628 23.73 24.22 8.84
CA ASP D 628 22.37 24.64 9.17
C ASP D 628 21.48 23.48 9.57
N ALA D 629 21.88 22.23 9.29
CA ALA D 629 21.08 21.09 9.72
C ALA D 629 21.13 20.92 11.24
N GLY D 630 22.27 21.21 11.85
CA GLY D 630 22.44 21.06 13.28
C GLY D 630 23.06 19.76 13.72
N ASP D 631 23.27 18.83 12.80
CA ASP D 631 23.91 17.56 13.13
C ASP D 631 25.43 17.66 13.17
N VAL D 632 25.97 18.86 12.95
CA VAL D 632 27.41 19.12 13.06
C VAL D 632 27.63 20.07 14.23
N VAL D 633 28.81 19.97 14.84
CA VAL D 633 29.15 20.76 16.02
C VAL D 633 29.89 22.02 15.60
N VAL D 634 29.31 23.18 15.85
CA VAL D 634 29.89 24.47 15.49
C VAL D 634 30.28 25.21 16.76
N ALA D 635 31.39 25.96 16.67
CA ALA D 635 31.87 26.76 17.79
C ALA D 635 31.28 28.16 17.70
N ASP D 636 30.73 28.65 18.81
CA ASP D 636 30.06 29.94 18.84
C ASP D 636 30.95 31.08 19.31
N LYS D 637 32.23 30.80 19.64
CA LYS D 637 33.16 31.84 20.00
C LYS D 637 34.56 31.48 19.52
N THR D 638 35.31 32.48 19.06
CA THR D 638 36.68 32.25 18.65
C THR D 638 37.53 31.89 19.87
N GLY D 639 38.49 31.01 19.66
CA GLY D 639 39.30 30.52 20.77
C GLY D 639 40.18 29.38 20.33
N VAL D 640 40.56 28.56 21.31
CA VAL D 640 41.45 27.42 21.10
C VAL D 640 40.90 26.22 21.85
N ILE D 641 41.30 25.03 21.40
CA ILE D 641 40.80 23.78 21.96
C ILE D 641 41.62 23.41 23.19
N GLU D 642 40.93 23.27 24.33
CA GLU D 642 41.59 22.79 25.54
C GLU D 642 41.74 21.27 25.54
N GLU D 643 40.65 20.55 25.24
CA GLU D 643 40.66 19.10 25.19
C GLU D 643 39.87 18.62 23.98
N VAL D 644 40.28 17.48 23.44
CA VAL D 644 39.49 16.75 22.46
C VAL D 644 39.45 15.30 22.91
N SER D 645 38.26 14.83 23.24
CA SER D 645 38.01 13.42 23.51
C SER D 645 36.90 12.95 22.58
N ALA D 646 36.81 11.63 22.39
CA ALA D 646 35.66 11.10 21.68
C ALA D 646 34.37 11.52 22.36
N ASP D 647 34.42 11.75 23.68
CA ASP D 647 33.23 12.07 24.45
C ASP D 647 32.83 13.53 24.36
N TYR D 648 33.80 14.46 24.42
CA TYR D 648 33.45 15.88 24.36
C TYR D 648 34.64 16.70 23.90
N ILE D 649 34.35 17.94 23.52
CA ILE D 649 35.34 18.89 23.01
C ILE D 649 35.15 20.21 23.76
N THR D 650 36.22 20.70 24.39
CA THR D 650 36.21 21.97 25.09
C THR D 650 37.09 22.97 24.35
N VAL D 651 36.66 24.23 24.32
CA VAL D 651 37.41 25.30 23.69
C VAL D 651 37.54 26.45 24.68
N MET D 652 38.74 27.01 24.78
CA MET D 652 39.00 28.17 25.63
C MET D 652 38.91 29.42 24.76
N ALA D 653 37.88 30.22 24.96
CA ALA D 653 37.66 31.39 24.14
C ALA D 653 38.71 32.46 24.44
N ASP D 654 38.92 33.35 23.47
CA ASP D 654 39.66 34.57 23.74
C ASP D 654 38.94 35.43 24.76
N ASP D 655 37.63 35.22 24.91
CA ASP D 655 36.79 35.94 25.86
C ASP D 655 37.07 35.54 27.30
N GLY D 656 37.93 34.55 27.53
CA GLY D 656 38.14 34.00 28.86
C GLY D 656 37.09 32.99 29.28
N THR D 657 35.97 32.95 28.59
CA THR D 657 34.91 31.98 28.85
C THR D 657 35.29 30.60 28.32
N ARG D 658 34.59 29.59 28.82
CA ARG D 658 34.90 28.18 28.56
C ARG D 658 33.65 27.49 28.04
N GLN D 659 33.67 27.05 26.78
CA GLN D 659 32.56 26.34 26.18
C GLN D 659 32.95 24.89 25.91
N SER D 660 32.00 23.98 26.15
CA SER D 660 32.21 22.56 25.90
C SER D 660 31.01 21.98 25.17
N TYR D 661 31.27 20.92 24.40
CA TYR D 661 30.25 20.29 23.57
C TYR D 661 30.34 18.79 23.73
N ARG D 662 29.25 18.17 24.20
CA ARG D 662 29.19 16.72 24.34
C ARG D 662 28.81 16.10 22.99
N LEU D 663 29.52 15.06 22.60
CA LEU D 663 29.36 14.46 21.27
C LEU D 663 28.30 13.38 21.30
N ARG D 664 27.36 13.45 20.36
CA ARG D 664 26.43 12.35 20.13
C ARG D 664 27.21 11.13 19.65
N LYS D 665 27.06 10.00 20.34
CA LYS D 665 27.83 8.80 20.04
C LYS D 665 26.88 7.63 19.86
N PHE D 666 26.84 7.09 18.64
CA PHE D 666 26.04 5.91 18.32
C PHE D 666 24.61 6.05 18.82
N ALA D 667 24.06 7.25 18.68
CA ALA D 667 22.69 7.52 19.07
C ALA D 667 21.74 6.95 18.03
N ARG D 668 20.76 6.17 18.48
CA ARG D 668 19.76 5.63 17.58
C ARG D 668 18.85 6.75 17.08
N SER D 669 18.63 6.80 15.77
CA SER D 669 17.80 7.84 15.18
C SER D 669 16.36 7.34 15.07
N ASN D 670 15.47 8.21 14.59
CA ASN D 670 14.05 7.88 14.55
C ASN D 670 13.80 6.56 13.82
N HIS D 671 14.37 6.41 12.63
CA HIS D 671 14.14 5.23 11.81
C HIS D 671 15.23 4.17 11.95
N GLY D 672 16.20 4.37 12.85
CA GLY D 672 17.19 3.35 13.13
C GLY D 672 18.56 3.60 12.55
N THR D 673 18.78 4.71 11.85
CA THR D 673 20.11 5.05 11.40
C THR D 673 20.96 5.49 12.60
N CYS D 674 22.23 5.82 12.34
CA CYS D 674 23.20 6.09 13.38
C CYS D 674 23.62 7.56 13.33
N ALA D 675 23.53 8.25 14.46
CA ALA D 675 23.79 9.67 14.58
C ALA D 675 25.23 9.98 15.00
N ASN D 676 26.11 8.98 15.04
CA ASN D 676 27.44 9.11 15.60
C ASN D 676 28.18 10.33 15.05
N GLN D 677 28.90 11.03 15.92
CA GLN D 677 29.69 12.20 15.58
C GLN D 677 31.17 11.95 15.87
N ARG D 678 32.04 12.65 15.13
CA ARG D 678 33.48 12.52 15.32
C ARG D 678 34.16 13.89 15.32
N PRO D 679 35.14 14.11 16.21
CA PRO D 679 35.85 15.40 16.24
C PRO D 679 36.82 15.53 15.07
N ILE D 680 36.77 16.69 14.41
CA ILE D 680 37.69 16.99 13.31
C ILE D 680 38.85 17.89 13.74
N VAL D 681 38.96 18.21 15.03
CA VAL D 681 39.96 19.16 15.49
C VAL D 681 40.92 18.49 16.47
N ASP D 682 42.08 19.12 16.66
CA ASP D 682 43.14 18.63 17.52
C ASP D 682 43.40 19.64 18.63
N ALA D 683 44.07 19.17 19.68
CA ALA D 683 44.18 19.93 20.93
C ALA D 683 44.65 21.37 20.68
N GLY D 684 45.82 21.53 20.05
CA GLY D 684 46.39 22.85 19.91
C GLY D 684 45.59 23.78 19.02
N GLN D 685 44.68 23.24 18.21
CA GLN D 685 44.10 23.99 17.10
C GLN D 685 43.49 25.31 17.55
N ARG D 686 43.77 26.35 16.77
CA ARG D 686 42.99 27.57 16.81
C ARG D 686 41.69 27.35 16.03
N VAL D 687 40.64 28.08 16.44
CA VAL D 687 39.35 27.98 15.79
C VAL D 687 38.65 29.32 15.86
N GLU D 688 37.71 29.52 14.94
CA GLU D 688 37.01 30.79 14.77
C GLU D 688 35.52 30.57 14.96
N ALA D 689 34.81 31.66 15.25
CA ALA D 689 33.37 31.57 15.51
C ALA D 689 32.64 31.03 14.29
N GLY D 690 31.77 30.04 14.52
CA GLY D 690 31.02 29.44 13.44
C GLY D 690 31.72 28.33 12.69
N GLN D 691 32.91 27.93 13.13
CA GLN D 691 33.64 26.86 12.46
C GLN D 691 33.07 25.51 12.88
N VAL D 692 33.59 24.43 12.28
CA VAL D 692 33.07 23.10 12.48
C VAL D 692 34.07 22.30 13.30
N ILE D 693 33.69 21.97 14.53
CA ILE D 693 34.58 21.25 15.44
C ILE D 693 34.50 19.74 15.19
N ALA D 694 33.31 19.21 14.93
CA ALA D 694 33.11 17.78 14.81
C ALA D 694 32.14 17.47 13.68
N ASP D 695 32.38 16.35 13.00
CA ASP D 695 31.51 15.91 11.93
C ASP D 695 30.28 15.19 12.48
N GLY D 696 29.17 15.32 11.76
CA GLY D 696 27.96 14.62 12.07
C GLY D 696 27.88 13.30 11.32
N PRO D 697 26.69 12.70 11.27
CA PRO D 697 26.60 11.35 10.68
C PRO D 697 27.00 11.32 9.21
N CYS D 698 26.42 12.19 8.39
CA CYS D 698 26.62 12.20 6.94
C CYS D 698 27.61 13.25 6.46
N THR D 699 28.31 13.95 7.36
CA THR D 699 29.19 15.05 6.98
C THR D 699 30.66 14.64 7.06
N GLN D 700 31.47 15.24 6.19
CA GLN D 700 32.92 15.19 6.28
C GLN D 700 33.47 16.60 6.15
N ASN D 701 34.23 17.03 7.16
CA ASN D 701 34.87 18.34 7.15
C ASN D 701 33.89 19.46 6.83
N GLY D 702 32.66 19.31 7.31
CA GLY D 702 31.68 20.39 7.29
C GLY D 702 30.65 20.33 6.19
N GLU D 703 30.86 19.53 5.15
CA GLU D 703 29.93 19.44 4.04
C GLU D 703 29.20 18.10 4.06
N MET D 704 27.96 18.12 3.57
CA MET D 704 27.14 16.91 3.54
C MET D 704 27.81 15.83 2.70
N ALA D 705 28.04 14.67 3.30
CA ALA D 705 28.48 13.50 2.55
C ALA D 705 27.39 12.44 2.67
N LEU D 706 26.61 12.26 1.62
CA LEU D 706 25.51 11.30 1.65
C LEU D 706 25.90 9.95 1.05
N GLY D 707 27.11 9.83 0.53
CA GLY D 707 27.54 8.61 -0.12
C GLY D 707 29.03 8.60 -0.29
N LYS D 708 29.50 7.68 -1.13
CA LYS D 708 30.90 7.47 -1.41
C LYS D 708 31.19 7.73 -2.88
N ASN D 709 32.44 8.07 -3.18
CA ASN D 709 32.92 8.21 -4.54
C ASN D 709 33.45 6.87 -5.03
N LEU D 710 32.85 6.34 -6.10
CA LEU D 710 33.18 5.00 -6.58
C LEU D 710 33.63 5.03 -8.04
N LEU D 711 34.54 4.11 -8.37
CA LEU D 711 35.05 3.97 -9.72
C LEU D 711 34.04 3.20 -10.56
N VAL D 712 33.51 3.83 -11.60
CA VAL D 712 32.35 3.33 -12.33
C VAL D 712 32.75 2.92 -13.75
N ALA D 713 32.15 1.85 -14.23
CA ALA D 713 32.33 1.37 -15.60
C ALA D 713 30.95 1.15 -16.21
N ILE D 714 30.68 1.79 -17.35
CA ILE D 714 29.32 1.91 -17.88
C ILE D 714 29.02 0.82 -18.90
N MET D 715 29.92 -0.14 -19.06
CA MET D 715 29.66 -1.26 -19.94
C MET D 715 28.58 -2.18 -19.37
N PRO D 716 27.77 -2.80 -20.24
CA PRO D 716 26.97 -3.94 -19.78
C PRO D 716 27.86 -5.15 -19.59
N TRP D 717 27.61 -5.90 -18.50
CA TRP D 717 28.52 -6.97 -18.11
C TRP D 717 27.74 -8.27 -17.91
N GLU D 718 27.91 -9.20 -18.86
CA GLU D 718 27.45 -10.58 -18.77
C GLU D 718 26.06 -10.73 -18.16
N GLY D 719 25.14 -9.84 -18.51
CA GLY D 719 23.76 -10.00 -18.10
C GLY D 719 23.52 -9.94 -16.61
N HIS D 720 24.50 -9.49 -15.83
CA HIS D 720 24.36 -9.33 -14.39
C HIS D 720 23.78 -7.98 -14.02
N ASN D 721 24.41 -6.88 -14.44
CA ASN D 721 23.78 -5.58 -14.27
C ASN D 721 22.89 -5.36 -15.50
N TYR D 722 21.58 -5.49 -15.28
CA TYR D 722 20.61 -5.52 -16.35
C TYR D 722 19.29 -5.01 -15.79
N GLU D 723 18.59 -4.21 -16.57
CA GLU D 723 17.27 -3.75 -16.16
C GLU D 723 17.34 -2.95 -14.87
N ASP D 724 18.38 -2.12 -14.73
CA ASP D 724 18.67 -1.22 -13.61
C ASP D 724 19.47 -1.88 -12.49
N ALA D 725 19.79 -3.17 -12.58
CA ALA D 725 20.60 -3.81 -11.56
C ALA D 725 22.04 -3.28 -11.58
N ILE D 726 22.76 -3.51 -10.48
CA ILE D 726 24.12 -3.03 -10.31
C ILE D 726 25.00 -4.16 -9.81
N ILE D 727 26.27 -4.11 -10.21
CA ILE D 727 27.28 -5.05 -9.71
C ILE D 727 28.37 -4.26 -8.99
N LEU D 728 28.97 -4.89 -7.98
CA LEU D 728 29.88 -4.22 -7.08
C LEU D 728 31.18 -5.01 -6.92
N SER D 729 32.26 -4.29 -6.68
CA SER D 729 33.50 -4.94 -6.26
C SER D 729 33.35 -5.44 -4.83
N ASN D 730 33.75 -6.69 -4.59
CA ASN D 730 33.75 -7.18 -3.22
C ASN D 730 34.59 -6.29 -2.31
N ARG D 731 35.47 -5.47 -2.90
CA ARG D 731 36.23 -4.49 -2.12
C ARG D 731 35.30 -3.67 -1.23
N LEU D 732 34.14 -3.26 -1.75
CA LEU D 732 33.23 -2.44 -0.97
C LEU D 732 32.72 -3.16 0.27
N VAL D 733 32.89 -4.48 0.33
CA VAL D 733 32.60 -5.27 1.52
C VAL D 733 33.86 -5.31 2.39
N GLU D 734 34.94 -5.87 1.84
CA GLU D 734 36.18 -6.03 2.60
C GLU D 734 36.61 -4.73 3.27
N GLU D 735 36.52 -3.61 2.56
CA GLU D 735 36.99 -2.32 3.08
C GLU D 735 35.89 -1.49 3.73
N ASP D 736 34.67 -2.01 3.83
CA ASP D 736 33.61 -1.36 4.61
C ASP D 736 33.32 0.05 4.14
N VAL D 737 33.36 0.25 2.82
CA VAL D 737 33.13 1.59 2.28
C VAL D 737 31.64 1.93 2.24
N LEU D 738 30.78 0.96 1.97
CA LEU D 738 29.33 1.15 1.99
C LEU D 738 28.69 0.67 3.28
N THR D 739 29.49 0.25 4.27
CA THR D 739 28.94 -0.24 5.52
C THR D 739 28.29 0.89 6.33
N SER D 740 27.24 0.53 7.06
CA SER D 740 26.51 1.46 7.91
C SER D 740 25.99 0.70 9.12
N ILE D 741 25.83 1.39 10.23
CA ILE D 741 25.34 0.75 11.43
C ILE D 741 23.84 0.98 11.53
N HIS D 742 23.21 0.24 12.44
CA HIS D 742 21.77 0.33 12.65
C HIS D 742 21.48 -0.12 14.07
N ILE D 743 20.47 0.50 14.67
CA ILE D 743 20.18 0.30 16.09
C ILE D 743 18.68 0.17 16.26
N GLU D 744 18.26 -0.91 16.92
CA GLU D 744 16.86 -1.15 17.21
C GLU D 744 16.62 -0.99 18.70
N GLU D 745 15.40 -0.56 19.04
CA GLU D 745 14.99 -0.36 20.41
C GLU D 745 13.92 -1.39 20.76
N HIS D 746 14.15 -2.12 21.84
CA HIS D 746 13.19 -3.11 22.33
C HIS D 746 12.76 -2.73 23.74
N GLU D 747 11.49 -2.96 24.04
CA GLU D 747 10.87 -2.42 25.24
C GLU D 747 9.93 -3.44 25.85
N ILE D 748 9.96 -3.54 27.17
CA ILE D 748 9.06 -4.40 27.93
C ILE D 748 8.83 -3.74 29.29
N ASP D 749 7.63 -3.90 29.82
CA ASP D 749 7.31 -3.32 31.13
C ASP D 749 6.70 -4.39 32.03
N ALA D 750 6.89 -4.21 33.33
CA ALA D 750 6.31 -5.08 34.35
C ALA D 750 5.25 -4.29 35.09
N ARG D 751 4.00 -4.71 34.96
CA ARG D 751 2.88 -3.98 35.53
C ARG D 751 2.21 -4.79 36.63
N ASP D 752 1.21 -4.18 37.25
CA ASP D 752 0.39 -4.84 38.24
C ASP D 752 -0.80 -5.49 37.54
N THR D 753 -0.98 -6.79 37.78
CA THR D 753 -2.06 -7.54 37.18
C THR D 753 -3.08 -7.92 38.24
N LYS D 754 -4.34 -8.06 37.80
CA LYS D 754 -5.41 -8.40 38.73
C LYS D 754 -5.05 -9.64 39.56
N LEU D 755 -4.23 -10.53 39.01
CA LEU D 755 -3.82 -11.75 39.67
C LEU D 755 -2.47 -11.63 40.39
N GLY D 756 -1.86 -10.45 40.39
CA GLY D 756 -0.59 -10.26 41.06
C GLY D 756 0.18 -9.12 40.42
N ALA D 757 1.50 -9.18 40.57
CA ALA D 757 2.40 -8.22 39.96
C ALA D 757 3.36 -8.95 39.03
N GLU D 758 3.54 -8.42 37.82
CA GLU D 758 4.55 -8.94 36.92
C GLU D 758 5.93 -8.68 37.50
N GLU D 759 6.84 -9.63 37.32
CA GLU D 759 8.19 -9.53 37.85
C GLU D 759 9.21 -9.82 36.75
N ILE D 760 10.08 -8.86 36.48
CA ILE D 760 11.26 -9.14 35.68
C ILE D 760 12.19 -10.05 36.48
N THR D 761 12.60 -11.15 35.86
CA THR D 761 13.39 -12.14 36.60
C THR D 761 14.19 -12.98 35.61
N ARG D 762 15.21 -13.64 36.14
CA ARG D 762 16.01 -14.59 35.38
C ARG D 762 15.40 -15.99 35.37
N ASP D 763 14.42 -16.26 36.22
CA ASP D 763 13.80 -17.58 36.30
C ASP D 763 12.70 -17.67 35.25
N ILE D 764 12.85 -18.62 34.33
CA ILE D 764 11.85 -18.85 33.30
C ILE D 764 11.30 -20.25 33.50
N PRO D 765 9.99 -20.47 33.30
CA PRO D 765 9.41 -21.76 33.73
C PRO D 765 10.03 -22.97 33.06
N ASN D 766 10.14 -22.98 31.74
CA ASN D 766 10.74 -24.09 31.02
C ASN D 766 11.78 -23.55 30.05
N VAL D 767 13.06 -23.80 30.36
CA VAL D 767 14.15 -23.42 29.48
C VAL D 767 15.37 -24.24 29.89
N SER D 768 16.31 -24.39 28.97
CA SER D 768 17.63 -24.87 29.34
C SER D 768 18.44 -23.71 29.93
N ASP D 769 19.40 -24.05 30.80
CA ASP D 769 20.29 -23.03 31.32
C ASP D 769 21.10 -22.36 30.21
N GLU D 770 21.07 -22.91 28.99
CA GLU D 770 21.81 -22.31 27.88
C GLU D 770 21.16 -21.00 27.44
N VAL D 771 19.84 -21.01 27.22
CA VAL D 771 19.16 -19.79 26.80
C VAL D 771 19.41 -18.66 27.78
N LEU D 772 19.37 -18.96 29.08
CA LEU D 772 19.66 -17.99 30.12
C LEU D 772 21.14 -17.65 30.21
N ALA D 773 22.00 -18.31 29.44
CA ALA D 773 23.44 -18.13 29.59
C ALA D 773 23.87 -16.68 29.43
N ASP D 774 23.14 -15.89 28.67
CA ASP D 774 23.50 -14.49 28.43
C ASP D 774 22.75 -13.50 29.34
N LEU D 775 21.90 -13.98 30.24
CA LEU D 775 21.16 -13.10 31.13
C LEU D 775 21.92 -12.83 32.42
N ASP D 776 21.79 -11.63 32.95
CA ASP D 776 22.40 -11.27 34.22
C ASP D 776 21.46 -11.66 35.36
N GLU D 777 21.76 -11.19 36.57
CA GLU D 777 20.92 -11.51 37.73
C GLU D 777 19.46 -11.20 37.46
N ARG D 778 19.15 -9.92 37.23
CA ARG D 778 17.76 -9.48 37.07
C ARG D 778 17.06 -10.13 35.89
N GLY D 779 17.78 -10.79 34.99
CA GLY D 779 17.17 -11.41 33.84
C GLY D 779 17.15 -10.58 32.58
N ILE D 780 18.02 -9.59 32.46
CA ILE D 780 18.12 -8.77 31.25
C ILE D 780 19.46 -9.05 30.58
N VAL D 781 19.46 -9.08 29.25
CA VAL D 781 20.64 -9.47 28.50
C VAL D 781 21.82 -8.60 28.88
N ARG D 782 23.00 -9.22 28.97
CA ARG D 782 24.20 -8.52 29.37
C ARG D 782 24.76 -7.68 28.24
N ILE D 783 25.28 -6.50 28.59
CA ILE D 783 25.85 -5.61 27.60
C ILE D 783 26.96 -6.35 26.86
N GLY D 784 27.11 -6.03 25.57
CA GLY D 784 28.11 -6.66 24.75
C GLY D 784 27.80 -8.07 24.30
N ALA D 785 26.62 -8.59 24.63
CA ALA D 785 26.22 -9.93 24.22
C ALA D 785 25.82 -9.95 22.74
N GLU D 786 25.86 -11.14 22.16
CA GLU D 786 25.43 -11.38 20.79
C GLU D 786 24.08 -12.09 20.83
N VAL D 787 23.12 -11.59 20.05
CA VAL D 787 21.74 -12.03 20.13
C VAL D 787 21.25 -12.43 18.75
N ARG D 788 20.67 -13.63 18.66
CA ARG D 788 20.10 -14.16 17.42
C ARG D 788 18.58 -14.04 17.46
N ASP D 789 17.93 -14.41 16.36
CA ASP D 789 16.48 -14.41 16.32
C ASP D 789 15.92 -15.39 17.34
N GLY D 790 15.01 -14.90 18.19
CA GLY D 790 14.41 -15.72 19.22
C GLY D 790 15.14 -15.73 20.54
N ASP D 791 16.31 -15.10 20.63
CA ASP D 791 17.03 -15.05 21.89
C ASP D 791 16.29 -14.18 22.89
N ILE D 792 16.51 -14.46 24.17
CA ILE D 792 15.86 -13.70 25.23
C ILE D 792 16.64 -12.42 25.48
N LEU D 793 15.92 -11.32 25.59
CA LEU D 793 16.49 -10.03 25.98
C LEU D 793 16.16 -9.72 27.43
N VAL D 794 14.88 -9.61 27.77
CA VAL D 794 14.42 -9.40 29.13
C VAL D 794 13.47 -10.53 29.50
N GLY D 795 13.83 -11.28 30.53
CA GLY D 795 12.91 -12.28 31.08
C GLY D 795 11.82 -11.62 31.91
N LYS D 796 10.59 -12.07 31.71
CA LYS D 796 9.44 -11.56 32.47
C LYS D 796 8.49 -12.71 32.73
N VAL D 797 7.65 -12.54 33.75
CA VAL D 797 6.72 -13.58 34.17
C VAL D 797 5.44 -12.92 34.68
N THR D 798 4.31 -13.57 34.40
CA THR D 798 3.00 -13.09 34.82
C THR D 798 2.19 -14.22 35.45
N PRO D 799 1.41 -13.93 36.48
CA PRO D 799 0.63 -14.99 37.14
C PRO D 799 -0.37 -15.64 36.20
N LYS D 800 -0.77 -16.87 36.56
CA LYS D 800 -1.63 -17.68 35.72
C LYS D 800 -2.51 -18.56 36.61
N GLY D 801 -3.77 -18.73 36.21
CA GLY D 801 -4.65 -19.69 36.85
C GLY D 801 -6.14 -19.40 36.72
N GLU D 802 -6.97 -20.37 37.11
CA GLU D 802 -6.49 -21.70 37.47
C GLU D 802 -6.06 -22.45 36.21
N THR D 803 -4.96 -23.18 36.31
CA THR D 803 -4.31 -23.72 35.13
C THR D 803 -5.10 -24.86 34.49
N GLU D 804 -5.40 -25.90 35.26
CA GLU D 804 -5.98 -27.14 34.75
C GLU D 804 -5.08 -27.76 33.67
N LEU D 805 -3.94 -28.27 34.14
CA LEU D 805 -2.99 -28.92 33.24
C LEU D 805 -3.61 -30.15 32.59
N THR D 806 -3.15 -30.45 31.38
CA THR D 806 -3.62 -31.64 30.68
C THR D 806 -3.09 -32.89 31.38
N PRO D 807 -3.88 -33.97 31.44
CA PRO D 807 -3.40 -35.20 32.10
C PRO D 807 -2.05 -35.66 31.56
N GLU D 808 -1.89 -35.67 30.24
CA GLU D 808 -0.63 -36.09 29.66
C GLU D 808 0.52 -35.20 30.10
N GLU D 809 0.23 -33.93 30.41
CA GLU D 809 1.26 -33.04 30.93
C GLU D 809 1.52 -33.25 32.41
N ARG D 810 0.48 -33.58 33.19
CA ARG D 810 0.68 -33.82 34.62
C ARG D 810 1.43 -35.10 34.91
N LEU D 811 1.38 -36.07 33.99
CA LEU D 811 2.11 -37.32 34.21
C LEU D 811 3.61 -37.11 34.07
N LEU D 812 4.03 -36.39 33.03
CA LEU D 812 5.46 -36.10 32.87
C LEU D 812 5.99 -35.32 34.07
N ARG D 813 5.18 -34.43 34.63
CA ARG D 813 5.59 -33.68 35.82
C ARG D 813 5.97 -34.63 36.95
N ALA D 814 5.10 -35.60 37.23
CA ALA D 814 5.41 -36.58 38.29
C ALA D 814 6.69 -37.35 37.96
N ILE D 815 6.85 -37.74 36.70
CA ILE D 815 8.00 -38.58 36.31
C ILE D 815 9.30 -37.80 36.47
N PHE D 816 9.38 -36.62 35.85
CA PHE D 816 10.60 -35.81 35.89
C PHE D 816 10.61 -34.83 37.06
N GLY D 817 9.54 -34.76 37.84
CA GLY D 817 9.56 -34.02 39.09
C GLY D 817 9.69 -32.52 38.97
N GLU D 818 9.30 -31.95 37.83
CA GLU D 818 9.32 -30.49 37.67
C GLU D 818 7.95 -29.95 38.05
N LYS D 819 7.87 -29.23 39.16
CA LYS D 819 6.61 -28.64 39.59
C LYS D 819 6.07 -27.73 38.50
N ALA D 820 4.81 -27.94 38.12
CA ALA D 820 4.17 -26.96 37.26
C ALA D 820 4.24 -25.60 37.93
N ARG D 821 4.84 -24.63 37.23
CA ARG D 821 5.14 -23.36 37.88
C ARG D 821 3.90 -22.48 37.95
N GLU D 822 3.90 -21.60 38.95
CA GLU D 822 2.73 -20.78 39.25
C GLU D 822 2.40 -19.75 38.18
N VAL D 823 3.29 -19.52 37.21
CA VAL D 823 3.18 -18.34 36.36
C VAL D 823 3.58 -18.67 34.93
N ARG D 824 2.92 -17.98 33.99
CA ARG D 824 3.21 -18.08 32.57
C ARG D 824 4.48 -17.31 32.23
N ASP D 825 5.11 -17.69 31.12
CA ASP D 825 6.33 -17.03 30.66
C ASP D 825 5.95 -16.05 29.55
N THR D 826 5.96 -14.76 29.89
CA THR D 826 5.84 -13.68 28.92
C THR D 826 7.15 -12.91 28.97
N SER D 827 7.98 -13.08 27.95
CA SER D 827 9.35 -12.58 28.00
C SER D 827 9.70 -11.92 26.68
N LEU D 828 10.65 -10.99 26.74
CA LEU D 828 11.06 -10.20 25.59
C LEU D 828 12.14 -10.93 24.82
N LYS D 829 11.87 -11.23 23.56
CA LYS D 829 12.81 -11.89 22.67
C LYS D 829 12.99 -11.05 21.41
N VAL D 830 14.07 -11.30 20.69
CA VAL D 830 14.41 -10.50 19.52
C VAL D 830 13.56 -10.95 18.33
N PRO D 831 13.02 -10.00 17.55
CA PRO D 831 12.13 -10.39 16.44
C PRO D 831 12.81 -11.30 15.44
N HIS D 832 11.98 -12.09 14.75
CA HIS D 832 12.45 -12.97 13.69
C HIS D 832 13.27 -12.20 12.66
N GLY D 833 14.40 -12.78 12.26
CA GLY D 833 15.21 -12.20 11.21
C GLY D 833 16.08 -11.03 11.61
N GLU D 834 16.34 -10.85 12.90
CA GLU D 834 17.13 -9.74 13.41
C GLU D 834 18.29 -10.28 14.24
N SER D 835 19.30 -9.44 14.46
CA SER D 835 20.51 -9.88 15.15
C SER D 835 21.44 -8.70 15.35
N GLY D 836 22.39 -8.86 16.25
CA GLY D 836 23.36 -7.82 16.54
C GLY D 836 23.96 -7.99 17.93
N LYS D 837 24.70 -6.97 18.33
CA LYS D 837 25.30 -6.89 19.67
C LYS D 837 24.47 -5.97 20.54
N VAL D 838 24.40 -6.31 21.83
CA VAL D 838 23.66 -5.48 22.79
C VAL D 838 24.54 -4.28 23.14
N ILE D 839 24.01 -3.07 22.91
CA ILE D 839 24.74 -1.82 23.07
C ILE D 839 24.54 -1.26 24.47
N GLY D 840 23.30 -0.95 24.82
CA GLY D 840 23.02 -0.29 26.08
C GLY D 840 21.68 -0.74 26.64
N ILE D 841 21.48 -0.44 27.92
CA ILE D 841 20.30 -0.87 28.65
C ILE D 841 19.81 0.28 29.51
N ARG D 842 18.50 0.48 29.52
CA ARG D 842 17.86 1.52 30.30
C ARG D 842 16.76 0.88 31.13
N VAL D 843 16.82 1.05 32.45
CA VAL D 843 15.88 0.44 33.38
C VAL D 843 15.23 1.53 34.22
N PHE D 844 13.90 1.52 34.25
CA PHE D 844 13.12 2.39 35.12
C PHE D 844 12.31 1.52 36.06
N SER D 845 12.56 1.65 37.36
CA SER D 845 11.92 0.81 38.36
C SER D 845 11.05 1.66 39.28
N ARG D 846 9.90 1.10 39.67
CA ARG D 846 9.08 1.76 40.67
C ARG D 846 9.75 1.72 42.05
N GLU D 847 10.45 0.63 42.35
CA GLU D 847 11.20 0.54 43.60
C GLU D 847 12.16 1.72 43.72
N ASP D 848 13.04 1.89 42.74
CA ASP D 848 13.71 3.17 42.56
C ASP D 848 12.65 4.23 42.36
N ASP D 849 12.95 5.45 42.83
CA ASP D 849 11.94 6.51 42.77
C ASP D 849 11.37 6.64 41.36
N ASP D 850 12.25 6.90 40.39
CA ASP D 850 11.87 6.89 38.97
C ASP D 850 10.57 7.63 38.71
N GLU D 851 9.72 7.05 37.86
CA GLU D 851 8.36 7.49 37.60
C GLU D 851 7.80 6.58 36.53
N LEU D 852 6.47 6.49 36.46
CA LEU D 852 5.80 5.55 35.55
C LEU D 852 4.29 5.73 35.60
N PRO D 853 3.57 5.40 34.53
CA PRO D 853 2.11 5.40 34.59
C PRO D 853 1.60 4.40 35.62
N ALA D 854 0.42 4.68 36.15
CA ALA D 854 -0.16 3.83 37.18
C ALA D 854 -0.25 2.39 36.71
N GLY D 855 0.27 1.48 37.53
CA GLY D 855 0.28 0.07 37.24
C GLY D 855 1.61 -0.48 36.76
N VAL D 856 2.48 0.37 36.24
CA VAL D 856 3.77 -0.05 35.68
C VAL D 856 4.83 0.09 36.77
N ASN D 857 5.37 -1.04 37.22
CA ASN D 857 6.43 -1.05 38.23
C ASN D 857 7.83 -0.87 37.65
N GLU D 858 8.15 -1.53 36.54
CA GLU D 858 9.51 -1.53 36.02
C GLU D 858 9.47 -1.51 34.49
N LEU D 859 10.34 -0.69 33.91
CA LEU D 859 10.45 -0.56 32.46
C LEU D 859 11.92 -0.68 32.09
N VAL D 860 12.23 -1.59 31.16
CA VAL D 860 13.59 -1.82 30.71
C VAL D 860 13.62 -1.74 29.19
N ARG D 861 14.51 -0.93 28.66
CA ARG D 861 14.72 -0.81 27.22
C ARG D 861 16.11 -1.33 26.86
N VAL D 862 16.18 -2.10 25.77
CA VAL D 862 17.41 -2.72 25.31
C VAL D 862 17.68 -2.23 23.90
N TYR D 863 18.92 -1.79 23.65
CA TYR D 863 19.32 -1.22 22.38
C TYR D 863 20.29 -2.19 21.70
N VAL D 864 19.89 -2.75 20.56
CA VAL D 864 20.71 -3.67 19.79
C VAL D 864 21.20 -2.96 18.53
N ALA D 865 22.46 -3.20 18.19
CA ALA D 865 23.10 -2.54 17.05
C ALA D 865 23.83 -3.57 16.21
N GLN D 866 23.95 -3.28 14.91
CA GLN D 866 24.63 -4.19 14.00
C GLN D 866 25.30 -3.41 12.87
N LYS D 867 26.46 -3.90 12.44
CA LYS D 867 27.10 -3.42 11.23
C LYS D 867 26.50 -4.15 10.03
N ARG D 868 26.01 -3.39 9.06
CA ARG D 868 25.42 -3.97 7.86
C ARG D 868 26.38 -3.76 6.69
N LYS D 869 27.01 -4.84 6.25
CA LYS D 869 27.81 -4.78 5.03
C LYS D 869 26.89 -4.61 3.82
N ILE D 870 27.39 -3.87 2.83
CA ILE D 870 26.62 -3.72 1.60
C ILE D 870 26.33 -5.09 1.03
N SER D 871 25.07 -5.38 0.76
CA SER D 871 24.61 -6.74 0.49
C SER D 871 23.84 -6.77 -0.82
N ASP D 872 23.93 -7.90 -1.51
CA ASP D 872 23.12 -8.08 -2.72
C ASP D 872 21.65 -7.99 -2.37
N GLY D 873 20.94 -7.10 -3.05
CA GLY D 873 19.57 -6.76 -2.72
C GLY D 873 19.41 -5.40 -2.09
N ASP D 874 20.50 -4.78 -1.63
CA ASP D 874 20.42 -3.41 -1.14
C ASP D 874 20.30 -2.44 -2.31
N LYS D 875 19.72 -1.28 -2.04
CA LYS D 875 19.39 -0.29 -3.05
C LYS D 875 20.37 0.87 -2.98
N LEU D 876 20.96 1.20 -4.13
CA LEU D 876 21.93 2.27 -4.27
C LEU D 876 21.41 3.25 -5.31
N ALA D 877 22.04 4.42 -5.38
CA ALA D 877 21.58 5.41 -6.33
C ALA D 877 22.49 6.62 -6.33
N GLY D 878 22.39 7.40 -7.39
CA GLY D 878 23.06 8.68 -7.52
C GLY D 878 22.08 9.83 -7.37
N ARG D 879 22.63 11.03 -7.40
CA ARG D 879 21.84 12.24 -7.20
C ARG D 879 20.93 12.57 -8.38
N HIS D 880 21.03 11.83 -9.49
CA HIS D 880 20.32 12.15 -10.71
C HIS D 880 19.03 11.37 -10.89
N GLY D 881 18.62 10.58 -9.89
CA GLY D 881 17.46 9.73 -10.02
C GLY D 881 17.75 8.34 -10.52
N ASN D 882 19.02 8.03 -10.78
CA ASN D 882 19.41 6.69 -11.18
C ASN D 882 19.49 5.79 -9.95
N LYS D 883 18.68 4.74 -9.93
CA LYS D 883 18.59 3.86 -8.77
C LYS D 883 18.58 2.41 -9.24
N GLY D 884 19.04 1.53 -8.36
CA GLY D 884 19.00 0.11 -8.67
C GLY D 884 19.46 -0.71 -7.49
N VAL D 885 19.02 -1.97 -7.48
CA VAL D 885 19.48 -2.93 -6.49
C VAL D 885 20.84 -3.46 -6.87
N ILE D 886 21.57 -3.95 -5.88
CA ILE D 886 22.80 -4.69 -6.14
C ILE D 886 22.42 -6.08 -6.60
N GLY D 887 22.76 -6.42 -7.84
CA GLY D 887 22.42 -7.73 -8.35
C GLY D 887 23.51 -8.75 -8.16
N LYS D 888 24.76 -8.29 -8.12
CA LYS D 888 25.88 -9.18 -7.89
C LYS D 888 27.06 -8.39 -7.36
N ILE D 889 27.94 -9.10 -6.67
CA ILE D 889 29.20 -8.55 -6.16
C ILE D 889 30.27 -9.57 -6.50
N LEU D 890 31.32 -9.13 -7.19
CA LEU D 890 32.27 -10.09 -7.70
C LEU D 890 33.57 -10.00 -6.92
N PRO D 891 34.32 -11.10 -6.83
CA PRO D 891 35.68 -11.00 -6.30
C PRO D 891 36.44 -9.94 -7.06
N VAL D 892 37.20 -9.11 -6.33
CA VAL D 892 37.98 -8.07 -6.98
C VAL D 892 38.86 -8.66 -8.09
N GLU D 893 39.17 -9.96 -8.01
CA GLU D 893 39.97 -10.62 -9.04
C GLU D 893 39.32 -10.48 -10.41
N ASP D 894 38.09 -10.93 -10.56
CA ASP D 894 37.41 -10.85 -11.86
C ASP D 894 36.44 -9.67 -11.82
N MET D 895 36.91 -8.55 -12.34
CA MET D 895 36.12 -7.35 -12.58
C MET D 895 36.80 -6.62 -13.71
N PRO D 896 36.09 -5.79 -14.47
CA PRO D 896 36.79 -4.89 -15.38
C PRO D 896 37.82 -4.10 -14.58
N PHE D 897 39.06 -4.12 -15.05
CA PHE D 897 40.14 -3.45 -14.34
C PHE D 897 41.02 -2.70 -15.31
N LEU D 898 41.43 -1.50 -14.90
CA LEU D 898 42.17 -0.60 -15.75
C LEU D 898 43.56 -1.16 -16.06
N PRO D 899 44.26 -0.58 -17.03
CA PRO D 899 45.63 -1.02 -17.32
C PRO D 899 46.52 -1.06 -16.09
N ASP D 900 46.26 -0.24 -15.07
CA ASP D 900 47.07 -0.26 -13.86
C ASP D 900 46.92 -1.57 -13.09
N GLY D 901 45.89 -2.35 -13.40
CA GLY D 901 45.44 -3.37 -12.48
C GLY D 901 44.48 -2.84 -11.42
N THR D 902 43.85 -1.69 -11.68
CA THR D 902 42.96 -1.07 -10.71
C THR D 902 41.53 -1.52 -11.00
N PRO D 903 40.93 -2.37 -10.18
CA PRO D 903 39.58 -2.84 -10.48
C PRO D 903 38.56 -1.72 -10.35
N VAL D 904 37.51 -1.81 -11.17
CA VAL D 904 36.37 -0.91 -11.04
C VAL D 904 35.47 -1.40 -9.91
N ASP D 905 34.89 -0.45 -9.19
CA ASP D 905 34.01 -0.80 -8.08
C ASP D 905 32.58 -1.11 -8.51
N ILE D 906 32.02 -0.36 -9.45
CA ILE D 906 30.64 -0.54 -9.90
C ILE D 906 30.62 -0.64 -11.43
N ILE D 907 29.77 -1.52 -11.94
CA ILE D 907 29.47 -1.62 -13.37
C ILE D 907 28.01 -1.24 -13.56
N LEU D 908 27.77 -0.11 -14.21
CA LEU D 908 26.41 0.35 -14.48
C LEU D 908 26.04 0.03 -15.93
N ASN D 909 24.81 -0.43 -16.13
CA ASN D 909 24.39 -0.82 -17.47
C ASN D 909 24.22 0.40 -18.37
N THR D 910 24.65 0.26 -19.62
CA THR D 910 24.63 1.38 -20.56
C THR D 910 23.21 1.73 -20.98
N HIS D 911 22.29 0.77 -20.95
CA HIS D 911 20.99 0.94 -21.59
C HIS D 911 20.05 1.84 -20.79
N GLY D 912 20.13 1.81 -19.46
CA GLY D 912 19.23 2.62 -18.67
C GLY D 912 19.49 4.11 -18.80
N VAL D 913 20.72 4.48 -19.16
CA VAL D 913 21.14 5.88 -19.17
C VAL D 913 20.47 6.68 -20.28
N PRO D 914 20.54 6.25 -21.56
CA PRO D 914 20.19 7.17 -22.65
C PRO D 914 18.73 7.61 -22.65
N ARG D 915 17.80 6.72 -22.32
CA ARG D 915 16.39 7.03 -22.47
C ARG D 915 15.80 7.84 -21.33
N ARG D 916 16.52 7.98 -20.21
CA ARG D 916 15.95 8.57 -19.00
C ARG D 916 16.24 10.06 -18.84
N MET D 917 17.02 10.67 -19.74
CA MET D 917 17.30 12.10 -19.72
C MET D 917 18.04 12.54 -18.46
N ASN D 918 18.74 11.62 -17.80
CA ASN D 918 19.52 11.90 -16.60
C ASN D 918 21.00 12.15 -16.90
N ILE D 919 21.36 12.37 -18.16
CA ILE D 919 22.75 12.29 -18.63
C ILE D 919 23.72 13.07 -17.76
N GLY D 920 23.21 13.96 -16.92
CA GLY D 920 24.07 14.59 -15.94
C GLY D 920 24.93 13.59 -15.19
N GLN D 921 24.43 12.36 -15.01
CA GLN D 921 25.20 11.31 -14.34
C GLN D 921 26.43 10.90 -15.12
N ILE D 922 26.44 11.10 -16.44
CA ILE D 922 27.64 10.81 -17.22
C ILE D 922 28.66 11.93 -17.07
N LEU D 923 28.19 13.17 -17.07
CA LEU D 923 29.07 14.31 -16.84
C LEU D 923 29.86 14.13 -15.55
N GLU D 924 29.16 14.07 -14.41
CA GLU D 924 29.84 13.92 -13.14
C GLU D 924 30.70 12.67 -13.10
N THR D 925 30.39 11.65 -13.91
CA THR D 925 31.29 10.52 -14.03
C THR D 925 32.62 10.94 -14.64
N HIS D 926 32.57 11.83 -15.63
CA HIS D 926 33.80 12.37 -16.21
C HIS D 926 34.51 13.29 -15.22
N LEU D 927 33.80 14.31 -14.72
CA LEU D 927 34.39 15.20 -13.74
C LEU D 927 34.97 14.42 -12.56
N GLY D 928 34.23 13.40 -12.10
CA GLY D 928 34.74 12.55 -11.05
C GLY D 928 36.12 12.03 -11.33
N TRP D 929 36.38 11.61 -12.58
CA TRP D 929 37.72 11.18 -12.93
C TRP D 929 38.69 12.35 -12.91
N VAL D 930 38.28 13.50 -13.46
CA VAL D 930 39.12 14.70 -13.41
C VAL D 930 39.54 14.98 -11.98
N ALA D 931 38.56 15.25 -11.11
CA ALA D 931 38.84 15.62 -9.73
C ALA D 931 39.72 14.60 -9.02
N LYS D 932 39.64 13.33 -9.43
CA LYS D 932 40.42 12.29 -8.76
C LYS D 932 41.87 12.29 -9.23
N ALA D 933 42.12 12.50 -10.52
CA ALA D 933 43.47 12.42 -11.07
C ALA D 933 44.18 13.75 -11.22
N GLY D 934 43.51 14.87 -10.97
CA GLY D 934 44.12 16.18 -11.16
C GLY D 934 44.24 16.54 -12.64
N TRP D 935 44.88 17.68 -12.91
CA TRP D 935 45.01 18.16 -14.28
C TRP D 935 45.83 19.45 -14.30
N ASN D 936 46.19 19.87 -15.51
CA ASN D 936 46.95 21.09 -15.76
C ASN D 936 46.41 21.75 -17.03
N ILE D 937 46.84 22.99 -17.26
CA ILE D 937 46.49 23.69 -18.50
C ILE D 937 47.30 23.06 -19.64
N ASP D 938 47.12 23.43 -20.91
CA ASP D 938 46.27 24.50 -21.46
C ASP D 938 47.03 25.83 -21.48
N VAL D 939 48.21 25.84 -20.87
CA VAL D 939 49.13 26.97 -20.98
C VAL D 939 50.51 26.39 -20.72
N ALA D 940 51.56 26.98 -21.29
CA ALA D 940 51.51 28.13 -22.18
C ALA D 940 51.35 27.67 -23.65
N ALA D 941 51.47 28.57 -24.63
CA ALA D 941 51.79 29.97 -24.43
C ALA D 941 50.62 30.74 -23.83
N GLY D 942 49.47 30.67 -24.49
CA GLY D 942 48.27 31.32 -24.02
C GLY D 942 47.27 30.32 -23.45
N VAL D 943 46.17 30.88 -22.95
CA VAL D 943 45.06 30.06 -22.45
C VAL D 943 44.18 29.66 -23.63
N PRO D 944 43.78 28.39 -23.73
CA PRO D 944 43.02 27.95 -24.91
C PRO D 944 41.66 28.63 -24.98
N ASP D 945 41.04 28.52 -26.16
CA ASP D 945 39.80 29.24 -26.43
C ASP D 945 38.70 28.87 -25.44
N TRP D 946 38.58 27.59 -25.10
CA TRP D 946 37.44 27.16 -24.29
C TRP D 946 37.53 27.69 -22.87
N ALA D 947 38.74 27.79 -22.31
CA ALA D 947 38.94 28.26 -20.95
C ALA D 947 38.69 29.76 -20.80
N SER D 948 38.40 30.47 -21.88
CA SER D 948 38.33 31.92 -21.87
C SER D 948 37.07 32.47 -21.21
N LYS D 949 36.05 31.66 -20.95
CA LYS D 949 34.76 32.21 -20.55
C LYS D 949 34.29 32.24 -19.07
N LEU D 950 35.01 31.70 -18.08
CA LEU D 950 36.38 31.20 -18.11
C LEU D 950 36.69 30.60 -16.75
N PRO D 951 37.35 29.43 -16.72
CA PRO D 951 37.94 28.97 -15.47
C PRO D 951 38.98 29.96 -14.99
N GLU D 952 38.88 30.35 -13.71
CA GLU D 952 39.76 31.34 -13.11
C GLU D 952 40.46 30.70 -11.92
N GLU D 953 41.78 30.64 -11.96
CA GLU D 953 42.60 29.95 -10.97
C GLU D 953 42.35 28.44 -10.99
N LEU D 954 41.42 27.96 -11.80
CA LEU D 954 41.11 26.55 -11.98
C LEU D 954 42.07 25.84 -12.92
N TYR D 955 43.06 26.57 -13.46
CA TYR D 955 43.92 26.01 -14.50
C TYR D 955 44.64 24.75 -14.02
N SER D 956 44.89 24.63 -12.72
CA SER D 956 45.56 23.45 -12.19
C SER D 956 44.96 23.05 -10.86
N ALA D 957 44.65 21.77 -10.72
CA ALA D 957 44.29 21.18 -9.44
C ALA D 957 45.05 19.88 -9.26
N PRO D 958 45.53 19.59 -8.06
CA PRO D 958 46.26 18.33 -7.86
C PRO D 958 45.33 17.13 -7.85
N ALA D 959 45.90 15.93 -7.68
CA ALA D 959 45.07 14.73 -7.62
C ALA D 959 44.26 14.70 -6.34
N ASP D 960 43.00 14.29 -6.46
CA ASP D 960 42.07 14.11 -5.35
C ASP D 960 41.36 15.40 -4.94
N SER D 961 41.68 16.54 -5.55
CA SER D 961 40.98 17.77 -5.21
C SER D 961 39.48 17.64 -5.50
N THR D 962 38.68 18.31 -4.68
CA THR D 962 37.22 18.27 -4.81
C THR D 962 36.72 19.48 -5.59
N VAL D 963 35.66 19.26 -6.35
CA VAL D 963 35.12 20.25 -7.28
C VAL D 963 33.71 20.63 -6.86
N ALA D 964 33.28 21.82 -7.28
CA ALA D 964 31.92 22.29 -7.06
C ALA D 964 31.42 22.96 -8.32
N THR D 965 30.30 22.48 -8.84
CA THR D 965 29.64 23.08 -10.01
C THR D 965 28.23 23.48 -9.58
N PRO D 966 28.06 24.69 -9.07
CA PRO D 966 26.70 25.13 -8.69
C PRO D 966 25.73 24.88 -9.84
N VAL D 967 24.49 24.56 -9.46
CA VAL D 967 23.53 24.00 -10.41
C VAL D 967 23.52 24.79 -11.72
N PHE D 968 23.03 26.03 -11.68
CA PHE D 968 22.72 26.73 -12.92
C PHE D 968 23.85 27.61 -13.43
N ASP D 969 24.97 27.71 -12.72
CA ASP D 969 26.25 27.97 -13.38
C ASP D 969 27.22 26.91 -12.86
N GLY D 970 27.48 25.90 -13.69
CA GLY D 970 28.44 24.87 -13.43
C GLY D 970 29.60 24.91 -14.40
N ALA D 971 30.32 23.78 -14.48
CA ALA D 971 31.20 23.56 -15.61
C ALA D 971 30.36 23.44 -16.89
N GLN D 972 31.00 23.73 -18.02
CA GLN D 972 30.31 23.70 -19.29
C GLN D 972 31.01 22.71 -20.23
N GLU D 973 30.23 22.20 -21.20
CA GLU D 973 30.68 21.08 -22.02
C GLU D 973 32.08 21.32 -22.58
N GLY D 974 32.34 22.51 -23.11
CA GLY D 974 33.67 22.81 -23.61
C GLY D 974 34.73 22.58 -22.55
N GLU D 975 34.48 23.05 -21.33
CA GLU D 975 35.47 22.95 -20.26
C GLU D 975 35.73 21.52 -19.84
N LEU D 976 34.76 20.62 -20.05
CA LEU D 976 34.98 19.21 -19.71
C LEU D 976 36.02 18.59 -20.62
N ALA D 977 35.82 18.67 -21.94
CA ALA D 977 36.76 18.07 -22.87
C ALA D 977 38.18 18.52 -22.58
N GLY D 978 38.40 19.83 -22.52
CA GLY D 978 39.73 20.35 -22.22
C GLY D 978 40.35 19.69 -20.99
N LEU D 979 39.54 19.45 -19.96
CA LEU D 979 40.05 18.78 -18.77
C LEU D 979 40.16 17.28 -18.96
N LEU D 980 39.33 16.70 -19.81
CA LEU D 980 39.33 15.24 -19.96
C LEU D 980 40.72 14.72 -20.30
N GLY D 981 41.38 15.33 -21.30
CA GLY D 981 42.80 15.07 -21.31
C GLY D 981 43.45 15.81 -20.15
N SER D 982 43.81 15.06 -19.13
CA SER D 982 44.70 15.45 -18.04
C SER D 982 44.43 14.36 -17.01
N THR D 983 45.34 14.10 -16.08
CA THR D 983 46.78 14.20 -16.24
C THR D 983 47.28 12.86 -15.76
N LEU D 984 48.41 12.40 -16.26
CA LEU D 984 49.01 11.20 -15.68
C LEU D 984 49.44 11.54 -14.26
N PRO D 985 50.10 10.59 -13.58
CA PRO D 985 50.14 9.17 -13.91
C PRO D 985 49.11 8.39 -13.12
N ASN D 986 49.04 7.09 -13.34
CA ASN D 986 48.67 6.19 -12.25
C ASN D 986 49.74 6.35 -11.18
N ARG D 987 50.93 5.81 -11.47
CA ARG D 987 52.19 6.18 -10.85
C ARG D 987 53.18 6.39 -11.98
N ASP D 988 53.45 5.32 -12.71
CA ASP D 988 54.14 5.39 -13.99
C ASP D 988 53.39 6.35 -14.93
N GLY D 989 54.15 7.00 -15.80
CA GLY D 989 53.65 8.15 -16.52
C GLY D 989 52.51 7.91 -17.48
N GLU D 990 52.03 6.67 -17.56
CA GLU D 990 50.96 6.34 -18.47
C GLU D 990 49.63 6.89 -18.01
N VAL D 991 48.76 7.22 -18.97
CA VAL D 991 47.45 7.81 -18.73
C VAL D 991 46.38 6.74 -18.84
N MET D 992 45.42 6.76 -17.91
CA MET D 992 44.40 5.72 -17.83
C MET D 992 43.07 6.09 -18.48
N VAL D 993 42.90 7.32 -18.96
CA VAL D 993 41.63 7.72 -19.57
C VAL D 993 41.92 8.76 -20.64
N ASP D 994 41.19 8.68 -21.74
CA ASP D 994 41.42 9.53 -22.89
C ASP D 994 40.57 10.79 -22.79
N ALA D 995 40.58 11.61 -23.85
CA ALA D 995 39.77 12.81 -23.91
C ALA D 995 38.29 12.52 -24.11
N ASP D 996 37.93 11.26 -24.33
CA ASP D 996 36.54 10.85 -24.42
C ASP D 996 36.00 10.30 -23.10
N GLY D 997 36.84 10.27 -22.05
CA GLY D 997 36.44 9.66 -20.80
C GLY D 997 36.28 8.16 -20.88
N LYS D 998 37.12 7.49 -21.66
CA LYS D 998 37.03 6.04 -21.85
C LYS D 998 38.39 5.42 -21.58
N SER D 999 38.37 4.10 -21.40
CA SER D 999 39.56 3.34 -21.08
C SER D 999 39.36 1.91 -21.57
N THR D 1000 40.47 1.19 -21.72
CA THR D 1000 40.43 -0.21 -22.11
C THR D 1000 40.45 -1.04 -20.84
N LEU D 1001 39.33 -1.71 -20.56
CA LEU D 1001 39.23 -2.57 -19.40
C LEU D 1001 39.58 -3.99 -19.79
N PHE D 1002 40.29 -4.68 -18.89
CA PHE D 1002 40.61 -6.09 -19.06
C PHE D 1002 39.62 -6.91 -18.24
N ASP D 1003 38.99 -7.88 -18.89
CA ASP D 1003 38.11 -8.77 -18.15
C ASP D 1003 38.93 -9.56 -17.15
N GLY D 1004 38.58 -9.46 -15.87
CA GLY D 1004 39.26 -10.23 -14.84
C GLY D 1004 38.91 -11.69 -14.84
N ARG D 1005 38.05 -12.11 -15.76
CA ARG D 1005 37.58 -13.48 -15.86
C ARG D 1005 38.41 -14.27 -16.88
N SER D 1006 38.37 -13.86 -18.15
CA SER D 1006 39.17 -14.48 -19.18
C SER D 1006 40.56 -13.88 -19.31
N GLY D 1007 40.79 -12.69 -18.75
CA GLY D 1007 42.06 -12.00 -18.88
C GLY D 1007 42.26 -11.25 -20.18
N GLU D 1008 41.39 -11.38 -21.12
CA GLU D 1008 41.58 -10.65 -22.35
C GLU D 1008 40.90 -9.29 -22.28
N PRO D 1009 41.39 -8.31 -23.02
CA PRO D 1009 40.78 -6.97 -22.98
C PRO D 1009 39.38 -6.99 -23.58
N PHE D 1010 38.62 -5.95 -23.26
CA PHE D 1010 37.31 -5.82 -23.88
C PHE D 1010 37.46 -5.10 -25.21
N PRO D 1011 36.84 -5.61 -26.28
CA PRO D 1011 37.18 -5.15 -27.64
C PRO D 1011 37.16 -3.65 -27.84
N TYR D 1012 36.32 -2.91 -27.12
CA TYR D 1012 36.13 -1.49 -27.37
C TYR D 1012 36.49 -0.67 -26.13
N PRO D 1013 36.81 0.62 -26.31
CA PRO D 1013 37.06 1.49 -25.15
C PRO D 1013 35.76 1.74 -24.38
N VAL D 1014 35.85 1.63 -23.06
CA VAL D 1014 34.69 1.73 -22.18
C VAL D 1014 34.84 2.97 -21.32
N THR D 1015 33.71 3.63 -21.04
CA THR D 1015 33.72 4.80 -20.17
C THR D 1015 33.96 4.37 -18.72
N VAL D 1016 34.96 5.00 -18.08
CA VAL D 1016 35.20 4.83 -16.66
C VAL D 1016 35.24 6.21 -16.02
N GLY D 1017 35.15 6.23 -14.70
CA GLY D 1017 35.20 7.46 -13.96
C GLY D 1017 34.88 7.20 -12.50
N TYR D 1018 34.55 8.28 -11.80
CA TYR D 1018 34.14 8.21 -10.41
C TYR D 1018 32.76 8.84 -10.27
N MET D 1019 31.82 8.10 -9.71
CA MET D 1019 30.47 8.57 -9.49
C MET D 1019 30.15 8.58 -8.00
N TYR D 1020 29.30 9.53 -7.60
CA TYR D 1020 28.86 9.64 -6.21
C TYR D 1020 27.53 8.90 -6.08
N ILE D 1021 27.54 7.78 -5.35
CA ILE D 1021 26.37 6.94 -5.21
C ILE D 1021 26.06 6.77 -3.73
N LEU D 1022 24.78 6.83 -3.41
CA LEU D 1022 24.31 6.81 -2.02
C LEU D 1022 23.70 5.45 -1.69
N LYS D 1023 23.88 5.03 -0.44
CA LYS D 1023 23.21 3.85 0.09
C LYS D 1023 21.86 4.27 0.65
N LEU D 1024 20.81 3.54 0.29
CA LEU D 1024 19.44 3.96 0.55
C LEU D 1024 18.79 3.05 1.58
N HIS D 1025 17.74 3.58 2.21
CA HIS D 1025 17.20 3.00 3.44
C HIS D 1025 16.29 1.80 3.17
N HIS D 1026 16.18 1.36 1.92
CA HIS D 1026 15.56 0.08 1.61
C HIS D 1026 16.65 -0.99 1.61
N LEU D 1027 16.57 -1.91 2.58
CA LEU D 1027 17.60 -2.93 2.77
C LEU D 1027 16.96 -4.32 2.78
N VAL D 1028 17.73 -5.29 2.29
CA VAL D 1028 17.20 -6.65 2.14
C VAL D 1028 16.86 -7.25 3.50
N ASP D 1029 17.74 -7.08 4.49
CA ASP D 1029 17.48 -7.65 5.81
C ASP D 1029 16.09 -7.25 6.32
N ASP D 1030 15.70 -6.01 6.06
CA ASP D 1030 14.41 -5.52 6.53
C ASP D 1030 13.26 -5.99 5.64
N LYS D 1031 13.50 -6.18 4.34
CA LYS D 1031 12.45 -6.45 3.37
C LYS D 1031 12.25 -7.93 3.07
N ILE D 1032 13.07 -8.81 3.61
CA ILE D 1032 12.91 -10.25 3.39
C ILE D 1032 12.00 -10.81 4.48
N HIS D 1033 10.88 -11.41 4.08
CA HIS D 1033 9.92 -12.01 4.98
C HIS D 1033 9.57 -13.39 4.49
N ALA D 1034 9.28 -14.29 5.45
CA ALA D 1034 8.80 -15.62 5.11
C ALA D 1034 7.95 -16.13 6.27
N ARG D 1035 6.94 -16.93 5.92
CA ARG D 1035 6.06 -17.51 6.93
C ARG D 1035 5.56 -18.86 6.46
N SER D 1036 5.48 -19.80 7.41
CA SER D 1036 4.77 -21.05 7.21
C SER D 1036 3.49 -21.09 8.03
N THR D 1037 3.60 -21.03 9.36
CA THR D 1037 2.48 -20.82 10.25
C THR D 1037 2.84 -19.69 11.21
N GLY D 1038 1.82 -19.07 11.79
CA GLY D 1038 2.04 -17.99 12.72
C GLY D 1038 0.74 -17.52 13.37
N PRO D 1039 0.79 -16.33 13.97
CA PRO D 1039 -0.41 -15.79 14.61
C PRO D 1039 -1.53 -15.60 13.60
N TYR D 1040 -2.77 -15.69 14.09
CA TYR D 1040 -3.95 -15.43 13.30
C TYR D 1040 -4.77 -14.33 13.94
N SER D 1041 -5.61 -13.68 13.11
CA SER D 1041 -6.41 -12.57 13.57
C SER D 1041 -7.55 -13.05 14.48
N MET D 1042 -8.00 -12.17 15.37
CA MET D 1042 -9.01 -12.57 16.35
C MET D 1042 -10.38 -12.74 15.71
N ILE D 1043 -10.89 -11.70 15.05
CA ILE D 1043 -12.24 -11.76 14.49
C ILE D 1043 -12.28 -12.67 13.27
N THR D 1044 -11.40 -12.41 12.31
CA THR D 1044 -11.16 -13.33 11.21
C THR D 1044 -9.92 -14.14 11.55
N GLN D 1045 -9.93 -15.41 11.15
CA GLN D 1045 -8.80 -16.28 11.48
C GLN D 1045 -7.63 -16.10 10.51
N GLN D 1046 -7.75 -15.17 9.57
CA GLN D 1046 -6.69 -14.94 8.60
C GLN D 1046 -5.37 -14.64 9.30
N PRO D 1047 -4.25 -15.01 8.69
CA PRO D 1047 -2.96 -14.52 9.17
C PRO D 1047 -2.91 -13.01 9.05
N LEU D 1048 -2.23 -12.37 10.00
CA LEU D 1048 -2.15 -10.92 10.06
C LEU D 1048 -0.84 -10.45 9.46
N GLY D 1049 -0.93 -9.52 8.51
CA GLY D 1049 0.23 -9.08 7.76
C GLY D 1049 1.16 -8.17 8.53
N GLY D 1050 2.32 -7.93 7.94
CA GLY D 1050 3.37 -7.15 8.55
C GLY D 1050 4.42 -8.04 9.18
N LYS D 1051 5.66 -7.55 9.18
CA LYS D 1051 6.76 -8.32 9.75
C LYS D 1051 6.66 -8.40 11.26
N ALA D 1052 6.14 -7.36 11.91
CA ALA D 1052 5.99 -7.37 13.36
C ALA D 1052 5.21 -8.59 13.83
N GLN D 1053 4.13 -8.91 13.13
CA GLN D 1053 3.27 -10.03 13.47
C GLN D 1053 3.75 -11.35 12.89
N PHE D 1054 4.89 -11.38 12.21
CA PHE D 1054 5.36 -12.58 11.54
C PHE D 1054 4.39 -12.97 10.41
N GLY D 1055 3.84 -11.97 9.75
CA GLY D 1055 2.64 -12.15 8.95
C GLY D 1055 2.89 -12.79 7.60
N GLY D 1056 1.77 -13.18 6.98
CA GLY D 1056 1.78 -13.75 5.66
C GLY D 1056 1.50 -12.72 4.58
N GLN D 1057 1.59 -13.17 3.34
CA GLN D 1057 1.36 -12.32 2.17
C GLN D 1057 -0.12 -12.26 1.85
N ARG D 1058 -0.55 -11.11 1.36
CA ARG D 1058 -1.95 -10.93 0.95
C ARG D 1058 -2.11 -11.42 -0.48
N PHE D 1059 -2.95 -12.44 -0.66
CA PHE D 1059 -3.38 -12.87 -1.99
C PHE D 1059 -4.68 -12.13 -2.28
N GLY D 1060 -4.62 -11.17 -3.19
CA GLY D 1060 -5.68 -10.19 -3.34
C GLY D 1060 -6.68 -10.54 -4.44
N GLU D 1061 -7.62 -9.62 -4.61
CA GLU D 1061 -8.61 -9.78 -5.68
C GLU D 1061 -7.93 -9.99 -7.02
N MET D 1062 -6.96 -9.14 -7.36
CA MET D 1062 -6.29 -9.24 -8.65
C MET D 1062 -5.49 -10.54 -8.78
N GLU D 1063 -4.93 -11.02 -7.67
CA GLU D 1063 -4.21 -12.29 -7.73
C GLU D 1063 -5.16 -13.45 -8.00
N CYS D 1064 -6.37 -13.40 -7.42
CA CYS D 1064 -7.34 -14.46 -7.67
C CYS D 1064 -7.81 -14.42 -9.13
N TRP D 1065 -7.94 -13.23 -9.70
CA TRP D 1065 -8.23 -13.13 -11.13
C TRP D 1065 -7.20 -13.91 -11.95
N ALA D 1066 -5.92 -13.60 -11.73
CA ALA D 1066 -4.86 -14.33 -12.43
C ALA D 1066 -4.99 -15.84 -12.22
N MET D 1067 -5.27 -16.24 -10.98
CA MET D 1067 -5.42 -17.67 -10.70
C MET D 1067 -6.59 -18.26 -11.49
N GLN D 1068 -7.69 -17.52 -11.60
CA GLN D 1068 -8.85 -18.02 -12.34
C GLN D 1068 -8.56 -18.08 -13.84
N ALA D 1069 -7.85 -17.08 -14.37
CA ALA D 1069 -7.49 -17.12 -15.78
C ALA D 1069 -6.69 -18.36 -16.11
N TYR D 1070 -5.81 -18.79 -15.21
CA TYR D 1070 -5.08 -20.04 -15.40
C TYR D 1070 -5.98 -21.25 -15.31
N GLY D 1071 -7.14 -21.13 -14.67
CA GLY D 1071 -7.99 -22.28 -14.45
C GLY D 1071 -7.50 -23.21 -13.37
N ALA D 1072 -6.71 -22.72 -12.42
CA ALA D 1072 -6.26 -23.58 -11.33
C ALA D 1072 -7.27 -23.42 -10.20
N ALA D 1073 -8.13 -24.42 -10.05
CA ALA D 1073 -9.17 -24.37 -9.02
C ALA D 1073 -8.62 -24.82 -7.68
N TYR D 1074 -7.80 -25.88 -7.69
CA TYR D 1074 -7.29 -26.43 -6.45
C TYR D 1074 -6.26 -25.52 -5.81
N THR D 1075 -5.43 -24.86 -6.62
CA THR D 1075 -4.53 -23.85 -6.09
C THR D 1075 -5.32 -22.71 -5.45
N LEU D 1076 -6.30 -22.18 -6.18
CA LEU D 1076 -7.09 -21.05 -5.68
C LEU D 1076 -7.83 -21.41 -4.41
N GLN D 1077 -8.51 -22.57 -4.41
CA GLN D 1077 -9.21 -23.01 -3.21
C GLN D 1077 -8.25 -23.09 -2.02
N GLU D 1078 -7.07 -23.67 -2.26
CA GLU D 1078 -6.09 -23.87 -1.20
C GLU D 1078 -5.72 -22.55 -0.54
N LEU D 1079 -5.31 -21.57 -1.33
CA LEU D 1079 -4.90 -20.28 -0.79
C LEU D 1079 -5.99 -19.65 0.06
N LEU D 1080 -7.25 -19.84 -0.32
CA LEU D 1080 -8.36 -19.18 0.35
C LEU D 1080 -9.01 -20.02 1.44
N THR D 1081 -8.58 -21.27 1.65
CA THR D 1081 -9.18 -22.06 2.71
C THR D 1081 -8.16 -22.56 3.73
N ILE D 1082 -7.40 -23.61 3.38
CA ILE D 1082 -6.51 -24.23 4.35
C ILE D 1082 -5.23 -23.46 4.55
N LYS D 1083 -4.95 -22.47 3.71
CA LYS D 1083 -3.80 -21.60 3.92
C LYS D 1083 -4.14 -20.29 4.62
N SER D 1084 -5.43 -20.01 4.86
CA SER D 1084 -5.76 -18.84 5.67
C SER D 1084 -6.87 -19.09 6.69
N ASP D 1085 -8.11 -19.23 6.22
CA ASP D 1085 -9.30 -19.05 7.03
C ASP D 1085 -9.85 -20.32 7.64
N ASP D 1086 -9.34 -21.50 7.27
CA ASP D 1086 -9.95 -22.76 7.66
C ASP D 1086 -9.32 -23.21 8.96
N THR D 1087 -10.08 -23.14 10.05
CA THR D 1087 -9.47 -23.30 11.38
C THR D 1087 -9.12 -24.76 11.66
N VAL D 1088 -9.95 -25.70 11.23
CA VAL D 1088 -9.59 -27.11 11.36
C VAL D 1088 -8.65 -27.53 10.26
N GLY D 1089 -8.87 -27.05 9.04
CA GLY D 1089 -8.10 -27.50 7.90
C GLY D 1089 -6.64 -27.07 7.95
N ARG D 1090 -6.35 -25.90 8.51
CA ARG D 1090 -4.97 -25.45 8.54
C ARG D 1090 -4.13 -26.28 9.52
N VAL D 1091 -4.73 -26.73 10.62
CA VAL D 1091 -3.99 -27.59 11.53
C VAL D 1091 -3.90 -29.02 10.99
N LYS D 1092 -4.91 -29.47 10.25
CA LYS D 1092 -4.84 -30.79 9.62
C LYS D 1092 -3.73 -30.84 8.58
N VAL D 1093 -3.71 -29.88 7.66
CA VAL D 1093 -2.69 -29.86 6.62
C VAL D 1093 -1.30 -29.96 7.23
N TYR D 1094 -1.06 -29.19 8.29
CA TYR D 1094 0.19 -29.31 9.03
C TYR D 1094 0.40 -30.74 9.50
N GLU D 1095 -0.61 -31.31 10.16
CA GLU D 1095 -0.53 -32.70 10.59
C GLU D 1095 -0.20 -33.63 9.44
N ALA D 1096 -0.67 -33.32 8.23
CA ALA D 1096 -0.43 -34.19 7.09
C ALA D 1096 1.01 -34.06 6.58
N ILE D 1097 1.53 -32.84 6.49
CA ILE D 1097 2.88 -32.65 5.99
C ILE D 1097 3.89 -33.30 6.92
N VAL D 1098 3.66 -33.21 8.23
CA VAL D 1098 4.61 -33.75 9.19
C VAL D 1098 4.58 -35.27 9.22
N LYS D 1099 3.43 -35.87 8.89
CA LYS D 1099 3.33 -37.32 8.76
C LYS D 1099 3.51 -37.79 7.32
N GLY D 1100 3.75 -36.87 6.38
CA GLY D 1100 3.90 -37.26 5.00
C GLY D 1100 2.67 -37.90 4.39
N GLU D 1101 1.49 -37.64 4.96
CA GLU D 1101 0.26 -38.16 4.40
C GLU D 1101 -0.24 -37.23 3.29
N ASN D 1102 -1.33 -37.62 2.65
CA ASN D 1102 -1.94 -36.76 1.64
C ASN D 1102 -2.59 -35.55 2.30
N ILE D 1103 -2.58 -34.43 1.60
CA ILE D 1103 -3.17 -33.21 2.14
C ILE D 1103 -4.70 -33.34 2.10
N PRO D 1104 -5.38 -33.08 3.21
CA PRO D 1104 -6.82 -33.40 3.28
C PRO D 1104 -7.70 -32.44 2.49
N GLU D 1105 -9.00 -32.71 2.50
CA GLU D 1105 -9.95 -31.87 1.77
C GLU D 1105 -10.27 -30.61 2.58
N PRO D 1106 -10.39 -29.47 1.92
CA PRO D 1106 -10.61 -28.20 2.65
C PRO D 1106 -12.02 -28.10 3.23
N GLY D 1107 -12.13 -27.21 4.22
CA GLY D 1107 -13.39 -26.92 4.86
C GLY D 1107 -13.94 -25.57 4.49
N ILE D 1108 -14.76 -25.02 5.38
CA ILE D 1108 -15.45 -23.76 5.15
C ILE D 1108 -14.57 -22.61 5.66
N PRO D 1109 -14.39 -21.54 4.87
CA PRO D 1109 -13.62 -20.39 5.36
C PRO D 1109 -14.35 -19.72 6.51
N GLU D 1110 -13.61 -19.45 7.60
CA GLU D 1110 -14.23 -18.83 8.76
C GLU D 1110 -14.83 -17.48 8.43
N SER D 1111 -14.19 -16.73 7.53
CA SER D 1111 -14.70 -15.41 7.17
C SER D 1111 -16.13 -15.49 6.62
N PHE D 1112 -16.41 -16.51 5.83
CA PHE D 1112 -17.77 -16.66 5.29
C PHE D 1112 -18.77 -16.91 6.41
N LYS D 1113 -18.45 -17.82 7.34
CA LYS D 1113 -19.29 -18.00 8.51
C LYS D 1113 -19.54 -16.68 9.21
N VAL D 1114 -18.53 -15.81 9.26
CA VAL D 1114 -18.69 -14.49 9.86
C VAL D 1114 -19.66 -13.64 9.06
N LEU D 1115 -19.57 -13.70 7.73
CA LEU D 1115 -20.45 -12.89 6.89
C LEU D 1115 -21.92 -13.20 7.16
N LEU D 1116 -22.27 -14.49 7.16
CA LEU D 1116 -23.64 -14.88 7.50
C LEU D 1116 -24.06 -14.25 8.82
N LYS D 1117 -23.18 -14.30 9.82
CA LYS D 1117 -23.51 -13.74 11.12
C LYS D 1117 -23.73 -12.23 11.03
N GLU D 1118 -22.93 -11.54 10.23
CA GLU D 1118 -23.08 -10.09 10.11
C GLU D 1118 -24.34 -9.72 9.35
N LEU D 1119 -24.76 -10.55 8.39
CA LEU D 1119 -26.01 -10.28 7.69
C LEU D 1119 -27.21 -10.55 8.59
N GLN D 1120 -27.14 -11.61 9.40
CA GLN D 1120 -28.21 -11.87 10.37
C GLN D 1120 -28.42 -10.67 11.27
N SER D 1121 -27.34 -10.04 11.73
CA SER D 1121 -27.43 -8.90 12.63
C SER D 1121 -28.07 -7.68 11.98
N LEU D 1122 -28.22 -7.68 10.65
CA LEU D 1122 -28.98 -6.64 9.95
C LEU D 1122 -30.44 -7.02 9.78
N CYS D 1123 -30.88 -8.13 10.39
CA CYS D 1123 -32.23 -8.66 10.19
C CYS D 1123 -32.43 -9.18 8.77
N LEU D 1124 -31.34 -9.61 8.14
CA LEU D 1124 -31.39 -10.35 6.89
C LEU D 1124 -31.35 -11.83 7.22
N ASN D 1125 -32.37 -12.57 6.80
CA ASN D 1125 -32.43 -14.00 7.07
C ASN D 1125 -31.71 -14.70 5.92
N VAL D 1126 -30.55 -15.26 6.21
CA VAL D 1126 -29.71 -15.90 5.21
C VAL D 1126 -29.62 -17.38 5.58
N GLU D 1127 -30.18 -18.23 4.73
CA GLU D 1127 -30.16 -19.66 4.94
C GLU D 1127 -29.29 -20.29 3.86
N VAL D 1128 -28.44 -21.23 4.27
CA VAL D 1128 -27.68 -22.05 3.34
C VAL D 1128 -28.46 -23.33 3.13
N LEU D 1129 -29.00 -23.49 1.93
CA LEU D 1129 -29.82 -24.64 1.59
C LEU D 1129 -28.99 -25.61 0.75
N SER D 1130 -29.18 -26.90 0.99
CA SER D 1130 -28.62 -27.92 0.13
C SER D 1130 -29.57 -28.11 -1.05
N SER D 1131 -29.29 -29.11 -1.90
CA SER D 1131 -30.28 -29.49 -2.90
C SER D 1131 -31.63 -29.65 -2.24
N ASP D 1132 -31.66 -30.48 -1.20
CA ASP D 1132 -32.36 -30.20 0.06
C ASP D 1132 -31.34 -30.80 1.03
N GLY D 1133 -31.58 -30.91 2.33
CA GLY D 1133 -32.86 -30.88 3.03
C GLY D 1133 -33.41 -29.56 3.54
N ALA D 1134 -33.18 -28.47 2.78
CA ALA D 1134 -33.30 -27.11 3.27
C ALA D 1134 -32.15 -26.73 4.19
N ALA D 1135 -32.43 -26.14 5.35
CA ALA D 1135 -31.44 -25.33 6.04
C ALA D 1135 -30.30 -26.17 6.60
N ILE D 1136 -29.06 -25.73 6.33
CA ILE D 1136 -27.85 -26.28 6.94
C ILE D 1136 -27.39 -25.33 8.03
N GLU D 1137 -26.84 -25.89 9.10
CA GLU D 1137 -26.40 -25.11 10.26
C GLU D 1137 -24.87 -25.02 10.26
N MET D 1138 -24.36 -23.79 10.30
CA MET D 1138 -22.92 -23.58 10.44
C MET D 1138 -22.54 -23.73 11.91
N ARG D 1139 -21.73 -24.73 12.22
CA ARG D 1139 -21.41 -25.06 13.61
C ARG D 1139 -20.26 -26.05 13.68
N VAL E 4 -19.81 -29.62 5.60
CA VAL E 4 -20.17 -30.36 4.40
C VAL E 4 -19.37 -29.85 3.21
N ASN E 5 -19.37 -28.53 3.03
CA ASN E 5 -18.63 -27.77 2.04
C ASN E 5 -19.33 -27.74 0.67
N PHE E 6 -20.34 -28.58 0.43
CA PHE E 6 -21.16 -28.47 -0.77
C PHE E 6 -22.59 -28.15 -0.35
N PHE E 7 -23.01 -26.92 -0.58
CA PHE E 7 -24.41 -26.50 -0.49
C PHE E 7 -24.86 -26.05 -1.86
N ASP E 8 -26.17 -26.10 -2.10
CA ASP E 8 -26.64 -25.71 -3.43
C ASP E 8 -27.03 -24.23 -3.45
N GLU E 9 -28.21 -23.91 -2.92
CA GLU E 9 -28.72 -22.54 -2.86
C GLU E 9 -28.24 -21.82 -1.61
N LEU E 10 -28.22 -20.48 -1.71
CA LEU E 10 -28.06 -19.60 -0.56
C LEU E 10 -29.06 -18.46 -0.69
N ARG E 11 -29.97 -18.33 0.27
CA ARG E 11 -31.14 -17.49 0.13
C ARG E 11 -31.15 -16.39 1.19
N ILE E 12 -31.88 -15.30 0.89
CA ILE E 12 -32.09 -14.21 1.82
C ILE E 12 -33.59 -13.97 1.96
N GLY E 13 -33.92 -13.17 2.97
CA GLY E 13 -35.28 -12.69 3.15
C GLY E 13 -35.28 -11.73 4.32
N LEU E 14 -36.40 -11.03 4.46
CA LEU E 14 -36.60 -10.19 5.63
C LEU E 14 -36.69 -11.07 6.87
N ALA E 15 -35.88 -10.76 7.87
CA ALA E 15 -35.96 -11.44 9.15
C ALA E 15 -37.12 -10.85 9.94
N THR E 16 -38.08 -11.71 10.29
CA THR E 16 -39.18 -11.31 11.15
C THR E 16 -38.73 -11.27 12.61
N ALA E 17 -39.47 -10.51 13.41
CA ALA E 17 -39.20 -10.49 14.85
C ALA E 17 -39.13 -11.91 15.41
N ASP E 18 -39.98 -12.81 14.90
CA ASP E 18 -39.97 -14.18 15.40
C ASP E 18 -38.71 -14.91 14.96
N ASP E 19 -38.30 -14.76 13.69
CA ASP E 19 -37.01 -15.29 13.28
C ASP E 19 -35.90 -14.79 14.20
N ILE E 20 -35.90 -13.48 14.48
CA ILE E 20 -34.86 -12.89 15.31
C ILE E 20 -34.89 -13.47 16.71
N ARG E 21 -36.10 -13.70 17.25
CA ARG E 21 -36.20 -14.28 18.58
C ARG E 21 -35.74 -15.73 18.61
N ASN E 22 -35.97 -16.47 17.51
CA ASN E 22 -35.57 -17.87 17.49
C ASN E 22 -34.05 -18.01 17.40
N TRP E 23 -33.40 -17.12 16.65
CA TRP E 23 -31.93 -17.11 16.65
C TRP E 23 -31.38 -16.86 18.05
N SER E 24 -32.05 -16.03 18.84
CA SER E 24 -31.47 -15.51 20.07
C SER E 24 -31.37 -16.59 21.14
N TYR E 25 -30.22 -16.65 21.79
CA TYR E 25 -30.02 -17.48 22.96
C TYR E 25 -30.36 -16.75 24.26
N GLY E 26 -30.83 -15.51 24.16
CA GLY E 26 -31.34 -14.78 25.30
C GLY E 26 -31.49 -13.30 25.00
N GLU E 27 -32.24 -12.59 25.84
CA GLU E 27 -32.42 -11.15 25.67
C GLU E 27 -31.45 -10.43 26.58
N VAL E 28 -30.53 -9.67 26.00
CA VAL E 28 -29.57 -8.90 26.78
C VAL E 28 -30.28 -7.65 27.30
N LYS E 29 -30.41 -7.56 28.63
CA LYS E 29 -31.22 -6.52 29.25
C LYS E 29 -30.43 -5.34 29.80
N LYS E 30 -29.11 -5.38 29.75
CA LYS E 30 -28.33 -4.33 30.38
C LYS E 30 -27.25 -3.82 29.45
N PRO E 31 -26.95 -2.51 29.51
CA PRO E 31 -25.89 -1.93 28.68
C PRO E 31 -24.52 -2.09 29.35
N GLU E 32 -24.23 -3.28 29.83
CA GLU E 32 -23.02 -3.54 30.59
C GLU E 32 -22.13 -4.50 29.84
N THR E 33 -20.84 -4.21 29.85
CA THR E 33 -19.89 -5.08 29.16
C THR E 33 -19.25 -6.03 30.14
N ILE E 34 -18.32 -5.53 30.95
CA ILE E 34 -17.57 -6.35 31.89
C ILE E 34 -17.37 -5.56 33.18
N ASN E 35 -17.22 -6.29 34.29
CA ASN E 35 -17.03 -5.66 35.58
C ASN E 35 -15.74 -4.84 35.60
N TYR E 36 -15.77 -3.69 36.26
CA TYR E 36 -14.61 -2.82 36.30
C TYR E 36 -13.51 -3.36 37.18
N ARG E 37 -13.83 -4.22 38.15
CA ARG E 37 -12.82 -4.82 39.02
C ARG E 37 -12.35 -6.16 38.47
N THR E 38 -13.26 -7.15 38.46
CA THR E 38 -12.89 -8.51 38.06
C THR E 38 -12.68 -8.68 36.57
N LEU E 39 -13.13 -7.72 35.75
CA LEU E 39 -13.04 -7.80 34.30
C LEU E 39 -13.76 -9.02 33.73
N LYS E 40 -14.69 -9.58 34.49
CA LYS E 40 -15.47 -10.69 34.01
C LYS E 40 -16.76 -10.20 33.36
N PRO E 41 -17.34 -10.98 32.44
CA PRO E 41 -18.55 -10.52 31.76
C PRO E 41 -19.69 -10.35 32.75
N GLU E 42 -20.37 -9.21 32.65
CA GLU E 42 -21.50 -8.92 33.53
C GLU E 42 -22.74 -9.67 33.04
N LYS E 43 -23.48 -10.24 33.99
CA LYS E 43 -24.65 -11.03 33.65
C LYS E 43 -25.74 -10.16 33.04
N ASP E 44 -26.39 -10.68 32.00
CA ASP E 44 -27.53 -10.01 31.37
C ASP E 44 -27.09 -8.86 30.47
N GLY E 45 -25.80 -8.52 30.49
CA GLY E 45 -25.28 -7.51 29.60
C GLY E 45 -24.83 -8.11 28.28
N LEU E 46 -24.28 -7.24 27.44
CA LEU E 46 -23.49 -7.74 26.32
C LEU E 46 -22.31 -8.52 26.89
N PHE E 47 -21.98 -9.64 26.25
CA PHE E 47 -20.94 -10.56 26.65
C PHE E 47 -21.41 -11.55 27.72
N CYS E 48 -22.63 -11.43 28.23
CA CYS E 48 -23.10 -12.31 29.30
C CYS E 48 -22.91 -13.77 28.90
N GLU E 49 -22.28 -14.54 29.80
CA GLU E 49 -22.00 -15.94 29.51
C GLU E 49 -23.27 -16.78 29.54
N LYS E 50 -24.28 -16.36 30.31
CA LYS E 50 -25.53 -17.12 30.34
C LYS E 50 -26.13 -17.24 28.94
N ILE E 51 -26.09 -16.16 28.17
CA ILE E 51 -26.71 -16.14 26.85
C ILE E 51 -25.69 -16.51 25.78
N PHE E 52 -24.62 -15.72 25.66
CA PHE E 52 -23.71 -15.89 24.52
C PHE E 52 -22.87 -17.16 24.64
N GLY E 53 -22.26 -17.39 25.80
CA GLY E 53 -21.54 -18.63 26.01
C GLY E 53 -20.39 -18.52 26.98
N PRO E 54 -19.72 -19.65 27.23
CA PRO E 54 -18.64 -19.65 28.21
C PRO E 54 -17.40 -18.97 27.68
N THR E 55 -16.67 -18.32 28.60
CA THR E 55 -15.40 -17.71 28.23
C THR E 55 -14.31 -18.75 28.04
N ARG E 56 -14.37 -19.86 28.78
CA ARG E 56 -13.39 -20.92 28.70
C ARG E 56 -14.08 -22.23 28.37
N ASP E 57 -13.31 -23.15 27.77
CA ASP E 57 -13.90 -24.40 27.29
C ASP E 57 -14.40 -25.26 28.44
N TRP E 58 -15.65 -25.70 28.33
CA TRP E 58 -16.28 -26.54 29.34
C TRP E 58 -16.08 -25.98 30.75
N GLU E 59 -16.19 -24.66 30.87
CA GLU E 59 -16.10 -23.99 32.17
C GLU E 59 -17.25 -23.00 32.29
N CYS E 60 -18.14 -23.26 33.25
CA CYS E 60 -19.21 -22.32 33.54
C CYS E 60 -18.67 -21.11 34.30
N TYR E 61 -19.47 -20.05 34.32
CA TYR E 61 -19.06 -18.81 34.97
C TYR E 61 -18.54 -19.05 36.37
N CYS E 62 -19.34 -19.71 37.22
CA CYS E 62 -18.91 -19.91 38.60
C CYS E 62 -17.91 -21.06 38.72
N GLY E 63 -18.04 -22.09 37.87
CA GLY E 63 -17.08 -23.16 37.82
C GLY E 63 -17.53 -24.46 38.48
N LYS E 64 -18.74 -24.52 39.02
CA LYS E 64 -19.18 -25.75 39.68
C LYS E 64 -19.01 -26.96 38.78
N TYR E 65 -19.34 -26.82 37.49
CA TYR E 65 -19.06 -27.85 36.50
C TYR E 65 -17.90 -27.35 35.64
N LYS E 66 -16.71 -27.88 35.89
CA LYS E 66 -15.50 -27.46 35.20
C LYS E 66 -15.02 -28.43 34.11
N ARG E 67 -15.67 -29.57 33.94
CA ARG E 67 -15.04 -30.66 33.20
C ARG E 67 -15.83 -31.03 31.95
N VAL E 68 -15.09 -31.49 30.94
CA VAL E 68 -15.68 -32.02 29.72
C VAL E 68 -16.56 -33.23 29.98
N ARG E 69 -16.46 -33.82 31.18
CA ARG E 69 -17.23 -35.02 31.50
C ARG E 69 -18.70 -34.82 31.16
N PHE E 70 -19.28 -33.70 31.58
CA PHE E 70 -20.64 -33.34 31.20
C PHE E 70 -20.57 -32.12 30.29
N LYS E 71 -20.67 -32.36 28.98
CA LYS E 71 -20.97 -31.34 28.00
C LYS E 71 -22.49 -31.19 27.86
N GLY E 72 -22.91 -30.02 27.41
CA GLY E 72 -24.32 -29.83 27.12
C GLY E 72 -25.22 -29.88 28.33
N ILE E 73 -24.71 -29.56 29.51
CA ILE E 73 -25.52 -29.34 30.69
C ILE E 73 -25.33 -27.89 31.11
N ILE E 74 -26.34 -27.33 31.74
CA ILE E 74 -26.32 -25.93 32.17
C ILE E 74 -26.12 -25.88 33.67
N CYS E 75 -25.27 -24.96 34.12
CA CYS E 75 -25.00 -24.83 35.54
C CYS E 75 -26.23 -24.24 36.23
N GLU E 76 -26.76 -24.97 37.22
CA GLU E 76 -27.97 -24.53 37.90
C GLU E 76 -27.76 -23.26 38.69
N ARG E 77 -26.52 -22.84 38.92
CA ARG E 77 -26.22 -21.62 39.66
C ARG E 77 -26.09 -20.42 38.72
N CYS E 78 -25.09 -20.44 37.86
CA CYS E 78 -24.85 -19.33 36.94
C CYS E 78 -25.57 -19.48 35.61
N GLY E 79 -26.21 -20.61 35.36
CA GLY E 79 -26.95 -20.80 34.13
C GLY E 79 -26.13 -20.82 32.85
N VAL E 80 -24.82 -20.99 32.96
CA VAL E 80 -23.96 -21.07 31.79
C VAL E 80 -23.88 -22.52 31.33
N GLU E 81 -23.85 -22.72 30.01
CA GLU E 81 -23.76 -24.05 29.42
C GLU E 81 -22.30 -24.48 29.32
N VAL E 82 -22.07 -25.77 29.54
CA VAL E 82 -20.73 -26.34 29.48
C VAL E 82 -20.49 -26.85 28.06
N THR E 83 -19.62 -26.17 27.32
CA THR E 83 -19.29 -26.51 25.95
C THR E 83 -18.11 -25.65 25.53
N ARG E 84 -17.70 -25.80 24.27
CA ARG E 84 -16.58 -25.02 23.76
C ARG E 84 -16.88 -23.53 23.79
N ALA E 85 -15.90 -22.74 24.20
CA ALA E 85 -16.02 -21.30 24.14
C ALA E 85 -16.17 -20.80 22.71
N LYS E 86 -15.97 -21.67 21.71
CA LYS E 86 -16.17 -21.29 20.31
C LYS E 86 -17.58 -20.79 20.07
N VAL E 87 -18.59 -21.33 20.79
CA VAL E 87 -19.96 -20.90 20.59
C VAL E 87 -20.10 -19.41 20.82
N ARG E 88 -19.25 -18.84 21.68
CA ARG E 88 -19.24 -17.40 21.90
C ARG E 88 -19.09 -16.64 20.59
N ARG E 89 -18.53 -17.28 19.57
CA ARG E 89 -18.44 -16.75 18.22
C ARG E 89 -19.71 -16.98 17.40
N GLU E 90 -20.48 -18.04 17.69
CA GLU E 90 -21.62 -18.42 16.87
C GLU E 90 -22.97 -17.92 17.39
N ARG E 91 -23.07 -17.42 18.61
CA ARG E 91 -24.37 -17.26 19.26
C ARG E 91 -24.81 -15.81 19.31
N MET E 92 -26.12 -15.62 19.16
CA MET E 92 -26.72 -14.29 19.06
C MET E 92 -27.74 -14.06 20.17
N GLY E 93 -27.90 -12.80 20.55
CA GLY E 93 -28.96 -12.37 21.42
C GLY E 93 -30.02 -11.57 20.70
N HIS E 94 -30.86 -10.92 21.49
CA HIS E 94 -31.85 -10.01 20.94
C HIS E 94 -32.24 -8.98 22.00
N ILE E 95 -32.84 -7.90 21.53
CA ILE E 95 -33.45 -6.89 22.38
C ILE E 95 -34.92 -6.82 22.04
N GLU E 96 -35.78 -6.84 23.06
CA GLU E 96 -37.21 -6.67 22.86
C GLU E 96 -37.54 -5.19 23.07
N LEU E 97 -37.93 -4.52 22.00
CA LEU E 97 -38.19 -3.09 22.07
C LEU E 97 -39.52 -2.83 22.76
N ALA E 98 -39.56 -1.71 23.49
CA ALA E 98 -40.80 -1.27 24.12
C ALA E 98 -41.70 -0.52 23.15
N ALA E 99 -41.18 -0.12 21.99
CA ALA E 99 -41.95 0.50 20.92
C ALA E 99 -41.34 0.04 19.61
N PRO E 100 -42.14 -0.09 18.54
CA PRO E 100 -41.57 -0.57 17.28
C PRO E 100 -40.55 0.41 16.76
N VAL E 101 -39.86 0.00 15.70
CA VAL E 101 -38.83 0.82 15.07
C VAL E 101 -38.73 0.42 13.62
N THR E 102 -38.53 1.39 12.74
CA THR E 102 -38.40 1.12 11.32
C THR E 102 -36.95 0.82 10.98
N HIS E 103 -36.76 -0.19 10.12
CA HIS E 103 -35.43 -0.53 9.64
C HIS E 103 -34.97 0.54 8.65
N ILE E 104 -33.85 1.19 8.96
CA ILE E 104 -33.48 2.37 8.17
C ILE E 104 -33.17 2.00 6.73
N TRP E 105 -32.73 0.77 6.49
CA TRP E 105 -32.45 0.35 5.12
C TRP E 105 -33.69 0.48 4.25
N TYR E 106 -34.85 0.07 4.77
CA TYR E 106 -36.07 0.08 3.99
C TYR E 106 -36.79 1.43 4.00
N PHE E 107 -36.55 2.27 5.01
CA PHE E 107 -37.13 3.61 5.01
C PHE E 107 -36.32 4.59 4.17
N LYS E 108 -35.01 4.65 4.40
CA LYS E 108 -34.17 5.69 3.80
C LYS E 108 -33.44 5.23 2.55
N GLY E 109 -33.58 3.96 2.16
CA GLY E 109 -33.04 3.54 0.88
C GLY E 109 -33.72 4.28 -0.25
N VAL E 110 -32.96 4.53 -1.31
CA VAL E 110 -33.50 5.23 -2.48
C VAL E 110 -33.65 4.26 -3.64
N PRO E 111 -34.90 4.05 -4.10
CA PRO E 111 -36.11 4.68 -3.55
C PRO E 111 -36.59 4.03 -2.25
N SER E 112 -37.26 4.81 -1.41
CA SER E 112 -37.80 4.27 -0.16
C SER E 112 -38.74 3.12 -0.44
N ARG E 113 -38.46 1.95 0.17
CA ARG E 113 -39.33 0.80 -0.02
C ARG E 113 -40.66 1.00 0.69
N LEU E 114 -40.62 1.45 1.95
CA LEU E 114 -41.84 1.80 2.65
C LEU E 114 -42.62 2.86 1.89
N GLY E 115 -41.92 3.91 1.45
CA GLY E 115 -42.58 4.95 0.67
C GLY E 115 -43.32 4.38 -0.53
N TYR E 116 -42.67 3.47 -1.27
CA TYR E 116 -43.31 2.87 -2.43
C TYR E 116 -44.37 1.84 -2.02
N LEU E 117 -44.23 1.23 -0.84
CA LEU E 117 -45.17 0.20 -0.43
C LEU E 117 -46.49 0.80 0.04
N LEU E 118 -46.43 1.85 0.86
CA LEU E 118 -47.61 2.55 1.33
C LEU E 118 -47.97 3.75 0.45
N ASP E 119 -47.15 4.05 -0.56
CA ASP E 119 -47.36 5.22 -1.41
C ASP E 119 -47.38 6.50 -0.58
N LEU E 120 -46.33 6.69 0.19
CA LEU E 120 -46.10 7.93 0.94
C LEU E 120 -44.82 8.58 0.43
N ALA E 121 -44.85 9.90 0.29
CA ALA E 121 -43.67 10.62 -0.14
C ALA E 121 -42.57 10.45 0.90
N PRO E 122 -41.35 10.11 0.50
CA PRO E 122 -40.29 9.87 1.50
C PRO E 122 -40.16 10.99 2.53
N LYS E 123 -40.19 12.24 2.08
CA LYS E 123 -40.09 13.35 3.02
C LYS E 123 -41.27 13.37 3.99
N ASP E 124 -42.43 12.84 3.57
CA ASP E 124 -43.56 12.70 4.49
C ASP E 124 -43.40 11.49 5.39
N LEU E 125 -42.97 10.36 4.85
CA LEU E 125 -42.75 9.18 5.67
C LEU E 125 -41.78 9.49 6.81
N GLU E 126 -40.75 10.28 6.54
CA GLU E 126 -39.82 10.70 7.57
C GLU E 126 -40.54 11.39 8.72
N LYS E 127 -41.37 12.39 8.39
CA LYS E 127 -42.10 13.13 9.42
C LYS E 127 -42.85 12.20 10.37
N ILE E 128 -43.35 11.08 9.85
CA ILE E 128 -44.15 10.18 10.68
C ILE E 128 -43.27 9.40 11.65
N ILE E 129 -42.23 8.72 11.13
CA ILE E 129 -41.48 7.82 12.00
C ILE E 129 -40.68 8.60 13.04
N TYR E 130 -40.32 9.84 12.74
CA TYR E 130 -39.57 10.67 13.67
C TYR E 130 -40.45 11.62 14.47
N PHE E 131 -41.78 11.45 14.42
CA PHE E 131 -42.71 12.13 15.31
C PHE E 131 -42.80 13.63 15.02
N ALA E 132 -42.70 14.00 13.76
CA ALA E 132 -42.92 15.37 13.33
C ALA E 132 -44.33 15.62 12.82
N ALA E 133 -45.19 14.61 12.82
CA ALA E 133 -46.54 14.77 12.31
C ALA E 133 -47.30 13.46 12.51
N TYR E 134 -48.62 13.56 12.49
CA TYR E 134 -49.45 12.39 12.72
C TYR E 134 -49.87 11.76 11.39
N VAL E 135 -50.52 10.61 11.49
CA VAL E 135 -51.01 9.89 10.32
C VAL E 135 -52.31 9.21 10.71
N ILE E 136 -53.30 9.25 9.82
CA ILE E 136 -54.58 8.63 10.13
C ILE E 136 -54.42 7.14 9.97
N THR E 137 -54.54 6.40 11.08
CA THR E 137 -54.45 4.95 11.03
C THR E 137 -55.77 4.29 10.66
N SER E 138 -56.89 4.83 11.13
CA SER E 138 -58.21 4.26 10.87
C SER E 138 -59.26 5.36 10.86
N VAL E 139 -60.32 5.12 10.10
CA VAL E 139 -61.49 6.01 10.05
C VAL E 139 -62.74 5.15 9.95
N ASP E 140 -63.76 5.51 10.72
CA ASP E 140 -65.02 4.78 10.71
C ASP E 140 -65.95 5.45 9.69
N ASP E 141 -66.18 4.77 8.57
CA ASP E 141 -66.92 5.38 7.48
C ASP E 141 -68.42 5.40 7.75
N GLU E 142 -68.97 4.33 8.31
CA GLU E 142 -70.38 4.33 8.67
C GLU E 142 -70.66 5.40 9.71
N MET E 143 -69.99 5.33 10.86
CA MET E 143 -70.28 6.27 11.94
C MET E 143 -70.14 7.71 11.46
N ARG E 144 -69.16 7.97 10.59
CA ARG E 144 -68.99 9.32 10.06
C ARG E 144 -70.19 9.71 9.20
N HIS E 145 -70.77 8.76 8.47
CA HIS E 145 -71.90 9.06 7.59
C HIS E 145 -73.19 9.22 8.39
N ASN E 146 -73.49 8.27 9.28
CA ASN E 146 -74.75 8.32 10.00
C ASN E 146 -74.87 9.57 10.85
N GLU E 147 -73.76 10.14 11.28
CA GLU E 147 -73.74 11.34 12.12
C GLU E 147 -73.47 12.63 11.34
N LEU E 148 -73.30 12.56 10.02
CA LEU E 148 -72.87 13.74 9.28
C LEU E 148 -73.86 14.90 9.40
N SER E 149 -75.15 14.60 9.49
CA SER E 149 -76.15 15.64 9.58
C SER E 149 -75.98 16.47 10.85
N THR E 150 -76.02 15.81 12.01
CA THR E 150 -75.94 16.53 13.28
C THR E 150 -74.60 17.22 13.44
N LEU E 151 -73.53 16.63 12.92
CA LEU E 151 -72.22 17.27 12.99
C LEU E 151 -72.19 18.55 12.16
N GLU E 152 -72.58 18.46 10.89
CA GLU E 152 -72.64 19.66 10.05
C GLU E 152 -73.55 20.72 10.68
N ALA E 153 -74.65 20.28 11.29
CA ALA E 153 -75.56 21.23 11.92
C ALA E 153 -74.91 21.95 13.09
N GLU E 154 -74.14 21.21 13.90
CA GLU E 154 -73.44 21.85 15.02
C GLU E 154 -72.29 22.71 14.54
N MET E 155 -71.69 22.37 13.40
CA MET E 155 -70.62 23.19 12.85
C MET E 155 -71.17 24.51 12.31
N ALA E 156 -72.30 24.45 11.60
CA ALA E 156 -72.91 25.67 11.08
C ALA E 156 -73.19 26.66 12.20
N VAL E 157 -73.91 26.23 13.24
CA VAL E 157 -74.22 27.11 14.35
C VAL E 157 -72.94 27.70 14.94
N GLU E 158 -71.92 26.85 15.15
CA GLU E 158 -70.65 27.34 15.66
C GLU E 158 -70.08 28.42 14.76
N LYS E 159 -69.97 28.12 13.45
CA LYS E 159 -69.45 29.12 12.51
C LYS E 159 -70.33 30.36 12.48
N LYS E 160 -71.63 30.21 12.71
CA LYS E 160 -72.51 31.38 12.75
C LYS E 160 -72.30 32.18 14.03
N ALA E 161 -72.21 31.50 15.18
CA ALA E 161 -71.97 32.20 16.43
C ALA E 161 -70.74 33.09 16.33
N VAL E 162 -69.71 32.63 15.62
CA VAL E 162 -68.54 33.46 15.39
C VAL E 162 -68.89 34.64 14.50
N GLU E 163 -69.76 34.42 13.51
CA GLU E 163 -70.14 35.50 12.61
C GLU E 163 -70.97 36.55 13.31
N ASP E 164 -72.01 36.13 14.05
CA ASP E 164 -72.79 37.08 14.83
C ASP E 164 -71.90 37.97 15.68
N GLN E 165 -70.92 37.36 16.36
CA GLN E 165 -70.03 38.13 17.22
C GLN E 165 -69.22 39.15 16.43
N ARG E 166 -68.62 38.74 15.31
CA ARG E 166 -67.87 39.67 14.50
C ARG E 166 -68.71 40.88 14.11
N ASP E 167 -69.98 40.64 13.73
CA ASP E 167 -70.86 41.75 13.39
C ASP E 167 -71.14 42.61 14.62
N ALA E 168 -71.54 41.98 15.73
CA ALA E 168 -71.81 42.73 16.96
C ALA E 168 -70.61 43.57 17.37
N ASP E 169 -69.41 42.97 17.35
CA ASP E 169 -68.22 43.70 17.75
C ASP E 169 -67.90 44.82 16.77
N LEU E 170 -68.07 44.56 15.48
CA LEU E 170 -67.68 45.55 14.47
C LEU E 170 -68.59 46.77 14.47
N GLU E 171 -69.87 46.60 14.81
CA GLU E 171 -70.76 47.75 14.88
C GLU E 171 -70.52 48.58 16.13
N ALA E 172 -70.10 47.93 17.23
CA ALA E 172 -69.80 48.68 18.45
C ALA E 172 -68.57 49.57 18.25
N ARG E 173 -67.52 49.03 17.64
CA ARG E 173 -66.32 49.83 17.39
C ARG E 173 -66.60 50.96 16.41
N ALA E 174 -67.57 50.77 15.51
CA ALA E 174 -67.92 51.83 14.57
C ALA E 174 -68.67 52.96 15.27
N GLN E 175 -69.64 52.62 16.13
CA GLN E 175 -70.35 53.64 16.88
C GLN E 175 -69.40 54.41 17.79
N LYS E 176 -68.47 53.69 18.45
CA LYS E 176 -67.47 54.36 19.26
C LYS E 176 -66.72 55.41 18.45
N LEU E 177 -66.31 55.06 17.22
CA LEU E 177 -65.61 56.02 16.38
C LEU E 177 -66.53 57.17 15.96
N GLU E 178 -67.82 56.90 15.74
CA GLU E 178 -68.77 57.98 15.47
C GLU E 178 -68.88 58.92 16.66
N ALA E 179 -68.93 58.36 17.87
CA ALA E 179 -68.99 59.20 19.06
C ALA E 179 -67.74 60.05 19.21
N ASP E 180 -66.58 59.48 18.90
CA ASP E 180 -65.32 60.17 19.15
C ASP E 180 -65.04 61.22 18.08
N LEU E 181 -65.36 60.94 16.81
CA LEU E 181 -65.29 61.98 15.80
C LEU E 181 -66.33 63.07 16.04
N ALA E 182 -67.32 62.81 16.89
CA ALA E 182 -68.27 63.86 17.24
C ALA E 182 -67.65 64.88 18.19
N GLU E 183 -66.99 64.39 19.26
CA GLU E 183 -66.27 65.30 20.14
C GLU E 183 -65.17 66.05 19.39
N LEU E 184 -64.59 65.42 18.38
CA LEU E 184 -63.52 66.08 17.62
C LEU E 184 -64.05 67.26 16.82
N GLU E 185 -65.29 67.19 16.33
CA GLU E 185 -65.90 68.35 15.69
C GLU E 185 -66.46 69.33 16.71
N ALA E 186 -66.88 68.84 17.88
CA ALA E 186 -67.37 69.74 18.93
C ALA E 186 -66.32 70.79 19.27
N GLU E 187 -65.13 70.34 19.66
CA GLU E 187 -64.00 71.25 19.82
C GLU E 187 -63.41 71.59 18.47
N GLY E 188 -62.82 72.78 18.38
CA GLY E 188 -62.05 73.08 17.19
C GLY E 188 -60.90 72.11 17.06
N ALA E 189 -60.83 71.39 15.96
CA ALA E 189 -59.86 70.32 15.81
C ALA E 189 -59.25 70.37 14.41
N LYS E 190 -57.92 70.29 14.35
CA LYS E 190 -57.24 70.31 13.06
C LYS E 190 -57.75 69.19 12.18
N SER E 191 -57.84 69.46 10.88
CA SER E 191 -58.41 68.49 9.95
C SER E 191 -57.59 67.21 9.91
N ASP E 192 -56.26 67.34 9.82
CA ASP E 192 -55.41 66.15 9.80
C ASP E 192 -55.50 65.36 11.09
N VAL E 193 -55.85 66.01 12.20
CA VAL E 193 -56.03 65.28 13.45
C VAL E 193 -57.33 64.50 13.43
N ARG E 194 -58.37 65.04 12.81
CA ARG E 194 -59.64 64.33 12.72
C ARG E 194 -59.54 63.12 11.80
N ARG E 195 -58.66 63.18 10.80
CA ARG E 195 -58.50 62.05 9.89
C ARG E 195 -57.61 60.96 10.47
N LYS E 196 -56.59 61.32 11.25
CA LYS E 196 -55.78 60.29 11.89
C LYS E 196 -56.55 59.56 12.99
N VAL E 197 -57.66 60.14 13.47
CA VAL E 197 -58.54 59.40 14.37
C VAL E 197 -59.34 58.36 13.59
N ARG E 198 -59.81 58.72 12.39
CA ARG E 198 -60.51 57.76 11.55
C ARG E 198 -59.56 56.70 11.00
N ASP E 199 -58.37 57.12 10.57
CA ASP E 199 -57.37 56.14 10.10
C ASP E 199 -57.08 55.11 11.17
N SER E 200 -56.80 55.57 12.39
CA SER E 200 -56.54 54.63 13.49
C SER E 200 -57.78 53.81 13.80
N GLY E 201 -58.96 54.42 13.75
CA GLY E 201 -60.19 53.70 14.02
C GLY E 201 -60.51 52.69 12.94
N GLU E 202 -60.28 53.05 11.68
CA GLU E 202 -60.51 52.11 10.59
C GLU E 202 -59.60 50.90 10.70
N ARG E 203 -58.33 51.13 11.07
CA ARG E 203 -57.38 50.02 11.13
C ARG E 203 -57.72 49.06 12.27
N GLU E 204 -58.17 49.58 13.41
CA GLU E 204 -58.57 48.72 14.51
C GLU E 204 -59.79 47.87 14.15
N MET E 205 -60.58 48.29 13.16
CA MET E 205 -61.69 47.47 12.71
C MET E 205 -61.21 46.31 11.84
N ARG E 206 -60.32 46.60 10.89
CA ARG E 206 -59.76 45.55 10.05
C ARG E 206 -59.15 44.43 10.90
N GLN E 207 -58.52 44.80 12.03
CA GLN E 207 -58.00 43.79 12.94
C GLN E 207 -59.11 42.89 13.45
N LEU E 208 -60.20 43.49 13.93
CA LEU E 208 -61.30 42.70 14.48
C LEU E 208 -61.89 41.76 13.45
N ARG E 209 -62.04 42.22 12.21
CA ARG E 209 -62.59 41.36 11.17
C ARG E 209 -61.60 40.27 10.80
N ASP E 210 -60.32 40.62 10.60
CA ASP E 210 -59.31 39.63 10.27
C ASP E 210 -59.28 38.51 11.29
N ARG E 211 -59.27 38.87 12.58
CA ARG E 211 -59.27 37.85 13.62
C ARG E 211 -60.49 36.94 13.50
N ALA E 212 -61.67 37.50 13.26
CA ALA E 212 -62.86 36.68 13.07
C ALA E 212 -62.73 35.82 11.81
N GLN E 213 -62.09 36.35 10.77
CA GLN E 213 -61.86 35.56 9.57
C GLN E 213 -60.93 34.39 9.86
N ARG E 214 -59.85 34.63 10.62
CA ARG E 214 -58.93 33.55 10.97
C ARG E 214 -59.67 32.39 11.63
N GLU E 215 -60.59 32.70 12.56
CA GLU E 215 -61.32 31.63 13.23
C GLU E 215 -62.33 30.97 12.30
N LEU E 216 -62.90 31.74 11.36
CA LEU E 216 -63.79 31.12 10.37
C LEU E 216 -63.03 30.15 9.48
N ASP E 217 -61.80 30.52 9.11
CA ASP E 217 -60.99 29.62 8.28
C ASP E 217 -60.52 28.42 9.09
N ARG E 218 -60.10 28.64 10.34
CA ARG E 218 -59.72 27.52 11.20
C ARG E 218 -60.87 26.55 11.37
N LEU E 219 -62.10 27.08 11.47
CA LEU E 219 -63.26 26.21 11.62
C LEU E 219 -63.57 25.47 10.31
N ASP E 220 -63.42 26.16 9.18
CA ASP E 220 -63.63 25.50 7.89
C ASP E 220 -62.55 24.45 7.63
N GLU E 221 -61.32 24.71 8.06
CA GLU E 221 -60.27 23.71 7.92
C GLU E 221 -60.58 22.47 8.75
N ILE E 222 -61.08 22.66 9.97
CA ILE E 222 -61.48 21.52 10.79
C ILE E 222 -62.52 20.68 10.07
N TRP E 223 -63.58 21.34 9.59
CA TRP E 223 -64.70 20.59 9.02
C TRP E 223 -64.32 19.92 7.71
N ASN E 224 -63.59 20.62 6.83
CA ASN E 224 -63.15 20.01 5.59
C ASN E 224 -62.25 18.81 5.86
N THR E 225 -61.27 18.98 6.74
CA THR E 225 -60.35 17.89 7.06
C THR E 225 -61.12 16.67 7.54
N PHE E 226 -62.06 16.86 8.47
CA PHE E 226 -62.77 15.73 9.05
C PHE E 226 -63.67 15.03 8.03
N THR E 227 -64.26 15.79 7.11
CA THR E 227 -65.20 15.17 6.17
C THR E 227 -64.47 14.35 5.10
N LYS E 228 -63.35 14.86 4.59
CA LYS E 228 -62.55 14.10 3.63
C LYS E 228 -61.58 13.14 4.29
N LEU E 229 -61.59 13.05 5.62
CA LEU E 229 -60.60 12.27 6.36
C LEU E 229 -60.52 10.85 5.83
N ALA E 230 -59.29 10.37 5.63
CA ALA E 230 -59.04 9.01 5.15
C ALA E 230 -57.75 8.51 5.79
N PRO E 231 -57.62 7.20 5.97
CA PRO E 231 -56.37 6.67 6.50
C PRO E 231 -55.22 6.88 5.53
N LYS E 232 -54.02 7.06 6.08
CA LYS E 232 -52.78 7.39 5.39
C LYS E 232 -52.63 8.90 5.19
N GLN E 233 -53.62 9.71 5.54
CA GLN E 233 -53.48 11.15 5.47
C GLN E 233 -52.57 11.65 6.59
N LEU E 234 -51.89 12.77 6.32
CA LEU E 234 -50.86 13.32 7.21
C LEU E 234 -51.34 14.65 7.75
N ILE E 235 -51.28 14.81 9.08
CA ILE E 235 -51.73 16.02 9.75
C ILE E 235 -50.56 16.61 10.53
N VAL E 236 -50.06 17.75 10.04
CA VAL E 236 -48.88 18.38 10.65
C VAL E 236 -49.22 19.46 11.66
N ASP E 237 -50.50 19.86 11.78
CA ASP E 237 -50.82 21.02 12.60
C ASP E 237 -50.74 20.71 14.09
N GLU E 238 -51.43 19.65 14.52
CA GLU E 238 -51.38 19.15 15.90
C GLU E 238 -52.15 20.04 16.86
N VAL E 239 -52.34 21.31 16.52
CA VAL E 239 -53.40 22.10 17.14
C VAL E 239 -54.71 21.85 16.41
N LEU E 240 -54.63 21.75 15.08
CA LEU E 240 -55.73 21.19 14.30
C LEU E 240 -55.99 19.76 14.71
N TYR E 241 -54.95 18.92 14.72
CA TYR E 241 -55.12 17.52 15.10
C TYR E 241 -55.78 17.39 16.46
N ARG E 242 -55.38 18.22 17.42
CA ARG E 242 -56.02 18.18 18.73
C ARG E 242 -57.51 18.50 18.62
N GLU E 243 -57.86 19.47 17.76
CA GLU E 243 -59.27 19.81 17.59
C GLU E 243 -60.03 18.68 16.91
N LEU E 244 -59.41 18.02 15.94
CA LEU E 244 -60.01 16.82 15.34
C LEU E 244 -60.18 15.71 16.37
N GLN E 245 -59.40 15.73 17.45
CA GLN E 245 -59.47 14.65 18.43
C GLN E 245 -60.65 14.80 19.38
N ASP E 246 -60.83 15.98 19.97
CA ASP E 246 -61.87 16.16 20.97
C ASP E 246 -63.26 16.05 20.34
N ARG E 247 -63.48 16.78 19.25
CA ARG E 247 -64.61 16.53 18.38
C ARG E 247 -64.14 15.61 17.25
N TYR E 248 -64.86 14.51 17.05
CA TYR E 248 -64.63 13.49 16.01
C TYR E 248 -63.64 12.43 16.45
N GLY E 249 -62.99 12.57 17.60
CA GLY E 249 -62.03 11.57 18.03
C GLY E 249 -62.58 10.16 18.01
N GLU E 250 -63.89 10.01 18.26
CA GLU E 250 -64.55 8.72 18.25
C GLU E 250 -64.67 8.11 16.87
N TYR E 251 -64.48 8.89 15.81
CA TYR E 251 -64.70 8.44 14.43
C TYR E 251 -63.43 7.98 13.73
N PHE E 252 -62.26 8.12 14.35
CA PHE E 252 -61.01 7.86 13.66
C PHE E 252 -59.92 7.58 14.69
N THR E 253 -58.81 7.05 14.19
CA THR E 253 -57.61 6.83 15.00
C THR E 253 -56.38 7.29 14.23
N GLY E 254 -55.47 7.94 14.93
CA GLY E 254 -54.23 8.42 14.33
C GLY E 254 -53.11 8.36 15.34
N ALA E 255 -51.88 8.43 14.83
CA ALA E 255 -50.71 8.21 15.66
C ALA E 255 -49.47 8.72 14.93
N MET E 256 -48.32 8.60 15.58
CA MET E 256 -47.02 8.89 14.98
C MET E 256 -46.10 7.71 15.19
N GLY E 257 -44.88 7.82 14.65
CA GLY E 257 -43.87 6.82 14.89
C GLY E 257 -44.08 5.55 14.08
N ALA E 258 -43.09 4.68 14.17
CA ALA E 258 -43.18 3.38 13.51
C ALA E 258 -44.38 2.58 13.99
N GLU E 259 -44.80 2.80 15.24
CA GLU E 259 -46.00 2.15 15.74
C GLU E 259 -47.19 2.40 14.81
N SER E 260 -47.30 3.61 14.27
CA SER E 260 -48.36 3.90 13.32
C SER E 260 -48.09 3.22 11.98
N ILE E 261 -46.86 3.36 11.47
CA ILE E 261 -46.49 2.71 10.22
C ILE E 261 -46.83 1.23 10.27
N LYS E 262 -46.55 0.59 11.41
CA LYS E 262 -46.90 -0.82 11.58
C LYS E 262 -48.38 -1.04 11.36
N LYS E 263 -49.22 -0.10 11.81
CA LYS E 263 -50.67 -0.25 11.64
C LYS E 263 -51.05 -0.18 10.17
N LEU E 264 -50.49 0.78 9.43
CA LEU E 264 -50.79 0.88 8.01
C LEU E 264 -50.41 -0.39 7.27
N ILE E 265 -49.26 -0.97 7.59
CA ILE E 265 -48.91 -2.26 7.01
C ILE E 265 -49.87 -3.34 7.50
N GLU E 266 -50.23 -3.31 8.79
CA GLU E 266 -51.15 -4.29 9.33
C GLU E 266 -52.45 -4.32 8.54
N ASN E 267 -53.01 -3.15 8.22
CA ASN E 267 -54.15 -3.09 7.32
C ASN E 267 -53.60 -2.72 5.96
N PHE E 268 -53.38 -3.73 5.13
CA PHE E 268 -52.87 -3.54 3.78
C PHE E 268 -53.32 -4.75 2.98
N ASP E 269 -53.70 -4.52 1.73
CA ASP E 269 -54.01 -5.62 0.82
C ASP E 269 -53.03 -5.49 -0.34
N ILE E 270 -52.06 -6.41 -0.39
CA ILE E 270 -51.12 -6.40 -1.50
C ILE E 270 -51.85 -6.77 -2.78
N ASP E 271 -52.58 -7.88 -2.76
CA ASP E 271 -53.37 -8.29 -3.91
C ASP E 271 -54.32 -7.18 -4.35
N ALA E 272 -54.81 -6.37 -3.41
CA ALA E 272 -55.67 -5.25 -3.77
C ALA E 272 -54.85 -4.14 -4.42
N GLU E 273 -53.91 -3.56 -3.66
CA GLU E 273 -53.00 -2.58 -4.23
C GLU E 273 -52.24 -3.13 -5.43
N ALA E 274 -52.08 -4.45 -5.53
CA ALA E 274 -51.46 -5.06 -6.70
C ALA E 274 -52.23 -4.70 -7.96
N GLU E 275 -53.46 -5.19 -8.08
CA GLU E 275 -54.25 -4.98 -9.30
C GLU E 275 -54.63 -3.51 -9.46
N SER E 276 -55.17 -2.89 -8.40
CA SER E 276 -55.52 -1.48 -8.49
C SER E 276 -54.34 -0.64 -8.96
N LEU E 277 -53.12 -1.09 -8.67
CA LEU E 277 -51.94 -0.52 -9.30
C LEU E 277 -51.72 -1.10 -10.70
N ARG E 278 -52.21 -2.32 -10.94
CA ARG E 278 -52.02 -2.96 -12.24
C ARG E 278 -52.82 -2.26 -13.33
N GLU E 279 -54.04 -1.80 -13.01
CA GLU E 279 -54.84 -1.14 -14.02
C GLU E 279 -54.33 0.27 -14.31
N VAL E 280 -53.86 0.97 -13.27
CA VAL E 280 -53.37 2.33 -13.46
C VAL E 280 -52.15 2.38 -14.38
N ILE E 281 -51.39 1.29 -14.47
CA ILE E 281 -50.31 1.25 -15.45
C ILE E 281 -50.85 1.00 -16.84
N ARG E 282 -52.03 0.40 -16.97
CA ARG E 282 -52.65 0.23 -18.28
C ARG E 282 -53.33 1.50 -18.77
N SER E 283 -54.15 2.12 -17.91
CA SER E 283 -55.04 3.19 -18.37
C SER E 283 -54.33 4.54 -18.46
N GLY E 284 -53.43 4.83 -17.53
CA GLY E 284 -52.99 6.19 -17.29
C GLY E 284 -51.65 6.64 -17.87
N LYS E 285 -51.20 6.02 -18.96
CA LYS E 285 -49.82 6.19 -19.40
C LYS E 285 -49.41 7.66 -19.41
N GLY E 286 -48.21 7.91 -18.93
CA GLY E 286 -47.70 9.27 -18.71
C GLY E 286 -46.56 9.23 -17.70
N GLN E 287 -46.37 10.35 -17.01
CA GLN E 287 -45.40 10.39 -15.92
C GLN E 287 -45.91 9.62 -14.70
N LYS E 288 -47.22 9.66 -14.45
CA LYS E 288 -47.78 8.86 -13.37
C LYS E 288 -47.55 7.37 -13.63
N LYS E 289 -47.68 6.94 -14.89
CA LYS E 289 -47.43 5.55 -15.23
C LYS E 289 -46.00 5.14 -14.86
N LEU E 290 -45.03 6.01 -15.14
CA LEU E 290 -43.66 5.73 -14.71
C LEU E 290 -43.57 5.60 -13.20
N ARG E 291 -44.35 6.42 -12.47
CA ARG E 291 -44.36 6.31 -11.02
C ARG E 291 -45.02 5.02 -10.56
N ALA E 292 -46.23 4.75 -11.08
CA ALA E 292 -46.93 3.54 -10.69
C ALA E 292 -46.14 2.29 -11.04
N LEU E 293 -45.38 2.33 -12.15
CA LEU E 293 -44.63 1.15 -12.55
C LEU E 293 -43.54 0.79 -11.54
N LYS E 294 -42.66 1.76 -11.25
CA LYS E 294 -41.64 1.52 -10.23
C LYS E 294 -42.25 1.02 -8.94
N ARG E 295 -43.25 1.75 -8.43
CA ARG E 295 -43.93 1.35 -7.20
C ARG E 295 -44.46 -0.08 -7.28
N LEU E 296 -44.79 -0.55 -8.49
CA LEU E 296 -45.23 -1.93 -8.63
C LEU E 296 -44.11 -2.91 -8.31
N LYS E 297 -42.87 -2.58 -8.69
CA LYS E 297 -41.77 -3.51 -8.51
C LYS E 297 -41.62 -3.93 -7.05
N VAL E 298 -41.85 -3.01 -6.12
CA VAL E 298 -41.78 -3.36 -4.71
C VAL E 298 -43.03 -4.10 -4.26
N VAL E 299 -44.21 -3.59 -4.66
CA VAL E 299 -45.47 -4.22 -4.24
C VAL E 299 -45.58 -5.62 -4.81
N ALA E 300 -45.11 -5.81 -6.05
CA ALA E 300 -45.16 -7.15 -6.64
C ALA E 300 -44.19 -8.09 -5.95
N ALA E 301 -43.01 -7.59 -5.57
CA ALA E 301 -42.01 -8.45 -4.94
C ALA E 301 -42.56 -9.11 -3.68
N PHE E 302 -43.41 -8.41 -2.94
CA PHE E 302 -43.94 -8.98 -1.71
C PHE E 302 -45.02 -10.03 -1.94
N GLN E 303 -45.70 -9.98 -3.08
CA GLN E 303 -46.72 -10.99 -3.37
C GLN E 303 -46.10 -12.36 -3.58
N GLN E 304 -45.19 -12.48 -4.56
CA GLN E 304 -44.67 -13.79 -4.94
C GLN E 304 -43.92 -14.44 -3.78
N SER E 305 -43.03 -13.69 -3.14
CA SER E 305 -42.38 -14.21 -1.94
C SER E 305 -43.38 -14.30 -0.79
N GLY E 306 -43.12 -15.22 0.13
CA GLY E 306 -43.93 -15.33 1.32
C GLY E 306 -43.62 -14.31 2.39
N ASN E 307 -42.80 -13.31 2.07
CA ASN E 307 -42.36 -12.34 3.05
C ASN E 307 -43.51 -11.45 3.48
N SER E 308 -43.78 -11.41 4.77
CA SER E 308 -44.68 -10.41 5.31
C SER E 308 -43.99 -9.04 5.25
N PRO E 309 -44.61 -8.04 4.62
CA PRO E 309 -44.01 -6.68 4.63
C PRO E 309 -43.84 -6.13 6.04
N MET E 310 -44.48 -6.72 7.05
CA MET E 310 -44.27 -6.29 8.43
C MET E 310 -42.79 -6.30 8.80
N GLY E 311 -41.99 -7.15 8.15
CA GLY E 311 -40.59 -7.28 8.51
C GLY E 311 -39.84 -5.96 8.52
N MET E 312 -40.31 -4.98 7.74
CA MET E 312 -39.63 -3.70 7.67
C MET E 312 -39.77 -2.86 8.93
N VAL E 313 -40.59 -3.29 9.90
CA VAL E 313 -40.65 -2.68 11.22
C VAL E 313 -40.21 -3.73 12.24
N LEU E 314 -39.39 -3.30 13.20
CA LEU E 314 -38.73 -4.20 14.14
C LEU E 314 -39.40 -4.12 15.50
N ASP E 315 -39.93 -5.24 15.96
CA ASP E 315 -40.25 -5.39 17.38
C ASP E 315 -39.01 -5.78 18.19
N ALA E 316 -38.13 -6.59 17.61
CA ALA E 316 -36.91 -7.05 18.26
C ALA E 316 -35.72 -6.83 17.35
N VAL E 317 -34.58 -6.49 17.95
CA VAL E 317 -33.33 -6.25 17.23
C VAL E 317 -32.34 -7.35 17.62
N PRO E 318 -31.78 -8.08 16.66
CA PRO E 318 -30.78 -9.09 17.00
C PRO E 318 -29.51 -8.45 17.53
N VAL E 319 -28.75 -9.23 18.29
CA VAL E 319 -27.47 -8.80 18.85
C VAL E 319 -26.39 -9.77 18.39
N ILE E 320 -25.33 -9.22 17.79
CA ILE E 320 -24.27 -10.01 17.16
C ILE E 320 -23.42 -10.68 18.23
N PRO E 321 -22.84 -11.85 17.95
CA PRO E 321 -22.10 -12.57 19.00
C PRO E 321 -20.93 -11.75 19.50
N PRO E 322 -20.52 -11.96 20.76
CA PRO E 322 -19.54 -11.05 21.36
C PRO E 322 -18.16 -11.09 20.72
N GLU E 323 -17.71 -12.24 20.23
CA GLU E 323 -16.36 -12.31 19.69
C GLU E 323 -16.23 -11.57 18.37
N LEU E 324 -17.35 -11.30 17.68
CA LEU E 324 -17.32 -10.47 16.49
C LEU E 324 -17.29 -8.99 16.81
N ARG E 325 -17.59 -8.62 18.05
CA ARG E 325 -17.49 -7.24 18.53
C ARG E 325 -16.68 -7.25 19.81
N PRO E 326 -15.44 -7.73 19.76
CA PRO E 326 -14.75 -8.12 20.99
C PRO E 326 -14.37 -6.92 21.84
N MET E 327 -14.13 -7.22 23.11
CA MET E 327 -13.46 -6.30 24.02
C MET E 327 -12.30 -7.04 24.63
N VAL E 328 -11.09 -6.52 24.44
CA VAL E 328 -9.88 -7.21 24.85
C VAL E 328 -8.88 -6.17 25.34
N GLN E 329 -7.99 -6.60 26.24
CA GLN E 329 -6.94 -5.73 26.76
C GLN E 329 -5.68 -5.93 25.94
N LEU E 330 -5.08 -4.82 25.50
CA LEU E 330 -3.84 -4.91 24.74
C LEU E 330 -2.70 -5.29 25.67
N ASP E 331 -1.50 -5.41 25.11
CA ASP E 331 -0.31 -5.56 25.93
C ASP E 331 -0.14 -4.31 26.77
N GLY E 332 -0.05 -4.48 28.09
CA GLY E 332 -0.04 -3.38 29.02
C GLY E 332 -1.33 -3.20 29.80
N GLY E 333 -2.42 -3.83 29.39
CA GLY E 333 -3.65 -3.84 30.16
C GLY E 333 -4.71 -2.87 29.68
N ARG E 334 -4.34 -1.83 28.94
CA ARG E 334 -5.34 -0.91 28.44
C ARG E 334 -6.30 -1.63 27.49
N PHE E 335 -7.56 -1.25 27.53
CA PHE E 335 -8.63 -1.97 26.85
C PHE E 335 -9.02 -1.32 25.53
N ALA E 336 -9.40 -2.15 24.57
CA ALA E 336 -9.92 -1.72 23.29
C ALA E 336 -11.10 -2.60 22.92
N THR E 337 -12.14 -2.00 22.35
CA THR E 337 -13.37 -2.71 22.02
C THR E 337 -13.96 -2.16 20.73
N SER E 338 -14.91 -2.90 20.18
CA SER E 338 -15.59 -2.47 18.95
C SER E 338 -16.49 -1.28 19.21
N ASP E 339 -16.68 -0.46 18.17
CA ASP E 339 -17.68 0.60 18.25
C ASP E 339 -19.08 0.05 18.42
N LEU E 340 -19.30 -1.19 17.95
CA LEU E 340 -20.63 -1.79 18.02
C LEU E 340 -21.21 -1.78 19.43
N ASN E 341 -20.35 -1.88 20.44
CA ASN E 341 -20.86 -2.03 21.80
C ASN E 341 -21.43 -0.73 22.34
N ASP E 342 -20.76 0.40 22.10
CA ASP E 342 -21.37 1.68 22.44
C ASP E 342 -22.64 1.92 21.63
N LEU E 343 -22.69 1.43 20.39
CA LEU E 343 -23.90 1.56 19.60
C LEU E 343 -25.02 0.72 20.18
N TYR E 344 -24.74 -0.55 20.49
CA TYR E 344 -25.73 -1.36 21.19
C TYR E 344 -26.11 -0.75 22.54
N ARG E 345 -25.18 -0.03 23.16
CA ARG E 345 -25.44 0.52 24.49
C ARG E 345 -26.47 1.64 24.44
N ARG E 346 -26.36 2.55 23.46
CA ARG E 346 -27.36 3.60 23.32
C ARG E 346 -28.75 3.01 23.13
N VAL E 347 -28.87 2.01 22.24
CA VAL E 347 -30.16 1.40 21.97
C VAL E 347 -30.78 0.85 23.26
N ILE E 348 -30.04 -0.01 23.96
CA ILE E 348 -30.59 -0.66 25.15
C ILE E 348 -30.84 0.36 26.24
N ASN E 349 -29.96 1.35 26.38
CA ASN E 349 -30.20 2.44 27.33
C ASN E 349 -31.54 3.11 27.06
N ARG E 350 -31.80 3.44 25.79
CA ARG E 350 -33.01 4.19 25.47
C ARG E 350 -34.25 3.32 25.55
N ASN E 351 -34.14 2.05 25.13
CA ASN E 351 -35.26 1.15 25.30
C ASN E 351 -35.65 1.02 26.76
N ASN E 352 -34.66 0.90 27.65
CA ASN E 352 -34.96 0.73 29.07
C ASN E 352 -35.57 2.00 29.67
N ARG E 353 -35.04 3.17 29.30
CA ARG E 353 -35.67 4.41 29.73
C ARG E 353 -37.11 4.48 29.25
N LEU E 354 -37.37 4.02 28.02
CA LEU E 354 -38.73 4.04 27.49
C LEU E 354 -39.67 3.20 28.35
N LYS E 355 -39.24 1.98 28.70
CA LYS E 355 -40.03 1.17 29.62
C LYS E 355 -40.35 1.93 30.89
N ARG E 356 -39.37 2.64 31.43
CA ARG E 356 -39.54 3.38 32.68
C ARG E 356 -40.61 4.45 32.52
N LEU E 357 -40.49 5.28 31.48
CA LEU E 357 -41.46 6.36 31.28
C LEU E 357 -42.85 5.82 31.03
N ILE E 358 -42.97 4.72 30.28
CA ILE E 358 -44.29 4.12 30.05
C ILE E 358 -44.96 3.78 31.36
N ASP E 359 -44.21 3.17 32.29
CA ASP E 359 -44.81 2.67 33.52
C ASP E 359 -45.23 3.79 34.45
N LEU E 360 -44.39 4.81 34.61
CA LEU E 360 -44.78 5.97 35.41
C LEU E 360 -46.04 6.62 34.86
N GLY E 361 -46.19 6.59 33.54
CA GLY E 361 -47.10 7.42 32.78
C GLY E 361 -46.30 8.68 32.52
N ALA E 362 -46.35 9.22 31.31
CA ALA E 362 -45.60 10.44 31.03
C ALA E 362 -46.28 11.18 29.90
N PRO E 363 -46.24 12.50 29.90
CA PRO E 363 -46.79 13.25 28.77
C PRO E 363 -46.14 12.81 27.46
N GLU E 364 -46.95 12.77 26.40
CA GLU E 364 -46.46 12.31 25.10
C GLU E 364 -45.19 13.02 24.68
N ILE E 365 -45.05 14.29 25.05
CA ILE E 365 -43.84 15.04 24.69
C ILE E 365 -42.61 14.28 25.15
N ILE E 366 -42.61 13.85 26.41
CA ILE E 366 -41.48 13.09 26.94
C ILE E 366 -41.39 11.71 26.29
N VAL E 367 -42.50 10.97 26.31
CA VAL E 367 -42.50 9.61 25.77
C VAL E 367 -42.15 9.62 24.28
N ASN E 368 -42.86 10.44 23.49
CA ASN E 368 -42.56 10.52 22.07
C ASN E 368 -41.10 10.88 21.83
N ASN E 369 -40.53 11.73 22.68
CA ASN E 369 -39.12 12.06 22.56
C ASN E 369 -38.25 10.82 22.72
N GLU E 370 -38.61 9.95 23.67
CA GLU E 370 -37.86 8.71 23.85
C GLU E 370 -37.94 7.84 22.61
N LYS E 371 -39.16 7.65 22.08
CA LYS E 371 -39.32 6.81 20.89
C LYS E 371 -38.53 7.36 19.71
N ARG E 372 -38.52 8.69 19.54
CA ARG E 372 -37.71 9.30 18.50
C ARG E 372 -36.23 9.00 18.74
N MET E 373 -35.78 9.11 19.98
CA MET E 373 -34.39 8.76 20.30
C MET E 373 -34.14 7.27 20.08
N LEU E 374 -35.07 6.42 20.52
CA LEU E 374 -34.91 4.98 20.29
C LEU E 374 -34.78 4.67 18.80
N GLN E 375 -35.59 5.33 17.98
CA GLN E 375 -35.53 5.10 16.54
C GLN E 375 -34.16 5.47 15.97
N GLU E 376 -33.64 6.63 16.37
CA GLU E 376 -32.36 7.09 15.83
C GLU E 376 -31.21 6.18 16.26
N SER E 377 -31.28 5.65 17.48
CA SER E 377 -30.17 4.83 17.97
C SER E 377 -30.10 3.50 17.21
N VAL E 378 -31.24 2.91 16.87
CA VAL E 378 -31.23 1.68 16.08
C VAL E 378 -30.77 1.99 14.66
N ASP E 379 -31.05 3.20 14.16
CA ASP E 379 -30.50 3.61 12.87
C ASP E 379 -28.98 3.62 12.91
N ALA E 380 -28.41 4.35 13.88
CA ALA E 380 -26.95 4.43 14.00
C ALA E 380 -26.33 3.05 14.10
N LEU E 381 -26.97 2.14 14.85
CA LEU E 381 -26.46 0.78 14.96
C LEU E 381 -26.35 0.12 13.60
N PHE E 382 -27.43 0.10 12.83
CA PHE E 382 -27.43 -0.56 11.52
C PHE E 382 -26.60 0.21 10.50
N ASP E 383 -26.95 1.47 10.28
CA ASP E 383 -26.28 2.32 9.31
C ASP E 383 -26.09 3.69 9.96
N ASN E 384 -24.85 4.09 10.20
CA ASN E 384 -24.56 5.32 10.92
C ASN E 384 -24.23 6.42 9.95
N GLY E 385 -24.87 7.58 10.13
CA GLY E 385 -24.72 8.69 9.22
C GLY E 385 -25.58 8.59 7.97
N ARG E 386 -26.19 7.44 7.69
CA ARG E 386 -27.10 7.35 6.56
C ARG E 386 -28.25 8.35 6.69
N ARG E 387 -28.64 8.68 7.92
CA ARG E 387 -29.55 9.78 8.18
C ARG E 387 -28.90 10.70 9.20
N GLY E 388 -28.84 12.00 8.88
CA GLY E 388 -28.30 12.98 9.79
C GLY E 388 -26.80 12.82 10.03
N ARG E 389 -26.32 13.57 11.01
CA ARG E 389 -24.91 13.51 11.38
C ARG E 389 -24.62 12.17 12.06
N PRO E 390 -23.48 11.56 11.78
CA PRO E 390 -23.20 10.24 12.36
C PRO E 390 -22.84 10.33 13.83
N VAL E 391 -23.19 9.28 14.57
CA VAL E 391 -22.78 9.20 15.97
C VAL E 391 -21.27 9.09 16.02
N THR E 392 -20.65 9.92 16.85
CA THR E 392 -19.20 10.03 16.90
C THR E 392 -18.68 9.65 18.28
N GLY E 393 -17.42 9.25 18.33
CA GLY E 393 -16.74 9.01 19.58
C GLY E 393 -15.83 10.18 19.92
N PRO E 394 -14.84 9.94 20.77
CA PRO E 394 -13.84 10.98 21.03
C PRO E 394 -13.09 11.34 19.75
N GLY E 395 -12.57 12.57 19.71
CA GLY E 395 -11.98 13.04 18.48
C GLY E 395 -12.95 13.22 17.33
N ASN E 396 -14.26 13.06 17.57
CA ASN E 396 -15.27 13.32 16.53
C ASN E 396 -15.16 12.37 15.34
N ARG E 397 -14.70 11.15 15.56
CA ARG E 397 -14.68 10.21 14.45
C ARG E 397 -15.91 9.32 14.53
N PRO E 398 -16.67 9.19 13.45
CA PRO E 398 -17.91 8.41 13.50
C PRO E 398 -17.67 6.95 13.83
N LEU E 399 -18.56 6.40 14.65
CA LEU E 399 -18.51 4.98 15.00
C LEU E 399 -18.86 4.13 13.79
N LYS E 400 -18.28 2.93 13.74
CA LYS E 400 -18.49 2.01 12.63
C LYS E 400 -19.75 1.19 12.87
N SER E 401 -20.69 1.27 11.94
CA SER E 401 -21.97 0.58 12.06
C SER E 401 -21.86 -0.84 11.52
N LEU E 402 -22.96 -1.59 11.63
CA LEU E 402 -23.01 -2.92 11.04
C LEU E 402 -22.79 -2.85 9.52
N SER E 403 -23.37 -1.84 8.87
CA SER E 403 -23.17 -1.68 7.44
C SER E 403 -21.72 -1.39 7.11
N ASP E 404 -21.01 -0.68 7.98
CA ASP E 404 -19.61 -0.37 7.74
C ASP E 404 -18.76 -1.63 7.64
N LEU E 405 -19.21 -2.74 8.22
CA LEU E 405 -18.46 -4.00 8.12
C LEU E 405 -18.41 -4.49 6.67
N LEU E 406 -19.57 -4.54 6.02
CA LEU E 406 -19.66 -5.16 4.70
C LEU E 406 -19.07 -4.29 3.61
N LYS E 407 -19.28 -2.98 3.68
CA LYS E 407 -19.05 -2.10 2.54
C LYS E 407 -17.59 -1.76 2.37
N GLY E 408 -17.22 -1.42 1.12
CA GLY E 408 -15.96 -0.79 0.84
C GLY E 408 -14.82 -1.75 0.57
N LYS E 409 -13.66 -1.15 0.30
CA LYS E 409 -12.43 -1.91 0.08
C LYS E 409 -11.98 -2.59 1.36
N GLN E 410 -12.30 -2.02 2.52
CA GLN E 410 -11.93 -2.59 3.80
C GLN E 410 -13.03 -3.46 4.41
N GLY E 411 -14.16 -3.60 3.74
CA GLY E 411 -15.24 -4.44 4.23
C GLY E 411 -14.91 -5.92 4.10
N ARG E 412 -15.89 -6.75 4.50
CA ARG E 412 -15.68 -8.19 4.49
C ARG E 412 -15.39 -8.71 3.08
N PHE E 413 -16.15 -8.26 2.09
CA PHE E 413 -16.07 -8.86 0.77
C PHE E 413 -14.68 -8.68 0.16
N ARG E 414 -14.24 -7.44 -0.02
CA ARG E 414 -12.97 -7.20 -0.67
C ARG E 414 -11.80 -7.51 0.27
N GLN E 415 -11.89 -7.08 1.53
CA GLN E 415 -10.80 -7.32 2.46
C GLN E 415 -10.64 -8.79 2.79
N ASN E 416 -11.67 -9.40 3.36
CA ASN E 416 -11.56 -10.73 3.96
C ASN E 416 -12.10 -11.87 3.10
N LEU E 417 -12.69 -11.59 1.94
CA LEU E 417 -13.42 -12.64 1.21
C LEU E 417 -12.85 -12.86 -0.19
N LEU E 418 -12.89 -11.86 -1.06
CA LEU E 418 -12.30 -11.99 -2.39
C LEU E 418 -10.78 -12.05 -2.35
N GLY E 419 -10.17 -11.73 -1.21
CA GLY E 419 -8.75 -11.85 -0.99
C GLY E 419 -8.50 -12.08 0.48
N LYS E 420 -7.23 -12.30 0.82
CA LYS E 420 -6.88 -12.55 2.22
C LYS E 420 -5.38 -12.83 2.29
N ARG E 421 -4.85 -12.73 3.51
CA ARG E 421 -3.47 -13.14 3.76
C ARG E 421 -3.39 -14.65 3.92
N VAL E 422 -2.22 -15.21 3.62
CA VAL E 422 -2.09 -16.65 3.49
C VAL E 422 -0.81 -17.15 4.13
N ASP E 423 -0.86 -18.38 4.62
CA ASP E 423 0.28 -19.12 5.14
C ASP E 423 1.17 -19.62 4.00
N TYR E 424 2.39 -20.00 4.36
CA TYR E 424 3.33 -20.60 3.41
C TYR E 424 3.66 -19.63 2.29
N SER E 425 3.94 -18.38 2.66
CA SER E 425 4.26 -17.34 1.71
C SER E 425 5.33 -16.44 2.29
N GLY E 426 6.04 -15.75 1.40
CA GLY E 426 7.05 -14.80 1.79
C GLY E 426 7.27 -13.81 0.67
N ARG E 427 8.23 -12.92 0.88
CA ARG E 427 8.64 -12.00 -0.18
C ARG E 427 10.02 -11.46 0.15
N SER E 428 10.65 -10.90 -0.88
CA SER E 428 11.93 -10.21 -0.73
C SER E 428 12.13 -9.35 -1.97
N VAL E 429 13.24 -8.62 -2.00
CA VAL E 429 13.61 -7.88 -3.20
C VAL E 429 14.19 -8.86 -4.20
N ILE E 430 14.09 -8.53 -5.48
CA ILE E 430 14.48 -9.43 -6.56
C ILE E 430 15.74 -8.91 -7.22
N VAL E 431 16.59 -9.86 -7.66
CA VAL E 431 17.82 -9.56 -8.38
C VAL E 431 17.87 -10.45 -9.62
N VAL E 432 18.71 -10.06 -10.57
CA VAL E 432 18.70 -10.68 -11.89
C VAL E 432 19.19 -12.12 -11.81
N GLY E 433 18.60 -12.98 -12.66
CA GLY E 433 18.87 -14.40 -12.67
C GLY E 433 19.70 -14.91 -13.84
N PRO E 434 20.55 -14.06 -14.44
CA PRO E 434 21.02 -14.33 -15.81
C PRO E 434 21.51 -15.76 -16.05
N GLN E 435 22.00 -16.44 -15.02
CA GLN E 435 22.50 -17.80 -15.16
C GLN E 435 21.41 -18.86 -15.02
N LEU E 436 20.18 -18.46 -14.74
CA LEU E 436 19.10 -19.41 -14.49
C LEU E 436 18.54 -19.99 -15.79
N LYS E 437 18.08 -21.22 -15.71
CA LYS E 437 17.22 -21.77 -16.75
C LYS E 437 15.81 -21.20 -16.57
N LEU E 438 15.08 -21.13 -17.68
CA LEU E 438 13.83 -20.38 -17.71
C LEU E 438 12.84 -20.86 -16.65
N HIS E 439 12.91 -22.13 -16.27
CA HIS E 439 11.96 -22.73 -15.34
C HIS E 439 12.40 -22.61 -13.88
N GLN E 440 13.49 -21.89 -13.60
CA GLN E 440 14.09 -21.86 -12.28
C GLN E 440 14.06 -20.45 -11.70
N CYS E 441 14.21 -20.38 -10.38
CA CYS E 441 14.33 -19.11 -9.68
C CYS E 441 15.26 -19.26 -8.49
N GLY E 442 16.05 -18.22 -8.21
CA GLY E 442 16.80 -18.14 -6.98
C GLY E 442 15.94 -17.87 -5.76
N LEU E 443 16.02 -18.73 -4.77
CA LEU E 443 15.23 -18.62 -3.54
C LEU E 443 16.15 -18.45 -2.34
N PRO E 444 16.07 -17.35 -1.59
CA PRO E 444 16.95 -17.19 -0.43
C PRO E 444 16.80 -18.36 0.54
N LYS E 445 17.94 -18.96 0.89
CA LYS E 445 17.90 -20.22 1.64
C LYS E 445 17.20 -20.03 2.99
N LEU E 446 17.39 -18.89 3.64
CA LEU E 446 16.63 -18.59 4.84
C LEU E 446 15.14 -18.60 4.56
N MET E 447 14.73 -17.92 3.47
CA MET E 447 13.32 -17.91 3.10
C MET E 447 12.82 -19.32 2.79
N ALA E 448 13.60 -20.08 2.01
CA ALA E 448 13.21 -21.45 1.70
C ALA E 448 13.02 -22.27 2.96
N LEU E 449 13.91 -22.11 3.94
CA LEU E 449 13.85 -22.91 5.16
C LEU E 449 12.51 -22.71 5.88
N GLU E 450 12.11 -21.46 6.10
CA GLU E 450 10.85 -21.20 6.79
C GLU E 450 9.66 -21.67 5.97
N LEU E 451 9.65 -21.39 4.67
CA LEU E 451 8.55 -21.81 3.81
C LEU E 451 8.31 -23.31 3.93
N PHE E 452 9.37 -24.11 3.84
CA PHE E 452 9.27 -25.57 3.84
C PHE E 452 9.36 -26.20 5.22
N LYS E 453 9.40 -25.38 6.29
CA LYS E 453 9.70 -25.87 7.64
C LYS E 453 9.03 -27.19 7.99
N PRO E 454 7.71 -27.35 7.87
CA PRO E 454 7.11 -28.65 8.21
C PRO E 454 7.60 -29.79 7.34
N PHE E 455 7.99 -29.52 6.09
CA PHE E 455 8.50 -30.58 5.23
C PHE E 455 9.84 -31.11 5.74
N VAL E 456 10.79 -30.20 5.98
CA VAL E 456 12.11 -30.64 6.44
C VAL E 456 12.01 -31.27 7.82
N MET E 457 11.19 -30.68 8.70
CA MET E 457 10.98 -31.26 10.02
C MET E 457 10.66 -32.75 9.92
N LYS E 458 9.78 -33.12 8.98
CA LYS E 458 9.53 -34.54 8.75
C LYS E 458 10.77 -35.25 8.23
N ARG E 459 11.40 -34.70 7.20
CA ARG E 459 12.51 -35.37 6.55
C ARG E 459 13.61 -35.70 7.56
N LEU E 460 14.05 -34.71 8.33
CA LEU E 460 15.13 -34.96 9.29
C LEU E 460 14.68 -35.81 10.47
N VAL E 461 13.37 -36.06 10.62
CA VAL E 461 12.94 -37.13 11.52
C VAL E 461 12.97 -38.48 10.82
N ASP E 462 12.84 -38.52 9.49
CA ASP E 462 12.87 -39.77 8.75
C ASP E 462 14.30 -40.29 8.78
N LEU E 463 15.21 -39.57 8.14
CA LEU E 463 16.61 -39.68 8.55
C LEU E 463 16.67 -39.39 10.05
N ASN E 464 17.61 -40.03 10.74
CA ASN E 464 17.51 -40.07 12.18
C ASN E 464 18.09 -38.83 12.86
N HIS E 465 18.40 -37.78 12.09
CA HIS E 465 18.97 -36.55 12.63
C HIS E 465 18.29 -36.11 13.92
N ALA E 466 16.97 -36.23 13.99
CA ALA E 466 16.21 -35.85 15.17
C ALA E 466 15.30 -36.99 15.59
N GLN E 467 15.18 -37.20 16.90
CA GLN E 467 14.42 -38.34 17.42
C GLN E 467 12.93 -38.08 17.46
N ASN E 468 12.50 -36.85 17.72
CA ASN E 468 11.07 -36.53 17.79
C ASN E 468 10.81 -35.18 17.13
N ILE E 469 9.53 -34.89 16.91
CA ILE E 469 9.14 -33.70 16.17
C ILE E 469 9.59 -32.44 16.91
N LYS E 470 9.51 -32.45 18.24
CA LYS E 470 9.97 -31.29 19.02
C LYS E 470 11.42 -30.98 18.71
N SER E 471 12.28 -32.01 18.73
CA SER E 471 13.69 -31.80 18.39
C SER E 471 13.84 -31.28 16.97
N ALA E 472 13.04 -31.82 16.04
CA ALA E 472 13.11 -31.35 14.66
C ALA E 472 12.81 -29.86 14.56
N LYS E 473 11.81 -29.40 15.31
CA LYS E 473 11.43 -27.98 15.24
C LYS E 473 12.55 -27.08 15.74
N ARG E 474 13.18 -27.44 16.86
CA ARG E 474 14.29 -26.64 17.35
C ARG E 474 15.48 -26.70 16.39
N MET E 475 15.71 -27.86 15.77
CA MET E 475 16.82 -28.00 14.85
C MET E 475 16.70 -27.02 13.68
N VAL E 476 15.48 -26.76 13.23
CA VAL E 476 15.28 -25.83 12.12
C VAL E 476 15.39 -24.39 12.60
N GLU E 477 14.81 -24.07 13.76
CA GLU E 477 14.85 -22.71 14.26
C GLU E 477 16.29 -22.24 14.48
N ARG E 478 17.09 -23.03 15.20
CA ARG E 478 18.48 -22.66 15.43
C ARG E 478 19.33 -22.81 14.17
N GLN E 479 18.80 -23.38 13.10
CA GLN E 479 19.50 -23.47 11.83
C GLN E 479 20.78 -24.31 11.95
N ARG E 480 20.70 -25.40 12.69
CA ARG E 480 21.85 -26.27 12.80
C ARG E 480 22.24 -26.77 11.41
N PRO E 481 23.55 -26.90 11.13
CA PRO E 481 23.98 -27.08 9.73
C PRO E 481 23.42 -28.31 9.04
N GLN E 482 22.89 -29.29 9.78
CA GLN E 482 22.42 -30.51 9.13
C GLN E 482 21.24 -30.25 8.21
N VAL E 483 20.46 -29.20 8.47
CA VAL E 483 19.18 -29.02 7.79
C VAL E 483 19.38 -28.70 6.31
N TRP E 484 20.48 -28.04 5.95
CA TRP E 484 20.63 -27.53 4.59
C TRP E 484 20.60 -28.66 3.57
N ASP E 485 21.45 -29.68 3.77
CA ASP E 485 21.38 -30.84 2.90
C ASP E 485 19.97 -31.39 2.81
N VAL E 486 19.25 -31.37 3.93
CA VAL E 486 17.88 -31.87 3.95
C VAL E 486 16.97 -30.96 3.13
N LEU E 487 17.13 -29.65 3.26
CA LEU E 487 16.29 -28.72 2.51
C LEU E 487 16.35 -29.00 1.02
N GLU E 488 17.56 -29.10 0.47
CA GLU E 488 17.70 -29.42 -0.95
C GLU E 488 16.91 -30.67 -1.33
N GLU E 489 16.77 -31.60 -0.40
CA GLU E 489 16.02 -32.82 -0.68
C GLU E 489 14.54 -32.50 -0.89
N VAL E 490 13.91 -31.83 0.07
CA VAL E 490 12.47 -31.58 0.01
C VAL E 490 12.14 -30.61 -1.11
N ILE E 491 12.99 -29.59 -1.31
CA ILE E 491 12.74 -28.57 -2.31
C ILE E 491 12.89 -29.10 -3.74
N ALA E 492 13.49 -30.26 -3.92
CA ALA E 492 13.76 -30.78 -5.25
C ALA E 492 12.46 -31.01 -6.03
N GLU E 493 12.38 -30.41 -7.22
CA GLU E 493 11.24 -30.59 -8.11
C GLU E 493 9.92 -30.25 -7.44
N HIS E 494 9.97 -29.39 -6.43
CA HIS E 494 8.78 -28.95 -5.73
C HIS E 494 8.54 -27.48 -6.07
N PRO E 495 7.55 -27.15 -6.89
CA PRO E 495 7.50 -25.81 -7.47
C PRO E 495 6.94 -24.78 -6.51
N VAL E 496 7.01 -23.53 -6.93
CA VAL E 496 6.59 -22.38 -6.14
C VAL E 496 6.09 -21.33 -7.10
N LEU E 497 5.11 -20.55 -6.64
CA LEU E 497 4.52 -19.48 -7.43
C LEU E 497 5.16 -18.15 -7.09
N LEU E 498 5.48 -17.37 -8.12
CA LEU E 498 6.06 -16.05 -7.96
C LEU E 498 5.08 -15.00 -8.48
N ASN E 499 4.80 -13.99 -7.67
CA ASN E 499 3.86 -12.94 -8.00
C ASN E 499 4.50 -11.58 -7.75
N ARG E 500 4.22 -10.62 -8.63
CA ARG E 500 4.62 -9.25 -8.44
C ARG E 500 3.40 -8.36 -8.63
N ALA E 501 3.17 -7.48 -7.66
CA ALA E 501 2.04 -6.55 -7.71
C ALA E 501 2.41 -5.25 -8.40
N PRO E 502 1.46 -4.66 -9.15
CA PRO E 502 0.11 -5.21 -9.33
C PRO E 502 0.07 -6.34 -10.34
N THR E 503 -0.89 -7.26 -10.16
CA THR E 503 -1.08 -8.36 -11.09
C THR E 503 -2.10 -7.94 -12.13
N LEU E 504 -1.63 -7.74 -13.36
CA LEU E 504 -2.44 -7.21 -14.46
C LEU E 504 -3.07 -8.34 -15.27
N HIS E 505 -2.24 -9.23 -15.80
CA HIS E 505 -2.68 -10.42 -16.49
C HIS E 505 -2.21 -11.65 -15.73
N ARG E 506 -2.85 -12.79 -16.01
CA ARG E 506 -2.53 -14.02 -15.28
C ARG E 506 -1.04 -14.32 -15.30
N LEU E 507 -0.32 -13.86 -16.32
CA LEU E 507 1.12 -14.06 -16.35
C LEU E 507 1.83 -13.37 -15.20
N GLY E 508 1.14 -12.50 -14.45
CA GLY E 508 1.69 -11.92 -13.24
C GLY E 508 1.96 -12.91 -12.13
N ILE E 509 1.54 -14.16 -12.31
CA ILE E 509 1.92 -15.26 -11.42
C ILE E 509 2.41 -16.40 -12.29
N GLN E 510 3.57 -16.94 -11.95
CA GLN E 510 4.16 -18.04 -12.70
C GLN E 510 4.90 -18.96 -11.73
N ALA E 511 4.88 -20.25 -12.05
CA ALA E 511 5.57 -21.25 -11.27
C ALA E 511 7.00 -21.39 -11.76
N PHE E 512 7.92 -21.65 -10.83
CA PHE E 512 9.30 -21.92 -11.18
C PHE E 512 9.80 -23.09 -10.35
N GLU E 513 11.04 -23.50 -10.65
CA GLU E 513 11.74 -24.55 -9.93
C GLU E 513 12.68 -23.89 -8.93
N PRO E 514 12.47 -24.03 -7.62
CA PRO E 514 13.28 -23.27 -6.67
C PRO E 514 14.71 -23.79 -6.60
N GLN E 515 15.65 -22.86 -6.49
CA GLN E 515 17.06 -23.17 -6.28
C GLN E 515 17.55 -22.43 -5.05
N LEU E 516 18.06 -23.16 -4.08
CA LEU E 516 18.65 -22.54 -2.90
C LEU E 516 19.74 -21.57 -3.33
N VAL E 517 19.67 -20.34 -2.83
CA VAL E 517 20.58 -19.27 -3.21
C VAL E 517 21.09 -18.59 -1.95
N GLU E 518 22.36 -18.21 -1.96
CA GLU E 518 22.91 -17.42 -0.88
C GLU E 518 22.41 -15.98 -0.98
N GLY E 519 22.38 -15.30 0.16
CA GLY E 519 21.86 -13.95 0.22
C GLY E 519 20.37 -13.92 0.52
N LYS E 520 19.88 -12.72 0.79
CA LYS E 520 18.48 -12.51 1.16
C LYS E 520 17.62 -12.06 -0.01
N ALA E 521 18.16 -11.94 -1.21
CA ALA E 521 17.37 -11.51 -2.35
C ALA E 521 16.85 -12.70 -3.15
N ILE E 522 16.01 -12.42 -4.15
CA ILE E 522 15.39 -13.42 -4.99
C ILE E 522 15.95 -13.29 -6.39
N GLN E 523 16.44 -14.40 -6.94
CA GLN E 523 16.99 -14.40 -8.30
C GLN E 523 15.87 -14.71 -9.30
N LEU E 524 15.60 -13.75 -10.18
CA LEU E 524 14.52 -13.83 -11.15
C LEU E 524 15.11 -13.96 -12.55
N HIS E 525 14.63 -14.95 -13.30
CA HIS E 525 15.11 -15.14 -14.66
C HIS E 525 14.87 -13.88 -15.48
N PRO E 526 15.86 -13.44 -16.27
CA PRO E 526 15.72 -12.15 -16.97
C PRO E 526 14.65 -12.14 -18.05
N LEU E 527 14.15 -13.30 -18.48
CA LEU E 527 13.16 -13.35 -19.55
C LEU E 527 11.72 -13.23 -19.06
N VAL E 528 11.48 -13.31 -17.74
CA VAL E 528 10.13 -13.15 -17.20
C VAL E 528 9.86 -11.72 -16.76
N CYS E 529 10.84 -10.82 -16.84
CA CYS E 529 10.60 -9.44 -16.42
C CYS E 529 9.46 -8.82 -17.21
N GLU E 530 9.41 -9.08 -18.52
CA GLU E 530 8.36 -8.50 -19.34
C GLU E 530 6.97 -8.79 -18.77
N ALA E 531 6.69 -10.06 -18.48
CA ALA E 531 5.36 -10.42 -18.00
C ALA E 531 5.08 -9.80 -16.64
N PHE E 532 6.02 -9.95 -15.70
CA PHE E 532 5.87 -9.34 -14.38
C PHE E 532 5.99 -7.82 -14.40
N ASN E 533 6.45 -7.25 -15.51
CA ASN E 533 6.78 -5.83 -15.56
C ASN E 533 7.78 -5.48 -14.46
N ALA E 534 8.77 -6.35 -14.27
CA ALA E 534 9.63 -6.30 -13.10
C ALA E 534 10.83 -5.41 -13.38
N ASP E 535 10.91 -4.30 -12.65
CA ASP E 535 12.11 -3.49 -12.59
C ASP E 535 12.99 -3.99 -11.46
N PHE E 536 14.29 -3.97 -11.67
CA PHE E 536 15.27 -4.29 -10.63
C PHE E 536 15.70 -3.07 -9.83
N ASP E 537 14.98 -1.95 -10.00
CA ASP E 537 15.13 -0.73 -9.22
C ASP E 537 14.86 -0.95 -7.74
N GLY E 538 14.61 -2.19 -7.32
CA GLY E 538 14.18 -2.51 -5.98
C GLY E 538 12.77 -3.04 -5.80
N ASP E 539 12.13 -3.52 -6.87
CA ASP E 539 10.86 -4.22 -6.74
C ASP E 539 10.99 -5.43 -5.83
N GLN E 540 9.87 -5.81 -5.22
CA GLN E 540 9.77 -7.02 -4.41
C GLN E 540 8.75 -7.96 -5.04
N MET E 541 8.86 -9.23 -4.71
CA MET E 541 7.96 -10.25 -5.23
C MET E 541 7.60 -11.23 -4.14
N ALA E 542 6.40 -11.79 -4.23
CA ALA E 542 5.89 -12.73 -3.24
C ALA E 542 6.08 -14.16 -3.73
N VAL E 543 6.41 -15.04 -2.79
CA VAL E 543 6.56 -16.46 -3.07
C VAL E 543 5.45 -17.20 -2.35
N HIS E 544 4.84 -18.16 -3.05
CA HIS E 544 3.77 -18.97 -2.50
C HIS E 544 4.10 -20.44 -2.75
N LEU E 545 3.85 -21.27 -1.74
CA LEU E 545 4.19 -22.68 -1.81
C LEU E 545 2.94 -23.52 -2.03
N PRO E 546 2.72 -24.05 -3.23
CA PRO E 546 1.58 -24.95 -3.42
C PRO E 546 1.78 -26.26 -2.68
N LEU E 547 0.72 -26.72 -2.02
CA LEU E 547 0.82 -27.85 -1.11
C LEU E 547 0.26 -29.13 -1.73
N SER E 548 -1.06 -29.17 -1.94
CA SER E 548 -1.70 -30.41 -2.33
C SER E 548 -1.18 -30.89 -3.69
N ALA E 549 -1.30 -32.20 -3.91
CA ALA E 549 -0.89 -32.78 -5.19
C ALA E 549 -1.50 -32.01 -6.36
N GLU E 550 -2.79 -31.69 -6.27
CA GLU E 550 -3.44 -30.95 -7.34
C GLU E 550 -2.79 -29.58 -7.52
N ALA E 551 -2.51 -28.87 -6.42
CA ALA E 551 -1.90 -27.55 -6.53
C ALA E 551 -0.53 -27.63 -7.19
N GLN E 552 0.27 -28.63 -6.82
CA GLN E 552 1.59 -28.78 -7.44
C GLN E 552 1.46 -29.15 -8.92
N ALA E 553 0.47 -29.99 -9.25
CA ALA E 553 0.23 -30.31 -10.65
C ALA E 553 -0.13 -29.06 -11.44
N GLU E 554 -1.05 -28.26 -10.91
CA GLU E 554 -1.45 -27.03 -11.58
C GLU E 554 -0.24 -26.10 -11.77
N ALA E 555 0.68 -26.08 -10.80
CA ALA E 555 1.87 -25.26 -10.93
C ALA E 555 2.75 -25.75 -12.08
N ARG E 556 3.10 -27.03 -12.08
CA ARG E 556 4.01 -27.57 -13.09
C ARG E 556 3.39 -27.50 -14.48
N ILE E 557 2.12 -27.85 -14.61
CA ILE E 557 1.49 -27.94 -15.92
C ILE E 557 1.00 -26.57 -16.39
N LEU E 558 0.06 -25.98 -15.65
CA LEU E 558 -0.61 -24.76 -16.09
C LEU E 558 0.28 -23.52 -15.99
N MET E 559 0.88 -23.28 -14.84
CA MET E 559 1.51 -22.00 -14.56
C MET E 559 3.03 -22.00 -14.74
N LEU E 560 3.63 -23.14 -15.10
CA LEU E 560 5.08 -23.19 -15.23
C LEU E 560 5.60 -22.11 -16.17
N SER E 561 6.75 -21.55 -15.82
CA SER E 561 7.29 -20.42 -16.57
C SER E 561 7.43 -20.74 -18.06
N SER E 562 8.07 -21.86 -18.37
CA SER E 562 8.45 -22.16 -19.76
C SER E 562 7.25 -22.55 -20.62
N ASN E 563 6.12 -22.90 -20.02
CA ASN E 563 4.92 -23.20 -20.80
C ASN E 563 4.13 -21.95 -21.12
N ASN E 564 4.42 -20.82 -20.47
CA ASN E 564 3.78 -19.54 -20.77
C ASN E 564 4.85 -18.63 -21.35
N ILE E 565 4.77 -18.39 -22.66
CA ILE E 565 5.77 -17.63 -23.40
C ILE E 565 5.04 -16.51 -24.12
N LEU E 566 4.11 -16.87 -24.98
CA LEU E 566 3.30 -15.90 -25.70
C LEU E 566 2.30 -15.23 -24.77
N SER E 567 2.05 -13.94 -25.02
CA SER E 567 1.01 -13.23 -24.29
C SER E 567 -0.34 -13.83 -24.65
N PRO E 568 -1.22 -14.09 -23.69
CA PRO E 568 -2.54 -14.61 -24.05
C PRO E 568 -3.52 -13.50 -24.39
N ALA E 569 -3.06 -12.54 -25.18
CA ALA E 569 -3.89 -11.43 -25.65
C ALA E 569 -3.65 -11.24 -27.14
N SER E 570 -2.42 -10.88 -27.49
CA SER E 570 -2.00 -10.77 -28.88
C SER E 570 -1.36 -12.03 -29.43
N GLY E 571 -1.05 -13.01 -28.57
CA GLY E 571 -0.30 -14.16 -29.01
C GLY E 571 1.16 -13.90 -29.30
N LYS E 572 1.59 -12.64 -29.32
CA LYS E 572 2.98 -12.31 -29.56
C LYS E 572 3.85 -12.91 -28.47
N PRO E 573 5.13 -13.17 -28.75
CA PRO E 573 6.01 -13.70 -27.71
C PRO E 573 6.39 -12.63 -26.70
N LEU E 574 6.44 -13.05 -25.43
CA LEU E 574 6.79 -12.19 -24.30
C LEU E 574 8.20 -12.47 -23.79
N ALA E 575 8.47 -13.73 -23.41
CA ALA E 575 9.79 -14.12 -22.96
C ALA E 575 10.88 -13.85 -23.99
N MET E 576 10.52 -13.41 -25.18
CA MET E 576 11.49 -13.08 -26.21
C MET E 576 12.56 -12.14 -25.66
N PRO E 577 13.80 -12.24 -26.15
CA PRO E 577 14.87 -11.37 -25.64
C PRO E 577 14.55 -9.89 -25.82
N ARG E 578 15.16 -9.07 -24.99
CA ARG E 578 14.92 -7.64 -24.95
C ARG E 578 16.15 -6.93 -24.41
N LEU E 579 16.21 -5.60 -24.63
CA LEU E 579 17.27 -4.77 -24.07
C LEU E 579 18.65 -5.31 -24.39
N ASP E 580 19.42 -5.63 -23.33
CA ASP E 580 20.77 -6.14 -23.49
C ASP E 580 20.83 -7.24 -24.54
N MET E 581 19.92 -8.21 -24.43
CA MET E 581 19.98 -9.37 -25.30
C MET E 581 19.78 -9.01 -26.77
N VAL E 582 18.96 -7.99 -27.05
CA VAL E 582 18.84 -7.46 -28.41
C VAL E 582 20.20 -7.02 -28.91
N THR E 583 20.74 -5.95 -28.31
CA THR E 583 21.99 -5.38 -28.79
C THR E 583 23.10 -6.41 -28.86
N GLY E 584 23.07 -7.41 -27.97
CA GLY E 584 24.08 -8.47 -28.03
C GLY E 584 23.98 -9.29 -29.30
N LEU E 585 22.76 -9.69 -29.66
CA LEU E 585 22.56 -10.47 -30.88
C LEU E 585 22.62 -9.61 -32.12
N TYR E 586 22.00 -8.42 -32.07
CA TYR E 586 22.11 -7.46 -33.17
C TYR E 586 23.56 -7.24 -33.55
N TYR E 587 24.42 -7.04 -32.56
CA TYR E 587 25.86 -6.92 -32.83
C TYR E 587 26.41 -8.23 -33.39
N LEU E 588 26.00 -9.36 -32.83
CA LEU E 588 26.51 -10.65 -33.28
C LEU E 588 26.25 -10.85 -34.78
N THR E 589 25.02 -10.61 -35.22
CA THR E 589 24.61 -10.91 -36.58
C THR E 589 24.93 -9.81 -37.59
N THR E 590 25.31 -8.62 -37.14
CA THR E 590 25.55 -7.53 -38.07
C THR E 590 26.75 -7.85 -38.97
N LEU E 591 26.78 -7.19 -40.12
CA LEU E 591 27.79 -7.38 -41.15
C LEU E 591 28.55 -6.09 -41.35
N VAL E 592 29.88 -6.14 -41.25
CA VAL E 592 30.73 -4.96 -41.34
C VAL E 592 31.53 -5.03 -42.63
N GLU E 593 31.31 -4.04 -43.50
CA GLU E 593 32.09 -3.94 -44.72
C GLU E 593 33.56 -3.74 -44.39
N GLY E 594 34.41 -4.58 -44.97
CA GLY E 594 35.84 -4.44 -44.77
C GLY E 594 36.31 -4.73 -43.36
N ALA E 595 35.80 -5.78 -42.73
CA ALA E 595 36.30 -6.20 -41.43
C ALA E 595 37.53 -7.07 -41.62
N THR E 596 38.12 -7.50 -40.51
CA THR E 596 39.33 -8.32 -40.56
C THR E 596 38.99 -9.71 -41.05
N GLY E 597 39.73 -10.19 -42.05
CA GLY E 597 39.50 -11.50 -42.62
C GLY E 597 38.47 -11.56 -43.72
N GLU E 598 38.01 -10.42 -44.22
CA GLU E 598 36.94 -10.38 -45.21
C GLU E 598 37.32 -11.22 -46.44
N TYR E 599 36.42 -12.12 -46.82
CA TYR E 599 36.54 -12.82 -48.09
C TYR E 599 36.61 -11.80 -49.23
N GLN E 600 37.43 -12.10 -50.24
CA GLN E 600 37.78 -11.06 -51.21
C GLN E 600 36.88 -10.99 -52.46
N ALA E 601 36.96 -11.94 -53.39
CA ALA E 601 37.75 -13.16 -53.29
C ALA E 601 38.92 -13.07 -54.26
N ALA E 602 39.98 -13.82 -53.97
CA ALA E 602 41.25 -13.56 -54.61
C ALA E 602 41.17 -13.78 -56.11
N THR E 603 42.10 -13.12 -56.80
CA THR E 603 42.11 -13.03 -58.25
C THR E 603 43.55 -13.20 -58.71
N LYS E 604 43.72 -13.75 -59.91
CA LYS E 604 45.07 -13.99 -60.40
C LYS E 604 45.85 -14.90 -59.46
N ASP E 605 46.90 -14.36 -58.83
CA ASP E 605 47.89 -15.17 -58.13
C ASP E 605 47.38 -15.82 -56.85
N ALA E 606 46.16 -15.54 -56.42
CA ALA E 606 45.71 -16.06 -55.13
C ALA E 606 44.34 -16.69 -55.23
N PRO E 607 44.08 -17.74 -54.46
CA PRO E 607 42.73 -18.29 -54.35
C PRO E 607 41.89 -17.50 -53.36
N GLU E 608 40.61 -17.88 -53.26
CA GLU E 608 39.56 -16.97 -52.82
C GLU E 608 39.91 -16.22 -51.53
N GLN E 609 40.48 -16.91 -50.55
CA GLN E 609 41.03 -16.35 -49.32
C GLN E 609 39.97 -16.08 -48.25
N GLY E 610 38.68 -16.13 -48.57
CA GLY E 610 37.65 -15.87 -47.58
C GLY E 610 36.93 -17.14 -47.14
N VAL E 611 37.55 -18.29 -47.38
CA VAL E 611 36.90 -19.58 -47.20
C VAL E 611 37.52 -20.28 -46.00
N TYR E 612 36.72 -21.11 -45.35
CA TYR E 612 37.14 -21.83 -44.16
C TYR E 612 36.69 -23.28 -44.24
N SER E 613 37.58 -24.19 -43.83
CA SER E 613 37.27 -25.62 -43.83
C SER E 613 35.96 -25.88 -43.09
N SER E 614 35.85 -25.37 -41.87
CA SER E 614 34.66 -25.58 -41.05
C SER E 614 34.38 -24.34 -40.21
N PRO E 615 33.29 -24.31 -39.44
CA PRO E 615 33.12 -23.23 -38.48
C PRO E 615 34.15 -23.29 -37.37
N ALA E 616 34.56 -24.48 -36.96
CA ALA E 616 35.61 -24.62 -35.96
C ALA E 616 36.91 -23.99 -36.43
N GLU E 617 37.13 -23.90 -37.74
CA GLU E 617 38.32 -23.23 -38.25
C GLU E 617 38.20 -21.71 -38.10
N ALA E 618 37.07 -21.16 -38.53
CA ALA E 618 36.85 -19.72 -38.39
C ALA E 618 36.97 -19.27 -36.93
N ILE E 619 36.75 -20.17 -35.98
CA ILE E 619 36.99 -19.83 -34.58
C ILE E 619 38.48 -19.70 -34.32
N MET E 620 39.25 -20.73 -34.69
CA MET E 620 40.70 -20.64 -34.55
C MET E 620 41.25 -19.41 -35.26
N ALA E 621 40.59 -18.98 -36.34
CA ALA E 621 40.99 -17.76 -37.02
C ALA E 621 40.54 -16.53 -36.26
N MET E 622 39.39 -16.60 -35.58
CA MET E 622 38.89 -15.45 -34.83
C MET E 622 39.69 -15.21 -33.56
N ASP E 623 40.07 -16.29 -32.86
CA ASP E 623 40.85 -16.13 -31.63
C ASP E 623 42.19 -15.48 -31.93
N ARG E 624 42.89 -15.96 -32.96
CA ARG E 624 43.96 -15.16 -33.53
C ARG E 624 43.36 -13.94 -34.20
N GLY E 625 44.18 -12.93 -34.43
CA GLY E 625 43.64 -11.70 -34.97
C GLY E 625 43.07 -11.81 -36.38
N ALA E 626 43.08 -13.00 -36.97
CA ALA E 626 42.76 -13.15 -38.39
C ALA E 626 41.31 -12.77 -38.68
N LEU E 627 40.36 -13.32 -37.93
CA LEU E 627 38.96 -13.25 -38.29
C LEU E 627 38.18 -12.29 -37.40
N SER E 628 37.19 -11.63 -38.00
CA SER E 628 36.23 -10.81 -37.30
C SER E 628 34.87 -11.49 -37.30
N VAL E 629 34.17 -11.43 -36.15
CA VAL E 629 32.88 -12.08 -36.04
C VAL E 629 31.86 -11.46 -36.99
N ARG E 630 32.06 -10.21 -37.37
CA ARG E 630 31.15 -9.47 -38.24
C ARG E 630 31.57 -9.50 -39.71
N ALA E 631 32.60 -10.29 -40.04
CA ALA E 631 33.14 -10.36 -41.39
C ALA E 631 32.20 -11.09 -42.35
N LYS E 632 32.45 -10.90 -43.65
CA LYS E 632 31.60 -11.33 -44.74
C LYS E 632 31.93 -12.73 -45.27
N ILE E 633 32.80 -13.48 -44.58
CA ILE E 633 33.37 -14.70 -45.14
C ILE E 633 32.29 -15.74 -45.48
N LYS E 634 32.65 -16.68 -46.36
CA LYS E 634 31.82 -17.83 -46.68
C LYS E 634 32.46 -19.09 -46.13
N VAL E 635 31.63 -20.04 -45.67
CA VAL E 635 32.10 -21.22 -44.96
C VAL E 635 31.29 -22.46 -45.35
N ARG E 636 31.92 -23.62 -45.18
CA ARG E 636 31.26 -24.91 -45.32
C ARG E 636 30.66 -25.33 -43.99
N LEU E 637 29.41 -25.77 -44.02
CA LEU E 637 28.67 -26.12 -42.82
C LEU E 637 28.08 -27.52 -42.99
N THR E 638 28.55 -28.47 -42.19
CA THR E 638 27.98 -29.80 -42.20
C THR E 638 26.73 -29.89 -41.31
N GLU E 639 26.76 -29.28 -40.14
CA GLU E 639 25.78 -29.54 -39.10
C GLU E 639 24.61 -28.54 -39.05
N LEU E 640 24.63 -27.49 -39.86
CA LEU E 640 23.47 -26.61 -39.94
C LEU E 640 22.69 -26.88 -41.22
N ARG E 641 21.52 -26.23 -41.31
CA ARG E 641 20.57 -26.47 -42.39
C ARG E 641 20.46 -25.23 -43.27
N PRO E 642 20.70 -25.34 -44.58
CA PRO E 642 20.60 -24.16 -45.45
C PRO E 642 19.17 -23.64 -45.51
N PRO E 643 18.95 -22.54 -46.23
CA PRO E 643 17.60 -21.99 -46.36
C PRO E 643 16.72 -22.87 -47.24
N THR E 644 15.55 -22.35 -47.62
CA THR E 644 14.64 -23.09 -48.48
C THR E 644 15.14 -23.13 -49.92
N ASP E 645 15.21 -21.98 -50.58
CA ASP E 645 15.61 -21.95 -51.99
C ASP E 645 16.95 -22.64 -52.20
N LEU E 646 17.99 -22.18 -51.51
CA LEU E 646 19.31 -22.79 -51.66
C LEU E 646 19.31 -24.25 -51.26
N GLU E 647 18.27 -24.71 -50.55
CA GLU E 647 18.17 -26.12 -50.20
C GLU E 647 17.79 -26.96 -51.41
N ALA E 648 16.79 -26.50 -52.18
CA ALA E 648 16.34 -27.26 -53.34
C ALA E 648 17.45 -27.37 -54.38
N GLN E 649 18.13 -26.25 -54.65
CA GLN E 649 19.14 -26.23 -55.70
C GLN E 649 20.35 -27.09 -55.32
N LEU E 650 20.72 -27.08 -54.04
CA LEU E 650 21.92 -27.81 -53.62
C LEU E 650 21.65 -29.30 -53.51
N PHE E 651 20.56 -29.69 -52.84
CA PHE E 651 20.30 -31.11 -52.62
C PHE E 651 19.03 -31.58 -53.30
N GLU E 652 17.89 -31.28 -52.70
CA GLU E 652 16.58 -31.63 -53.25
C GLU E 652 16.36 -33.14 -53.32
N ASN E 653 17.38 -33.94 -53.00
CA ASN E 653 17.18 -35.38 -52.99
C ASN E 653 16.03 -35.69 -52.02
N GLY E 654 16.17 -35.29 -50.76
CA GLY E 654 17.45 -34.92 -50.18
C GLY E 654 17.40 -33.97 -49.00
N TRP E 655 18.52 -33.85 -48.31
CA TRP E 655 18.68 -32.91 -47.20
C TRP E 655 20.15 -32.91 -46.80
N LYS E 656 20.47 -32.23 -45.70
CA LYS E 656 21.84 -32.11 -45.21
C LYS E 656 21.93 -32.54 -43.76
N PRO E 657 21.50 -33.77 -43.44
CA PRO E 657 21.60 -34.21 -42.04
C PRO E 657 23.01 -34.23 -41.50
N GLY E 658 23.94 -34.86 -42.21
CA GLY E 658 25.36 -34.72 -41.94
C GLY E 658 26.11 -34.00 -43.03
N ASP E 659 25.41 -33.64 -44.10
CA ASP E 659 26.06 -33.25 -45.35
C ASP E 659 26.70 -31.87 -45.25
N ALA E 660 27.62 -31.62 -46.17
CA ALA E 660 28.34 -30.35 -46.24
C ALA E 660 27.79 -29.48 -47.34
N TRP E 661 27.79 -28.17 -47.10
CA TRP E 661 27.37 -27.17 -48.06
C TRP E 661 28.01 -25.85 -47.66
N THR E 662 28.02 -24.89 -48.58
CA THR E 662 28.71 -23.63 -48.36
C THR E 662 27.79 -22.45 -48.68
N ALA E 663 27.78 -21.46 -47.79
CA ALA E 663 27.09 -20.19 -48.01
C ALA E 663 27.96 -19.07 -47.47
N GLU E 664 27.60 -17.84 -47.82
CA GLU E 664 28.33 -16.65 -47.40
C GLU E 664 27.55 -15.93 -46.30
N THR E 665 28.17 -15.81 -45.13
CA THR E 665 27.53 -15.25 -43.94
C THR E 665 28.62 -14.72 -43.03
N THR E 666 28.22 -13.93 -42.04
CA THR E 666 29.15 -13.53 -41.00
C THR E 666 29.33 -14.67 -40.00
N LEU E 667 30.55 -14.78 -39.47
CA LEU E 667 30.83 -15.85 -38.50
C LEU E 667 29.81 -15.84 -37.37
N GLY E 668 29.41 -14.65 -36.92
CA GLY E 668 28.39 -14.58 -35.88
C GLY E 668 27.07 -15.18 -36.33
N ARG E 669 26.63 -14.85 -37.54
CA ARG E 669 25.39 -15.41 -38.05
C ARG E 669 25.42 -16.93 -38.04
N VAL E 670 26.59 -17.53 -38.23
CA VAL E 670 26.74 -18.97 -38.05
C VAL E 670 26.42 -19.34 -36.61
N MET E 671 27.17 -18.77 -35.66
CA MET E 671 26.96 -19.09 -34.26
C MET E 671 25.53 -18.78 -33.83
N PHE E 672 24.94 -17.72 -34.38
CA PHE E 672 23.54 -17.42 -34.10
C PHE E 672 22.66 -18.61 -34.45
N ASN E 673 22.82 -19.14 -35.67
CA ASN E 673 21.99 -20.26 -36.11
C ASN E 673 22.30 -21.54 -35.36
N GLU E 674 23.44 -21.63 -34.69
CA GLU E 674 23.68 -22.78 -33.82
C GLU E 674 22.80 -22.74 -32.57
N LEU E 675 22.22 -21.57 -32.26
CA LEU E 675 21.29 -21.46 -31.15
C LEU E 675 19.90 -21.98 -31.51
N LEU E 676 19.50 -21.84 -32.77
CA LEU E 676 18.20 -22.31 -33.20
C LEU E 676 18.23 -23.83 -33.35
N PRO E 677 17.05 -24.47 -33.43
CA PRO E 677 17.03 -25.93 -33.51
C PRO E 677 17.68 -26.41 -34.80
N LYS E 678 18.42 -27.53 -34.69
CA LYS E 678 19.14 -28.05 -35.85
C LYS E 678 18.25 -28.19 -37.06
N SER E 679 16.97 -28.50 -36.85
CA SER E 679 16.01 -28.65 -37.94
C SER E 679 15.61 -27.33 -38.57
N TYR E 680 16.06 -26.18 -38.02
CA TYR E 680 15.59 -24.91 -38.54
C TYR E 680 16.47 -24.41 -39.68
N PRO E 681 15.88 -23.69 -40.63
CA PRO E 681 16.67 -23.17 -41.75
C PRO E 681 17.54 -21.98 -41.34
N PHE E 682 18.57 -21.75 -42.16
CA PHE E 682 19.59 -20.74 -41.87
C PHE E 682 19.07 -19.35 -42.26
N VAL E 683 18.98 -18.45 -41.29
CA VAL E 683 18.32 -17.16 -41.51
C VAL E 683 19.22 -16.17 -42.22
N ASN E 684 20.45 -16.01 -41.73
CA ASN E 684 21.44 -15.09 -42.31
C ASN E 684 20.89 -13.67 -42.45
N GLU E 685 20.45 -13.10 -41.33
CA GLU E 685 20.11 -11.69 -41.24
C GLU E 685 20.77 -11.10 -40.01
N GLN E 686 20.88 -9.77 -39.99
CA GLN E 686 21.19 -9.07 -38.74
C GLN E 686 19.88 -8.91 -37.98
N MET E 687 19.88 -9.28 -36.71
CA MET E 687 18.62 -9.45 -35.98
C MET E 687 18.24 -8.14 -35.29
N HIS E 688 17.21 -7.50 -35.84
CA HIS E 688 16.48 -6.49 -35.09
C HIS E 688 15.60 -7.20 -34.07
N LYS E 689 14.91 -6.43 -33.22
CA LYS E 689 13.96 -7.07 -32.32
C LYS E 689 12.84 -7.74 -33.11
N LYS E 690 12.24 -7.01 -34.05
CA LYS E 690 11.16 -7.56 -34.87
C LYS E 690 11.60 -8.85 -35.57
N VAL E 691 12.80 -8.87 -36.12
CA VAL E 691 13.31 -10.08 -36.76
C VAL E 691 13.39 -11.21 -35.74
N GLN E 692 13.79 -10.89 -34.51
CA GLN E 692 13.78 -11.90 -33.45
C GLN E 692 12.36 -12.32 -33.11
N ALA E 693 11.42 -11.37 -33.11
CA ALA E 693 10.02 -11.71 -32.87
C ALA E 693 9.50 -12.64 -33.96
N ARG E 694 9.81 -12.32 -35.23
CA ARG E 694 9.41 -13.19 -36.33
C ARG E 694 9.82 -14.63 -36.07
N ILE E 695 11.08 -14.84 -35.71
CA ILE E 695 11.60 -16.20 -35.59
C ILE E 695 10.96 -16.93 -34.42
N ILE E 696 10.96 -16.31 -33.24
CA ILE E 696 10.42 -16.99 -32.07
C ILE E 696 8.92 -17.22 -32.23
N ASN E 697 8.21 -16.26 -32.83
CA ASN E 697 6.83 -16.52 -33.24
C ASN E 697 6.76 -17.77 -34.11
N ASP E 698 7.73 -17.94 -35.01
CA ASP E 698 7.70 -19.08 -35.92
C ASP E 698 8.01 -20.38 -35.19
N LEU E 699 8.94 -20.35 -34.22
CA LEU E 699 9.25 -21.55 -33.47
C LEU E 699 8.03 -22.08 -32.72
N ALA E 700 7.15 -21.19 -32.27
CA ALA E 700 5.96 -21.63 -31.53
C ALA E 700 4.99 -22.37 -32.44
N GLU E 701 4.89 -21.96 -33.70
CA GLU E 701 3.99 -22.63 -34.63
C GLU E 701 4.52 -24.00 -35.03
N ARG E 702 5.82 -24.11 -35.28
CA ARG E 702 6.40 -25.30 -35.89
C ARG E 702 7.04 -26.28 -34.89
N PHE E 703 7.11 -25.95 -33.61
CA PHE E 703 7.89 -26.74 -32.68
C PHE E 703 7.17 -26.87 -31.35
N PRO E 704 7.52 -27.88 -30.55
CA PRO E 704 6.97 -27.98 -29.20
C PRO E 704 7.44 -26.82 -28.33
N MET E 705 6.74 -26.63 -27.21
CA MET E 705 7.09 -25.55 -26.30
C MET E 705 8.49 -25.72 -25.72
N ILE E 706 8.81 -26.94 -25.27
CA ILE E 706 10.12 -27.17 -24.67
C ILE E 706 11.23 -26.70 -25.59
N VAL E 707 11.05 -26.88 -26.91
CA VAL E 707 12.04 -26.41 -27.86
C VAL E 707 12.19 -24.89 -27.77
N VAL E 708 11.07 -24.17 -27.79
CA VAL E 708 11.13 -22.71 -27.69
C VAL E 708 11.73 -22.30 -26.35
N ALA E 709 11.33 -22.98 -25.27
CA ALA E 709 11.89 -22.69 -23.96
C ALA E 709 13.42 -22.73 -24.00
N GLN E 710 13.98 -23.77 -24.60
CA GLN E 710 15.44 -23.92 -24.63
C GLN E 710 16.07 -23.01 -25.66
N THR E 711 15.44 -22.83 -26.82
CA THR E 711 15.97 -21.92 -27.82
C THR E 711 16.17 -20.52 -27.24
N VAL E 712 15.17 -20.04 -26.49
CA VAL E 712 15.26 -18.69 -25.94
C VAL E 712 16.33 -18.63 -24.85
N ASP E 713 16.44 -19.67 -24.03
CA ASP E 713 17.53 -19.74 -23.06
C ASP E 713 18.87 -19.54 -23.75
N LYS E 714 19.04 -20.13 -24.94
CA LYS E 714 20.30 -19.99 -25.66
C LYS E 714 20.45 -18.59 -26.26
N LEU E 715 19.36 -17.97 -26.69
CA LEU E 715 19.44 -16.59 -27.13
C LEU E 715 19.86 -15.67 -25.99
N LYS E 716 19.40 -15.96 -24.78
CA LYS E 716 19.77 -15.17 -23.61
C LYS E 716 21.27 -15.23 -23.37
N ASP E 717 21.80 -16.45 -23.20
CA ASP E 717 23.23 -16.60 -22.89
C ASP E 717 24.09 -15.94 -23.95
N ALA E 718 23.77 -16.17 -25.22
CA ALA E 718 24.53 -15.55 -26.30
C ALA E 718 24.39 -14.03 -26.27
N GLY E 719 23.15 -13.54 -26.18
CA GLY E 719 22.93 -12.10 -26.24
C GLY E 719 23.71 -11.34 -25.19
N PHE E 720 23.79 -11.88 -23.97
CA PHE E 720 24.56 -11.22 -22.92
C PHE E 720 26.05 -11.22 -23.24
N TYR E 721 26.61 -12.39 -23.51
CA TYR E 721 28.03 -12.48 -23.80
C TYR E 721 28.45 -11.45 -24.84
N TRP E 722 27.65 -11.28 -25.88
CA TRP E 722 27.98 -10.33 -26.93
C TRP E 722 27.51 -8.91 -26.65
N ALA E 723 26.59 -8.72 -25.71
CA ALA E 723 26.23 -7.37 -25.32
C ALA E 723 27.39 -6.68 -24.63
N THR E 724 28.13 -7.42 -23.79
CA THR E 724 29.29 -6.84 -23.13
C THR E 724 30.46 -6.70 -24.09
N ARG E 725 30.69 -7.71 -24.94
CA ARG E 725 31.67 -7.59 -26.00
C ARG E 725 31.25 -6.59 -27.07
N SER E 726 30.01 -6.11 -27.02
CA SER E 726 29.51 -5.20 -28.04
C SER E 726 30.21 -3.84 -28.02
N GLY E 727 30.85 -3.48 -26.92
CA GLY E 727 31.49 -2.19 -26.82
C GLY E 727 30.51 -1.03 -26.79
N VAL E 728 29.36 -1.22 -26.15
CA VAL E 728 28.33 -0.19 -26.04
C VAL E 728 28.50 0.52 -24.70
N THR E 729 28.76 1.82 -24.75
CA THR E 729 28.84 2.65 -23.56
C THR E 729 28.18 3.98 -23.88
N VAL E 730 28.29 4.93 -22.94
CA VAL E 730 27.81 6.28 -23.16
C VAL E 730 28.88 7.25 -22.68
N SER E 731 28.97 8.38 -23.36
CA SER E 731 29.91 9.43 -22.98
C SER E 731 29.39 10.76 -23.50
N MET E 732 29.83 11.84 -22.86
CA MET E 732 29.57 13.16 -23.40
C MET E 732 30.08 13.26 -24.84
N ALA E 733 31.10 12.47 -25.18
CA ALA E 733 31.63 12.49 -26.54
C ALA E 733 30.71 11.74 -27.49
N ASP E 734 30.27 10.54 -27.11
CA ASP E 734 29.39 9.76 -27.97
C ASP E 734 28.02 10.42 -28.15
N VAL E 735 27.75 11.51 -27.43
CA VAL E 735 26.55 12.31 -27.67
C VAL E 735 26.94 13.39 -28.66
N LEU E 736 26.38 13.30 -29.87
CA LEU E 736 26.75 14.18 -30.96
C LEU E 736 25.63 15.19 -31.20
N VAL E 737 26.01 16.38 -31.64
CA VAL E 737 25.05 17.43 -31.95
C VAL E 737 25.25 17.85 -33.41
N PRO E 738 24.18 18.08 -34.16
CA PRO E 738 24.34 18.51 -35.55
C PRO E 738 24.84 19.94 -35.62
N PRO E 739 25.83 20.22 -36.47
CA PRO E 739 26.29 21.60 -36.61
C PRO E 739 25.28 22.51 -37.27
N GLN E 740 24.39 21.97 -38.10
CA GLN E 740 23.35 22.77 -38.73
C GLN E 740 22.33 23.31 -37.73
N LYS E 741 22.41 22.87 -36.47
CA LYS E 741 21.41 23.30 -35.49
C LYS E 741 21.43 24.82 -35.30
N GLN E 742 22.62 25.41 -35.27
CA GLN E 742 22.71 26.86 -35.05
C GLN E 742 21.96 27.62 -36.13
N GLU E 743 22.35 27.41 -37.40
CA GLU E 743 21.68 28.10 -38.50
C GLU E 743 20.20 27.78 -38.54
N ILE E 744 19.86 26.49 -38.46
CA ILE E 744 18.45 26.09 -38.39
C ILE E 744 17.74 26.86 -37.29
N LEU E 745 18.37 26.95 -36.12
CA LEU E 745 17.79 27.69 -35.01
C LEU E 745 17.52 29.14 -35.40
N GLU E 746 18.56 29.84 -35.86
CA GLU E 746 18.40 31.24 -36.25
C GLU E 746 17.56 31.41 -37.50
N ARG E 747 17.45 30.36 -38.33
CA ARG E 747 16.58 30.44 -39.51
C ARG E 747 15.13 30.66 -39.09
N HIS E 748 14.66 29.90 -38.10
CA HIS E 748 13.30 30.05 -37.59
C HIS E 748 13.17 31.19 -36.60
N GLU E 749 14.28 31.62 -35.98
CA GLU E 749 14.24 32.80 -35.12
C GLU E 749 13.77 34.02 -35.90
N ALA E 750 14.27 34.19 -37.13
CA ALA E 750 13.81 35.29 -37.97
C ALA E 750 12.36 35.12 -38.36
N GLU E 751 12.01 33.95 -38.90
CA GLU E 751 10.61 33.68 -39.25
C GLU E 751 9.69 33.92 -38.06
N ALA E 752 10.16 33.59 -36.86
CA ALA E 752 9.35 33.85 -35.67
C ALA E 752 9.27 35.34 -35.36
N ASP E 753 10.42 36.01 -35.27
CA ASP E 753 10.42 37.43 -34.97
C ASP E 753 9.76 38.24 -36.08
N ALA E 754 9.78 37.73 -37.31
CA ALA E 754 9.08 38.41 -38.40
C ALA E 754 7.57 38.23 -38.28
N ILE E 755 7.13 36.99 -38.08
CA ILE E 755 5.72 36.75 -37.80
C ILE E 755 5.34 37.42 -36.49
N GLU E 756 6.24 37.39 -35.49
CA GLU E 756 6.07 38.23 -34.32
C GLU E 756 6.15 39.70 -34.69
N ARG E 757 6.98 40.04 -35.69
CA ARG E 757 7.01 41.42 -36.19
C ARG E 757 5.68 41.77 -36.86
N LYS E 758 5.03 40.79 -37.49
CA LYS E 758 3.71 41.05 -38.07
C LYS E 758 2.66 41.24 -36.99
N TYR E 759 2.80 40.56 -35.85
CA TYR E 759 1.92 40.79 -34.72
C TYR E 759 2.23 42.10 -34.03
N GLN E 760 3.52 42.45 -33.94
CA GLN E 760 3.89 43.74 -33.37
C GLN E 760 3.37 44.89 -34.23
N ARG E 761 3.16 44.64 -35.53
CA ARG E 761 2.59 45.67 -36.40
C ARG E 761 1.12 45.90 -36.12
N GLY E 762 0.43 44.94 -35.48
CA GLY E 762 -0.95 45.08 -35.10
C GLY E 762 -1.93 44.38 -36.01
N ALA E 763 -1.54 44.04 -37.23
CA ALA E 763 -2.47 43.40 -38.16
C ALA E 763 -2.72 41.95 -37.78
N LEU E 764 -1.70 41.25 -37.29
CA LEU E 764 -1.80 39.82 -37.06
C LEU E 764 -2.80 39.52 -35.94
N ASN E 765 -3.53 38.41 -36.12
CA ASN E 765 -4.38 37.89 -35.06
C ASN E 765 -3.52 37.24 -33.99
N HIS E 766 -3.68 37.67 -32.74
CA HIS E 766 -2.80 37.21 -31.66
C HIS E 766 -2.80 35.68 -31.58
N THR E 767 -3.98 35.07 -31.66
CA THR E 767 -4.05 33.62 -31.63
C THR E 767 -3.38 32.99 -32.84
N GLU E 768 -3.33 33.71 -33.97
CA GLU E 768 -2.68 33.19 -35.16
C GLU E 768 -1.16 33.29 -35.08
N ARG E 769 -0.65 34.42 -34.58
CA ARG E 769 0.79 34.57 -34.42
C ARG E 769 1.36 33.50 -33.49
N ASN E 770 0.79 33.38 -32.29
CA ASN E 770 1.20 32.31 -31.39
C ASN E 770 1.03 30.95 -32.05
N GLU E 771 -0.14 30.70 -32.63
CA GLU E 771 -0.37 29.47 -33.36
C GLU E 771 0.70 29.26 -34.43
N SER E 772 1.08 30.33 -35.12
CA SER E 772 2.12 30.22 -36.14
C SER E 772 3.44 29.79 -35.52
N LEU E 773 3.81 30.38 -34.39
CA LEU E 773 5.05 29.99 -33.71
C LEU E 773 5.09 28.50 -33.44
N VAL E 774 3.93 27.90 -33.15
CA VAL E 774 3.88 26.45 -32.97
C VAL E 774 4.34 25.75 -34.25
N LYS E 775 3.79 26.17 -35.39
CA LYS E 775 4.07 25.47 -36.65
C LYS E 775 5.51 25.71 -37.10
N ILE E 776 6.02 26.93 -36.94
CA ILE E 776 7.42 27.18 -37.27
C ILE E 776 8.32 26.30 -36.42
N TRP E 777 8.17 26.38 -35.09
CA TRP E 777 9.05 25.65 -34.18
C TRP E 777 8.81 24.15 -34.26
N GLN E 778 7.54 23.73 -34.26
CA GLN E 778 7.24 22.31 -34.44
C GLN E 778 7.94 21.75 -35.68
N ASP E 779 7.91 22.51 -36.78
CA ASP E 779 8.58 22.06 -38.01
C ASP E 779 10.08 21.97 -37.80
N ALA E 780 10.69 23.02 -37.25
CA ALA E 780 12.13 23.01 -37.05
C ALA E 780 12.57 21.81 -36.22
N THR E 781 11.77 21.44 -35.22
CA THR E 781 12.11 20.29 -34.40
C THR E 781 12.35 19.04 -35.24
N GLU E 782 11.64 18.91 -36.36
CA GLU E 782 11.86 17.77 -37.25
C GLU E 782 13.17 17.92 -38.03
N GLU E 783 13.44 19.12 -38.54
CA GLU E 783 14.69 19.34 -39.28
C GLU E 783 15.90 18.99 -38.42
N VAL E 784 15.90 19.46 -37.17
CA VAL E 784 16.97 19.09 -36.25
C VAL E 784 16.98 17.58 -36.03
N GLY E 785 15.80 16.97 -35.97
CA GLY E 785 15.74 15.51 -35.94
C GLY E 785 16.29 14.90 -37.22
N LYS E 786 15.84 15.43 -38.36
CA LYS E 786 16.40 14.99 -39.64
C LYS E 786 17.89 15.27 -39.71
N ALA E 787 18.31 16.47 -39.32
CA ALA E 787 19.73 16.81 -39.33
C ALA E 787 20.50 15.94 -38.34
N LEU E 788 19.94 15.71 -37.16
CA LEU E 788 20.62 14.91 -36.15
C LEU E 788 20.84 13.49 -36.63
N GLU E 789 19.75 12.81 -37.02
CA GLU E 789 19.87 11.44 -37.52
C GLU E 789 20.91 11.35 -38.62
N GLU E 790 20.95 12.34 -39.51
CA GLU E 790 21.91 12.34 -40.61
C GLU E 790 23.34 12.37 -40.11
N PHE E 791 23.58 13.02 -38.96
CA PHE E 791 24.95 13.20 -38.47
C PHE E 791 25.50 11.93 -37.84
N TYR E 792 24.68 11.21 -37.09
CA TYR E 792 25.19 10.13 -36.25
C TYR E 792 25.72 8.96 -37.08
N PRO E 793 27.00 8.63 -36.98
CA PRO E 793 27.50 7.39 -37.60
C PRO E 793 26.72 6.18 -37.12
N ALA E 794 26.46 5.25 -38.04
CA ALA E 794 25.56 4.14 -37.77
C ALA E 794 26.05 3.23 -36.64
N ASP E 795 27.34 3.25 -36.32
CA ASP E 795 27.88 2.40 -35.27
C ASP E 795 27.96 3.11 -33.92
N ASN E 796 27.45 4.33 -33.81
CA ASN E 796 27.50 5.05 -32.56
C ASN E 796 26.73 4.31 -31.48
N PRO E 797 27.23 4.27 -30.24
CA PRO E 797 26.56 3.47 -29.20
C PRO E 797 25.16 3.95 -28.86
N ILE E 798 24.92 5.27 -28.88
CA ILE E 798 23.60 5.78 -28.57
C ILE E 798 22.58 5.33 -29.61
N ILE E 799 22.97 5.35 -30.88
CA ILE E 799 22.03 5.05 -31.95
C ILE E 799 21.80 3.55 -32.08
N THR E 800 22.85 2.74 -31.89
CA THR E 800 22.69 1.29 -31.99
C THR E 800 21.62 0.79 -31.03
N ILE E 801 21.55 1.37 -29.83
CA ILE E 801 20.56 0.95 -28.85
C ILE E 801 19.16 1.13 -29.41
N VAL E 802 18.89 2.28 -30.03
CA VAL E 802 17.55 2.55 -30.54
C VAL E 802 17.31 1.82 -31.86
N LYS E 803 18.33 1.76 -32.72
CA LYS E 803 18.17 1.04 -33.99
C LYS E 803 17.74 -0.40 -33.76
N SER E 804 18.48 -1.13 -32.93
CA SER E 804 18.22 -2.55 -32.72
C SER E 804 16.85 -2.81 -32.11
N GLY E 805 16.14 -1.77 -31.67
CA GLY E 805 14.89 -1.97 -30.99
C GLY E 805 15.02 -2.43 -29.55
N ALA E 806 16.23 -2.41 -29.00
CA ALA E 806 16.41 -2.79 -27.60
C ALA E 806 15.67 -1.83 -26.68
N THR E 807 16.01 -0.54 -26.75
CA THR E 807 15.32 0.45 -25.95
C THR E 807 15.53 1.83 -26.55
N GLY E 808 14.62 2.74 -26.22
CA GLY E 808 14.75 4.14 -26.57
C GLY E 808 13.93 4.54 -27.79
N ASN E 809 13.90 5.84 -28.04
CA ASN E 809 13.23 6.45 -29.17
C ASN E 809 14.16 7.44 -29.84
N LEU E 810 13.78 7.88 -31.05
CA LEU E 810 14.44 9.02 -31.66
C LEU E 810 13.98 10.32 -31.01
N THR E 811 12.69 10.43 -30.70
CA THR E 811 12.19 11.59 -29.96
C THR E 811 12.97 11.79 -28.67
N GLN E 812 13.37 10.69 -28.02
CA GLN E 812 14.19 10.79 -26.82
C GLN E 812 15.59 11.30 -27.16
N THR E 813 16.24 10.68 -28.16
CA THR E 813 17.55 11.15 -28.56
C THR E 813 17.51 12.53 -29.23
N ARG E 814 16.32 13.04 -29.53
CA ARG E 814 16.22 14.41 -30.04
C ARG E 814 16.30 15.45 -28.91
N THR E 815 15.84 15.10 -27.71
CA THR E 815 15.96 16.04 -26.59
C THR E 815 17.34 15.98 -25.95
N LEU E 816 17.99 14.82 -25.98
CA LEU E 816 19.34 14.71 -25.42
C LEU E 816 20.30 15.64 -26.15
N ALA E 817 20.38 15.50 -27.47
CA ALA E 817 21.14 16.38 -28.34
C ALA E 817 20.18 17.05 -29.31
N GLY E 818 20.63 18.16 -29.91
CA GLY E 818 19.68 19.00 -30.61
C GLY E 818 18.80 19.79 -29.67
N MET E 819 17.47 19.65 -29.79
CA MET E 819 16.56 20.42 -28.97
C MET E 819 15.50 19.54 -28.33
N LYS E 820 15.15 19.84 -27.09
CA LYS E 820 14.02 19.18 -26.45
C LYS E 820 12.71 19.58 -27.10
N GLY E 821 12.65 20.78 -27.67
CA GLY E 821 11.47 21.22 -28.39
C GLY E 821 10.50 21.99 -27.53
N LEU E 822 9.34 22.26 -28.12
CA LEU E 822 8.29 22.98 -27.42
C LEU E 822 7.75 22.14 -26.27
N VAL E 823 7.27 22.84 -25.23
CA VAL E 823 6.69 22.22 -24.05
C VAL E 823 5.34 22.87 -23.79
N THR E 824 4.50 22.17 -23.03
CA THR E 824 3.15 22.60 -22.75
C THR E 824 3.06 23.28 -21.40
N ASN E 825 2.22 24.32 -21.32
CA ASN E 825 1.92 24.96 -20.06
C ASN E 825 1.00 24.07 -19.24
N PRO E 826 0.82 24.37 -17.94
CA PRO E 826 -0.09 23.54 -17.14
C PRO E 826 -1.52 23.62 -17.61
N LYS E 827 -1.89 24.71 -18.28
CA LYS E 827 -3.22 24.90 -18.82
C LYS E 827 -3.55 23.90 -19.92
N GLY E 828 -2.57 23.12 -20.38
CA GLY E 828 -2.78 22.19 -21.47
C GLY E 828 -2.49 22.75 -22.84
N GLU E 829 -2.24 24.06 -22.95
CA GLU E 829 -1.89 24.66 -24.22
C GLU E 829 -0.39 24.50 -24.47
N PHE E 830 0.06 24.98 -25.63
CA PHE E 830 1.45 24.92 -26.02
C PHE E 830 2.09 26.29 -25.82
N ILE E 831 3.14 26.34 -25.02
CA ILE E 831 3.87 27.59 -24.80
C ILE E 831 4.70 27.88 -26.04
N PRO E 832 4.43 28.97 -26.76
CA PRO E 832 5.17 29.25 -28.00
C PRO E 832 6.66 29.41 -27.79
N ARG E 833 7.11 29.65 -26.57
CA ARG E 833 8.54 29.72 -26.30
C ARG E 833 9.15 28.34 -26.41
N PRO E 834 10.02 28.08 -27.38
CA PRO E 834 10.66 26.77 -27.47
C PRO E 834 11.84 26.65 -26.50
N ILE E 835 12.20 25.41 -26.22
CA ILE E 835 13.47 25.12 -25.56
C ILE E 835 14.48 24.87 -26.67
N LYS E 836 15.36 25.84 -26.90
CA LYS E 836 16.35 25.72 -27.97
C LYS E 836 17.53 24.86 -27.54
N SER E 837 17.89 24.91 -26.26
CA SER E 837 18.95 24.07 -25.75
C SER E 837 18.49 22.63 -25.63
N SER E 838 19.45 21.73 -25.59
CA SER E 838 19.23 20.32 -25.33
C SER E 838 19.90 19.93 -24.02
N PHE E 839 19.43 18.85 -23.44
CA PHE E 839 19.99 18.38 -22.18
C PHE E 839 21.47 18.04 -22.28
N ARG E 840 22.03 18.00 -23.50
CA ARG E 840 23.47 17.84 -23.63
C ARG E 840 24.21 19.13 -23.28
N GLU E 841 23.78 20.25 -23.87
CA GLU E 841 24.37 21.54 -23.52
C GLU E 841 23.85 22.07 -22.20
N GLY E 842 22.74 21.54 -21.71
CA GLY E 842 22.08 22.00 -20.51
C GLY E 842 21.02 23.03 -20.81
N LEU E 843 19.96 23.00 -20.02
CA LEU E 843 18.91 24.00 -20.16
C LEU E 843 19.27 25.22 -19.32
N THR E 844 18.40 26.23 -19.34
CA THR E 844 18.64 27.46 -18.61
C THR E 844 17.64 27.58 -17.47
N VAL E 845 17.82 28.62 -16.66
CA VAL E 845 16.94 28.82 -15.51
C VAL E 845 15.48 28.82 -15.95
N LEU E 846 15.17 29.63 -16.95
CA LEU E 846 13.79 29.74 -17.42
C LEU E 846 13.41 28.56 -18.31
N GLU E 847 14.33 28.07 -19.15
CA GLU E 847 14.06 26.85 -19.90
C GLU E 847 13.70 25.71 -18.95
N TYR E 848 14.40 25.61 -17.82
CA TYR E 848 14.14 24.52 -16.88
C TYR E 848 12.82 24.74 -16.14
N PHE E 849 12.56 25.97 -15.68
CA PHE E 849 11.32 26.24 -14.98
C PHE E 849 10.10 25.96 -15.86
N ILE E 850 10.24 26.18 -17.18
CA ILE E 850 9.12 25.95 -18.08
C ILE E 850 8.89 24.47 -18.29
N ASN E 851 9.97 23.70 -18.48
CA ASN E 851 9.82 22.27 -18.73
C ASN E 851 9.03 21.59 -17.63
N THR E 852 9.46 21.75 -16.37
CA THR E 852 8.76 21.11 -15.26
C THR E 852 7.29 21.50 -15.22
N HIS E 853 6.95 22.67 -15.78
CA HIS E 853 5.56 23.09 -15.83
C HIS E 853 4.68 21.98 -16.37
N GLY E 854 5.01 21.49 -17.57
CA GLY E 854 4.34 20.33 -18.14
C GLY E 854 4.82 19.01 -17.56
N ALA E 855 6.14 18.82 -17.47
CA ALA E 855 6.70 17.53 -17.11
C ALA E 855 6.11 17.00 -15.81
N ARG E 856 5.70 17.87 -14.90
CA ARG E 856 5.02 17.41 -13.69
C ARG E 856 3.62 16.92 -14.01
N LYS E 857 2.84 17.71 -14.75
CA LYS E 857 1.48 17.32 -15.10
C LYS E 857 1.44 15.93 -15.71
N GLY E 858 2.48 15.54 -16.44
CA GLY E 858 2.53 14.18 -16.97
C GLY E 858 2.75 13.15 -15.88
N LEU E 859 3.67 13.41 -14.95
CA LEU E 859 3.91 12.47 -13.87
C LEU E 859 2.70 12.35 -12.95
N ALA E 860 1.90 13.42 -12.83
CA ALA E 860 0.66 13.31 -12.08
C ALA E 860 -0.35 12.44 -12.82
N ASP E 861 -0.44 12.59 -14.14
CA ASP E 861 -1.32 11.74 -14.94
C ASP E 861 -1.02 10.26 -14.70
N THR E 862 0.25 9.89 -14.81
CA THR E 862 0.62 8.48 -14.61
C THR E 862 0.09 7.95 -13.29
N ALA E 863 -0.08 8.83 -12.29
CA ALA E 863 -0.69 8.41 -11.04
C ALA E 863 -2.14 7.98 -11.23
N LEU E 864 -2.97 8.88 -11.77
CA LEU E 864 -4.39 8.60 -11.92
C LEU E 864 -4.70 7.68 -13.09
N ARG E 865 -3.73 7.35 -13.93
CA ARG E 865 -3.98 6.44 -15.04
C ARG E 865 -4.02 4.99 -14.58
N THR E 866 -3.29 4.65 -13.52
CA THR E 866 -3.38 3.32 -12.94
C THR E 866 -4.60 3.18 -12.03
N ALA E 867 -5.00 4.27 -11.37
CA ALA E 867 -6.17 4.22 -10.50
C ALA E 867 -7.44 4.00 -11.30
N ASP E 868 -7.57 4.68 -12.45
CA ASP E 868 -8.75 4.49 -13.29
C ASP E 868 -8.68 3.21 -14.09
N SER E 869 -7.51 2.91 -14.67
CA SER E 869 -7.37 1.68 -15.45
C SER E 869 -7.69 0.45 -14.63
N GLY E 870 -7.28 0.44 -13.36
CA GLY E 870 -7.63 -0.66 -12.48
C GLY E 870 -9.09 -0.69 -12.13
N TYR E 871 -9.72 0.49 -12.02
CA TYR E 871 -11.16 0.55 -11.82
C TYR E 871 -11.92 0.01 -13.02
N LEU E 872 -11.40 0.21 -14.23
CA LEU E 872 -12.01 -0.38 -15.41
C LEU E 872 -11.82 -1.88 -15.45
N THR E 873 -10.60 -2.34 -15.18
CA THR E 873 -10.33 -3.78 -15.20
C THR E 873 -11.24 -4.52 -14.22
N ARG E 874 -11.51 -3.91 -13.06
CA ARG E 874 -12.39 -4.57 -12.09
C ARG E 874 -13.81 -4.69 -12.61
N ARG E 875 -14.25 -3.74 -13.44
CA ARG E 875 -15.59 -3.85 -14.02
C ARG E 875 -15.61 -4.86 -15.17
N LEU E 876 -14.57 -4.85 -16.02
CA LEU E 876 -14.46 -5.89 -17.05
C LEU E 876 -14.49 -7.27 -16.41
N VAL E 877 -13.68 -7.48 -15.37
CA VAL E 877 -13.59 -8.78 -14.73
C VAL E 877 -14.96 -9.22 -14.22
N ASP E 878 -15.66 -8.32 -13.52
CA ASP E 878 -16.91 -8.71 -12.89
C ASP E 878 -17.97 -9.09 -13.92
N VAL E 879 -17.97 -8.41 -15.07
CA VAL E 879 -19.01 -8.67 -16.06
C VAL E 879 -18.73 -9.94 -16.87
N SER E 880 -17.46 -10.23 -17.16
CA SER E 880 -17.09 -11.35 -18.00
C SER E 880 -16.64 -12.59 -17.23
N GLN E 881 -16.59 -12.54 -15.90
CA GLN E 881 -15.90 -13.60 -15.16
C GLN E 881 -16.56 -14.97 -15.30
N ASP E 882 -17.85 -15.03 -15.61
CA ASP E 882 -18.56 -16.30 -15.69
C ASP E 882 -18.53 -16.92 -17.08
N VAL E 883 -17.83 -16.32 -18.03
CA VAL E 883 -17.79 -16.82 -19.41
C VAL E 883 -16.60 -17.78 -19.53
N ILE E 884 -16.90 -19.06 -19.70
CA ILE E 884 -15.89 -20.09 -19.85
C ILE E 884 -16.31 -21.02 -20.99
N VAL E 885 -15.33 -21.65 -21.61
CA VAL E 885 -15.63 -22.53 -22.74
C VAL E 885 -16.34 -23.77 -22.20
N ARG E 886 -17.59 -23.98 -22.63
CA ARG E 886 -18.35 -25.09 -22.08
C ARG E 886 -18.41 -26.32 -22.99
N GLU E 887 -18.09 -26.20 -24.27
CA GLU E 887 -18.26 -27.32 -25.18
C GLU E 887 -17.43 -27.09 -26.43
N HIS E 888 -17.21 -28.18 -27.17
CA HIS E 888 -16.38 -28.09 -28.37
C HIS E 888 -17.07 -27.29 -29.47
N ASP E 889 -18.32 -27.61 -29.78
CA ASP E 889 -19.01 -26.97 -30.90
C ASP E 889 -20.48 -26.77 -30.56
N CYS E 890 -20.98 -25.54 -30.74
CA CYS E 890 -22.42 -25.30 -30.75
C CYS E 890 -23.03 -25.56 -32.12
N GLU E 891 -22.22 -25.61 -33.18
CA GLU E 891 -22.58 -26.04 -34.53
C GLU E 891 -23.27 -24.96 -35.34
N THR E 892 -23.52 -23.78 -34.78
CA THR E 892 -24.18 -22.72 -35.55
C THR E 892 -23.40 -22.40 -36.81
N GLU E 893 -24.14 -22.00 -37.85
CA GLU E 893 -23.55 -21.49 -39.07
C GLU E 893 -23.38 -19.97 -39.04
N ARG E 894 -23.79 -19.32 -37.96
CA ARG E 894 -23.72 -17.87 -37.86
C ARG E 894 -22.28 -17.41 -37.68
N GLY E 895 -22.05 -16.14 -37.98
CA GLY E 895 -20.71 -15.59 -37.87
C GLY E 895 -20.70 -14.11 -38.18
N ILE E 896 -19.49 -13.58 -38.34
CA ILE E 896 -19.25 -12.18 -38.65
C ILE E 896 -18.29 -12.09 -39.81
N ASN E 897 -18.46 -11.04 -40.63
CA ASN E 897 -17.71 -10.88 -41.87
C ASN E 897 -16.47 -10.01 -41.61
N VAL E 898 -15.29 -10.61 -41.81
CA VAL E 898 -14.02 -9.91 -41.65
C VAL E 898 -13.59 -9.37 -43.01
N THR E 899 -12.98 -8.17 -42.99
CA THR E 899 -12.74 -7.43 -44.22
C THR E 899 -11.55 -7.95 -45.01
N LEU E 900 -10.48 -8.38 -44.35
CA LEU E 900 -9.35 -9.05 -45.00
C LEU E 900 -8.90 -8.30 -46.27
N ALA E 901 -8.41 -7.09 -46.05
CA ALA E 901 -8.03 -6.09 -47.05
C ALA E 901 -9.11 -5.71 -48.07
N GLU E 902 -8.64 -5.27 -49.25
CA GLU E 902 -9.52 -4.83 -50.32
C GLU E 902 -8.79 -4.07 -51.42
N ARG E 903 -9.46 -3.89 -52.57
CA ARG E 903 -9.14 -2.86 -53.56
C ARG E 903 -7.65 -2.82 -53.91
N GLY E 904 -7.11 -3.97 -54.30
CA GLY E 904 -5.74 -3.99 -54.77
C GLY E 904 -5.13 -5.37 -54.96
N PRO E 905 -4.00 -5.45 -55.68
CA PRO E 905 -3.37 -4.29 -56.32
C PRO E 905 -4.06 -3.87 -57.62
N ASP E 906 -4.05 -2.57 -57.91
CA ASP E 906 -4.62 -2.06 -59.15
C ASP E 906 -3.68 -1.03 -59.79
N ILE E 910 -2.71 -6.18 -50.93
CA ILE E 910 -2.83 -5.02 -50.05
C ILE E 910 -3.65 -5.39 -48.83
N ARG E 911 -3.05 -6.21 -47.95
CA ARG E 911 -3.76 -6.71 -46.77
C ARG E 911 -4.30 -5.56 -45.93
N ASP E 912 -5.44 -5.80 -45.30
CA ASP E 912 -5.96 -4.84 -44.34
C ASP E 912 -4.93 -4.61 -43.24
N ALA E 913 -4.81 -3.35 -42.81
CA ALA E 913 -3.78 -3.01 -41.82
C ALA E 913 -3.79 -3.99 -40.66
N HIS E 914 -4.96 -4.26 -40.09
CA HIS E 914 -5.09 -5.30 -39.09
C HIS E 914 -6.00 -6.40 -39.64
N VAL E 915 -5.39 -7.48 -40.13
CA VAL E 915 -6.01 -8.80 -40.15
C VAL E 915 -5.48 -9.69 -39.04
N GLU E 916 -4.48 -9.22 -38.31
CA GLU E 916 -3.82 -10.05 -37.30
C GLU E 916 -4.67 -10.17 -36.04
N THR E 917 -5.37 -9.11 -35.67
CA THR E 917 -6.26 -9.11 -34.52
C THR E 917 -7.71 -9.37 -34.89
N SER E 918 -8.02 -9.50 -36.19
CA SER E 918 -9.39 -9.72 -36.64
C SER E 918 -9.56 -11.06 -37.35
N ALA E 919 -8.90 -11.28 -38.48
CA ALA E 919 -9.10 -12.50 -39.26
C ALA E 919 -8.30 -13.67 -38.70
N PHE E 920 -7.06 -13.45 -38.31
CA PHE E 920 -6.23 -14.52 -37.78
C PHE E 920 -6.79 -15.05 -36.46
N ALA E 921 -6.44 -16.30 -36.16
CA ALA E 921 -6.81 -17.04 -34.95
C ALA E 921 -8.29 -17.46 -34.98
N ARG E 922 -9.07 -17.03 -35.98
CA ARG E 922 -10.48 -17.36 -36.03
C ARG E 922 -10.68 -18.76 -36.64
N THR E 923 -11.94 -19.12 -36.84
CA THR E 923 -12.29 -20.34 -37.55
C THR E 923 -13.40 -20.02 -38.53
N LEU E 924 -13.28 -20.57 -39.75
CA LEU E 924 -14.20 -20.24 -40.82
C LEU E 924 -15.60 -20.76 -40.51
N ALA E 925 -16.61 -19.90 -40.69
CA ALA E 925 -17.99 -20.33 -40.55
C ALA E 925 -18.46 -21.11 -41.76
N THR E 926 -18.09 -20.66 -42.96
CA THR E 926 -18.48 -21.31 -44.20
C THR E 926 -17.25 -21.42 -45.10
N ASP E 927 -17.38 -22.21 -46.16
CA ASP E 927 -16.27 -22.39 -47.09
C ASP E 927 -15.95 -21.09 -47.80
N ALA E 928 -14.67 -20.80 -47.94
CA ALA E 928 -14.21 -19.61 -48.65
C ALA E 928 -13.99 -19.99 -50.12
N VAL E 929 -14.76 -19.38 -51.01
CA VAL E 929 -14.83 -19.79 -52.41
C VAL E 929 -14.43 -18.61 -53.28
N ASP E 930 -13.41 -18.81 -54.11
CA ASP E 930 -13.14 -17.91 -55.22
C ASP E 930 -14.18 -18.12 -56.32
N ALA E 931 -14.26 -17.18 -57.25
CA ALA E 931 -15.00 -17.44 -58.47
C ALA E 931 -14.26 -18.55 -59.23
N ASN E 932 -15.01 -19.51 -59.77
CA ASN E 932 -16.47 -19.50 -59.71
C ASN E 932 -17.19 -20.34 -58.64
N GLY E 933 -16.52 -21.14 -57.79
CA GLY E 933 -15.07 -21.30 -57.70
C GLY E 933 -14.66 -22.53 -56.91
N ASN E 934 -13.39 -22.59 -56.51
CA ASN E 934 -12.74 -23.84 -56.12
C ASN E 934 -12.74 -24.11 -54.61
N VAL E 935 -13.30 -23.24 -53.77
CA VAL E 935 -13.34 -23.50 -52.34
C VAL E 935 -11.93 -23.67 -51.80
N ILE E 936 -11.19 -22.57 -51.68
CA ILE E 936 -9.78 -22.65 -51.34
C ILE E 936 -9.55 -23.06 -49.88
N ILE E 937 -10.51 -22.78 -49.00
CA ILE E 937 -10.38 -23.18 -47.59
C ILE E 937 -11.75 -23.60 -47.06
N GLU E 938 -11.79 -24.76 -46.41
CA GLU E 938 -13.02 -25.35 -45.89
C GLU E 938 -13.41 -24.72 -44.56
N ARG E 939 -14.71 -24.79 -44.26
CA ARG E 939 -15.20 -24.27 -43.00
C ARG E 939 -14.60 -25.04 -41.83
N GLY E 940 -14.26 -24.31 -40.77
CA GLY E 940 -13.62 -24.90 -39.61
C GLY E 940 -12.11 -24.84 -39.61
N HIS E 941 -11.51 -24.16 -40.58
CA HIS E 941 -10.06 -24.06 -40.67
C HIS E 941 -9.54 -23.02 -39.68
N ASP E 942 -8.32 -23.23 -39.20
CA ASP E 942 -7.78 -22.38 -38.14
C ASP E 942 -7.44 -20.98 -38.63
N LEU E 943 -7.16 -20.83 -39.92
CA LEU E 943 -6.77 -19.54 -40.50
C LEU E 943 -5.48 -19.02 -39.86
N GLY E 944 -4.39 -19.73 -40.17
CA GLY E 944 -3.06 -19.30 -39.79
C GLY E 944 -2.51 -18.29 -40.77
N ASP E 945 -1.18 -18.10 -40.71
CA ASP E 945 -0.52 -17.25 -41.70
C ASP E 945 -0.62 -17.84 -43.10
N PRO E 946 -0.33 -19.12 -43.33
CA PRO E 946 -0.46 -19.67 -44.68
C PRO E 946 -1.86 -19.49 -45.26
N ALA E 947 -2.90 -19.67 -44.44
CA ALA E 947 -4.26 -19.60 -44.95
C ALA E 947 -4.59 -18.22 -45.51
N ILE E 948 -4.06 -17.17 -44.88
CA ILE E 948 -4.33 -15.82 -45.37
C ILE E 948 -3.62 -15.58 -46.69
N ASP E 949 -2.39 -16.08 -46.82
CA ASP E 949 -1.70 -15.98 -48.10
C ASP E 949 -2.43 -16.76 -49.19
N ALA E 950 -2.75 -18.03 -48.92
CA ALA E 950 -3.50 -18.83 -49.88
C ALA E 950 -4.78 -18.14 -50.29
N LEU E 951 -5.62 -17.78 -49.31
CA LEU E 951 -6.86 -17.06 -49.60
C LEU E 951 -6.59 -15.83 -50.45
N LEU E 952 -5.63 -15.00 -50.02
CA LEU E 952 -5.37 -13.74 -50.69
C LEU E 952 -5.10 -13.93 -52.17
N ALA E 953 -4.40 -15.00 -52.53
CA ALA E 953 -4.15 -15.28 -53.95
C ALA E 953 -5.46 -15.41 -54.72
N ALA E 954 -6.39 -16.21 -54.20
CA ALA E 954 -7.66 -16.44 -54.89
C ALA E 954 -8.49 -15.17 -55.01
N GLY E 955 -8.11 -14.08 -54.35
CA GLY E 955 -8.83 -12.84 -54.49
C GLY E 955 -10.10 -12.74 -53.66
N ILE E 956 -10.09 -13.29 -52.44
CA ILE E 956 -11.23 -13.24 -51.55
C ILE E 956 -11.05 -12.02 -50.64
N THR E 957 -11.95 -11.04 -50.77
CA THR E 957 -11.85 -9.79 -50.04
C THR E 957 -12.64 -9.79 -48.74
N THR E 958 -13.25 -10.92 -48.37
CA THR E 958 -13.91 -11.05 -47.08
C THR E 958 -14.00 -12.52 -46.72
N VAL E 959 -14.23 -12.78 -45.44
CA VAL E 959 -14.48 -14.14 -44.96
C VAL E 959 -15.45 -14.06 -43.79
N LYS E 960 -16.38 -15.03 -43.75
CA LYS E 960 -17.28 -15.18 -42.62
C LYS E 960 -16.61 -16.06 -41.57
N VAL E 961 -16.61 -15.59 -40.33
CA VAL E 961 -15.82 -16.19 -39.26
C VAL E 961 -16.70 -16.47 -38.05
N ARG E 962 -16.37 -17.53 -37.32
CA ARG E 962 -17.03 -17.82 -36.06
C ARG E 962 -16.58 -16.85 -34.98
N SER E 963 -17.54 -16.37 -34.19
CA SER E 963 -17.26 -15.46 -33.10
C SER E 963 -18.11 -15.82 -31.90
N VAL E 964 -17.63 -15.46 -30.71
CA VAL E 964 -18.43 -15.60 -29.50
C VAL E 964 -19.66 -14.70 -29.52
N LEU E 965 -19.70 -13.72 -30.43
CA LEU E 965 -20.88 -12.88 -30.56
C LEU E 965 -22.07 -13.67 -31.12
N THR E 966 -21.81 -14.55 -32.10
CA THR E 966 -22.85 -15.33 -32.74
C THR E 966 -23.01 -16.73 -32.13
N CYS E 967 -22.17 -17.10 -31.19
CA CYS E 967 -22.19 -18.45 -30.64
C CYS E 967 -23.52 -18.74 -29.94
N THR E 968 -24.10 -19.89 -30.24
CA THR E 968 -25.42 -20.28 -29.75
C THR E 968 -25.37 -21.18 -28.51
N SER E 969 -24.18 -21.42 -27.95
CA SER E 969 -24.06 -22.30 -26.80
C SER E 969 -25.03 -21.90 -25.71
N ALA E 970 -25.66 -22.91 -25.07
CA ALA E 970 -26.61 -22.64 -24.01
C ALA E 970 -25.94 -21.99 -22.81
N THR E 971 -24.79 -22.53 -22.39
CA THR E 971 -24.01 -21.99 -21.30
C THR E 971 -22.59 -21.72 -21.77
N GLY E 972 -22.02 -20.61 -21.32
CA GLY E 972 -20.69 -20.29 -21.78
C GLY E 972 -20.66 -20.15 -23.29
N VAL E 973 -19.47 -20.32 -23.85
CA VAL E 973 -19.29 -20.31 -25.30
C VAL E 973 -18.64 -21.62 -25.71
N CYS E 974 -18.44 -21.82 -27.01
CA CYS E 974 -17.89 -23.06 -27.53
C CYS E 974 -16.51 -22.82 -28.12
N ALA E 975 -15.67 -23.86 -28.06
CA ALA E 975 -14.28 -23.72 -28.49
C ALA E 975 -14.19 -23.25 -29.94
N MET E 976 -14.90 -23.93 -30.84
CA MET E 976 -14.83 -23.55 -32.26
C MET E 976 -15.17 -22.09 -32.47
N CYS E 977 -16.22 -21.59 -31.81
CA CYS E 977 -16.59 -20.19 -31.96
C CYS E 977 -15.52 -19.27 -31.38
N TYR E 978 -14.96 -19.64 -30.22
CA TYR E 978 -13.91 -18.80 -29.64
C TYR E 978 -12.65 -18.82 -30.49
N GLY E 979 -12.26 -19.98 -30.99
CA GLY E 979 -11.08 -20.08 -31.84
C GLY E 979 -9.81 -20.41 -31.08
N ARG E 980 -8.68 -20.00 -31.65
CA ARG E 980 -7.39 -20.40 -31.09
C ARG E 980 -7.11 -19.69 -29.78
N SER E 981 -6.47 -20.41 -28.86
CA SER E 981 -5.93 -19.81 -27.64
C SER E 981 -4.65 -19.06 -27.99
N MET E 982 -4.62 -17.76 -27.65
CA MET E 982 -3.42 -16.96 -27.95
C MET E 982 -2.20 -17.50 -27.23
N ALA E 983 -2.40 -18.13 -26.06
CA ALA E 983 -1.29 -18.67 -25.29
C ALA E 983 -0.77 -19.97 -25.93
N THR E 984 -1.63 -20.97 -26.03
CA THR E 984 -1.20 -22.26 -26.57
C THR E 984 -0.89 -22.17 -28.06
N GLY E 985 -1.56 -21.28 -28.79
CA GLY E 985 -1.53 -21.28 -30.23
C GLY E 985 -2.40 -22.34 -30.88
N LYS E 986 -3.28 -22.97 -30.12
CA LYS E 986 -4.14 -24.04 -30.62
C LYS E 986 -5.58 -23.75 -30.19
N LEU E 987 -6.49 -24.63 -30.60
CA LEU E 987 -7.89 -24.47 -30.22
C LEU E 987 -8.01 -24.39 -28.69
N VAL E 988 -8.81 -23.44 -28.21
CA VAL E 988 -8.92 -23.21 -26.78
C VAL E 988 -9.32 -24.49 -26.08
N ASP E 989 -8.81 -24.68 -24.87
CA ASP E 989 -9.19 -25.83 -24.08
C ASP E 989 -10.58 -25.61 -23.49
N ILE E 990 -11.24 -26.72 -23.16
CA ILE E 990 -12.63 -26.63 -22.75
C ILE E 990 -12.78 -26.07 -21.33
N GLY E 991 -11.72 -26.08 -20.52
CA GLY E 991 -11.84 -25.45 -19.22
C GLY E 991 -11.68 -23.95 -19.23
N GLU E 992 -11.06 -23.41 -20.27
CA GLU E 992 -10.60 -22.02 -20.27
C GLU E 992 -11.71 -21.07 -19.85
N ALA E 993 -11.36 -20.13 -18.96
CA ALA E 993 -12.25 -19.04 -18.61
C ALA E 993 -11.77 -17.84 -19.41
N VAL E 994 -12.48 -17.55 -20.50
CA VAL E 994 -12.01 -16.56 -21.46
C VAL E 994 -12.53 -15.16 -21.16
N GLY E 995 -13.52 -15.04 -20.27
CA GLY E 995 -13.97 -13.73 -19.84
C GLY E 995 -12.87 -13.03 -19.06
N ILE E 996 -12.39 -13.68 -18.00
CA ILE E 996 -11.32 -13.10 -17.18
C ILE E 996 -10.12 -12.77 -18.06
N VAL E 997 -9.73 -13.71 -18.92
CA VAL E 997 -8.61 -13.46 -19.82
C VAL E 997 -8.88 -12.25 -20.70
N ALA E 998 -10.12 -12.13 -21.20
CA ALA E 998 -10.48 -10.97 -21.98
C ALA E 998 -10.39 -9.70 -21.15
N ALA E 999 -11.02 -9.72 -19.96
CA ALA E 999 -10.95 -8.57 -19.07
C ALA E 999 -9.51 -8.11 -18.87
N GLN E 1000 -8.61 -9.05 -18.57
CA GLN E 1000 -7.23 -8.69 -18.31
C GLN E 1000 -6.52 -8.24 -19.58
N SER E 1001 -6.70 -8.97 -20.68
CA SER E 1001 -6.08 -8.56 -21.94
C SER E 1001 -6.47 -7.14 -22.32
N ILE E 1002 -7.67 -6.72 -21.94
CA ILE E 1002 -8.13 -5.37 -22.27
C ILE E 1002 -7.58 -4.35 -21.28
N GLY E 1003 -7.62 -4.65 -19.98
CA GLY E 1003 -7.29 -3.66 -18.98
C GLY E 1003 -5.81 -3.44 -18.80
N GLU E 1004 -5.00 -4.48 -18.96
CA GLU E 1004 -3.56 -4.43 -18.74
C GLU E 1004 -2.91 -3.27 -19.48
N PRO E 1005 -3.09 -3.19 -20.81
CA PRO E 1005 -2.52 -2.05 -21.55
C PRO E 1005 -3.09 -0.70 -21.16
N GLY E 1006 -4.22 -0.68 -20.44
CA GLY E 1006 -4.84 0.59 -20.09
C GLY E 1006 -3.88 1.60 -19.50
N THR E 1007 -2.85 1.13 -18.80
CA THR E 1007 -1.83 2.05 -18.29
C THR E 1007 -1.17 2.82 -19.42
N GLN E 1008 -1.07 2.21 -20.60
CA GLN E 1008 -0.42 2.82 -21.75
C GLN E 1008 -1.36 3.70 -22.57
N LEU E 1009 -2.60 3.86 -22.14
CA LEU E 1009 -3.62 4.60 -22.88
C LEU E 1009 -3.64 6.04 -22.37
N THR E 1010 -3.20 6.98 -23.22
CA THR E 1010 -3.09 8.37 -22.82
C THR E 1010 -4.30 9.18 -23.26
N GLY E 1027 -9.93 10.48 -26.26
CA GLY E 1027 -9.19 9.51 -27.06
C GLY E 1027 -8.34 8.58 -26.21
N GLY E 1028 -8.94 8.08 -25.15
CA GLY E 1028 -8.21 7.34 -24.13
C GLY E 1028 -9.16 6.60 -23.24
N LEU E 1029 -8.66 6.20 -22.07
CA LEU E 1029 -9.44 5.50 -21.07
C LEU E 1029 -10.84 6.09 -20.93
N PRO E 1030 -10.98 7.42 -20.94
CA PRO E 1030 -12.33 8.00 -20.94
C PRO E 1030 -13.19 7.53 -22.11
N ARG E 1031 -12.63 7.51 -23.32
CA ARG E 1031 -13.38 7.01 -24.47
C ARG E 1031 -13.68 5.52 -24.32
N VAL E 1032 -12.67 4.74 -23.94
CA VAL E 1032 -12.87 3.32 -23.70
C VAL E 1032 -13.98 3.10 -22.68
N GLN E 1033 -13.85 3.72 -21.50
CA GLN E 1033 -14.89 3.61 -20.49
C GLN E 1033 -16.24 4.05 -21.03
N GLU E 1034 -16.26 5.13 -21.81
CA GLU E 1034 -17.51 5.58 -22.43
C GLU E 1034 -18.15 4.46 -23.23
N LEU E 1035 -17.34 3.68 -23.96
CA LEU E 1035 -17.89 2.62 -24.80
C LEU E 1035 -18.44 1.47 -23.96
N PHE E 1036 -17.60 0.91 -23.08
CA PHE E 1036 -18.02 -0.25 -22.30
C PHE E 1036 -19.18 0.05 -21.36
N GLU E 1037 -19.35 1.31 -20.95
CA GLU E 1037 -20.45 1.68 -20.08
C GLU E 1037 -21.70 2.09 -20.85
N ALA E 1038 -21.62 2.21 -22.17
CA ALA E 1038 -22.78 2.42 -23.03
C ALA E 1038 -23.49 3.75 -22.72
N ARG E 1039 -22.73 4.75 -22.27
CA ARG E 1039 -23.31 6.08 -22.07
C ARG E 1039 -23.42 6.81 -23.39
N VAL E 1040 -24.34 7.76 -23.46
CA VAL E 1040 -24.48 8.52 -24.70
C VAL E 1040 -23.19 9.28 -24.97
N PRO E 1041 -22.70 9.32 -26.20
CA PRO E 1041 -21.34 9.82 -26.44
C PRO E 1041 -21.14 11.26 -25.99
N ARG E 1042 -19.87 11.62 -25.79
CA ARG E 1042 -19.52 12.95 -25.31
C ARG E 1042 -20.10 14.02 -26.23
N ASN E 1043 -19.76 13.97 -27.52
CA ASN E 1043 -20.42 14.78 -28.53
C ASN E 1043 -21.16 13.82 -29.46
N LYS E 1044 -22.48 13.82 -29.37
CA LYS E 1044 -23.28 12.90 -30.15
C LYS E 1044 -23.17 13.23 -31.63
N ALA E 1045 -23.05 12.21 -32.47
CA ALA E 1045 -23.07 12.42 -33.90
C ALA E 1045 -24.19 11.60 -34.53
N PRO E 1046 -24.92 12.18 -35.48
CA PRO E 1046 -26.07 11.48 -36.04
C PRO E 1046 -25.68 10.44 -37.08
N ILE E 1047 -26.53 9.43 -37.21
CA ILE E 1047 -26.35 8.38 -38.20
C ILE E 1047 -27.53 8.40 -39.15
N ALA E 1048 -27.27 8.05 -40.41
CA ALA E 1048 -28.34 7.99 -41.40
C ALA E 1048 -29.46 7.08 -40.90
N ASP E 1049 -30.69 7.57 -41.04
CA ASP E 1049 -31.86 6.80 -40.64
C ASP E 1049 -32.41 5.95 -41.77
N VAL E 1050 -31.89 6.12 -42.99
CA VAL E 1050 -32.46 5.50 -44.18
C VAL E 1050 -31.56 5.85 -45.37
N ALA E 1051 -31.72 5.13 -46.47
CA ALA E 1051 -30.81 5.25 -47.61
C ALA E 1051 -31.34 6.26 -48.62
N GLY E 1052 -30.46 7.14 -49.07
CA GLY E 1052 -30.83 8.12 -50.08
C GLY E 1052 -29.77 9.19 -50.20
N ARG E 1053 -29.97 10.07 -51.18
CA ARG E 1053 -29.07 11.19 -51.39
C ARG E 1053 -29.30 12.26 -50.35
N VAL E 1054 -28.25 13.05 -50.08
CA VAL E 1054 -28.21 13.98 -48.96
C VAL E 1054 -28.21 15.41 -49.48
N ARG E 1055 -29.10 16.24 -48.95
CA ARG E 1055 -29.12 17.66 -49.24
C ARG E 1055 -28.52 18.40 -48.04
N LEU E 1056 -27.42 19.11 -48.28
CA LEU E 1056 -26.71 19.83 -47.24
C LEU E 1056 -27.09 21.30 -47.26
N GLU E 1057 -27.21 21.90 -46.08
CA GLU E 1057 -27.52 23.31 -45.97
C GLU E 1057 -26.81 23.89 -44.75
N GLU E 1058 -26.31 25.12 -44.90
CA GLU E 1058 -25.55 25.79 -43.85
C GLU E 1058 -26.35 26.99 -43.35
N SER E 1059 -26.77 26.95 -42.09
CA SER E 1059 -27.38 28.09 -41.45
C SER E 1059 -26.28 28.94 -40.80
N ASP E 1060 -26.67 29.97 -40.05
CA ASP E 1060 -25.70 30.69 -39.24
C ASP E 1060 -25.45 29.91 -37.96
N LYS E 1061 -24.22 29.45 -37.77
CA LYS E 1061 -23.77 28.68 -36.62
C LYS E 1061 -24.21 27.22 -36.67
N PHE E 1062 -24.97 26.79 -37.68
CA PHE E 1062 -25.54 25.45 -37.68
C PHE E 1062 -25.37 24.78 -39.05
N PHE E 1063 -25.82 23.54 -39.12
CA PHE E 1063 -25.86 22.74 -40.34
C PHE E 1063 -27.21 22.05 -40.40
N LYS E 1064 -27.76 21.91 -41.61
CA LYS E 1064 -28.96 21.13 -41.83
C LYS E 1064 -28.68 20.04 -42.85
N ILE E 1065 -28.93 18.80 -42.48
CA ILE E 1065 -28.79 17.65 -43.37
C ILE E 1065 -30.16 17.02 -43.57
N THR E 1066 -30.54 16.83 -44.82
CA THR E 1066 -31.79 16.17 -45.18
C THR E 1066 -31.46 15.00 -46.08
N ILE E 1067 -32.03 13.83 -45.79
CA ILE E 1067 -31.85 12.63 -46.59
C ILE E 1067 -33.12 12.42 -47.39
N VAL E 1068 -33.01 12.46 -48.71
CA VAL E 1068 -34.09 12.12 -49.62
C VAL E 1068 -34.03 10.60 -49.84
N PRO E 1069 -34.95 9.82 -49.29
CA PRO E 1069 -34.81 8.37 -49.37
C PRO E 1069 -35.07 7.86 -50.78
N ASP E 1070 -34.38 6.78 -51.13
CA ASP E 1070 -34.59 6.15 -52.42
C ASP E 1070 -35.99 5.57 -52.58
N ASP E 1071 -36.80 5.57 -51.52
CA ASP E 1071 -38.13 4.98 -51.53
C ASP E 1071 -38.94 5.42 -52.76
N GLY E 1072 -38.91 6.70 -53.11
CA GLY E 1072 -38.57 7.79 -52.21
C GLY E 1072 -39.72 8.11 -51.27
N GLY E 1073 -39.44 8.11 -49.97
CA GLY E 1073 -40.45 8.32 -48.96
C GLY E 1073 -40.32 9.65 -48.25
N GLU E 1074 -40.86 9.70 -47.03
CA GLU E 1074 -40.79 10.89 -46.20
C GLU E 1074 -39.34 11.33 -46.05
N GLU E 1075 -39.08 12.61 -46.34
CA GLU E 1075 -37.74 13.15 -46.15
C GLU E 1075 -37.38 13.13 -44.67
N VAL E 1076 -36.08 12.96 -44.40
CA VAL E 1076 -35.57 12.81 -43.04
C VAL E 1076 -34.57 13.93 -42.78
N VAL E 1077 -34.83 14.73 -41.76
CA VAL E 1077 -34.09 15.96 -41.51
C VAL E 1077 -33.32 15.83 -40.20
N TYR E 1078 -32.11 16.40 -40.19
CA TYR E 1078 -31.29 16.50 -38.99
C TYR E 1078 -31.06 17.98 -38.73
N ASP E 1079 -31.64 18.48 -37.64
CA ASP E 1079 -32.03 19.88 -37.54
C ASP E 1079 -30.85 20.83 -37.34
N LYS E 1080 -30.24 20.81 -36.17
CA LYS E 1080 -29.16 21.74 -35.84
C LYS E 1080 -27.90 20.93 -35.54
N LEU E 1081 -26.92 21.01 -36.42
CA LEU E 1081 -25.63 20.35 -36.23
C LEU E 1081 -24.58 21.44 -36.07
N SER E 1082 -24.06 21.58 -34.84
CA SER E 1082 -23.06 22.60 -34.57
C SER E 1082 -21.87 22.43 -35.51
N LYS E 1083 -21.52 23.51 -36.22
CA LYS E 1083 -20.42 23.44 -37.16
C LYS E 1083 -19.10 23.08 -36.51
N ARG E 1084 -19.02 23.13 -35.18
CA ARG E 1084 -17.79 22.72 -34.50
C ARG E 1084 -17.46 21.26 -34.77
N GLN E 1085 -18.47 20.42 -35.01
CA GLN E 1085 -18.23 19.00 -35.23
C GLN E 1085 -17.78 18.67 -36.64
N ARG E 1086 -17.92 19.59 -37.58
CA ARG E 1086 -17.61 19.38 -39.01
C ARG E 1086 -18.45 18.20 -39.51
N LEU E 1087 -17.90 17.33 -40.35
CA LEU E 1087 -18.65 16.24 -40.95
C LEU E 1087 -17.72 15.04 -41.11
N ARG E 1088 -18.32 13.87 -41.32
CA ARG E 1088 -17.52 12.68 -41.58
C ARG E 1088 -16.97 12.73 -43.01
N VAL E 1089 -16.24 11.69 -43.39
CA VAL E 1089 -15.50 11.65 -44.63
C VAL E 1089 -15.81 10.36 -45.38
N ILE E 1090 -15.79 10.44 -46.71
CA ILE E 1090 -15.99 9.26 -47.54
C ILE E 1090 -14.70 8.44 -47.61
N GLY E 1098 -14.02 12.21 -49.96
CA GLY E 1098 -13.56 13.02 -48.84
C GLY E 1098 -14.68 13.40 -47.90
N VAL E 1099 -14.68 14.67 -47.47
CA VAL E 1099 -15.74 15.14 -46.58
C VAL E 1099 -17.08 15.08 -47.31
N LEU E 1100 -18.12 14.71 -46.56
CA LEU E 1100 -19.45 14.62 -47.15
C LEU E 1100 -19.83 15.96 -47.78
N SER E 1101 -20.47 15.88 -48.95
CA SER E 1101 -20.89 17.06 -49.69
C SER E 1101 -22.30 16.85 -50.22
N ASP E 1102 -22.94 17.95 -50.58
CA ASP E 1102 -24.30 17.87 -51.10
C ASP E 1102 -24.35 16.95 -52.30
N GLY E 1103 -25.27 15.97 -52.26
CA GLY E 1103 -25.49 15.05 -53.35
C GLY E 1103 -24.96 13.64 -53.09
N ASP E 1104 -24.10 13.46 -52.10
CA ASP E 1104 -23.54 12.14 -51.83
C ASP E 1104 -24.63 11.16 -51.41
N HIS E 1105 -24.50 9.92 -51.85
CA HIS E 1105 -25.40 8.87 -51.39
C HIS E 1105 -24.99 8.40 -50.00
N VAL E 1106 -25.96 7.86 -49.26
CA VAL E 1106 -25.75 7.42 -47.89
C VAL E 1106 -26.53 6.14 -47.66
N GLU E 1107 -25.90 5.17 -47.01
CA GLU E 1107 -26.55 3.92 -46.65
C GLU E 1107 -27.13 4.01 -45.24
N VAL E 1108 -27.81 2.94 -44.82
CA VAL E 1108 -28.74 3.04 -43.69
C VAL E 1108 -28.01 3.35 -42.39
N GLY E 1109 -26.73 2.98 -42.30
CA GLY E 1109 -26.02 3.14 -41.03
C GLY E 1109 -24.99 4.24 -40.98
N ASP E 1110 -24.77 4.95 -42.09
CA ASP E 1110 -23.60 5.81 -42.20
C ASP E 1110 -23.62 6.94 -41.17
N GLN E 1111 -22.43 7.39 -40.80
CA GLN E 1111 -22.26 8.46 -39.82
C GLN E 1111 -22.20 9.80 -40.54
N LEU E 1112 -23.09 10.73 -40.13
CA LEU E 1112 -23.20 12.01 -40.83
C LEU E 1112 -22.11 13.00 -40.43
N MET E 1113 -21.65 12.97 -39.18
CA MET E 1113 -20.69 13.96 -38.72
C MET E 1113 -19.59 13.31 -37.89
N GLU E 1114 -18.41 13.89 -37.96
CA GLU E 1114 -17.31 13.48 -37.10
C GLU E 1114 -17.76 13.51 -35.65
N GLY E 1115 -17.49 12.43 -34.93
CA GLY E 1115 -17.90 12.33 -33.55
C GLY E 1115 -18.09 10.88 -33.16
N ALA E 1116 -18.90 10.68 -32.13
CA ALA E 1116 -19.18 9.36 -31.58
C ALA E 1116 -20.68 9.09 -31.72
N ALA E 1117 -21.03 8.10 -32.55
CA ALA E 1117 -22.43 7.74 -32.71
C ALA E 1117 -22.99 7.15 -31.43
N ASP E 1118 -24.22 7.50 -31.12
CA ASP E 1118 -24.89 6.94 -29.95
C ASP E 1118 -25.10 5.45 -30.17
N PRO E 1119 -24.45 4.57 -29.42
CA PRO E 1119 -24.65 3.13 -29.64
C PRO E 1119 -26.10 2.71 -29.51
N HIS E 1120 -26.86 3.28 -28.57
CA HIS E 1120 -28.27 2.99 -28.49
C HIS E 1120 -28.98 3.29 -29.81
N GLU E 1121 -28.60 4.40 -30.45
CA GLU E 1121 -29.23 4.78 -31.72
C GLU E 1121 -28.90 3.77 -32.81
N VAL E 1122 -27.62 3.38 -32.91
CA VAL E 1122 -27.25 2.39 -33.92
C VAL E 1122 -27.87 1.03 -33.60
N LEU E 1123 -28.15 0.76 -32.32
CA LEU E 1123 -28.88 -0.45 -31.97
C LEU E 1123 -30.27 -0.45 -32.58
N ARG E 1124 -31.06 0.59 -32.25
CA ARG E 1124 -32.43 0.65 -32.76
C ARG E 1124 -32.46 0.71 -34.28
N VAL E 1125 -31.47 1.35 -34.89
CA VAL E 1125 -31.44 1.46 -36.35
C VAL E 1125 -30.97 0.15 -36.97
N GLN E 1126 -29.72 -0.23 -36.70
CA GLN E 1126 -29.06 -1.32 -37.41
C GLN E 1126 -29.20 -2.68 -36.75
N GLY E 1127 -29.72 -2.75 -35.52
CA GLY E 1127 -30.02 -4.03 -34.90
C GLY E 1127 -28.90 -4.58 -34.03
N PRO E 1128 -29.24 -5.55 -33.18
CA PRO E 1128 -28.29 -6.01 -32.15
C PRO E 1128 -26.92 -6.40 -32.68
N ARG E 1129 -26.84 -7.17 -33.76
CA ARG E 1129 -25.54 -7.65 -34.20
C ARG E 1129 -24.68 -6.53 -34.76
N GLU E 1130 -25.27 -5.42 -35.19
CA GLU E 1130 -24.49 -4.32 -35.72
C GLU E 1130 -23.87 -3.45 -34.62
N VAL E 1131 -24.55 -3.29 -33.49
CA VAL E 1131 -23.97 -2.58 -32.36
C VAL E 1131 -22.65 -3.23 -31.96
N GLN E 1132 -22.64 -4.56 -31.88
CA GLN E 1132 -21.43 -5.29 -31.54
C GLN E 1132 -20.28 -4.90 -32.46
N ILE E 1133 -20.50 -4.99 -33.77
CA ILE E 1133 -19.47 -4.62 -34.74
C ILE E 1133 -18.98 -3.20 -34.47
N HIS E 1134 -19.91 -2.28 -34.21
CA HIS E 1134 -19.53 -0.91 -33.91
C HIS E 1134 -18.66 -0.84 -32.65
N LEU E 1135 -19.17 -1.37 -31.54
CA LEU E 1135 -18.47 -1.24 -30.27
C LEU E 1135 -17.07 -1.84 -30.34
N VAL E 1136 -16.92 -2.98 -31.02
CA VAL E 1136 -15.60 -3.58 -31.16
C VAL E 1136 -14.69 -2.67 -31.96
N LYS E 1137 -15.18 -2.14 -33.09
CA LYS E 1137 -14.39 -1.20 -33.87
C LYS E 1137 -13.97 0.00 -33.03
N GLU E 1138 -14.94 0.63 -32.36
CA GLU E 1138 -14.64 1.82 -31.57
C GLU E 1138 -13.60 1.51 -30.48
N VAL E 1139 -13.89 0.52 -29.64
CA VAL E 1139 -12.93 0.14 -28.60
C VAL E 1139 -11.58 -0.18 -29.23
N GLN E 1140 -11.59 -0.96 -30.30
CA GLN E 1140 -10.34 -1.36 -30.94
C GLN E 1140 -9.59 -0.19 -31.56
N GLU E 1141 -10.27 0.93 -31.79
CA GLU E 1141 -9.60 2.09 -32.38
C GLU E 1141 -8.76 2.83 -31.35
N VAL E 1142 -9.28 2.99 -30.13
CA VAL E 1142 -8.53 3.64 -29.06
C VAL E 1142 -7.22 2.88 -28.82
N TYR E 1143 -7.30 1.57 -28.68
CA TYR E 1143 -6.11 0.77 -28.40
C TYR E 1143 -5.16 0.75 -29.59
N ARG E 1144 -5.69 0.79 -30.81
CA ARG E 1144 -4.82 0.88 -31.98
C ARG E 1144 -4.08 2.21 -32.02
N ALA E 1145 -4.75 3.29 -31.59
CA ALA E 1145 -4.10 4.60 -31.59
C ALA E 1145 -2.84 4.58 -30.72
N GLN E 1146 -2.89 3.92 -29.57
CA GLN E 1146 -1.80 3.91 -28.62
C GLN E 1146 -0.78 2.79 -28.88
N GLY E 1147 -0.97 2.02 -29.96
CA GLY E 1147 -0.02 0.98 -30.32
C GLY E 1147 -0.22 -0.35 -29.65
N VAL E 1148 -1.41 -0.63 -29.12
CA VAL E 1148 -1.70 -1.85 -28.39
C VAL E 1148 -2.39 -2.84 -29.31
N SER E 1149 -1.99 -4.11 -29.21
CA SER E 1149 -2.55 -5.19 -30.02
C SER E 1149 -3.42 -6.07 -29.12
N ILE E 1150 -4.74 -6.02 -29.35
CA ILE E 1150 -5.69 -6.89 -28.68
C ILE E 1150 -6.48 -7.61 -29.76
N HIS E 1151 -6.51 -8.93 -29.70
CA HIS E 1151 -7.31 -9.67 -30.67
C HIS E 1151 -8.79 -9.39 -30.42
N ASP E 1152 -9.54 -9.19 -31.51
CA ASP E 1152 -10.92 -8.76 -31.40
C ASP E 1152 -11.75 -9.66 -30.49
N LYS E 1153 -11.39 -10.95 -30.39
CA LYS E 1153 -12.22 -11.88 -29.64
C LYS E 1153 -12.32 -11.46 -28.18
N HIS E 1154 -11.21 -11.02 -27.57
CA HIS E 1154 -11.26 -10.53 -26.20
C HIS E 1154 -12.29 -9.42 -26.04
N ILE E 1155 -12.25 -8.44 -26.95
CA ILE E 1155 -13.25 -7.38 -26.93
C ILE E 1155 -14.64 -7.95 -27.14
N GLU E 1156 -14.76 -8.95 -28.01
CA GLU E 1156 -16.06 -9.54 -28.30
C GLU E 1156 -16.65 -10.22 -27.06
N VAL E 1157 -15.81 -10.90 -26.29
CA VAL E 1157 -16.29 -11.52 -25.05
C VAL E 1157 -16.98 -10.48 -24.17
N ILE E 1158 -16.38 -9.30 -24.05
CA ILE E 1158 -16.96 -8.26 -23.21
C ILE E 1158 -18.23 -7.70 -23.85
N VAL E 1159 -18.17 -7.36 -25.15
CA VAL E 1159 -19.33 -6.80 -25.83
C VAL E 1159 -20.49 -7.77 -25.79
N ARG E 1160 -20.21 -9.08 -25.81
CA ARG E 1160 -21.29 -10.07 -25.78
C ARG E 1160 -22.15 -9.91 -24.53
N GLN E 1161 -21.57 -9.43 -23.43
CA GLN E 1161 -22.29 -9.35 -22.17
C GLN E 1161 -23.20 -8.14 -22.08
N MET E 1162 -23.04 -7.15 -22.96
CA MET E 1162 -23.91 -5.98 -22.94
C MET E 1162 -25.24 -6.22 -23.67
N LEU E 1163 -25.27 -7.18 -24.59
CA LEU E 1163 -26.44 -7.44 -25.43
C LEU E 1163 -27.30 -8.60 -24.92
N ARG E 1164 -27.02 -9.13 -23.74
CA ARG E 1164 -27.62 -10.39 -23.30
C ARG E 1164 -29.04 -10.26 -22.75
N ARG E 1165 -29.61 -9.06 -22.71
CA ARG E 1165 -30.94 -8.88 -22.13
C ARG E 1165 -31.82 -8.05 -23.05
N VAL E 1166 -33.13 -8.06 -22.75
CA VAL E 1166 -34.14 -7.41 -23.56
C VAL E 1166 -35.17 -6.77 -22.64
N THR E 1167 -35.72 -5.64 -23.05
CA THR E 1167 -36.72 -4.93 -22.26
C THR E 1167 -38.10 -5.53 -22.52
N ILE E 1168 -38.86 -5.74 -21.46
CA ILE E 1168 -40.17 -6.40 -21.56
C ILE E 1168 -41.23 -5.31 -21.67
N ILE E 1169 -41.84 -5.21 -22.85
CA ILE E 1169 -42.86 -4.19 -23.08
C ILE E 1169 -44.22 -4.63 -22.55
N ASP E 1170 -44.58 -5.89 -22.76
CA ASP E 1170 -45.82 -6.45 -22.26
C ASP E 1170 -45.54 -7.81 -21.65
N SER E 1171 -46.43 -8.23 -20.74
CA SER E 1171 -46.18 -9.46 -20.00
C SER E 1171 -46.19 -10.70 -20.89
N GLY E 1172 -47.29 -10.97 -21.59
CA GLY E 1172 -48.60 -10.37 -21.35
C GLY E 1172 -49.33 -11.09 -20.22
N SER E 1173 -49.16 -12.41 -20.14
CA SER E 1173 -49.61 -13.21 -19.01
C SER E 1173 -48.49 -13.47 -18.01
N THR E 1174 -47.27 -13.04 -18.31
CA THR E 1174 -46.13 -13.15 -17.42
C THR E 1174 -46.34 -12.15 -16.27
N GLU E 1175 -45.74 -12.29 -15.08
CA GLU E 1175 -44.61 -13.15 -14.71
C GLU E 1175 -43.31 -12.41 -15.06
N PHE E 1176 -43.46 -11.33 -15.81
CA PHE E 1176 -42.44 -10.33 -16.08
C PHE E 1176 -43.12 -8.98 -15.98
N LEU E 1177 -42.30 -7.93 -15.89
CA LEU E 1177 -42.86 -6.61 -15.69
C LEU E 1177 -42.30 -5.62 -16.71
N PRO E 1178 -43.13 -4.69 -17.18
CA PRO E 1178 -42.68 -3.75 -18.20
C PRO E 1178 -41.51 -2.92 -17.70
N GLY E 1179 -40.63 -2.54 -18.63
CA GLY E 1179 -39.42 -1.81 -18.30
C GLY E 1179 -38.33 -2.63 -17.63
N SER E 1180 -38.61 -3.88 -17.26
CA SER E 1180 -37.61 -4.72 -16.64
C SER E 1180 -36.68 -5.33 -17.69
N LEU E 1181 -35.45 -5.58 -17.27
CA LEU E 1181 -34.43 -6.19 -18.12
C LEU E 1181 -34.29 -7.65 -17.73
N THR E 1182 -34.62 -8.55 -18.65
CA THR E 1182 -34.56 -9.99 -18.41
C THR E 1182 -33.62 -10.65 -19.41
N GLU E 1183 -32.98 -11.73 -18.96
CA GLU E 1183 -32.04 -12.44 -19.82
C GLU E 1183 -32.74 -12.98 -21.06
N ARG E 1184 -32.06 -12.89 -22.20
CA ARG E 1184 -32.66 -13.29 -23.47
C ARG E 1184 -33.11 -14.74 -23.43
N ALA E 1185 -32.24 -15.64 -22.96
CA ALA E 1185 -32.61 -17.06 -22.91
C ALA E 1185 -33.75 -17.29 -21.93
N GLU E 1186 -33.65 -16.73 -20.72
CA GLU E 1186 -34.73 -16.87 -19.75
C GLU E 1186 -36.02 -16.25 -20.26
N PHE E 1187 -35.91 -15.19 -21.06
CA PHE E 1187 -37.09 -14.56 -21.64
C PHE E 1187 -37.71 -15.45 -22.71
N GLU E 1188 -36.89 -16.08 -23.54
CA GLU E 1188 -37.42 -16.90 -24.64
C GLU E 1188 -38.16 -18.12 -24.13
N ALA E 1189 -37.59 -18.83 -23.15
CA ALA E 1189 -38.13 -20.11 -22.73
C ALA E 1189 -39.48 -19.95 -22.02
N GLU E 1190 -39.53 -19.13 -20.96
CA GLU E 1190 -40.76 -18.96 -20.22
C GLU E 1190 -41.79 -18.18 -21.03
N ASN E 1191 -41.34 -17.34 -21.95
CA ASN E 1191 -42.28 -16.62 -22.81
C ASN E 1191 -43.07 -17.59 -23.69
N ARG E 1192 -42.45 -18.70 -24.09
CA ARG E 1192 -43.16 -19.71 -24.87
C ARG E 1192 -44.44 -20.11 -24.16
N ARG E 1193 -44.32 -20.56 -22.91
CA ARG E 1193 -45.47 -20.93 -22.08
C ARG E 1193 -46.46 -21.79 -22.85
N VAL E 1194 -45.93 -22.68 -23.69
CA VAL E 1194 -46.76 -23.49 -24.56
C VAL E 1194 -47.72 -22.61 -25.34
N VAL E 1195 -49.02 -22.85 -25.19
CA VAL E 1195 -50.04 -22.05 -25.86
C VAL E 1195 -50.81 -21.20 -24.85
N ALA E 1202 -46.25 -10.64 -24.56
CA ALA E 1202 -44.91 -10.82 -24.02
C ALA E 1202 -43.85 -10.49 -25.08
N ALA E 1203 -43.75 -9.22 -25.43
CA ALA E 1203 -42.82 -8.76 -26.46
C ALA E 1203 -41.75 -7.87 -25.84
N GLY E 1204 -40.55 -7.91 -26.44
CA GLY E 1204 -39.44 -7.13 -25.95
C GLY E 1204 -38.54 -6.70 -27.09
N ARG E 1205 -37.62 -5.79 -26.75
CA ARG E 1205 -36.69 -5.24 -27.72
C ARG E 1205 -35.25 -5.44 -27.25
N PRO E 1206 -34.31 -5.61 -28.16
CA PRO E 1206 -32.90 -5.76 -27.77
C PRO E 1206 -32.44 -4.53 -26.98
N VAL E 1207 -31.60 -4.78 -25.98
CA VAL E 1207 -31.22 -3.75 -25.02
C VAL E 1207 -29.70 -3.69 -24.93
N LEU E 1208 -29.14 -2.50 -25.13
CA LEU E 1208 -27.75 -2.24 -24.85
C LEU E 1208 -27.62 -1.68 -23.44
N MET E 1209 -26.68 -2.23 -22.67
CA MET E 1209 -26.45 -1.70 -21.33
C MET E 1209 -24.97 -1.84 -20.98
N GLY E 1210 -24.48 -0.87 -20.21
CA GLY E 1210 -23.08 -0.84 -19.85
C GLY E 1210 -22.69 -1.96 -18.91
N ILE E 1211 -21.37 -2.19 -18.83
CA ILE E 1211 -20.86 -3.34 -18.11
C ILE E 1211 -21.22 -3.28 -16.64
N THR E 1212 -21.19 -2.09 -16.04
CA THR E 1212 -21.54 -1.96 -14.63
C THR E 1212 -23.00 -2.32 -14.37
N LYS E 1213 -23.91 -1.68 -15.10
CA LYS E 1213 -25.33 -2.01 -14.96
C LYS E 1213 -25.59 -3.48 -15.30
N ALA E 1214 -24.85 -4.04 -16.26
CA ALA E 1214 -25.04 -5.43 -16.63
C ALA E 1214 -24.69 -6.36 -15.48
N SER E 1215 -23.53 -6.15 -14.85
CA SER E 1215 -23.09 -7.04 -13.78
C SER E 1215 -24.02 -6.96 -12.58
N LEU E 1216 -24.64 -5.81 -12.35
CA LEU E 1216 -25.62 -5.72 -11.25
C LEU E 1216 -26.85 -6.57 -11.54
N ALA E 1217 -27.17 -6.78 -12.81
CA ALA E 1217 -28.32 -7.60 -13.18
C ALA E 1217 -28.07 -9.09 -13.00
N THR E 1218 -26.84 -9.49 -12.66
CA THR E 1218 -26.52 -10.91 -12.55
C THR E 1218 -27.42 -11.60 -11.54
N ASP E 1219 -27.70 -12.88 -11.80
CA ASP E 1219 -28.61 -13.63 -10.94
C ASP E 1219 -28.04 -13.92 -9.56
N SER E 1220 -26.73 -13.89 -9.39
CA SER E 1220 -26.13 -14.16 -8.10
C SER E 1220 -26.23 -12.91 -7.23
N TRP E 1221 -26.92 -13.01 -6.09
CA TRP E 1221 -27.10 -11.82 -5.27
C TRP E 1221 -25.88 -11.51 -4.43
N LEU E 1222 -25.15 -12.53 -3.96
CA LEU E 1222 -23.92 -12.22 -3.23
C LEU E 1222 -22.77 -11.86 -4.17
N SER E 1223 -22.85 -12.28 -5.43
CA SER E 1223 -21.90 -11.75 -6.42
C SER E 1223 -22.12 -10.26 -6.63
N ALA E 1224 -23.38 -9.84 -6.76
CA ALA E 1224 -23.68 -8.43 -6.94
C ALA E 1224 -23.33 -7.62 -5.69
N ALA E 1225 -23.56 -8.19 -4.51
CA ALA E 1225 -23.28 -7.48 -3.27
C ALA E 1225 -21.79 -7.16 -3.15
N SER E 1226 -20.94 -8.15 -3.42
CA SER E 1226 -19.50 -7.93 -3.33
C SER E 1226 -19.01 -6.93 -4.37
N PHE E 1227 -19.74 -6.75 -5.46
CA PHE E 1227 -19.26 -5.89 -6.54
C PHE E 1227 -19.33 -4.41 -6.15
N GLN E 1228 -20.51 -3.95 -5.74
CA GLN E 1228 -20.72 -2.51 -5.59
C GLN E 1228 -22.15 -2.27 -5.11
N GLU E 1229 -22.36 -1.09 -4.54
CA GLU E 1229 -23.67 -0.71 -4.01
C GLU E 1229 -24.26 -1.81 -3.13
N THR E 1230 -23.46 -2.23 -2.14
CA THR E 1230 -23.81 -3.42 -1.36
C THR E 1230 -25.15 -3.28 -0.67
N THR E 1231 -25.41 -2.13 -0.05
CA THR E 1231 -26.66 -1.96 0.69
C THR E 1231 -27.87 -2.01 -0.23
N ARG E 1232 -27.80 -1.30 -1.36
CA ARG E 1232 -28.88 -1.38 -2.35
C ARG E 1232 -29.16 -2.82 -2.75
N VAL E 1233 -28.10 -3.62 -2.94
CA VAL E 1233 -28.28 -4.98 -3.43
C VAL E 1233 -28.91 -5.86 -2.36
N LEU E 1234 -28.40 -5.80 -1.14
CA LEU E 1234 -28.92 -6.66 -0.07
C LEU E 1234 -30.38 -6.36 0.22
N THR E 1235 -30.78 -5.09 0.15
CA THR E 1235 -32.16 -4.74 0.46
C THR E 1235 -33.12 -5.25 -0.61
N ASP E 1236 -32.76 -5.08 -1.89
CA ASP E 1236 -33.59 -5.61 -2.96
C ASP E 1236 -33.60 -7.14 -2.95
N ALA E 1237 -32.48 -7.76 -2.58
CA ALA E 1237 -32.44 -9.23 -2.53
C ALA E 1237 -33.33 -9.77 -1.43
N ALA E 1238 -33.32 -9.16 -0.26
CA ALA E 1238 -34.14 -9.65 0.85
C ALA E 1238 -35.62 -9.47 0.58
N ILE E 1239 -36.01 -8.44 -0.18
CA ILE E 1239 -37.42 -8.23 -0.51
C ILE E 1239 -37.87 -9.22 -1.57
N ASN E 1240 -37.08 -9.38 -2.62
CA ASN E 1240 -37.37 -10.36 -3.65
C ASN E 1240 -37.15 -11.79 -3.18
N CYS E 1241 -36.64 -11.98 -1.97
CA CYS E 1241 -36.39 -13.30 -1.40
C CYS E 1241 -35.59 -14.15 -2.37
N ARG E 1242 -34.38 -13.67 -2.66
CA ARG E 1242 -33.58 -14.21 -3.74
C ARG E 1242 -32.77 -15.41 -3.29
N SER E 1243 -32.71 -16.42 -4.14
CA SER E 1243 -31.95 -17.63 -3.90
C SER E 1243 -30.82 -17.70 -4.91
N ASP E 1244 -29.58 -17.84 -4.42
CA ASP E 1244 -28.39 -17.88 -5.26
C ASP E 1244 -27.96 -19.34 -5.41
N LYS E 1245 -27.90 -19.81 -6.66
CA LYS E 1245 -27.55 -21.20 -6.93
C LYS E 1245 -26.06 -21.48 -6.73
N LEU E 1246 -25.22 -20.46 -6.60
CA LEU E 1246 -23.79 -20.64 -6.40
C LEU E 1246 -23.13 -21.28 -7.62
N ASN E 1247 -23.62 -20.93 -8.82
CA ASN E 1247 -23.05 -21.45 -10.05
C ASN E 1247 -21.80 -20.69 -10.48
N GLY E 1248 -21.81 -19.36 -10.37
CA GLY E 1248 -20.69 -18.55 -10.82
C GLY E 1248 -19.43 -18.78 -10.01
N LEU E 1249 -18.30 -18.35 -10.56
CA LEU E 1249 -17.02 -18.64 -9.91
C LEU E 1249 -16.72 -17.68 -8.76
N LYS E 1250 -17.14 -16.41 -8.84
CA LYS E 1250 -16.93 -15.53 -7.70
C LYS E 1250 -17.67 -16.04 -6.47
N GLU E 1251 -18.91 -16.50 -6.65
CA GLU E 1251 -19.64 -17.07 -5.53
C GLU E 1251 -18.89 -18.21 -4.89
N ASN E 1252 -18.33 -19.11 -5.71
CA ASN E 1252 -17.63 -20.26 -5.18
C ASN E 1252 -16.33 -19.86 -4.49
N VAL E 1253 -15.69 -18.77 -4.94
CA VAL E 1253 -14.51 -18.26 -4.25
C VAL E 1253 -14.89 -17.85 -2.82
N ILE E 1254 -15.97 -17.09 -2.68
CA ILE E 1254 -16.34 -16.55 -1.38
C ILE E 1254 -16.58 -17.67 -0.37
N ILE E 1255 -17.27 -18.73 -0.79
CA ILE E 1255 -17.61 -19.82 0.13
C ILE E 1255 -16.54 -20.89 0.19
N GLY E 1256 -15.49 -20.78 -0.63
CA GLY E 1256 -14.44 -21.78 -0.62
C GLY E 1256 -14.73 -23.01 -1.45
N LYS E 1257 -15.61 -22.90 -2.43
CA LYS E 1257 -15.89 -24.03 -3.31
C LYS E 1257 -14.93 -24.00 -4.49
N LEU E 1258 -14.99 -25.05 -5.31
CA LEU E 1258 -14.11 -25.15 -6.47
C LEU E 1258 -14.75 -24.41 -7.63
N ILE E 1259 -14.08 -23.37 -8.13
CA ILE E 1259 -14.70 -22.57 -9.19
C ILE E 1259 -15.08 -23.46 -10.36
N PRO E 1260 -16.18 -23.23 -11.01
CA PRO E 1260 -16.58 -24.07 -12.14
C PRO E 1260 -15.91 -23.63 -13.45
N ALA E 1261 -14.57 -23.71 -13.45
CA ALA E 1261 -13.78 -23.40 -14.62
C ALA E 1261 -12.43 -24.09 -14.47
N GLY E 1262 -11.75 -24.26 -15.60
CA GLY E 1262 -10.48 -24.95 -15.55
C GLY E 1262 -10.62 -26.32 -14.90
N THR E 1263 -9.64 -26.67 -14.05
CA THR E 1263 -9.61 -27.99 -13.44
C THR E 1263 -10.80 -28.25 -12.51
N GLY E 1264 -11.59 -27.22 -12.19
CA GLY E 1264 -12.75 -27.38 -11.33
C GLY E 1264 -14.00 -27.87 -12.03
N ILE E 1265 -14.00 -27.90 -13.36
CA ILE E 1265 -15.16 -28.38 -14.10
C ILE E 1265 -15.38 -29.85 -13.78
N SER E 1266 -16.65 -30.27 -13.86
CA SER E 1266 -17.02 -31.64 -13.47
C SER E 1266 -16.23 -32.68 -14.26
N ARG E 1267 -16.16 -32.51 -15.59
CA ARG E 1267 -15.54 -33.54 -16.42
C ARG E 1267 -14.10 -33.81 -16.01
N TYR E 1268 -13.37 -32.77 -15.58
CA TYR E 1268 -11.98 -32.97 -15.18
C TYR E 1268 -11.86 -33.46 -13.74
N ARG E 1269 -12.60 -32.87 -12.80
CA ARG E 1269 -12.42 -33.22 -11.40
C ARG E 1269 -12.93 -34.62 -11.07
N ASN E 1270 -13.80 -35.17 -11.90
CA ASN E 1270 -14.34 -36.51 -11.71
C ASN E 1270 -13.54 -37.58 -12.45
N ILE E 1271 -12.42 -37.20 -13.09
CA ILE E 1271 -11.58 -38.18 -13.76
C ILE E 1271 -11.20 -39.28 -12.78
N GLN E 1272 -11.26 -40.53 -13.25
CA GLN E 1272 -10.86 -41.69 -12.46
C GLN E 1272 -9.63 -42.31 -13.09
N VAL E 1273 -8.63 -42.59 -12.27
CA VAL E 1273 -7.33 -43.06 -12.74
C VAL E 1273 -7.05 -44.44 -12.15
N GLN E 1274 -6.63 -45.38 -13.00
CA GLN E 1274 -6.15 -46.69 -12.58
C GLN E 1274 -5.08 -47.10 -13.56
N PRO E 1275 -4.09 -47.88 -13.11
CA PRO E 1275 -3.09 -48.41 -14.04
C PRO E 1275 -3.67 -49.55 -14.87
N THR E 1276 -3.22 -49.62 -16.12
CA THR E 1276 -3.66 -50.69 -17.00
C THR E 1276 -3.29 -52.05 -16.41
N GLU E 1277 -4.19 -53.02 -16.57
CA GLU E 1277 -3.87 -54.39 -16.19
C GLU E 1277 -2.56 -54.83 -16.83
N GLU E 1278 -2.29 -54.35 -18.06
CA GLU E 1278 -1.01 -54.61 -18.70
C GLU E 1278 0.13 -54.02 -17.87
N ALA E 1279 -0.08 -52.85 -17.27
CA ALA E 1279 0.97 -52.22 -16.48
C ALA E 1279 1.17 -52.92 -15.15
N ARG E 1280 0.07 -53.27 -14.47
CA ARG E 1280 0.19 -53.95 -13.19
C ARG E 1280 0.95 -55.27 -13.34
N ALA E 1281 0.75 -55.96 -14.46
CA ALA E 1281 1.48 -57.21 -14.70
C ALA E 1281 2.99 -56.99 -14.63
N ALA E 1282 3.50 -56.06 -15.43
CA ALA E 1282 4.93 -55.76 -15.41
C ALA E 1282 5.40 -55.37 -14.01
N ALA E 1283 4.50 -54.82 -13.19
CA ALA E 1283 4.83 -54.43 -11.83
C ALA E 1283 6.10 -53.59 -11.78
N SER F 24 11.96 -36.17 -31.91
CA SER F 24 12.38 -34.76 -31.88
C SER F 24 13.57 -34.57 -30.96
N ALA F 25 14.51 -33.72 -31.38
CA ALA F 25 15.63 -33.33 -30.51
C ALA F 25 15.34 -31.93 -29.98
N TYR F 26 14.91 -31.87 -28.73
CA TYR F 26 14.80 -30.64 -27.96
C TYR F 26 15.98 -30.44 -27.01
N ASP F 27 17.04 -31.23 -27.15
CA ASP F 27 18.02 -31.51 -26.11
C ASP F 27 17.39 -32.23 -24.92
N THR F 28 17.85 -31.94 -23.71
CA THR F 28 17.48 -32.72 -22.52
C THR F 28 16.77 -31.88 -21.48
N PRO F 29 15.53 -32.18 -21.09
CA PRO F 29 14.85 -31.36 -20.09
C PRO F 29 15.43 -31.57 -18.70
N LEU F 30 15.50 -30.49 -17.93
CA LEU F 30 15.97 -30.52 -16.55
C LEU F 30 14.78 -30.46 -15.60
N GLY F 31 14.71 -31.41 -14.68
CA GLY F 31 13.76 -31.32 -13.59
C GLY F 31 12.32 -31.14 -14.02
N ILE F 32 11.71 -30.07 -13.52
CA ILE F 32 10.27 -29.84 -13.69
C ILE F 32 9.84 -29.91 -15.15
N THR F 33 10.72 -29.51 -16.08
CA THR F 33 10.35 -29.51 -17.49
C THR F 33 10.32 -30.90 -18.11
N ASN F 34 10.73 -31.93 -17.37
CA ASN F 34 10.70 -33.32 -17.84
C ASN F 34 9.60 -34.13 -17.17
N PRO F 35 8.76 -34.83 -17.95
CA PRO F 35 8.76 -34.86 -19.42
C PRO F 35 8.09 -33.64 -20.04
N PRO F 36 8.43 -33.35 -21.29
CA PRO F 36 7.85 -32.16 -21.96
C PRO F 36 6.32 -32.21 -21.96
N ILE F 37 5.71 -31.04 -21.79
CA ILE F 37 4.25 -30.94 -21.81
C ILE F 37 3.69 -31.58 -23.08
N ASP F 38 4.24 -31.19 -24.23
CA ASP F 38 3.69 -31.62 -25.50
C ASP F 38 3.54 -33.13 -25.57
N GLU F 39 4.59 -33.86 -25.17
CA GLU F 39 4.49 -35.32 -25.12
C GLU F 39 3.52 -35.81 -24.06
N LEU F 40 3.24 -34.99 -23.04
CA LEU F 40 2.24 -35.35 -22.05
C LEU F 40 0.83 -35.03 -22.53
N LEU F 41 0.66 -33.93 -23.27
CA LEU F 41 -0.67 -33.52 -23.70
C LEU F 41 -1.28 -34.48 -24.73
N SER F 42 -0.47 -35.32 -25.37
CA SER F 42 -1.02 -36.33 -26.26
C SER F 42 -1.68 -37.48 -25.49
N ARG F 43 -1.47 -37.55 -24.18
CA ARG F 43 -2.02 -38.60 -23.34
C ARG F 43 -3.31 -38.19 -22.64
N ALA F 44 -3.80 -36.98 -22.88
CA ALA F 44 -5.00 -36.51 -22.20
C ALA F 44 -5.66 -35.42 -23.04
N SER F 45 -6.92 -35.15 -22.73
CA SER F 45 -7.72 -34.25 -23.56
C SER F 45 -7.19 -32.83 -23.52
N SER F 46 -6.82 -32.33 -22.34
CA SER F 46 -6.37 -30.95 -22.21
C SER F 46 -5.35 -30.85 -21.09
N LYS F 47 -4.84 -29.63 -20.89
CA LYS F 47 -3.94 -29.38 -19.77
C LYS F 47 -4.65 -29.59 -18.44
N TYR F 48 -5.92 -29.22 -18.36
CA TYR F 48 -6.69 -29.41 -17.14
C TYR F 48 -6.85 -30.89 -16.83
N ALA F 49 -7.22 -31.70 -17.82
CA ALA F 49 -7.32 -33.13 -17.61
C ALA F 49 -5.98 -33.71 -17.16
N LEU F 50 -4.88 -33.26 -17.78
CA LEU F 50 -3.56 -33.74 -17.39
C LEU F 50 -3.30 -33.49 -15.90
N VAL F 51 -3.80 -32.37 -15.38
CA VAL F 51 -3.57 -32.03 -13.98
C VAL F 51 -4.22 -33.07 -13.06
N ILE F 52 -5.54 -33.28 -13.22
CA ILE F 52 -6.23 -34.24 -12.38
C ILE F 52 -5.68 -35.64 -12.58
N TYR F 53 -5.38 -35.99 -13.83
CA TYR F 53 -4.75 -37.25 -14.17
C TYR F 53 -3.56 -37.52 -13.27
N ALA F 54 -2.50 -36.74 -13.42
CA ALA F 54 -1.30 -36.91 -12.61
C ALA F 54 -1.61 -36.70 -11.13
N ALA F 55 -2.43 -35.71 -10.81
CA ALA F 55 -2.66 -35.34 -9.42
C ALA F 55 -3.21 -36.52 -8.62
N LYS F 56 -4.25 -37.18 -9.13
CA LYS F 56 -4.83 -38.30 -8.40
C LYS F 56 -3.87 -39.47 -8.33
N ARG F 57 -3.16 -39.76 -9.42
CA ARG F 57 -2.17 -40.84 -9.39
C ARG F 57 -1.14 -40.60 -8.31
N ALA F 58 -0.75 -39.33 -8.10
CA ALA F 58 0.21 -39.01 -7.05
C ALA F 58 -0.36 -39.32 -5.67
N ARG F 59 -1.55 -38.80 -5.37
CA ARG F 59 -2.20 -39.16 -4.12
C ARG F 59 -2.35 -40.67 -4.01
N GLN F 60 -2.47 -41.36 -5.15
CA GLN F 60 -2.57 -42.81 -5.15
C GLN F 60 -1.25 -43.46 -4.75
N ILE F 61 -0.14 -42.97 -5.31
CA ILE F 61 1.17 -43.52 -4.98
C ILE F 61 1.48 -43.33 -3.50
N ASN F 62 1.35 -42.09 -3.02
CA ASN F 62 1.72 -41.79 -1.64
C ASN F 62 1.02 -42.73 -0.67
N ASP F 63 -0.24 -43.08 -0.94
CA ASP F 63 -0.94 -44.04 -0.11
C ASP F 63 -0.20 -45.37 -0.06
N TYR F 64 0.18 -45.91 -1.22
CA TYR F 64 0.92 -47.17 -1.26
C TYR F 64 2.14 -47.12 -0.37
N TYR F 65 2.85 -45.99 -0.35
CA TYR F 65 4.01 -45.86 0.53
C TYR F 65 3.64 -45.87 2.01
N ASN F 66 2.35 -45.85 2.34
CA ASN F 66 1.93 -45.95 3.72
C ASN F 66 1.20 -47.28 3.98
N GLU F 74 -5.83 -45.23 -3.18
CA GLU F 74 -5.65 -46.55 -3.77
C GLU F 74 -4.25 -47.09 -3.51
N TYR F 75 -4.00 -48.34 -3.90
CA TYR F 75 -2.72 -48.99 -3.69
C TYR F 75 -2.27 -49.65 -4.98
N VAL F 76 -1.15 -49.18 -5.53
CA VAL F 76 -0.57 -49.74 -6.75
C VAL F 76 0.62 -48.86 -7.14
N GLY F 77 1.39 -49.29 -8.13
CA GLY F 77 2.52 -48.51 -8.60
C GLY F 77 3.58 -48.46 -7.53
N PRO F 78 4.74 -47.84 -7.81
CA PRO F 78 5.25 -47.06 -8.94
C PRO F 78 5.56 -47.88 -10.19
N LEU F 79 4.58 -47.98 -11.10
CA LEU F 79 4.74 -48.84 -12.28
C LEU F 79 6.07 -48.63 -13.00
N VAL F 80 6.67 -47.45 -12.89
CA VAL F 80 7.99 -47.21 -13.45
C VAL F 80 9.02 -47.40 -12.35
N GLU F 81 10.29 -47.33 -12.72
CA GLU F 81 11.36 -47.48 -11.74
C GLU F 81 11.57 -46.15 -11.03
N PRO F 82 11.27 -46.05 -9.74
CA PRO F 82 11.42 -44.76 -9.07
C PRO F 82 12.83 -44.22 -9.16
N GLY F 83 12.92 -42.90 -9.28
CA GLY F 83 14.16 -42.20 -9.05
C GLY F 83 14.55 -42.38 -7.60
N LEU F 84 15.72 -41.85 -7.26
CA LEU F 84 16.26 -42.03 -5.93
C LEU F 84 15.26 -41.54 -4.87
N GLN F 85 15.09 -40.23 -4.78
CA GLN F 85 14.16 -39.60 -3.84
C GLN F 85 12.83 -39.23 -4.48
N GLU F 86 12.58 -39.66 -5.72
CA GLU F 86 11.60 -39.01 -6.58
C GLU F 86 10.28 -38.76 -5.87
N LYS F 87 9.73 -37.57 -6.09
CA LYS F 87 8.43 -37.16 -5.55
C LYS F 87 7.31 -37.88 -6.31
N PRO F 88 6.30 -38.38 -5.60
CA PRO F 88 5.24 -39.16 -6.27
C PRO F 88 4.66 -38.45 -7.48
N LEU F 89 4.36 -37.14 -7.38
CA LEU F 89 3.84 -36.42 -8.52
C LEU F 89 4.76 -36.54 -9.73
N SER F 90 6.08 -36.41 -9.50
CA SER F 90 7.03 -36.58 -10.60
C SER F 90 6.97 -37.99 -11.16
N ILE F 91 6.76 -38.98 -10.29
CA ILE F 91 6.60 -40.36 -10.75
C ILE F 91 5.38 -40.47 -11.66
N ALA F 92 4.22 -40.04 -11.15
CA ALA F 92 2.98 -40.17 -11.91
C ALA F 92 3.08 -39.53 -13.29
N LEU F 93 3.89 -38.47 -13.42
CA LEU F 93 4.08 -37.85 -14.73
C LEU F 93 4.84 -38.78 -15.66
N ARG F 94 5.90 -39.42 -15.16
CA ARG F 94 6.62 -40.39 -15.97
C ARG F 94 5.72 -41.56 -16.36
N GLU F 95 4.95 -42.07 -15.40
CA GLU F 95 4.00 -43.13 -15.70
C GLU F 95 3.07 -42.73 -16.84
N ILE F 96 2.57 -41.50 -16.82
CA ILE F 96 1.68 -41.02 -17.87
C ILE F 96 2.42 -40.96 -19.20
N HIS F 97 3.68 -40.53 -19.18
CA HIS F 97 4.46 -40.41 -20.40
C HIS F 97 4.59 -41.75 -21.10
N GLY F 98 4.90 -42.80 -20.35
CA GLY F 98 5.03 -44.14 -20.88
C GLY F 98 3.73 -44.86 -21.14
N ASP F 99 2.59 -44.17 -21.06
CA ASP F 99 1.28 -44.76 -21.31
C ASP F 99 0.97 -45.91 -20.34
N LEU F 100 1.57 -45.89 -19.15
CA LEU F 100 1.41 -46.97 -18.20
C LEU F 100 0.07 -46.95 -17.47
N LEU F 101 -0.74 -45.91 -17.64
CA LEU F 101 -2.05 -45.86 -17.02
C LEU F 101 -3.05 -45.23 -17.98
N GLU F 102 -4.31 -45.62 -17.81
CA GLU F 102 -5.42 -45.07 -18.56
C GLU F 102 -6.39 -44.40 -17.60
N HIS F 103 -7.17 -43.47 -18.13
CA HIS F 103 -8.14 -42.72 -17.34
C HIS F 103 -9.40 -42.50 -18.16
N THR F 104 -10.49 -42.18 -17.46
CA THR F 104 -11.77 -41.92 -18.08
C THR F 104 -12.31 -40.60 -17.54
N GLU F 105 -12.54 -39.65 -18.44
CA GLU F 105 -13.07 -38.36 -18.02
C GLU F 105 -14.51 -38.51 -17.54
N GLY F 106 -14.91 -37.63 -16.63
CA GLY F 106 -16.24 -37.66 -16.08
C GLY F 106 -17.27 -37.02 -16.99
N ALA G 23 -46.56 49.06 10.43
CA ALA G 23 -46.33 47.70 10.87
C ALA G 23 -47.64 46.98 11.15
N LYS G 24 -48.75 47.61 10.77
CA LYS G 24 -50.04 46.94 10.86
C LYS G 24 -50.18 45.85 9.81
N LYS G 25 -49.69 46.10 8.60
CA LYS G 25 -49.56 45.08 7.58
C LYS G 25 -48.28 44.28 7.73
N ALA G 26 -47.32 44.76 8.52
CA ALA G 26 -46.10 43.99 8.80
C ALA G 26 -46.35 42.94 9.88
N PRO G 27 -47.17 43.27 10.88
CA PRO G 27 -47.48 42.29 11.92
C PRO G 27 -48.21 41.09 11.33
N ALA G 28 -48.93 41.28 10.23
CA ALA G 28 -49.52 40.14 9.52
C ALA G 28 -48.46 39.36 8.76
N LYS G 29 -47.36 40.02 8.38
CA LYS G 29 -46.22 39.31 7.80
C LYS G 29 -45.40 38.61 8.87
N ARG G 30 -45.35 39.17 10.08
CA ARG G 30 -44.77 38.46 11.22
C ARG G 30 -45.55 37.20 11.56
N ALA G 31 -46.74 37.02 10.98
CA ALA G 31 -47.47 35.77 11.09
C ALA G 31 -46.81 34.65 10.31
N ALA G 32 -45.76 34.94 9.54
CA ALA G 32 -44.94 33.89 8.95
C ALA G 32 -44.35 32.98 10.02
N LYS G 33 -44.34 33.44 11.28
CA LYS G 33 -44.02 32.54 12.38
C LYS G 33 -44.93 31.32 12.37
N SER G 34 -46.13 31.45 11.82
CA SER G 34 -46.98 30.28 11.61
C SER G 34 -46.39 29.34 10.58
N ALA G 35 -45.79 29.89 9.53
CA ALA G 35 -45.14 29.04 8.52
C ALA G 35 -43.96 28.28 9.10
N ALA G 36 -43.34 28.82 10.16
CA ALA G 36 -42.22 28.14 10.79
C ALA G 36 -42.69 26.99 11.68
N ALA G 37 -43.80 27.17 12.38
CA ALA G 37 -44.33 26.12 13.23
C ALA G 37 -44.81 24.91 12.45
N LYS G 38 -44.89 25.00 11.13
CA LYS G 38 -45.29 23.89 10.28
C LYS G 38 -44.10 23.13 9.69
N ALA G 39 -42.88 23.57 9.96
CA ALA G 39 -41.69 22.91 9.42
C ALA G 39 -40.95 22.13 10.49
N ALA G 163 -34.37 19.92 11.14
CA ALA G 163 -33.49 18.85 10.71
C ALA G 163 -32.89 18.13 11.93
N ASP G 164 -32.46 18.92 12.91
CA ASP G 164 -31.85 18.39 14.11
C ASP G 164 -32.91 17.84 15.07
N SER G 165 -32.52 16.82 15.83
CA SER G 165 -33.47 16.19 16.74
C SER G 165 -33.69 17.01 18.00
N VAL G 166 -32.68 17.74 18.47
CA VAL G 166 -32.87 18.59 19.65
C VAL G 166 -33.69 19.82 19.29
N ARG G 167 -33.46 20.39 18.11
CA ARG G 167 -34.31 21.47 17.63
C ARG G 167 -35.77 21.04 17.62
N ALA G 168 -36.03 19.80 17.17
CA ALA G 168 -37.40 19.30 17.15
C ALA G 168 -38.00 19.27 18.55
N TYR G 169 -37.22 18.82 19.54
CA TYR G 169 -37.75 18.72 20.90
C TYR G 169 -37.93 20.09 21.53
N LEU G 170 -37.06 21.05 21.21
CA LEU G 170 -37.20 22.38 21.76
C LEU G 170 -38.43 23.08 21.19
N LYS G 171 -38.73 22.85 19.92
CA LYS G 171 -39.94 23.42 19.32
C LYS G 171 -41.19 23.06 20.12
N GLN G 172 -41.29 21.80 20.54
CA GLN G 172 -42.51 21.36 21.23
C GLN G 172 -42.55 21.86 22.66
N ILE G 173 -41.45 21.77 23.40
CA ILE G 173 -41.47 22.29 24.77
C ILE G 173 -41.66 23.80 24.78
N GLY G 174 -41.33 24.49 23.69
CA GLY G 174 -41.59 25.92 23.61
C GLY G 174 -43.06 26.26 23.46
N LYS G 175 -43.87 25.31 23.00
CA LYS G 175 -45.29 25.59 22.78
C LYS G 175 -46.07 25.73 24.09
N VAL G 176 -45.56 25.20 25.19
CA VAL G 176 -46.25 25.33 26.47
C VAL G 176 -45.89 26.69 27.07
N ALA G 177 -46.51 27.04 28.18
CA ALA G 177 -46.36 28.36 28.78
C ALA G 177 -45.91 28.24 30.23
N LEU G 178 -45.02 29.14 30.64
CA LEU G 178 -44.44 29.09 31.97
C LEU G 178 -45.47 29.53 33.02
N LEU G 179 -45.60 28.74 34.07
CA LEU G 179 -46.52 29.06 35.16
C LEU G 179 -45.92 30.14 36.06
N ASN G 180 -46.79 30.87 36.73
CA ASN G 180 -46.37 31.74 37.82
C ASN G 180 -46.60 31.01 39.14
N ALA G 181 -46.23 31.67 40.25
CA ALA G 181 -46.28 31.01 41.55
C ALA G 181 -47.69 30.52 41.87
N GLU G 182 -48.70 31.31 41.51
CA GLU G 182 -50.07 30.96 41.90
C GLU G 182 -50.54 29.69 41.21
N GLU G 183 -50.24 29.54 39.93
CA GLU G 183 -50.70 28.36 39.20
C GLU G 183 -50.02 27.10 39.71
N GLU G 184 -48.70 27.17 39.92
CA GLU G 184 -47.97 26.03 40.47
C GLU G 184 -48.67 25.49 41.71
N VAL G 185 -49.08 26.38 42.61
CA VAL G 185 -49.85 25.96 43.78
C VAL G 185 -51.17 25.32 43.34
N GLU G 186 -51.87 25.98 42.41
CA GLU G 186 -53.13 25.43 41.92
C GLU G 186 -52.96 24.00 41.44
N LEU G 187 -52.00 23.78 40.53
CA LEU G 187 -51.78 22.43 40.00
C LEU G 187 -51.42 21.45 41.11
N ALA G 188 -50.52 21.85 42.01
CA ALA G 188 -50.11 20.96 43.09
C ALA G 188 -51.30 20.40 43.84
N LYS G 189 -52.25 21.27 44.21
CA LYS G 189 -53.44 20.81 44.91
C LYS G 189 -54.21 19.79 44.08
N ARG G 190 -54.49 20.12 42.82
CA ARG G 190 -55.22 19.19 41.96
C ARG G 190 -54.57 17.82 41.95
N ILE G 191 -53.23 17.78 41.96
CA ILE G 191 -52.52 16.50 41.92
C ILE G 191 -52.79 15.70 43.18
N GLU G 192 -52.66 16.34 44.34
CA GLU G 192 -52.86 15.64 45.62
C GLU G 192 -54.32 15.27 45.81
N ALA G 193 -55.24 16.13 45.37
CA ALA G 193 -56.66 15.80 45.46
C ALA G 193 -56.98 14.58 44.60
N GLY G 194 -56.54 14.58 43.35
CA GLY G 194 -56.78 13.44 42.48
C GLY G 194 -56.26 12.15 43.07
N LEU G 195 -55.03 12.17 43.61
CA LEU G 195 -54.44 10.97 44.17
C LEU G 195 -55.26 10.44 45.34
N TYR G 196 -55.63 11.32 46.27
CA TYR G 196 -56.46 10.89 47.40
C TYR G 196 -57.81 10.38 46.92
N ALA G 197 -58.42 11.08 45.96
CA ALA G 197 -59.66 10.60 45.36
C ALA G 197 -59.48 9.18 44.86
N THR G 198 -58.39 8.91 44.16
CA THR G 198 -58.13 7.57 43.65
C THR G 198 -57.97 6.57 44.79
N GLN G 199 -57.16 6.91 45.78
CA GLN G 199 -56.88 5.97 46.85
C GLN G 199 -58.14 5.61 47.62
N LYS G 200 -59.02 6.60 47.86
CA LYS G 200 -60.27 6.33 48.55
C LYS G 200 -61.16 5.40 47.74
N LEU G 201 -61.41 5.75 46.48
CA LEU G 201 -62.23 4.89 45.62
C LEU G 201 -61.68 3.47 45.61
N ALA G 202 -60.37 3.32 45.43
CA ALA G 202 -59.75 2.00 45.52
C ALA G 202 -60.04 1.36 46.87
N GLU G 203 -60.13 2.16 47.94
CA GLU G 203 -60.52 1.63 49.23
C GLU G 203 -61.91 1.01 49.18
N LEU G 204 -62.81 1.62 48.41
CA LEU G 204 -64.14 1.04 48.25
C LEU G 204 -64.08 -0.28 47.49
N ALA G 205 -63.18 -0.38 46.51
CA ALA G 205 -63.11 -1.58 45.69
C ALA G 205 -62.98 -2.84 46.54
N GLU G 206 -62.12 -2.80 47.57
CA GLU G 206 -61.90 -3.99 48.38
C GLU G 206 -63.12 -4.33 49.23
N LYS G 207 -63.62 -3.36 50.00
CA LYS G 207 -64.76 -3.57 50.87
C LYS G 207 -66.08 -3.16 50.23
N GLY G 208 -66.08 -2.78 48.95
CA GLY G 208 -67.33 -2.52 48.26
C GLY G 208 -67.93 -1.19 48.67
N GLU G 209 -69.23 -1.19 48.94
CA GLU G 209 -69.97 0.01 49.32
C GLU G 209 -69.89 1.06 48.21
N LYS G 210 -70.57 0.74 47.10
CA LYS G 210 -70.55 1.60 45.93
C LYS G 210 -71.08 2.99 46.26
N LEU G 211 -70.59 3.98 45.52
CA LEU G 211 -70.97 5.37 45.74
C LEU G 211 -72.30 5.70 45.06
N PRO G 212 -72.96 6.77 45.51
CA PRO G 212 -74.06 7.32 44.72
C PRO G 212 -73.54 7.74 43.35
N VAL G 213 -74.47 7.83 42.39
CA VAL G 213 -74.07 8.03 41.00
C VAL G 213 -73.35 9.37 40.83
N GLN G 214 -73.92 10.44 41.39
CA GLN G 214 -73.28 11.75 41.26
C GLN G 214 -71.95 11.81 42.00
N GLN G 215 -71.84 11.09 43.11
CA GLN G 215 -70.56 11.05 43.84
C GLN G 215 -69.52 10.28 43.05
N ARG G 216 -69.94 9.22 42.35
CA ARG G 216 -69.00 8.42 41.57
C ARG G 216 -68.54 9.17 40.32
N ARG G 217 -69.47 9.82 39.63
CA ARG G 217 -69.11 10.51 38.39
C ARG G 217 -68.14 11.67 38.65
N ASP G 218 -68.29 12.34 39.80
CA ASP G 218 -67.38 13.43 40.12
C ASP G 218 -66.04 12.94 40.65
N MET G 219 -66.04 11.81 41.38
CA MET G 219 -64.77 11.23 41.82
C MET G 219 -63.92 10.84 40.63
N GLN G 220 -64.53 10.20 39.63
CA GLN G 220 -63.81 9.87 38.40
C GLN G 220 -63.20 11.11 37.77
N TRP G 221 -63.86 12.27 37.92
CA TRP G 221 -63.34 13.48 37.33
C TRP G 221 -62.21 14.10 38.15
N ILE G 222 -62.27 13.96 39.48
CA ILE G 222 -61.17 14.47 40.31
C ILE G 222 -59.87 13.78 39.92
N CYS G 223 -59.91 12.46 39.77
CA CYS G 223 -58.71 11.72 39.39
C CYS G 223 -58.22 12.12 38.01
N ARG G 224 -59.12 12.13 37.02
CA ARG G 224 -58.73 12.56 35.68
C ARG G 224 -58.15 13.97 35.72
N ASP G 225 -58.73 14.85 36.54
CA ASP G 225 -58.20 16.21 36.63
C ASP G 225 -56.84 16.24 37.32
N GLY G 226 -56.60 15.34 38.26
CA GLY G 226 -55.30 15.27 38.91
C GLY G 226 -54.20 14.87 37.94
N ASP G 227 -54.43 13.78 37.19
CA ASP G 227 -53.46 13.38 36.17
C ASP G 227 -53.30 14.46 35.12
N ARG G 228 -54.39 15.15 34.77
CA ARG G 228 -54.27 16.30 33.89
C ARG G 228 -53.39 17.38 34.50
N ALA G 229 -53.44 17.54 35.83
CA ALA G 229 -52.60 18.53 36.47
C ALA G 229 -51.13 18.12 36.44
N LYS G 230 -50.83 16.91 36.88
CA LYS G 230 -49.45 16.41 36.86
C LYS G 230 -48.82 16.61 35.49
N ASN G 231 -49.57 16.32 34.43
CA ASN G 231 -49.04 16.48 33.07
C ASN G 231 -48.79 17.95 32.73
N HIS G 232 -49.63 18.85 33.23
CA HIS G 232 -49.44 20.27 32.92
C HIS G 232 -48.26 20.86 33.68
N LEU G 233 -48.03 20.43 34.92
CA LEU G 233 -46.87 20.90 35.67
C LEU G 233 -45.58 20.48 34.99
N LEU G 234 -45.51 19.22 34.54
CA LEU G 234 -44.31 18.75 33.86
C LEU G 234 -44.07 19.55 32.58
N GLU G 235 -45.05 19.54 31.67
CA GLU G 235 -44.87 20.18 30.37
C GLU G 235 -44.46 21.64 30.50
N ALA G 236 -44.89 22.31 31.56
CA ALA G 236 -44.52 23.71 31.76
C ALA G 236 -43.08 23.89 32.21
N ASN G 237 -42.49 22.89 32.85
CA ASN G 237 -41.12 22.99 33.36
C ASN G 237 -40.08 22.31 32.49
N LEU G 238 -40.46 21.71 31.35
CA LEU G 238 -39.47 21.05 30.50
C LEU G 238 -38.33 21.99 30.14
N ARG G 239 -38.62 23.29 30.01
CA ARG G 239 -37.56 24.25 29.73
C ARG G 239 -36.52 24.28 30.83
N LEU G 240 -36.91 24.02 32.07
CA LEU G 240 -35.96 24.03 33.17
C LEU G 240 -34.97 22.87 33.04
N VAL G 241 -35.46 21.68 32.70
CA VAL G 241 -34.57 20.54 32.46
C VAL G 241 -33.51 20.92 31.44
N VAL G 242 -33.94 21.44 30.29
CA VAL G 242 -33.00 21.71 29.20
C VAL G 242 -31.95 22.72 29.63
N SER G 243 -32.35 23.72 30.42
CA SER G 243 -31.39 24.72 30.87
C SER G 243 -30.33 24.11 31.77
N LEU G 244 -30.68 23.06 32.53
CA LEU G 244 -29.70 22.39 33.37
C LEU G 244 -28.82 21.42 32.59
N ALA G 245 -29.42 20.66 31.67
CA ALA G 245 -28.67 19.67 30.93
C ALA G 245 -27.67 20.29 29.96
N LYS G 246 -27.85 21.56 29.59
CA LYS G 246 -26.91 22.21 28.67
C LYS G 246 -25.47 22.09 29.17
N ARG G 247 -25.27 22.15 30.48
CA ARG G 247 -23.93 22.29 31.04
C ARG G 247 -23.17 20.97 31.13
N TYR G 248 -23.86 19.84 31.08
CA TYR G 248 -23.26 18.53 31.27
C TYR G 248 -22.92 17.83 29.96
N THR G 249 -23.08 18.49 28.82
CA THR G 249 -22.74 17.86 27.55
C THR G 249 -21.22 17.76 27.42
N GLY G 250 -20.78 17.12 26.34
CA GLY G 250 -19.36 16.90 26.11
C GLY G 250 -18.70 15.98 27.10
N ARG G 251 -19.42 15.50 28.11
CA ARG G 251 -18.89 14.64 29.16
C ARG G 251 -19.10 13.16 28.88
N GLY G 252 -19.58 12.80 27.69
CA GLY G 252 -19.74 11.40 27.32
C GLY G 252 -21.16 10.90 27.24
N MET G 253 -22.17 11.76 27.42
CA MET G 253 -23.56 11.41 27.19
C MET G 253 -24.15 12.32 26.13
N ALA G 254 -25.02 11.77 25.30
CA ALA G 254 -25.71 12.57 24.29
C ALA G 254 -26.60 13.61 24.95
N PHE G 255 -26.70 14.78 24.31
CA PHE G 255 -27.50 15.86 24.87
C PHE G 255 -28.94 15.41 25.14
N LEU G 256 -29.52 14.68 24.19
CA LEU G 256 -30.88 14.20 24.38
C LEU G 256 -30.97 13.25 25.57
N ASP G 257 -29.95 12.41 25.77
CA ASP G 257 -29.98 11.48 26.89
C ASP G 257 -29.90 12.21 28.23
N LEU G 258 -29.09 13.27 28.30
CA LEU G 258 -29.09 14.12 29.48
C LEU G 258 -30.48 14.71 29.71
N ILE G 259 -31.06 15.31 28.67
CA ILE G 259 -32.39 15.90 28.76
C ILE G 259 -33.37 14.88 29.33
N GLN G 260 -33.45 13.71 28.70
CA GLN G 260 -34.43 12.71 29.13
C GLN G 260 -34.25 12.33 30.60
N GLU G 261 -33.00 12.11 31.02
CA GLU G 261 -32.76 11.76 32.41
C GLU G 261 -33.15 12.90 33.35
N GLY G 262 -32.88 14.14 32.96
CA GLY G 262 -33.38 15.27 33.73
C GLY G 262 -34.88 15.22 33.90
N ASN G 263 -35.60 14.93 32.81
CA ASN G 263 -37.05 14.81 32.88
C ASN G 263 -37.48 13.78 33.92
N LEU G 264 -36.72 12.69 34.04
CA LEU G 264 -37.02 11.71 35.09
C LEU G 264 -36.91 12.32 36.46
N GLY G 265 -35.88 13.14 36.69
CA GLY G 265 -35.80 13.88 37.94
C GLY G 265 -36.93 14.88 38.09
N LEU G 266 -37.24 15.61 37.02
CA LEU G 266 -38.38 16.52 37.04
C LEU G 266 -39.63 15.78 37.50
N ILE G 267 -39.79 14.53 37.07
CA ILE G 267 -41.00 13.78 37.43
C ILE G 267 -41.06 13.54 38.93
N ARG G 268 -39.93 13.18 39.54
CA ARG G 268 -39.95 12.94 40.98
C ARG G 268 -40.10 14.25 41.76
N ALA G 269 -39.53 15.34 41.26
CA ALA G 269 -39.78 16.63 41.86
C ALA G 269 -41.29 16.87 41.98
N VAL G 270 -42.01 16.70 40.88
CA VAL G 270 -43.46 16.87 40.90
C VAL G 270 -44.09 15.94 41.93
N GLU G 271 -43.70 14.67 41.91
CA GLU G 271 -44.27 13.71 42.84
C GLU G 271 -44.04 14.14 44.29
N LYS G 272 -42.80 14.52 44.61
CA LYS G 272 -42.40 14.81 45.99
C LYS G 272 -42.55 16.28 46.36
N PHE G 273 -42.96 17.14 45.44
CA PHE G 273 -43.07 18.57 45.72
C PHE G 273 -44.19 18.84 46.72
N ASP G 274 -43.95 19.82 47.60
CA ASP G 274 -44.90 20.22 48.63
C ASP G 274 -45.23 21.69 48.44
N TYR G 275 -46.52 22.00 48.25
CA TYR G 275 -46.92 23.37 47.96
C TYR G 275 -47.10 24.23 49.20
N THR G 276 -47.25 23.62 50.39
CA THR G 276 -47.50 24.41 51.58
C THR G 276 -46.28 25.21 52.00
N LYS G 277 -45.07 24.71 51.72
CA LYS G 277 -43.87 25.43 52.09
C LYS G 277 -43.79 26.80 51.44
N GLY G 278 -44.61 27.06 50.42
CA GLY G 278 -44.62 28.37 49.80
C GLY G 278 -43.38 28.72 49.04
N TYR G 279 -42.62 27.73 48.59
CA TYR G 279 -41.42 27.96 47.78
C TYR G 279 -41.76 27.79 46.30
N LYS G 280 -41.12 28.60 45.47
CA LYS G 280 -41.27 28.47 44.03
C LYS G 280 -40.84 27.07 43.59
N PHE G 281 -41.47 26.57 42.52
CA PHE G 281 -41.24 25.18 42.11
C PHE G 281 -39.79 24.96 41.67
N SER G 282 -39.25 25.87 40.85
CA SER G 282 -37.89 25.69 40.35
C SER G 282 -36.88 25.53 41.48
N THR G 283 -37.17 26.05 42.66
CA THR G 283 -36.25 25.93 43.79
C THR G 283 -36.03 24.47 44.16
N TYR G 284 -37.11 23.72 44.35
CA TYR G 284 -37.01 22.32 44.72
C TYR G 284 -36.72 21.41 43.52
N ALA G 285 -37.20 21.80 42.33
CA ALA G 285 -37.00 20.96 41.15
C ALA G 285 -35.56 20.96 40.67
N THR G 286 -34.84 22.08 40.85
CA THR G 286 -33.45 22.13 40.41
C THR G 286 -32.62 21.04 41.06
N TRP G 287 -32.90 20.74 42.33
CA TRP G 287 -32.17 19.68 43.03
C TRP G 287 -32.33 18.34 42.31
N TRP G 288 -33.58 17.91 42.12
CA TRP G 288 -33.83 16.58 41.55
C TRP G 288 -33.32 16.47 40.14
N ILE G 289 -33.49 17.52 39.33
CA ILE G 289 -33.05 17.45 37.94
C ILE G 289 -31.54 17.27 37.87
N ARG G 290 -30.80 18.02 38.69
CA ARG G 290 -29.35 17.88 38.70
C ARG G 290 -28.93 16.49 39.16
N GLN G 291 -29.48 16.02 40.28
CA GLN G 291 -29.18 14.68 40.76
C GLN G 291 -29.47 13.65 39.69
N ALA G 292 -30.65 13.74 39.07
CA ALA G 292 -31.02 12.76 38.05
C ALA G 292 -30.02 12.75 36.90
N ILE G 293 -29.49 13.92 36.55
CA ILE G 293 -28.58 14.01 35.41
C ILE G 293 -27.20 13.50 35.78
N THR G 294 -26.67 13.92 36.94
CA THR G 294 -25.36 13.46 37.36
C THR G 294 -25.38 11.99 37.74
N ARG G 295 -26.40 11.55 38.50
CA ARG G 295 -26.57 10.13 38.76
C ARG G 295 -26.61 9.34 37.45
N ALA G 296 -27.32 9.87 36.45
CA ALA G 296 -27.35 9.22 35.15
C ALA G 296 -25.95 9.04 34.59
N MET G 297 -25.17 10.14 34.54
CA MET G 297 -23.84 10.06 33.94
C MET G 297 -22.97 9.00 34.60
N ALA G 298 -23.16 8.76 35.91
CA ALA G 298 -22.29 7.82 36.61
C ALA G 298 -22.63 6.37 36.25
N ASP G 299 -23.88 6.09 35.87
CA ASP G 299 -24.30 4.75 35.50
C ASP G 299 -24.10 4.44 34.02
N GLN G 300 -23.82 5.44 33.19
CA GLN G 300 -24.04 5.35 31.76
C GLN G 300 -22.81 5.74 30.95
N ALA G 301 -22.24 6.92 31.23
CA ALA G 301 -21.24 7.53 30.37
C ALA G 301 -20.02 6.65 30.10
N ARG G 302 -19.83 5.55 30.80
CA ARG G 302 -18.65 4.69 30.62
C ARG G 302 -19.04 3.36 29.99
N THR G 303 -18.33 2.98 28.91
CA THR G 303 -18.54 1.68 28.30
C THR G 303 -18.44 0.56 29.33
N ILE G 304 -17.45 0.65 30.21
CA ILE G 304 -17.32 -0.24 31.35
C ILE G 304 -17.85 0.52 32.56
N ARG G 305 -18.95 0.05 33.12
CA ARG G 305 -19.63 0.82 34.15
C ARG G 305 -18.85 0.80 35.46
N ILE G 306 -18.88 1.92 36.17
CA ILE G 306 -18.32 2.00 37.50
C ILE G 306 -19.43 2.43 38.44
N PRO G 307 -19.53 1.85 39.63
CA PRO G 307 -20.63 2.19 40.53
C PRO G 307 -20.48 3.60 41.07
N VAL G 308 -21.61 4.17 41.50
CA VAL G 308 -21.64 5.59 41.87
C VAL G 308 -20.60 5.91 42.93
N HIS G 309 -20.43 5.02 43.91
CA HIS G 309 -19.48 5.30 44.98
C HIS G 309 -18.06 5.39 44.45
N MET G 310 -17.73 4.63 43.41
CA MET G 310 -16.40 4.73 42.81
C MET G 310 -16.31 5.94 41.89
N VAL G 311 -17.34 6.20 41.09
CA VAL G 311 -17.36 7.44 40.31
C VAL G 311 -17.24 8.65 41.22
N GLU G 312 -17.83 8.56 42.42
CA GLU G 312 -17.72 9.66 43.37
C GLU G 312 -16.27 9.95 43.72
N VAL G 313 -15.49 8.90 44.01
CA VAL G 313 -14.10 9.09 44.42
C VAL G 313 -13.24 9.46 43.21
N ILE G 314 -13.47 8.82 42.06
CA ILE G 314 -12.69 9.15 40.87
C ILE G 314 -12.78 10.65 40.59
N ASN G 315 -13.96 11.24 40.79
CA ASN G 315 -14.12 12.68 40.59
C ASN G 315 -13.38 13.47 41.67
N LYS G 316 -13.56 13.09 42.94
CA LYS G 316 -12.86 13.76 44.02
C LYS G 316 -11.37 13.78 43.77
N LEU G 317 -10.79 12.61 43.45
CA LEU G 317 -9.36 12.55 43.17
C LEU G 317 -8.98 13.51 42.06
N GLY G 318 -9.85 13.66 41.06
CA GLY G 318 -9.58 14.59 39.98
C GLY G 318 -9.45 16.02 40.46
N ARG G 319 -10.42 16.47 41.27
CA ARG G 319 -10.39 17.84 41.77
C ARG G 319 -9.13 18.08 42.61
N ILE G 320 -8.85 17.19 43.56
CA ILE G 320 -7.65 17.32 44.37
C ILE G 320 -6.43 17.54 43.47
N GLN G 321 -6.33 16.74 42.41
CA GLN G 321 -5.18 16.87 41.50
C GLN G 321 -5.15 18.24 40.84
N ARG G 322 -6.31 18.76 40.45
CA ARG G 322 -6.36 20.07 39.81
C ARG G 322 -6.07 21.19 40.81
N GLU G 323 -6.59 21.07 42.02
CA GLU G 323 -6.27 22.05 43.07
C GLU G 323 -4.81 21.94 43.46
N LEU G 324 -4.34 20.74 43.76
CA LEU G 324 -2.92 20.54 44.04
C LEU G 324 -2.07 20.98 42.86
N LEU G 325 -2.55 20.75 41.64
CA LEU G 325 -1.81 21.21 40.46
C LEU G 325 -1.60 22.71 40.50
N GLN G 326 -2.62 23.47 40.89
CA GLN G 326 -2.51 24.93 40.91
C GLN G 326 -1.61 25.41 42.04
N ASP G 327 -1.58 24.70 43.16
CA ASP G 327 -0.75 25.12 44.28
C ASP G 327 0.72 24.77 44.07
N LEU G 328 1.02 23.65 43.42
CA LEU G 328 2.38 23.19 43.25
C LEU G 328 3.01 23.55 41.91
N GLY G 329 2.28 24.25 41.04
CA GLY G 329 2.83 24.58 39.74
C GLY G 329 3.42 23.40 39.01
N ARG G 330 2.76 22.25 39.10
CA ARG G 330 3.27 20.99 38.55
C ARG G 330 2.20 19.92 38.82
N GLU G 331 2.43 18.74 38.27
CA GLU G 331 1.41 17.80 38.72
C GLU G 331 1.85 17.10 40.01
N PRO G 332 0.90 16.80 40.88
CA PRO G 332 1.26 16.11 42.14
C PRO G 332 1.59 14.65 41.90
N THR G 333 2.51 14.15 42.72
CA THR G 333 2.86 12.74 42.72
C THR G 333 1.78 11.93 43.42
N PRO G 334 1.80 10.61 43.26
CA PRO G 334 0.84 9.78 44.01
C PRO G 334 0.86 10.02 45.50
N GLU G 335 2.01 10.39 46.07
CA GLU G 335 2.09 10.62 47.50
C GLU G 335 1.35 11.89 47.91
N GLU G 336 1.62 13.00 47.22
CA GLU G 336 0.91 14.24 47.51
C GLU G 336 -0.59 14.06 47.37
N LEU G 337 -1.03 13.30 46.36
CA LEU G 337 -2.45 13.08 46.14
C LEU G 337 -3.06 12.24 47.25
N ALA G 338 -2.44 11.11 47.58
CA ALA G 338 -2.96 10.25 48.65
C ALA G 338 -3.00 10.99 49.98
N LYS G 339 -2.10 11.96 50.19
CA LYS G 339 -2.09 12.74 51.42
C LYS G 339 -3.25 13.72 51.47
N GLU G 340 -3.42 14.53 50.42
CA GLU G 340 -4.51 15.49 50.37
C GLU G 340 -5.86 14.83 50.47
N MET G 341 -5.96 13.58 50.02
CA MET G 341 -7.21 12.83 50.04
C MET G 341 -7.33 11.90 51.23
N ASP G 342 -6.31 11.81 52.09
CA ASP G 342 -6.32 10.94 53.26
C ASP G 342 -6.60 9.49 52.87
N ILE G 343 -5.81 8.98 51.93
CA ILE G 343 -5.87 7.60 51.50
C ILE G 343 -4.47 7.11 51.20
N THR G 344 -4.33 5.79 51.11
CA THR G 344 -3.02 5.20 50.85
C THR G 344 -2.60 5.47 49.40
N PRO G 345 -1.31 5.65 49.16
CA PRO G 345 -0.85 5.88 47.77
C PRO G 345 -1.11 4.69 46.86
N GLU G 346 -1.02 3.47 47.39
CA GLU G 346 -1.38 2.30 46.60
C GLU G 346 -2.83 2.37 46.15
N LYS G 347 -3.71 2.89 47.01
CA LYS G 347 -5.12 3.01 46.64
C LYS G 347 -5.32 3.99 45.49
N VAL G 348 -4.63 5.13 45.53
CA VAL G 348 -4.80 6.14 44.47
C VAL G 348 -4.33 5.60 43.13
N LEU G 349 -3.35 4.69 43.13
CA LEU G 349 -2.97 4.01 41.89
C LEU G 349 -4.12 3.14 41.39
N GLU G 350 -4.66 2.29 42.28
CA GLU G 350 -5.80 1.46 41.93
C GLU G 350 -6.94 2.30 41.34
N ILE G 351 -7.20 3.46 41.93
CA ILE G 351 -8.26 4.33 41.44
C ILE G 351 -7.92 4.87 40.05
N GLN G 352 -6.65 5.23 39.84
CA GLN G 352 -6.25 5.78 38.55
C GLN G 352 -6.29 4.73 37.45
N GLN G 353 -6.14 3.45 37.81
CA GLN G 353 -6.35 2.39 36.82
C GLN G 353 -7.82 2.22 36.51
N TYR G 354 -8.68 2.33 37.53
CA TYR G 354 -10.12 2.23 37.30
C TYR G 354 -10.60 3.29 36.30
N ALA G 355 -10.06 4.50 36.39
CA ALA G 355 -10.56 5.59 35.58
C ALA G 355 -10.14 5.50 34.11
N ARG G 356 -9.23 4.59 33.77
CA ARG G 356 -8.84 4.43 32.37
C ARG G 356 -10.04 4.01 31.53
N GLU G 357 -10.16 4.61 30.36
CA GLU G 357 -11.29 4.26 29.51
C GLU G 357 -10.79 3.50 28.29
N PRO G 358 -11.60 2.59 27.73
CA PRO G 358 -11.13 1.78 26.62
C PRO G 358 -10.98 2.59 25.34
N ILE G 359 -10.46 1.93 24.30
CA ILE G 359 -10.18 2.58 23.03
C ILE G 359 -10.85 1.76 21.93
N SER G 360 -11.00 2.37 20.76
CA SER G 360 -11.72 1.75 19.66
C SER G 360 -10.80 0.83 18.87
N LEU G 361 -11.20 -0.44 18.73
CA LEU G 361 -10.53 -1.34 17.81
C LEU G 361 -10.68 -0.89 16.36
N ASP G 362 -11.56 0.07 16.09
CA ASP G 362 -11.85 0.53 14.74
C ASP G 362 -11.06 1.79 14.38
N GLN G 363 -10.24 2.31 15.28
CA GLN G 363 -9.37 3.43 14.93
C GLN G 363 -8.40 3.02 13.83
N THR G 364 -8.17 3.92 12.88
CA THR G 364 -7.21 3.68 11.81
C THR G 364 -5.88 4.29 12.24
N ILE G 365 -4.90 3.44 12.54
CA ILE G 365 -3.58 3.90 12.94
C ILE G 365 -2.59 3.96 11.77
N GLY G 366 -2.95 3.40 10.62
CA GLY G 366 -1.99 3.29 9.53
C GLY G 366 -1.56 4.61 8.91
N ASP G 367 -2.53 5.38 8.42
CA ASP G 367 -2.23 6.62 7.70
C ASP G 367 -1.11 6.42 6.68
N ASP G 370 -2.62 2.73 6.33
CA ASP G 370 -4.07 2.82 6.38
C ASP G 370 -4.69 1.47 6.74
N SER G 371 -4.65 1.12 8.02
CA SER G 371 -5.25 -0.11 8.51
C SER G 371 -5.74 0.13 9.94
N GLN G 372 -6.77 -0.62 10.32
CA GLN G 372 -7.43 -0.43 11.61
C GLN G 372 -6.77 -1.26 12.70
N LEU G 373 -6.70 -0.68 13.90
CA LEU G 373 -6.07 -1.33 15.04
C LEU G 373 -6.59 -2.75 15.24
N GLY G 374 -7.91 -2.92 15.17
CA GLY G 374 -8.54 -4.17 15.55
C GLY G 374 -7.98 -5.42 14.89
N ASP G 375 -7.39 -5.26 13.71
CA ASP G 375 -6.87 -6.39 12.95
C ASP G 375 -5.42 -6.71 13.27
N PHE G 376 -4.79 -5.99 14.21
CA PHE G 376 -3.45 -6.32 14.66
C PHE G 376 -3.44 -7.20 15.90
N ILE G 377 -4.61 -7.59 16.39
CA ILE G 377 -4.73 -8.34 17.64
C ILE G 377 -4.58 -9.83 17.34
N GLU G 378 -3.63 -10.48 17.99
CA GLU G 378 -3.50 -11.92 17.88
C GLU G 378 -4.70 -12.62 18.52
N ASP G 379 -4.91 -13.87 18.12
CA ASP G 379 -5.87 -14.73 18.80
C ASP G 379 -5.07 -15.69 19.66
N SER G 380 -5.11 -15.47 20.98
CA SER G 380 -4.25 -16.21 21.89
C SER G 380 -4.75 -17.62 22.17
N GLU G 381 -6.05 -17.86 21.99
CA GLU G 381 -6.63 -19.18 22.16
C GLU G 381 -6.64 -19.99 20.87
N ALA G 382 -6.06 -19.46 19.78
CA ALA G 382 -6.02 -20.18 18.53
C ALA G 382 -5.12 -21.41 18.64
N VAL G 383 -5.55 -22.50 18.02
CA VAL G 383 -4.79 -23.75 18.08
C VAL G 383 -3.52 -23.62 17.25
N VAL G 384 -2.39 -24.00 17.83
CA VAL G 384 -1.11 -24.02 17.14
C VAL G 384 -0.88 -25.43 16.61
N ALA G 385 -0.59 -25.53 15.31
CA ALA G 385 -0.59 -26.83 14.65
C ALA G 385 0.56 -27.70 15.12
N VAL G 386 1.74 -27.12 15.35
CA VAL G 386 2.90 -27.95 15.70
C VAL G 386 2.72 -28.55 17.09
N ASP G 387 2.06 -27.84 18.00
CA ASP G 387 1.87 -28.38 19.35
C ASP G 387 0.80 -29.46 19.36
N ALA G 388 -0.35 -29.20 18.75
CA ALA G 388 -1.41 -30.20 18.69
C ALA G 388 -0.92 -31.49 18.05
N VAL G 389 -0.02 -31.39 17.07
CA VAL G 389 0.53 -32.59 16.44
C VAL G 389 1.51 -33.29 17.37
N SER G 390 2.44 -32.53 17.96
CA SER G 390 3.36 -33.13 18.92
C SER G 390 2.61 -33.67 20.14
N PHE G 391 1.58 -32.96 20.59
CA PHE G 391 0.74 -33.49 21.66
C PHE G 391 0.11 -34.81 21.23
N THR G 392 -0.32 -34.90 19.97
CA THR G 392 -0.78 -36.18 19.44
C THR G 392 0.35 -37.20 19.46
N LEU G 393 1.57 -36.77 19.14
CA LEU G 393 2.71 -37.68 19.17
C LEU G 393 3.07 -38.07 20.60
N LEU G 394 3.02 -37.11 21.52
CA LEU G 394 3.25 -37.42 22.93
C LEU G 394 2.22 -38.44 23.42
N GLN G 395 0.95 -38.20 23.10
CA GLN G 395 -0.10 -39.16 23.44
C GLN G 395 0.19 -40.55 22.89
N ASP G 396 0.99 -40.63 21.82
CA ASP G 396 1.40 -41.93 21.28
C ASP G 396 2.51 -42.55 22.10
N GLN G 397 3.55 -41.77 22.44
CA GLN G 397 4.69 -42.34 23.14
C GLN G 397 4.30 -42.84 24.52
N LEU G 398 3.39 -42.12 25.20
CA LEU G 398 2.92 -42.57 26.50
C LEU G 398 2.20 -43.91 26.39
N GLN G 399 1.26 -44.02 25.45
CA GLN G 399 0.56 -45.28 25.24
C GLN G 399 1.54 -46.43 25.09
N SER G 400 2.68 -46.19 24.44
CA SER G 400 3.70 -47.22 24.30
C SER G 400 4.41 -47.48 25.62
N VAL G 401 4.95 -46.43 26.25
CA VAL G 401 5.71 -46.62 27.49
C VAL G 401 4.84 -47.29 28.54
N LEU G 402 3.55 -46.95 28.59
CA LEU G 402 2.65 -47.59 29.53
C LEU G 402 2.53 -49.09 29.26
N GLU G 403 2.66 -49.50 28.00
CA GLU G 403 2.56 -50.92 27.67
C GLU G 403 3.70 -51.73 28.26
N THR G 404 4.78 -51.09 28.70
CA THR G 404 5.90 -51.76 29.33
C THR G 404 5.68 -51.98 30.82
N LEU G 405 4.51 -51.62 31.33
CA LEU G 405 4.16 -51.75 32.73
C LEU G 405 3.12 -52.85 32.91
N SER G 406 3.12 -53.43 34.11
CA SER G 406 2.13 -54.44 34.44
C SER G 406 0.73 -53.91 34.17
N GLU G 407 -0.18 -54.81 33.79
CA GLU G 407 -1.55 -54.40 33.50
C GLU G 407 -2.09 -53.51 34.61
N ARG G 408 -1.93 -53.93 35.87
CA ARG G 408 -2.41 -53.11 36.98
C ARG G 408 -1.53 -51.89 37.19
N GLU G 409 -0.23 -52.00 36.96
CA GLU G 409 0.65 -50.83 37.08
C GLU G 409 0.21 -49.72 36.13
N ALA G 410 0.02 -50.07 34.86
CA ALA G 410 -0.46 -49.08 33.90
C ALA G 410 -1.87 -48.61 34.25
N GLY G 411 -2.75 -49.56 34.60
CA GLY G 411 -4.11 -49.19 34.94
C GLY G 411 -4.20 -48.19 36.09
N VAL G 412 -3.30 -48.30 37.06
CA VAL G 412 -3.33 -47.38 38.20
C VAL G 412 -2.87 -45.99 37.77
N VAL G 413 -1.82 -45.92 36.94
CA VAL G 413 -1.34 -44.62 36.49
C VAL G 413 -2.40 -43.88 35.69
N ARG G 414 -3.10 -44.60 34.80
CA ARG G 414 -4.13 -43.96 33.97
C ARG G 414 -5.23 -43.38 34.84
N LEU G 415 -5.78 -44.17 35.76
CA LEU G 415 -6.84 -43.68 36.62
C LEU G 415 -6.35 -42.57 37.54
N ARG G 416 -5.12 -42.69 38.05
CA ARG G 416 -4.59 -41.68 38.97
C ARG G 416 -4.54 -40.31 38.30
N PHE G 417 -4.06 -40.25 37.06
CA PHE G 417 -3.96 -39.00 36.32
C PHE G 417 -5.15 -38.75 35.40
N GLY G 418 -6.09 -39.68 35.33
CA GLY G 418 -7.24 -39.51 34.45
C GLY G 418 -6.86 -39.44 32.98
N LEU G 419 -6.03 -40.39 32.54
CA LEU G 419 -5.64 -40.43 31.14
C LEU G 419 -6.83 -40.74 30.24
N THR G 420 -7.50 -41.86 30.51
CA THR G 420 -8.60 -42.30 29.63
C THR G 420 -9.82 -41.40 29.78
N ASP G 421 -10.29 -41.20 31.01
CA ASP G 421 -11.49 -40.41 31.23
C ASP G 421 -11.22 -38.91 31.15
N GLY G 422 -10.02 -38.48 31.52
CA GLY G 422 -9.75 -37.08 31.74
C GLY G 422 -10.05 -36.60 33.14
N GLN G 423 -10.70 -37.42 33.96
CA GLN G 423 -11.03 -37.08 35.34
C GLN G 423 -10.08 -37.83 36.27
N PRO G 424 -9.14 -37.16 36.93
CA PRO G 424 -8.27 -37.85 37.88
C PRO G 424 -9.07 -38.45 39.03
N ARG G 425 -8.44 -39.42 39.70
CA ARG G 425 -9.09 -40.19 40.75
C ARG G 425 -8.22 -40.21 42.00
N THR G 426 -8.87 -40.28 43.16
CA THR G 426 -8.19 -40.37 44.44
C THR G 426 -7.68 -41.78 44.68
N LEU G 427 -6.67 -41.88 45.56
CA LEU G 427 -6.11 -43.17 45.91
C LEU G 427 -7.19 -44.14 46.41
N ASP G 428 -8.13 -43.63 47.21
CA ASP G 428 -9.23 -44.47 47.67
C ASP G 428 -10.10 -44.94 46.51
N GLU G 429 -10.27 -44.10 45.48
CA GLU G 429 -11.12 -44.48 44.35
C GLU G 429 -10.45 -45.55 43.50
N ILE G 430 -9.14 -45.46 43.29
CA ILE G 430 -8.45 -46.50 42.52
C ILE G 430 -8.35 -47.78 43.32
N GLY G 431 -8.23 -47.67 44.65
CA GLY G 431 -8.28 -48.87 45.48
C GLY G 431 -9.63 -49.57 45.40
N GLN G 432 -10.67 -48.82 45.04
CA GLN G 432 -12.01 -49.40 44.95
C GLN G 432 -12.17 -50.28 43.72
N VAL G 433 -11.46 -49.95 42.63
CA VAL G 433 -11.58 -50.74 41.41
C VAL G 433 -10.74 -52.01 41.49
N TYR G 434 -9.57 -51.93 42.11
CA TYR G 434 -8.70 -53.10 42.24
C TYR G 434 -8.90 -53.83 43.56
N GLY G 435 -9.77 -53.33 44.43
CA GLY G 435 -10.10 -54.04 45.66
C GLY G 435 -9.05 -53.97 46.74
N VAL G 436 -8.37 -52.84 46.89
CA VAL G 436 -7.31 -52.69 47.88
C VAL G 436 -7.56 -51.39 48.66
N THR G 437 -6.70 -51.16 49.66
CA THR G 437 -6.71 -49.93 50.43
C THR G 437 -6.05 -48.80 49.65
N ARG G 438 -6.37 -47.56 50.02
CA ARG G 438 -5.70 -46.43 49.43
C ARG G 438 -4.18 -46.54 49.60
N GLU G 439 -3.72 -47.04 50.75
CA GLU G 439 -2.28 -47.14 50.98
C GLU G 439 -1.63 -48.10 50.00
N ARG G 440 -2.26 -49.24 49.74
CA ARG G 440 -1.71 -50.17 48.75
C ARG G 440 -1.51 -49.46 47.41
N ILE G 441 -2.53 -48.71 46.97
CA ILE G 441 -2.42 -47.97 45.71
C ILE G 441 -1.29 -46.97 45.77
N ARG G 442 -1.18 -46.25 46.90
CA ARG G 442 -0.07 -45.31 47.07
C ARG G 442 1.26 -46.01 46.90
N GLN G 443 1.36 -47.24 47.41
CA GLN G 443 2.59 -48.03 47.24
C GLN G 443 2.83 -48.37 45.78
N ILE G 444 1.84 -49.01 45.14
CA ILE G 444 1.97 -49.35 43.73
C ILE G 444 2.30 -48.12 42.90
N GLU G 445 1.79 -46.96 43.32
CA GLU G 445 2.09 -45.71 42.61
C GLU G 445 3.58 -45.39 42.69
N SER G 446 4.15 -45.43 43.90
CA SER G 446 5.56 -45.11 44.06
C SER G 446 6.44 -46.03 43.21
N LYS G 447 6.12 -47.33 43.18
CA LYS G 447 6.96 -48.28 42.47
C LYS G 447 6.95 -48.01 40.98
N THR G 448 5.77 -47.98 40.37
CA THR G 448 5.69 -47.76 38.93
C THR G 448 6.29 -46.42 38.54
N MET G 449 6.31 -45.45 39.45
CA MET G 449 6.89 -44.15 39.14
C MET G 449 8.41 -44.22 39.11
N SER G 450 9.01 -44.98 40.02
CA SER G 450 10.45 -45.22 39.93
C SER G 450 10.79 -46.14 38.76
N LYS G 451 9.84 -47.01 38.37
CA LYS G 451 9.98 -47.74 37.12
C LYS G 451 9.89 -46.80 35.93
N LEU G 452 8.92 -45.87 35.96
CA LEU G 452 8.81 -44.89 34.88
C LEU G 452 10.00 -43.95 34.87
N ARG G 453 10.45 -43.50 36.04
CA ARG G 453 11.66 -42.68 36.11
C ARG G 453 12.88 -43.45 35.61
N HIS G 454 12.83 -44.77 35.61
CA HIS G 454 13.92 -45.58 35.08
C HIS G 454 14.29 -45.11 33.68
N PRO G 455 15.58 -44.90 33.39
CA PRO G 455 15.95 -44.16 32.17
C PRO G 455 15.44 -44.77 30.88
N SER G 456 15.39 -46.11 30.77
CA SER G 456 14.96 -46.69 29.50
C SER G 456 13.55 -46.26 29.12
N ARG G 457 12.68 -46.06 30.10
CA ARG G 457 11.33 -45.58 29.81
C ARG G 457 11.29 -44.06 29.64
N SER G 458 12.04 -43.33 30.46
CA SER G 458 11.94 -41.87 30.47
C SER G 458 12.72 -41.22 29.34
N GLN G 459 13.77 -41.88 28.84
CA GLN G 459 14.65 -41.24 27.86
C GLN G 459 13.90 -40.68 26.67
N VAL G 460 12.81 -41.35 26.26
CA VAL G 460 12.11 -40.93 25.05
C VAL G 460 11.19 -39.74 25.30
N LEU G 461 10.66 -39.60 26.52
CA LEU G 461 9.72 -38.54 26.82
C LEU G 461 10.40 -37.23 27.21
N ARG G 462 11.73 -37.19 27.27
CA ARG G 462 12.43 -36.02 27.77
C ARG G 462 12.12 -34.79 26.92
N ASP G 463 12.21 -34.92 25.60
CA ASP G 463 12.06 -33.78 24.70
C ASP G 463 10.67 -33.16 24.75
N TYR G 464 9.73 -33.79 25.46
CA TYR G 464 8.38 -33.25 25.63
C TYR G 464 8.27 -32.35 26.87
N LEU G 465 9.39 -32.03 27.51
CA LEU G 465 9.35 -31.18 28.71
C LEU G 465 8.47 -29.97 28.49
N ASP G 466 8.69 -29.24 27.40
CA ASP G 466 7.88 -28.07 27.05
C ASP G 466 8.54 -27.31 25.91
N ILE J 1 -39.24 -33.60 60.97
CA ILE J 1 -37.84 -33.89 60.73
C ILE J 1 -36.99 -32.65 61.00
N ASP J 2 -37.62 -31.48 60.97
CA ASP J 2 -36.93 -30.23 61.26
C ASP J 2 -36.96 -29.85 62.74
N ASP J 3 -37.70 -30.57 63.57
CA ASP J 3 -37.66 -30.31 65.00
C ASP J 3 -36.29 -30.58 65.59
N LEU J 4 -35.42 -31.28 64.86
CA LEU J 4 -34.10 -31.61 65.34
C LEU J 4 -33.15 -30.43 65.28
N ASP J 5 -33.40 -29.47 64.40
CA ASP J 5 -32.49 -28.35 64.17
C ASP J 5 -31.06 -28.85 64.05
N LEU J 6 -30.87 -29.95 63.33
CA LEU J 6 -29.54 -30.53 63.20
C LEU J 6 -28.57 -29.49 62.67
N THR J 7 -27.30 -29.62 63.06
CA THR J 7 -26.27 -28.72 62.55
C THR J 7 -26.39 -28.65 61.03
N VAL J 8 -26.30 -27.43 60.50
CA VAL J 8 -26.62 -27.20 59.10
C VAL J 8 -25.93 -28.20 58.19
N ARG J 9 -24.73 -28.66 58.58
CA ARG J 9 -24.05 -29.68 57.80
C ARG J 9 -24.86 -30.99 57.79
N SER J 10 -25.43 -31.36 58.94
CA SER J 10 -26.15 -32.63 59.02
C SER J 10 -27.47 -32.56 58.25
N TYR J 11 -28.16 -31.42 58.31
CA TYR J 11 -29.46 -31.31 57.66
C TYR J 11 -29.33 -31.38 56.14
N ASN J 12 -28.27 -30.78 55.59
CA ASN J 12 -28.11 -30.75 54.15
C ASN J 12 -27.70 -32.13 53.63
N CYS J 13 -26.80 -32.82 54.33
CA CYS J 13 -26.41 -34.17 53.92
C CYS J 13 -27.61 -35.10 53.93
N LEU J 14 -28.37 -35.11 55.03
CA LEU J 14 -29.56 -35.94 55.10
C LEU J 14 -30.57 -35.55 54.02
N LYS J 15 -30.80 -34.24 53.85
CA LYS J 15 -31.78 -33.78 52.89
C LYS J 15 -31.36 -34.12 51.46
N ARG J 16 -30.06 -34.06 51.17
CA ARG J 16 -29.58 -34.51 49.87
C ARG J 16 -29.65 -36.02 49.75
N GLU J 17 -29.27 -36.74 50.81
CA GLU J 17 -29.31 -38.20 50.81
C GLU J 17 -30.72 -38.75 50.73
N GLY J 18 -31.73 -37.92 50.94
CA GLY J 18 -33.11 -38.35 50.76
C GLY J 18 -33.82 -38.86 51.98
N VAL J 19 -33.42 -38.47 53.18
CA VAL J 19 -34.21 -38.78 54.37
C VAL J 19 -35.13 -37.59 54.60
N HIS J 20 -36.39 -37.74 54.23
CA HIS J 20 -37.41 -36.71 54.46
C HIS J 20 -38.04 -36.82 55.84
N THR J 21 -38.34 -38.03 56.27
CA THR J 21 -39.00 -38.28 57.55
C THR J 21 -38.06 -39.05 58.46
N VAL J 22 -38.17 -38.78 59.76
CA VAL J 22 -37.35 -39.50 60.73
C VAL J 22 -37.60 -40.99 60.64
N GLY J 23 -38.78 -41.39 60.14
CA GLY J 23 -39.04 -42.80 59.91
C GLY J 23 -38.04 -43.42 58.95
N GLU J 24 -37.60 -42.66 57.96
CA GLU J 24 -36.54 -43.11 57.07
C GLU J 24 -35.16 -43.06 57.73
N LEU J 25 -35.00 -42.23 58.76
CA LEU J 25 -33.70 -42.08 59.40
C LEU J 25 -33.38 -43.28 60.28
N VAL J 26 -34.31 -43.67 61.15
CA VAL J 26 -34.01 -44.74 62.11
C VAL J 26 -33.77 -46.06 61.40
N ALA J 27 -34.37 -46.26 60.23
CA ALA J 27 -34.15 -47.49 59.48
C ALA J 27 -32.73 -47.54 58.91
N ARG J 28 -32.16 -46.39 58.55
CA ARG J 28 -30.81 -46.35 58.01
C ARG J 28 -29.80 -46.87 59.02
N THR J 29 -28.76 -47.50 58.52
CA THR J 29 -27.72 -48.08 59.37
C THR J 29 -26.55 -47.11 59.55
N GLU J 30 -25.96 -47.13 60.74
CA GLU J 30 -24.89 -46.19 61.05
C GLU J 30 -23.77 -46.22 60.02
N SER J 31 -23.48 -47.39 59.44
CA SER J 31 -22.52 -47.45 58.34
C SER J 31 -23.10 -46.88 57.06
N ASP J 32 -24.43 -46.80 56.95
CA ASP J 32 -25.06 -46.22 55.77
C ASP J 32 -25.06 -44.69 55.82
N LEU J 33 -25.02 -44.10 57.01
CA LEU J 33 -25.01 -42.65 57.12
C LEU J 33 -23.61 -42.07 56.88
N LEU J 34 -22.57 -42.73 57.39
CA LEU J 34 -21.22 -42.19 57.24
C LEU J 34 -20.67 -42.37 55.83
N ASP J 35 -21.29 -43.21 55.01
CA ASP J 35 -20.93 -43.27 53.60
C ASP J 35 -21.49 -42.10 52.80
N ILE J 36 -22.52 -41.43 53.33
CA ILE J 36 -23.09 -40.28 52.64
C ILE J 36 -22.07 -39.14 52.63
N ARG J 37 -22.02 -38.43 51.51
CA ARG J 37 -20.89 -37.52 51.26
C ARG J 37 -20.81 -36.42 52.30
N ASN J 38 -19.58 -36.11 52.71
CA ASN J 38 -19.30 -35.06 53.68
C ASN J 38 -20.08 -35.27 54.98
N PHE J 39 -20.30 -36.53 55.34
CA PHE J 39 -20.92 -36.93 56.60
C PHE J 39 -19.87 -37.66 57.42
N GLY J 40 -19.39 -37.03 58.48
CA GLY J 40 -18.30 -37.55 59.27
C GLY J 40 -18.73 -38.03 60.64
N GLN J 41 -17.77 -38.10 61.55
CA GLN J 41 -18.03 -38.58 62.90
C GLN J 41 -18.79 -37.54 63.72
N LYS J 42 -18.31 -36.29 63.73
CA LYS J 42 -18.98 -35.25 64.49
C LYS J 42 -20.43 -35.09 64.09
N SER J 43 -20.81 -35.55 62.89
CA SER J 43 -22.21 -35.50 62.47
C SER J 43 -23.04 -36.55 63.22
N ILE J 44 -22.59 -37.80 63.24
CA ILE J 44 -23.31 -38.84 63.98
C ILE J 44 -23.17 -38.65 65.48
N ASP J 45 -22.18 -37.89 65.94
CA ASP J 45 -22.07 -37.60 67.36
C ASP J 45 -23.12 -36.58 67.79
N GLU J 46 -23.38 -35.58 66.94
CA GLU J 46 -24.42 -34.60 67.26
C GLU J 46 -25.82 -35.20 67.10
N VAL J 47 -26.01 -36.02 66.06
CA VAL J 47 -27.31 -36.64 65.85
C VAL J 47 -27.60 -37.67 66.93
N LYS J 48 -26.58 -38.43 67.34
CA LYS J 48 -26.80 -39.43 68.37
C LYS J 48 -27.04 -38.80 69.74
N ILE J 49 -26.32 -37.72 70.05
CA ILE J 49 -26.50 -37.07 71.34
C ILE J 49 -27.87 -36.42 71.41
N LYS J 50 -28.40 -35.95 70.28
CA LYS J 50 -29.73 -35.36 70.29
C LYS J 50 -30.82 -36.42 70.32
N LEU J 51 -30.64 -37.51 69.56
CA LEU J 51 -31.60 -38.61 69.60
C LEU J 51 -31.73 -39.18 71.02
N HIS J 52 -30.61 -39.23 71.75
CA HIS J 52 -30.65 -39.75 73.11
C HIS J 52 -31.42 -38.82 74.03
N GLN J 53 -31.27 -37.51 73.84
CA GLN J 53 -31.97 -36.53 74.67
C GLN J 53 -33.48 -36.70 74.54
#